data_7YYL
#
_entry.id   7YYL
#
_cell.length_a   81.672
_cell.length_b   83.332
_cell.length_c   124.376
_cell.angle_alpha   99.720
_cell.angle_beta   95.620
_cell.angle_gamma   94.020
#
_symmetry.space_group_name_H-M   'P 1'
#
loop_
_entity.id
_entity.type
_entity.pdbx_description
1 polymer 'Dehydratase family protein'
2 polymer 'Putative CoA-substrate-specific enzyme activase'
3 non-polymer 'Double cubane cluster'
4 non-polymer 'IRON/SULFUR CLUSTER'
5 non-polymer 'SULFATE ION'
#
loop_
_entity_poly.entity_id
_entity_poly.type
_entity_poly.pdbx_seq_one_letter_code
_entity_poly.pdbx_strand_id
1 'polypeptide(L)'
;GMDNRELWKVLNVDLEKHDEFLAPVPAVYRELFLNRPNRPRAMAYFDAVVGDIHGIRVHELYNLKQEGKKVFATFCVYVP
EEIINATGSACIGLCGGAQYTVPAGETVLPRNLCPLIKSAMGFKIERICPYFQVADYVVGETTCDGKKKAWEILNEYIPV
YVMELPQKKEERDRKFWEEEIKDFAQFVEEKTGVKLNAENLRAGIEKINKKRKALKRLSDLRKHNPAPIHGLDVLLINQL
AFFDDPERFATKVNELCDELEERVAKGEGVVSKDAPRILITGTPQPIPHWKIHALIEGAGGVVVGEETCIGERYFKDLVE
PAADVEGMLKNIAARSLKVNCACFTPNTGRLEDILSMVQKLQVDGVIHYSLQFCQPYGVESYLVGRELERRNIPFLKLES
DFSEEDQGQLKTRIEAFLEMIK
;
C,D,A,B
2 'polypeptide(L)'
;MFAGLDLGSTNSKLVIIKEDGSYTFKVVPTRYEPVKAGELLLKNTGEIRNLVVTGYGRVAFNRGKVVTEITCQARGCHEL
FPEVDYILDLGGQDAKIIKKDGQGRVVNFLMNDKCAAGTGRFLEIILTAIGDDYRDEDLINEENAVPINSMCTVFAESEV
ISLLARGTSKRAVIAGLFKTTAKRLAKFAESLGKPRKLIFTGGGAKYPALRLFLQKEMGVEVVVPPEPSVTAALGAALIA
RET
;
E,F,G,H
#
loop_
_chem_comp.id
_chem_comp.type
_chem_comp.name
_chem_comp.formula
BJ8 non-polymer 'Double cubane cluster' 'Fe8 S9'
SF4 non-polymer 'IRON/SULFUR CLUSTER' 'Fe4 S4'
SO4 non-polymer 'SULFATE ION' 'O4 S -2'
#
# COMPACT_ATOMS: atom_id res chain seq x y z
N MET A 2 -44.04 37.93 25.39
CA MET A 2 -43.81 37.64 23.97
C MET A 2 -45.06 37.05 23.32
N ASP A 3 -44.92 36.65 22.05
CA ASP A 3 -46.02 36.04 21.32
C ASP A 3 -45.97 34.51 21.40
N ASN A 4 -44.78 33.93 21.33
CA ASN A 4 -44.65 32.48 21.48
C ASN A 4 -45.07 31.99 22.86
N ARG A 5 -45.22 32.89 23.83
CA ARG A 5 -45.59 32.50 25.18
C ARG A 5 -46.94 31.79 25.20
N GLU A 6 -47.95 32.43 24.60
CA GLU A 6 -49.29 31.84 24.61
C GLU A 6 -49.38 30.63 23.69
N LEU A 7 -48.55 30.58 22.64
CA LEU A 7 -48.52 29.38 21.81
C LEU A 7 -47.96 28.20 22.58
N TRP A 8 -46.88 28.41 23.34
CA TRP A 8 -46.34 27.35 24.18
C TRP A 8 -47.35 26.95 25.26
N LYS A 9 -48.03 27.92 25.86
CA LYS A 9 -49.03 27.60 26.87
C LYS A 9 -50.16 26.77 26.29
N VAL A 10 -50.63 27.12 25.09
CA VAL A 10 -51.71 26.37 24.45
C VAL A 10 -51.24 24.98 24.07
N LEU A 11 -50.01 24.86 23.58
CA LEU A 11 -49.43 23.55 23.25
C LEU A 11 -49.07 22.72 24.46
N ASN A 12 -49.38 23.20 25.68
CA ASN A 12 -49.11 22.48 26.92
C ASN A 12 -47.61 22.25 27.11
N VAL A 13 -46.88 23.37 27.20
CA VAL A 13 -45.44 23.36 27.39
C VAL A 13 -45.14 23.81 28.82
N ASP A 14 -44.39 22.99 29.54
CA ASP A 14 -43.90 23.38 30.87
C ASP A 14 -42.92 24.54 30.71
N LEU A 15 -43.33 25.73 31.17
CA LEU A 15 -42.56 26.94 30.88
C LEU A 15 -41.35 27.10 31.79
N GLU A 16 -41.44 26.66 33.05
CA GLU A 16 -40.28 26.76 33.94
C GLU A 16 -39.12 25.91 33.43
N LYS A 17 -39.38 24.62 33.17
CA LYS A 17 -38.35 23.76 32.62
C LYS A 17 -37.92 24.23 31.24
N HIS A 18 -38.84 24.78 30.45
CA HIS A 18 -38.50 25.28 29.12
C HIS A 18 -37.48 26.40 29.21
N ASP A 19 -37.70 27.36 30.11
CA ASP A 19 -36.74 28.45 30.28
C ASP A 19 -35.42 27.94 30.84
N GLU A 20 -35.49 27.04 31.82
CA GLU A 20 -34.25 26.49 32.39
C GLU A 20 -33.44 25.73 31.36
N PHE A 21 -34.11 25.17 30.34
CA PHE A 21 -33.41 24.49 29.26
C PHE A 21 -32.86 25.47 28.24
N LEU A 22 -33.62 26.49 27.89
CA LEU A 22 -33.19 27.44 26.86
C LEU A 22 -32.16 28.44 27.36
N ALA A 23 -31.93 28.53 28.67
CA ALA A 23 -31.05 29.54 29.25
C ALA A 23 -29.66 29.61 28.61
N PRO A 24 -28.87 28.54 28.57
CA PRO A 24 -27.46 28.67 28.15
C PRO A 24 -27.20 28.59 26.65
N VAL A 25 -28.24 28.38 25.84
CA VAL A 25 -28.01 28.16 24.40
C VAL A 25 -27.39 29.37 23.71
N PRO A 26 -27.82 30.62 23.96
CA PRO A 26 -27.23 31.74 23.20
C PRO A 26 -25.73 31.89 23.35
N ALA A 27 -25.19 31.71 24.56
CA ALA A 27 -23.74 31.87 24.74
C ALA A 27 -22.97 30.80 24.00
N VAL A 28 -23.45 29.56 24.05
CA VAL A 28 -22.80 28.47 23.33
C VAL A 28 -22.83 28.73 21.82
N TYR A 29 -24.00 29.12 21.31
CA TYR A 29 -24.09 29.40 19.88
C TYR A 29 -23.25 30.61 19.49
N ARG A 30 -23.03 31.55 20.42
CA ARG A 30 -22.20 32.71 20.13
C ARG A 30 -20.74 32.33 20.04
N GLU A 31 -20.25 31.54 21.00
CA GLU A 31 -18.84 31.16 21.00
C GLU A 31 -18.53 30.20 19.86
N LEU A 32 -19.42 29.24 19.61
CA LEU A 32 -19.13 28.22 18.61
C LEU A 32 -19.36 28.71 17.18
N PHE A 33 -20.34 29.57 16.96
CA PHE A 33 -20.73 29.96 15.61
C PHE A 33 -20.50 31.44 15.34
N LEU A 34 -21.11 32.33 16.12
CA LEU A 34 -21.18 33.74 15.73
C LEU A 34 -19.81 34.42 15.83
N ASN A 35 -19.02 34.09 16.86
CA ASN A 35 -17.76 34.80 17.08
C ASN A 35 -16.68 34.42 16.07
N ARG A 36 -16.85 33.32 15.33
CA ARG A 36 -15.83 32.91 14.38
C ARG A 36 -15.80 33.87 13.18
N PRO A 37 -14.61 34.18 12.66
CA PRO A 37 -14.54 35.03 11.47
C PRO A 37 -14.54 34.20 10.18
N ASN A 38 -14.26 34.86 9.05
CA ASN A 38 -14.19 34.21 7.74
C ASN A 38 -15.47 33.47 7.39
N ARG A 39 -16.60 33.91 7.95
CA ARG A 39 -17.88 33.24 7.78
C ARG A 39 -18.57 33.70 6.50
N PRO A 40 -19.25 32.80 5.80
CA PRO A 40 -20.02 33.21 4.63
C PRO A 40 -21.18 34.12 5.03
N ARG A 41 -21.63 34.92 4.07
CA ARG A 41 -22.69 35.89 4.33
C ARG A 41 -24.09 35.29 4.27
N ALA A 42 -24.26 34.17 3.58
CA ALA A 42 -25.56 33.54 3.42
C ALA A 42 -25.97 32.70 4.63
N MET A 43 -25.21 32.74 5.71
CA MET A 43 -25.51 31.93 6.89
C MET A 43 -26.38 32.66 7.91
N ALA A 44 -26.48 33.99 7.81
CA ALA A 44 -27.28 34.75 8.75
C ALA A 44 -28.69 34.19 8.88
N TYR A 45 -29.31 33.85 7.75
CA TYR A 45 -30.61 33.19 7.75
C TYR A 45 -30.64 32.05 8.76
N PHE A 46 -29.73 31.09 8.62
CA PHE A 46 -29.69 29.96 9.53
C PHE A 46 -29.52 30.44 10.96
N ASP A 47 -28.65 31.44 11.18
CA ASP A 47 -28.51 32.03 12.50
C ASP A 47 -29.85 32.45 13.06
N ALA A 48 -30.62 33.21 12.26
CA ALA A 48 -31.95 33.62 12.68
C ALA A 48 -32.80 32.42 13.08
N VAL A 49 -32.74 31.35 12.29
CA VAL A 49 -33.49 30.15 12.63
C VAL A 49 -33.07 29.65 14.01
N VAL A 50 -31.76 29.55 14.25
CA VAL A 50 -31.29 29.12 15.56
C VAL A 50 -31.68 30.14 16.62
N GLY A 51 -31.77 31.41 16.24
CA GLY A 51 -32.21 32.44 17.17
C GLY A 51 -33.68 32.37 17.53
N ASP A 52 -34.43 31.49 16.87
CA ASP A 52 -35.86 31.36 17.16
C ASP A 52 -36.33 29.96 16.75
N ILE A 53 -35.59 28.93 17.18
CA ILE A 53 -35.89 27.57 16.76
C ILE A 53 -37.19 27.06 17.36
N HIS A 54 -37.61 27.60 18.51
CA HIS A 54 -38.87 27.24 19.13
C HIS A 54 -39.95 28.30 18.90
N GLY A 55 -39.80 29.12 17.85
CA GLY A 55 -40.73 30.21 17.62
C GLY A 55 -41.46 30.14 16.30
N ILE A 56 -40.84 30.65 15.24
CA ILE A 56 -41.53 30.83 13.97
C ILE A 56 -42.03 29.50 13.42
N ARG A 57 -41.16 28.48 13.40
CA ARG A 57 -41.54 27.21 12.78
C ARG A 57 -42.68 26.53 13.55
N VAL A 58 -42.72 26.69 14.87
CA VAL A 58 -43.83 26.15 15.64
C VAL A 58 -45.13 26.86 15.27
N HIS A 59 -45.07 28.18 15.11
CA HIS A 59 -46.22 28.93 14.62
C HIS A 59 -46.68 28.41 13.27
N GLU A 60 -45.72 28.14 12.37
CA GLU A 60 -46.06 27.63 11.04
C GLU A 60 -46.75 26.28 11.14
N LEU A 61 -46.20 25.38 11.97
CA LEU A 61 -46.78 24.06 12.13
C LEU A 61 -48.20 24.15 12.69
N TYR A 62 -48.42 25.02 13.67
CA TYR A 62 -49.75 25.18 14.25
C TYR A 62 -50.74 25.74 13.22
N ASN A 63 -50.35 26.83 12.54
CA ASN A 63 -51.24 27.48 11.58
C ASN A 63 -51.57 26.55 10.41
N LEU A 64 -50.64 25.68 10.02
CA LEU A 64 -50.95 24.71 8.98
C LEU A 64 -51.71 23.51 9.53
N LYS A 65 -51.60 23.24 10.83
CA LYS A 65 -52.46 22.25 11.47
C LYS A 65 -53.90 22.72 11.51
N GLN A 66 -54.12 24.04 11.57
CA GLN A 66 -55.48 24.57 11.56
C GLN A 66 -56.14 24.46 10.19
N GLU A 67 -55.37 24.23 9.12
CA GLU A 67 -55.94 24.11 7.78
C GLU A 67 -56.55 22.75 7.51
N GLY A 68 -56.46 21.81 8.45
CA GLY A 68 -56.90 20.46 8.23
C GLY A 68 -55.79 19.47 7.93
N LYS A 69 -54.53 19.84 8.16
CA LYS A 69 -53.40 18.97 7.93
C LYS A 69 -52.90 18.37 9.25
N LYS A 70 -51.93 17.46 9.13
CA LYS A 70 -51.35 16.79 10.27
C LYS A 70 -49.86 17.08 10.34
N VAL A 71 -49.24 16.69 11.46
CA VAL A 71 -47.81 16.87 11.69
C VAL A 71 -47.24 15.51 12.09
N PHE A 72 -46.47 14.91 11.18
CA PHE A 72 -45.85 13.62 11.44
C PHE A 72 -44.43 13.81 11.93
N ALA A 73 -44.05 13.03 12.94
CA ALA A 73 -42.71 13.06 13.52
C ALA A 73 -42.03 11.72 13.30
N THR A 74 -40.79 11.76 12.81
CA THR A 74 -40.02 10.55 12.55
C THR A 74 -38.68 10.63 13.25
N PHE A 75 -38.03 9.48 13.38
CA PHE A 75 -36.69 9.37 13.91
C PHE A 75 -35.72 8.68 12.97
N CYS A 76 -36.21 8.17 11.84
CA CYS A 76 -35.41 7.40 10.90
C CYS A 76 -35.59 7.97 9.51
N VAL A 77 -34.47 8.18 8.80
CA VAL A 77 -34.53 8.68 7.43
C VAL A 77 -35.16 7.69 6.46
N TYR A 78 -35.40 6.45 6.91
CA TYR A 78 -36.06 5.46 6.07
C TYR A 78 -37.52 5.78 5.82
N VAL A 79 -38.16 6.54 6.69
CA VAL A 79 -39.57 6.88 6.51
C VAL A 79 -39.72 7.79 5.29
N PRO A 80 -40.60 7.45 4.34
CA PRO A 80 -40.71 8.26 3.12
C PRO A 80 -41.23 9.67 3.38
N GLU A 81 -40.33 10.66 3.27
CA GLU A 81 -40.74 12.05 3.37
C GLU A 81 -41.67 12.45 2.24
N GLU A 82 -41.48 11.85 1.06
CA GLU A 82 -42.28 12.20 -0.11
C GLU A 82 -43.74 11.80 0.08
N ILE A 83 -43.99 10.60 0.61
CA ILE A 83 -45.37 10.14 0.79
C ILE A 83 -46.11 11.04 1.76
N ILE A 84 -45.44 11.50 2.81
CA ILE A 84 -46.08 12.37 3.78
C ILE A 84 -46.33 13.75 3.19
N ASN A 85 -45.33 14.31 2.51
CA ASN A 85 -45.50 15.64 1.93
C ASN A 85 -46.34 15.66 0.67
N ALA A 86 -46.76 14.50 0.16
CA ALA A 86 -47.70 14.46 -0.94
C ALA A 86 -49.13 14.78 -0.51
N THR A 87 -49.42 14.72 0.80
CA THR A 87 -50.73 15.05 1.32
C THR A 87 -50.81 16.46 1.88
N GLY A 88 -49.79 17.28 1.64
CA GLY A 88 -49.78 18.62 2.18
C GLY A 88 -49.50 18.72 3.66
N SER A 89 -49.07 17.64 4.29
CA SER A 89 -48.74 17.63 5.71
C SER A 89 -47.22 17.74 5.90
N ALA A 90 -46.83 18.07 7.13
CA ALA A 90 -45.44 18.26 7.46
C ALA A 90 -44.80 16.95 7.91
N CYS A 91 -43.47 16.91 7.83
CA CYS A 91 -42.68 15.74 8.24
C CYS A 91 -41.43 16.28 8.95
N ILE A 92 -41.47 16.29 10.28
CA ILE A 92 -40.36 16.78 11.07
C ILE A 92 -39.68 15.60 11.75
N GLY A 93 -38.46 15.84 12.22
CA GLY A 93 -37.69 14.80 12.89
C GLY A 93 -36.89 15.30 14.07
N LEU A 94 -37.54 15.42 15.23
CA LEU A 94 -36.87 15.90 16.43
C LEU A 94 -36.08 14.74 17.03
N CYS A 95 -34.84 14.59 16.56
CA CYS A 95 -33.87 13.72 17.20
C CYS A 95 -33.09 14.60 18.19
N GLY A 96 -33.43 14.48 19.47
CA GLY A 96 -32.90 15.39 20.47
C GLY A 96 -31.55 14.94 21.00
N GLY A 97 -30.63 15.89 21.08
CA GLY A 97 -29.30 15.61 21.61
C GLY A 97 -28.92 16.52 22.76
N ALA A 98 -29.67 16.42 23.86
CA ALA A 98 -29.47 17.29 25.02
C ALA A 98 -29.35 16.45 26.29
N GLN A 99 -28.45 16.89 27.18
CA GLN A 99 -28.27 16.21 28.46
C GLN A 99 -29.36 16.58 29.45
N TYR A 100 -29.94 17.77 29.31
CA TYR A 100 -31.00 18.22 30.22
C TYR A 100 -32.14 17.21 30.33
N THR A 101 -32.41 16.48 29.24
CA THR A 101 -33.51 15.53 29.20
C THR A 101 -33.05 14.08 29.35
N VAL A 102 -31.81 13.86 29.80
CA VAL A 102 -31.33 12.50 29.99
C VAL A 102 -31.90 11.91 31.28
N PRO A 103 -31.78 12.57 32.44
CA PRO A 103 -32.35 11.97 33.67
C PRO A 103 -33.86 11.82 33.61
N ALA A 104 -34.54 12.53 32.71
CA ALA A 104 -35.98 12.35 32.54
C ALA A 104 -36.28 11.07 31.77
N GLY A 105 -35.75 10.95 30.55
CA GLY A 105 -35.94 9.75 29.76
C GLY A 105 -35.42 8.49 30.43
N GLU A 106 -34.51 8.63 31.40
CA GLU A 106 -34.00 7.48 32.12
C GLU A 106 -34.98 6.95 33.17
N THR A 107 -36.07 7.66 33.43
CA THR A 107 -37.06 7.15 34.38
C THR A 107 -37.80 5.93 33.84
N VAL A 108 -37.81 5.73 32.52
CA VAL A 108 -38.44 4.57 31.91
C VAL A 108 -37.46 3.70 31.14
N LEU A 109 -36.28 4.20 30.77
CA LEU A 109 -35.27 3.43 30.08
C LEU A 109 -34.11 3.11 31.00
N PRO A 110 -33.46 1.95 30.84
CA PRO A 110 -32.26 1.67 31.62
C PRO A 110 -31.15 2.65 31.26
N ARG A 111 -30.26 2.88 32.23
CA ARG A 111 -29.21 3.88 32.05
C ARG A 111 -28.18 3.46 31.01
N ASN A 112 -28.13 2.18 30.65
CA ASN A 112 -27.20 1.71 29.62
C ASN A 112 -27.89 1.65 28.27
N LEU A 113 -28.31 2.82 27.80
CA LEU A 113 -28.96 2.96 26.50
C LEU A 113 -28.35 4.14 25.76
N CYS A 114 -28.66 4.24 24.47
CA CYS A 114 -28.12 5.32 23.66
C CYS A 114 -28.64 6.67 24.15
N PRO A 115 -27.78 7.69 24.18
CA PRO A 115 -28.23 9.00 24.69
C PRO A 115 -29.33 9.64 23.86
N LEU A 116 -29.40 9.35 22.56
CA LEU A 116 -30.43 9.94 21.71
C LEU A 116 -31.83 9.50 22.15
N ILE A 117 -32.00 8.20 22.39
CA ILE A 117 -33.30 7.67 22.78
C ILE A 117 -33.75 8.27 24.11
N LYS A 118 -32.85 8.30 25.08
CA LYS A 118 -33.18 8.84 26.39
C LYS A 118 -33.47 10.34 26.32
N SER A 119 -32.71 11.07 25.50
CA SER A 119 -32.95 12.50 25.37
C SER A 119 -34.32 12.77 24.76
N ALA A 120 -34.69 12.03 23.71
CA ALA A 120 -36.01 12.22 23.11
C ALA A 120 -37.12 11.81 24.07
N MET A 121 -36.94 10.71 24.79
CA MET A 121 -37.94 10.27 25.74
C MET A 121 -38.15 11.32 26.83
N GLY A 122 -37.06 11.96 27.29
CA GLY A 122 -37.21 13.02 28.27
C GLY A 122 -37.89 14.25 27.69
N PHE A 123 -37.52 14.63 26.46
CA PHE A 123 -38.21 15.71 25.77
C PHE A 123 -39.72 15.50 25.77
N LYS A 124 -40.16 14.26 25.55
CA LYS A 124 -41.59 13.99 25.55
C LYS A 124 -42.16 13.96 26.97
N ILE A 125 -41.46 13.31 27.90
CA ILE A 125 -42.02 13.07 29.23
C ILE A 125 -42.19 14.38 30.00
N GLU A 126 -41.26 15.32 29.83
CA GLU A 126 -41.31 16.54 30.62
C GLU A 126 -42.05 17.68 29.93
N ARG A 127 -42.55 17.47 28.71
CA ARG A 127 -43.31 18.48 27.97
C ARG A 127 -42.54 19.80 27.89
N ILE A 128 -41.52 19.79 27.04
CA ILE A 128 -40.54 20.87 27.01
C ILE A 128 -40.08 21.11 25.59
N CYS A 129 -40.63 20.36 24.64
CA CYS A 129 -40.30 20.52 23.22
C CYS A 129 -41.56 20.81 22.43
N PRO A 130 -41.76 22.03 21.93
CA PRO A 130 -42.99 22.34 21.19
C PRO A 130 -43.17 21.51 19.92
N TYR A 131 -42.06 21.12 19.27
CA TYR A 131 -42.17 20.24 18.11
C TYR A 131 -42.80 18.92 18.49
N PHE A 132 -42.45 18.39 19.65
CA PHE A 132 -43.04 17.13 20.12
C PHE A 132 -44.50 17.33 20.50
N GLN A 133 -44.88 18.53 20.93
CA GLN A 133 -46.26 18.80 21.32
C GLN A 133 -47.17 18.90 20.10
N VAL A 134 -46.77 19.71 19.12
CA VAL A 134 -47.61 19.93 17.95
C VAL A 134 -47.70 18.70 17.06
N ALA A 135 -46.80 17.73 17.24
CA ALA A 135 -46.80 16.55 16.40
C ALA A 135 -48.02 15.68 16.70
N ASP A 136 -48.71 15.25 15.64
CA ASP A 136 -49.87 14.40 15.81
C ASP A 136 -49.46 12.94 16.03
N TYR A 137 -48.57 12.43 15.19
CA TYR A 137 -48.16 11.04 15.25
C TYR A 137 -46.64 10.94 15.31
N VAL A 138 -46.16 9.73 15.59
CA VAL A 138 -44.74 9.39 15.58
C VAL A 138 -44.58 8.09 14.80
N VAL A 139 -43.65 8.10 13.84
CA VAL A 139 -43.40 6.93 12.99
C VAL A 139 -42.06 6.34 13.40
N GLY A 140 -42.10 5.15 14.00
CA GLY A 140 -40.91 4.42 14.36
C GLY A 140 -40.59 3.31 13.39
N GLU A 141 -39.58 2.52 13.73
CA GLU A 141 -39.13 1.42 12.88
C GLU A 141 -38.27 0.49 13.71
N THR A 142 -37.78 -0.58 13.07
CA THR A 142 -37.01 -1.63 13.73
C THR A 142 -35.57 -1.58 13.24
N THR A 143 -34.81 -0.63 13.78
CA THR A 143 -33.38 -0.51 13.46
C THR A 143 -32.50 -1.10 14.56
N CYS A 144 -32.54 -0.51 15.75
CA CYS A 144 -31.84 -1.05 16.90
C CYS A 144 -32.83 -1.51 17.96
N ASP A 145 -32.35 -2.32 18.89
CA ASP A 145 -33.21 -2.84 19.95
C ASP A 145 -33.72 -1.71 20.84
N GLY A 146 -32.89 -0.69 21.07
CA GLY A 146 -33.28 0.39 21.96
C GLY A 146 -34.53 1.11 21.49
N LYS A 147 -34.53 1.57 20.24
CA LYS A 147 -35.69 2.30 19.72
C LYS A 147 -36.88 1.38 19.54
N LYS A 148 -36.64 0.15 19.07
CA LYS A 148 -37.72 -0.82 18.88
C LYS A 148 -38.46 -1.08 20.18
N LYS A 149 -37.73 -1.11 21.30
CA LYS A 149 -38.39 -1.33 22.59
C LYS A 149 -38.92 -0.03 23.18
N ALA A 150 -38.28 1.10 22.89
CA ALA A 150 -38.75 2.37 23.40
C ALA A 150 -40.05 2.82 22.75
N TRP A 151 -40.36 2.31 21.55
CA TRP A 151 -41.66 2.63 20.96
C TRP A 151 -42.80 2.10 21.81
N GLU A 152 -42.60 0.93 22.44
CA GLU A 152 -43.64 0.35 23.28
C GLU A 152 -43.93 1.21 24.51
N ILE A 153 -42.96 1.99 24.97
CA ILE A 153 -43.18 2.92 26.07
C ILE A 153 -43.70 4.26 25.57
N LEU A 154 -43.23 4.69 24.41
CA LEU A 154 -43.64 5.98 23.87
C LEU A 154 -45.10 5.98 23.41
N ASN A 155 -45.61 4.82 22.99
CA ASN A 155 -46.98 4.77 22.46
C ASN A 155 -48.02 5.14 23.51
N GLU A 156 -47.70 5.00 24.80
CA GLU A 156 -48.62 5.43 25.84
C GLU A 156 -48.67 6.95 25.97
N TYR A 157 -47.63 7.65 25.51
CA TYR A 157 -47.57 9.10 25.58
C TYR A 157 -48.10 9.77 24.32
N ILE A 158 -47.78 9.21 23.15
CA ILE A 158 -48.22 9.73 21.86
C ILE A 158 -48.37 8.53 20.94
N PRO A 159 -49.39 8.49 20.08
CA PRO A 159 -49.56 7.35 19.18
C PRO A 159 -48.32 7.08 18.34
N VAL A 160 -48.02 5.80 18.13
CA VAL A 160 -46.82 5.37 17.43
C VAL A 160 -47.21 4.34 16.38
N TYR A 161 -46.87 4.61 15.13
CA TYR A 161 -47.00 3.65 14.03
C TYR A 161 -45.61 3.13 13.69
N VAL A 162 -45.47 1.81 13.64
CA VAL A 162 -44.17 1.17 13.50
C VAL A 162 -44.09 0.48 12.15
N MET A 163 -43.09 0.87 11.36
CA MET A 163 -42.75 0.17 10.13
C MET A 163 -41.70 -0.89 10.41
N GLU A 164 -41.77 -2.00 9.69
CA GLU A 164 -40.84 -3.11 9.86
C GLU A 164 -39.84 -3.09 8.71
N LEU A 165 -38.57 -2.82 9.03
CA LEU A 165 -37.48 -2.78 8.06
C LEU A 165 -36.68 -4.07 8.13
N PRO A 166 -36.42 -4.74 7.00
CA PRO A 166 -35.68 -6.00 7.04
C PRO A 166 -34.21 -5.78 7.39
N GLN A 167 -33.51 -6.89 7.59
CA GLN A 167 -32.12 -6.88 8.04
C GLN A 167 -31.12 -7.33 6.97
N LYS A 168 -31.59 -7.76 5.80
CA LYS A 168 -30.74 -8.16 4.69
C LYS A 168 -31.36 -7.54 3.43
N LYS A 169 -30.69 -7.66 2.27
CA LYS A 169 -31.20 -6.92 1.12
C LYS A 169 -31.18 -7.76 -0.16
N GLU A 170 -31.65 -8.99 -0.07
CA GLU A 170 -31.77 -9.87 -1.22
C GLU A 170 -33.14 -9.61 -1.87
N GLU A 171 -33.60 -10.55 -2.72
CA GLU A 171 -34.86 -10.34 -3.44
C GLU A 171 -36.06 -10.24 -2.52
N ARG A 172 -36.25 -11.22 -1.63
CA ARG A 172 -37.47 -11.17 -0.81
C ARG A 172 -37.47 -9.97 0.11
N ASP A 173 -36.31 -9.50 0.55
CA ASP A 173 -36.27 -8.34 1.43
C ASP A 173 -36.71 -7.09 0.68
N ARG A 174 -36.22 -6.92 -0.55
CA ARG A 174 -36.66 -5.83 -1.41
C ARG A 174 -38.17 -5.88 -1.60
N LYS A 175 -38.73 -7.09 -1.73
CA LYS A 175 -40.18 -7.23 -1.90
C LYS A 175 -40.94 -6.86 -0.63
N PHE A 176 -40.48 -7.35 0.52
CA PHE A 176 -41.15 -7.11 1.79
C PHE A 176 -41.20 -5.61 2.08
N TRP A 177 -40.11 -4.89 1.80
CA TRP A 177 -40.10 -3.45 2.10
C TRP A 177 -41.12 -2.70 1.23
N GLU A 178 -41.36 -3.16 0.00
CA GLU A 178 -42.36 -2.51 -0.83
C GLU A 178 -43.76 -2.72 -0.26
N GLU A 179 -44.04 -3.94 0.23
CA GLU A 179 -45.32 -4.14 0.91
C GLU A 179 -45.46 -3.23 2.13
N GLU A 180 -44.35 -3.07 2.88
CA GLU A 180 -44.39 -2.20 4.08
C GLU A 180 -44.68 -0.75 3.70
N ILE A 181 -44.06 -0.27 2.62
CA ILE A 181 -44.30 1.09 2.15
C ILE A 181 -45.75 1.25 1.72
N LYS A 182 -46.31 0.24 1.06
CA LYS A 182 -47.71 0.31 0.66
C LYS A 182 -48.63 0.42 1.88
N ASP A 183 -48.35 -0.37 2.92
CA ASP A 183 -49.16 -0.29 4.14
C ASP A 183 -49.04 1.09 4.79
N PHE A 184 -47.82 1.64 4.81
CA PHE A 184 -47.65 2.99 5.37
C PHE A 184 -48.41 4.03 4.55
N ALA A 185 -48.41 3.87 3.23
CA ALA A 185 -49.15 4.81 2.38
C ALA A 185 -50.65 4.73 2.64
N GLN A 186 -51.18 3.51 2.80
CA GLN A 186 -52.59 3.37 3.14
CA GLN A 186 -52.59 3.35 3.14
C GLN A 186 -52.89 4.01 4.48
N PHE A 187 -52.01 3.83 5.47
CA PHE A 187 -52.19 4.46 6.77
C PHE A 187 -52.19 5.97 6.65
N VAL A 188 -51.31 6.52 5.82
CA VAL A 188 -51.25 7.97 5.62
C VAL A 188 -52.52 8.48 4.98
N GLU A 189 -53.02 7.77 3.96
CA GLU A 189 -54.29 8.14 3.34
C GLU A 189 -55.42 8.13 4.38
N GLU A 190 -55.43 7.12 5.24
CA GLU A 190 -56.47 7.04 6.27
C GLU A 190 -56.37 8.20 7.26
N LYS A 191 -55.16 8.55 7.67
CA LYS A 191 -54.99 9.53 8.75
C LYS A 191 -55.07 10.97 8.26
N THR A 192 -54.74 11.22 7.00
CA THR A 192 -54.84 12.58 6.46
C THR A 192 -56.12 12.83 5.69
N GLY A 193 -56.75 11.79 5.15
CA GLY A 193 -57.97 11.95 4.39
C GLY A 193 -57.77 12.44 2.98
N VAL A 194 -56.58 12.27 2.42
CA VAL A 194 -56.27 12.73 1.07
C VAL A 194 -55.85 11.52 0.24
N LYS A 195 -56.60 11.26 -0.82
CA LYS A 195 -56.27 10.16 -1.74
C LYS A 195 -55.04 10.51 -2.55
N LEU A 196 -54.14 9.54 -2.70
CA LEU A 196 -52.89 9.75 -3.42
C LEU A 196 -53.09 9.51 -4.90
N ASN A 197 -52.88 10.56 -5.69
CA ASN A 197 -52.93 10.48 -7.14
C ASN A 197 -51.50 10.50 -7.70
N ALA A 198 -51.38 10.54 -9.03
CA ALA A 198 -50.06 10.72 -9.62
C ALA A 198 -49.59 12.16 -9.48
N GLU A 199 -50.52 13.12 -9.53
CA GLU A 199 -50.17 14.53 -9.46
C GLU A 199 -49.47 14.86 -8.14
N ASN A 200 -50.17 14.63 -7.02
CA ASN A 200 -49.63 15.02 -5.72
C ASN A 200 -48.40 14.20 -5.36
N LEU A 201 -48.37 12.91 -5.71
CA LEU A 201 -47.24 12.08 -5.37
C LEU A 201 -46.00 12.49 -6.15
N ARG A 202 -46.15 12.71 -7.46
CA ARG A 202 -45.02 13.22 -8.24
C ARG A 202 -44.57 14.57 -7.73
N ALA A 203 -45.51 15.42 -7.31
CA ALA A 203 -45.15 16.73 -6.78
C ALA A 203 -44.30 16.60 -5.53
N GLY A 204 -44.73 15.74 -4.59
CA GLY A 204 -43.94 15.54 -3.37
C GLY A 204 -42.58 14.94 -3.65
N ILE A 205 -42.50 14.04 -4.62
CA ILE A 205 -41.21 13.44 -4.98
C ILE A 205 -40.28 14.51 -5.53
N GLU A 206 -40.78 15.36 -6.44
CA GLU A 206 -39.97 16.47 -6.94
C GLU A 206 -39.53 17.38 -5.80
N LYS A 207 -40.43 17.62 -4.84
CA LYS A 207 -40.11 18.49 -3.71
C LYS A 207 -38.94 17.95 -2.90
N ILE A 208 -39.03 16.67 -2.49
CA ILE A 208 -37.99 16.11 -1.64
C ILE A 208 -36.68 15.93 -2.41
N ASN A 209 -36.76 15.57 -3.69
CA ASN A 209 -35.55 15.46 -4.50
C ASN A 209 -34.88 16.82 -4.68
N LYS A 210 -35.68 17.88 -4.83
CA LYS A 210 -35.11 19.22 -4.91
C LYS A 210 -34.47 19.62 -3.59
N LYS A 211 -35.04 19.20 -2.47
CA LYS A 211 -34.40 19.48 -1.18
C LYS A 211 -33.07 18.75 -1.06
N ARG A 212 -33.01 17.48 -1.48
CA ARG A 212 -31.77 16.72 -1.34
C ARG A 212 -30.70 17.17 -2.32
N LYS A 213 -31.10 17.68 -3.49
CA LYS A 213 -30.12 18.09 -4.50
C LYS A 213 -29.27 19.27 -4.02
N ALA A 214 -29.89 20.22 -3.32
CA ALA A 214 -29.13 21.35 -2.81
C ALA A 214 -28.10 20.92 -1.78
N LEU A 215 -28.48 20.00 -0.89
CA LEU A 215 -27.54 19.51 0.12
C LEU A 215 -26.41 18.72 -0.52
N LYS A 216 -26.71 17.93 -1.56
CA LYS A 216 -25.64 17.18 -2.20
C LYS A 216 -24.72 18.10 -3.01
N ARG A 217 -25.25 19.19 -3.58
CA ARG A 217 -24.39 20.19 -4.21
C ARG A 217 -23.48 20.85 -3.18
N LEU A 218 -24.03 21.22 -2.02
CA LEU A 218 -23.22 21.77 -0.95
C LEU A 218 -22.11 20.82 -0.53
N SER A 219 -22.45 19.54 -0.38
CA SER A 219 -21.44 18.54 -0.01
C SER A 219 -20.36 18.41 -1.08
N ASP A 220 -20.76 18.43 -2.35
CA ASP A 220 -19.79 18.33 -3.43
C ASP A 220 -18.90 19.57 -3.52
N LEU A 221 -19.37 20.72 -3.03
CA LEU A 221 -18.54 21.91 -3.03
C LEU A 221 -17.39 21.86 -2.02
N ARG A 222 -17.41 20.91 -1.10
CA ARG A 222 -16.47 20.90 0.02
C ARG A 222 -15.13 20.24 -0.30
N LYS A 223 -14.94 19.72 -1.51
CA LYS A 223 -13.73 18.99 -1.86
C LYS A 223 -12.70 19.86 -2.57
N HIS A 224 -12.54 21.11 -2.13
CA HIS A 224 -11.56 22.02 -2.71
C HIS A 224 -10.54 22.41 -1.65
N ASN A 225 -9.42 22.97 -2.11
CA ASN A 225 -8.28 23.28 -1.26
C ASN A 225 -7.82 24.70 -1.55
N PRO A 226 -7.89 25.63 -0.59
CA PRO A 226 -8.32 25.45 0.81
C PRO A 226 -9.81 25.19 0.96
N ALA A 227 -10.22 24.79 2.15
CA ALA A 227 -11.64 24.55 2.42
C ALA A 227 -12.38 25.88 2.42
N PRO A 228 -13.39 26.05 1.57
CA PRO A 228 -14.09 27.35 1.51
C PRO A 228 -15.00 27.61 2.70
N ILE A 229 -15.41 26.57 3.43
CA ILE A 229 -16.32 26.73 4.55
C ILE A 229 -15.91 25.76 5.66
N HIS A 230 -16.22 26.13 6.89
CA HIS A 230 -15.95 25.26 8.02
C HIS A 230 -17.03 24.20 8.15
N GLY A 231 -16.63 23.03 8.66
CA GLY A 231 -17.54 21.89 8.71
C GLY A 231 -18.67 22.06 9.70
N LEU A 232 -18.47 22.89 10.74
CA LEU A 232 -19.52 23.07 11.73
C LEU A 232 -20.74 23.75 11.14
N ASP A 233 -20.53 24.66 10.19
CA ASP A 233 -21.64 25.33 9.53
C ASP A 233 -22.45 24.35 8.69
N VAL A 234 -21.77 23.51 7.91
CA VAL A 234 -22.47 22.50 7.11
C VAL A 234 -23.19 21.52 8.02
N LEU A 235 -22.59 21.20 9.17
CA LEU A 235 -23.25 20.35 10.16
C LEU A 235 -24.56 20.98 10.60
N LEU A 236 -24.52 22.26 10.99
CA LEU A 236 -25.74 22.95 11.41
C LEU A 236 -26.77 23.01 10.29
N ILE A 237 -26.31 23.11 9.03
CA ILE A 237 -27.25 23.14 7.91
C ILE A 237 -27.98 21.80 7.79
N ASN A 238 -27.22 20.70 7.75
CA ASN A 238 -27.84 19.38 7.70
C ASN A 238 -28.75 19.15 8.92
N GLN A 239 -28.40 19.74 10.05
CA GLN A 239 -29.22 19.59 11.25
C GLN A 239 -30.54 20.34 11.12
N LEU A 240 -30.48 21.58 10.62
CA LEU A 240 -31.70 22.35 10.39
C LEU A 240 -32.55 21.77 9.27
N ALA A 241 -31.95 20.97 8.39
CA ALA A 241 -32.71 20.31 7.30
C ALA A 241 -33.83 19.38 7.81
N PHE A 242 -34.12 19.31 9.11
CA PHE A 242 -35.12 18.39 9.64
C PHE A 242 -36.34 19.09 10.21
N PHE A 243 -36.34 20.42 10.33
CA PHE A 243 -37.50 21.16 10.81
C PHE A 243 -37.98 22.22 9.83
N ASP A 244 -37.24 22.51 8.77
CA ASP A 244 -37.50 23.67 7.92
C ASP A 244 -38.37 23.30 6.72
N ASP A 245 -38.87 24.34 6.06
CA ASP A 245 -39.66 24.16 4.86
C ASP A 245 -38.77 23.69 3.71
N PRO A 246 -39.18 22.68 2.94
CA PRO A 246 -38.30 22.15 1.88
C PRO A 246 -37.99 23.13 0.77
N GLU A 247 -38.75 24.21 0.62
CA GLU A 247 -38.51 25.18 -0.43
C GLU A 247 -37.51 26.26 -0.01
N ARG A 248 -37.81 26.94 1.11
CA ARG A 248 -36.96 28.03 1.58
C ARG A 248 -35.59 27.50 2.00
N PHE A 249 -35.54 26.34 2.64
CA PHE A 249 -34.27 25.75 3.01
C PHE A 249 -33.41 25.48 1.78
N ALA A 250 -34.00 24.86 0.75
CA ALA A 250 -33.25 24.58 -0.47
C ALA A 250 -32.78 25.87 -1.13
N THR A 251 -33.62 26.91 -1.12
CA THR A 251 -33.23 28.17 -1.74
C THR A 251 -32.04 28.80 -1.03
N LYS A 252 -32.07 28.83 0.31
CA LYS A 252 -30.96 29.40 1.05
C LYS A 252 -29.70 28.56 0.89
N VAL A 253 -29.85 27.24 0.81
CA VAL A 253 -28.69 26.37 0.58
C VAL A 253 -28.07 26.66 -0.77
N ASN A 254 -28.91 26.88 -1.79
CA ASN A 254 -28.38 27.18 -3.12
C ASN A 254 -27.69 28.54 -3.15
N GLU A 255 -28.22 29.53 -2.42
CA GLU A 255 -27.54 30.82 -2.35
C GLU A 255 -26.19 30.71 -1.67
N LEU A 256 -26.13 29.93 -0.58
CA LEU A 256 -24.85 29.69 0.08
C LEU A 256 -23.88 28.98 -0.85
N CYS A 257 -24.37 28.03 -1.66
CA CYS A 257 -23.52 27.35 -2.62
C CYS A 257 -22.98 28.32 -3.66
N ASP A 258 -23.82 29.27 -4.09
CA ASP A 258 -23.34 30.31 -5.01
C ASP A 258 -22.21 31.12 -4.39
N GLU A 259 -22.37 31.51 -3.12
CA GLU A 259 -21.30 32.25 -2.44
C GLU A 259 -20.03 31.41 -2.33
N LEU A 260 -20.17 30.12 -2.03
CA LEU A 260 -19.00 29.26 -1.90
C LEU A 260 -18.30 29.07 -3.25
N GLU A 261 -19.08 29.00 -4.34
CA GLU A 261 -18.47 28.95 -5.67
C GLU A 261 -17.71 30.23 -5.97
N GLU A 262 -18.28 31.38 -5.58
CA GLU A 262 -17.55 32.64 -5.69
C GLU A 262 -16.21 32.56 -4.95
N ARG A 263 -16.23 32.01 -3.74
CA ARG A 263 -14.98 31.86 -2.99
C ARG A 263 -14.00 30.95 -3.71
N VAL A 264 -14.48 29.81 -4.21
CA VAL A 264 -13.60 28.84 -4.86
C VAL A 264 -12.95 29.46 -6.10
N ALA A 265 -13.70 30.29 -6.83
CA ALA A 265 -13.17 30.90 -8.05
C ALA A 265 -11.94 31.77 -7.79
N LYS A 266 -11.75 32.25 -6.56
CA LYS A 266 -10.63 33.10 -6.22
C LYS A 266 -9.62 32.43 -5.29
N GLY A 267 -9.85 31.18 -4.91
CA GLY A 267 -8.92 30.49 -4.03
C GLY A 267 -9.03 30.89 -2.58
N GLU A 268 -10.16 31.45 -2.15
CA GLU A 268 -10.34 31.82 -0.76
C GLU A 268 -10.66 30.60 0.09
N GLY A 269 -10.18 30.61 1.33
CA GLY A 269 -10.41 29.50 2.24
C GLY A 269 -10.49 29.99 3.67
N VAL A 270 -11.13 29.17 4.51
CA VAL A 270 -11.29 29.51 5.93
C VAL A 270 -10.17 28.97 6.80
N VAL A 271 -9.24 28.19 6.24
CA VAL A 271 -8.15 27.60 7.00
C VAL A 271 -6.87 27.71 6.19
N SER A 272 -5.73 27.67 6.90
CA SER A 272 -4.45 27.64 6.23
C SER A 272 -4.34 26.37 5.38
N LYS A 273 -3.63 26.49 4.26
CA LYS A 273 -3.59 25.40 3.28
C LYS A 273 -2.83 24.19 3.80
N ASP A 274 -2.01 24.35 4.84
CA ASP A 274 -1.28 23.22 5.42
C ASP A 274 -2.13 22.38 6.37
N ALA A 275 -3.35 22.82 6.67
CA ALA A 275 -4.12 22.21 7.74
C ALA A 275 -4.62 20.82 7.35
N PRO A 276 -4.78 19.92 8.32
CA PRO A 276 -5.24 18.57 8.01
C PRO A 276 -6.73 18.55 7.68
N ARG A 277 -7.10 17.70 6.72
CA ARG A 277 -8.49 17.50 6.33
C ARG A 277 -8.98 16.20 6.93
N ILE A 278 -10.17 16.22 7.53
CA ILE A 278 -10.68 15.11 8.32
C ILE A 278 -12.04 14.68 7.78
N LEU A 279 -12.25 13.37 7.74
CA LEU A 279 -13.54 12.78 7.39
C LEU A 279 -14.14 12.11 8.62
N ILE A 280 -15.45 12.28 8.80
CA ILE A 280 -16.17 11.74 9.95
C ILE A 280 -17.11 10.66 9.45
N THR A 281 -17.06 9.49 10.08
CA THR A 281 -17.95 8.38 9.78
C THR A 281 -18.49 7.79 11.07
N GLY A 282 -19.73 7.32 11.02
CA GLY A 282 -20.34 6.70 12.18
C GLY A 282 -21.79 7.10 12.41
N THR A 283 -22.14 7.37 13.67
CA THR A 283 -23.50 7.66 14.05
C THR A 283 -23.85 9.12 13.78
N PRO A 284 -25.11 9.40 13.45
CA PRO A 284 -25.52 10.80 13.24
C PRO A 284 -25.46 11.58 14.54
N GLN A 285 -25.14 12.86 14.40
CA GLN A 285 -25.02 13.74 15.56
C GLN A 285 -26.19 14.71 15.54
N PRO A 286 -27.13 14.57 16.47
CA PRO A 286 -28.29 15.47 16.51
C PRO A 286 -27.92 16.91 16.84
N ILE A 287 -28.84 17.64 17.44
CA ILE A 287 -28.53 19.04 17.73
C ILE A 287 -29.09 19.34 19.12
N PRO A 288 -28.36 20.05 20.00
CA PRO A 288 -27.07 20.64 19.67
C PRO A 288 -25.87 19.83 20.18
N HIS A 289 -25.40 18.90 19.36
CA HIS A 289 -24.30 18.04 19.77
C HIS A 289 -23.16 18.30 18.78
N TRP A 290 -22.61 19.51 18.86
CA TRP A 290 -21.55 19.97 17.98
C TRP A 290 -20.17 19.78 18.59
N LYS A 291 -20.05 18.96 19.63
CA LYS A 291 -18.81 18.89 20.41
C LYS A 291 -17.64 18.43 19.54
N ILE A 292 -17.85 17.38 18.75
CA ILE A 292 -16.74 16.77 18.02
C ILE A 292 -16.21 17.71 16.95
N HIS A 293 -17.10 18.30 16.15
CA HIS A 293 -16.66 19.23 15.12
C HIS A 293 -15.93 20.43 15.73
N ALA A 294 -16.47 20.97 16.83
CA ALA A 294 -15.84 22.12 17.47
C ALA A 294 -14.45 21.78 17.98
N LEU A 295 -14.30 20.62 18.62
CA LEU A 295 -12.98 20.23 19.12
C LEU A 295 -12.00 19.96 17.99
N ILE A 296 -12.47 19.34 16.91
CA ILE A 296 -11.58 19.02 15.79
C ILE A 296 -11.11 20.30 15.11
N GLU A 297 -12.02 21.24 14.85
CA GLU A 297 -11.66 22.47 14.17
C GLU A 297 -11.05 23.52 15.11
N GLY A 298 -11.07 23.28 16.42
CA GLY A 298 -10.43 24.16 17.37
C GLY A 298 -8.97 23.87 17.61
N ALA A 299 -8.40 22.90 16.91
CA ALA A 299 -6.97 22.57 17.03
C ALA A 299 -6.22 22.76 15.72
N GLY A 300 -6.88 23.32 14.70
CA GLY A 300 -6.26 23.56 13.41
C GLY A 300 -6.77 22.68 12.29
N GLY A 301 -7.49 21.61 12.61
CA GLY A 301 -8.04 20.75 11.58
C GLY A 301 -9.31 21.30 10.97
N VAL A 302 -9.73 20.68 9.88
CA VAL A 302 -10.94 21.08 9.16
C VAL A 302 -11.65 19.82 8.68
N VAL A 303 -12.96 19.74 8.95
CA VAL A 303 -13.77 18.60 8.53
C VAL A 303 -14.32 18.90 7.14
N VAL A 304 -14.06 18.00 6.20
CA VAL A 304 -14.51 18.18 4.82
C VAL A 304 -15.68 17.28 4.44
N GLY A 305 -15.95 16.23 5.21
CA GLY A 305 -17.05 15.35 4.91
C GLY A 305 -17.53 14.62 6.15
N GLU A 306 -18.79 14.21 6.12
CA GLU A 306 -19.41 13.50 7.23
C GLU A 306 -20.21 12.33 6.69
N GLU A 307 -19.80 11.12 7.05
CA GLU A 307 -20.49 9.90 6.62
C GLU A 307 -21.46 9.42 7.70
N THR A 308 -22.44 10.26 7.98
CA THR A 308 -23.51 9.96 8.93
C THR A 308 -24.85 10.21 8.24
N CYS A 309 -25.94 9.98 8.99
CA CYS A 309 -27.27 10.26 8.47
C CYS A 309 -27.72 11.69 8.75
N ILE A 310 -26.91 12.48 9.44
CA ILE A 310 -27.01 13.93 9.37
C ILE A 310 -25.79 14.38 8.59
N GLY A 311 -25.31 13.50 7.71
CA GLY A 311 -24.26 13.82 6.77
C GLY A 311 -24.70 13.48 5.36
N GLU A 312 -23.91 12.68 4.65
CA GLU A 312 -24.22 12.36 3.25
C GLU A 312 -25.24 11.24 3.10
N ARG A 313 -25.44 10.41 4.14
CA ARG A 313 -26.36 9.29 4.01
C ARG A 313 -27.81 9.73 3.82
N TYR A 314 -28.13 11.00 4.10
CA TYR A 314 -29.50 11.47 4.00
C TYR A 314 -29.86 11.88 2.57
N PHE A 315 -28.96 12.58 1.88
CA PHE A 315 -29.26 13.18 0.59
C PHE A 315 -28.52 12.53 -0.57
N LYS A 316 -27.84 11.40 -0.34
CA LYS A 316 -26.99 10.84 -1.39
C LYS A 316 -27.81 10.32 -2.57
N ASP A 317 -28.90 9.63 -2.29
CA ASP A 317 -29.70 8.96 -3.32
C ASP A 317 -30.99 9.72 -3.55
N LEU A 318 -31.32 9.92 -4.82
CA LEU A 318 -32.55 10.59 -5.25
C LEU A 318 -33.49 9.60 -5.89
N VAL A 319 -34.79 9.93 -5.85
CA VAL A 319 -35.82 9.01 -6.34
C VAL A 319 -35.85 9.03 -7.86
N GLU A 320 -36.04 7.86 -8.46
CA GLU A 320 -36.17 7.69 -9.90
C GLU A 320 -37.63 7.84 -10.31
N PRO A 321 -37.90 8.46 -11.46
CA PRO A 321 -39.29 8.74 -11.85
C PRO A 321 -40.02 7.48 -12.31
N ALA A 322 -41.34 7.60 -12.36
CA ALA A 322 -42.20 6.49 -12.76
C ALA A 322 -43.48 7.07 -13.38
N ALA A 323 -44.35 6.16 -13.83
CA ALA A 323 -45.57 6.56 -14.52
C ALA A 323 -46.77 6.57 -13.59
N ASP A 324 -47.20 5.39 -13.13
CA ASP A 324 -48.35 5.28 -12.26
C ASP A 324 -47.92 5.29 -10.80
N VAL A 325 -48.90 5.28 -9.89
CA VAL A 325 -48.62 5.42 -8.47
C VAL A 325 -47.84 4.21 -7.95
N GLU A 326 -48.13 3.02 -8.48
CA GLU A 326 -47.41 1.83 -8.04
C GLU A 326 -45.92 1.95 -8.33
N GLY A 327 -45.56 2.43 -9.52
CA GLY A 327 -44.16 2.63 -9.83
C GLY A 327 -43.50 3.66 -8.93
N MET A 328 -44.23 4.72 -8.60
CA MET A 328 -43.68 5.74 -7.71
C MET A 328 -43.40 5.17 -6.31
N LEU A 329 -44.33 4.36 -5.79
CA LEU A 329 -44.09 3.72 -4.50
C LEU A 329 -42.92 2.74 -4.56
N LYS A 330 -42.82 1.98 -5.65
CA LYS A 330 -41.69 1.08 -5.84
C LYS A 330 -40.38 1.86 -5.80
N ASN A 331 -40.32 2.99 -6.51
CA ASN A 331 -39.09 3.78 -6.56
C ASN A 331 -38.77 4.42 -5.22
N ILE A 332 -39.80 4.86 -4.48
CA ILE A 332 -39.57 5.42 -3.16
C ILE A 332 -38.96 4.37 -2.23
N ALA A 333 -39.55 3.18 -2.21
CA ALA A 333 -39.03 2.12 -1.36
C ALA A 333 -37.62 1.72 -1.79
N ALA A 334 -37.36 1.67 -3.10
CA ALA A 334 -36.04 1.30 -3.59
C ALA A 334 -35.00 2.35 -3.26
N ARG A 335 -35.38 3.62 -3.24
CA ARG A 335 -34.46 4.67 -2.82
C ARG A 335 -34.17 4.57 -1.33
N SER A 336 -35.21 4.31 -0.52
CA SER A 336 -34.99 4.18 0.91
C SER A 336 -34.07 3.01 1.24
N LEU A 337 -34.25 1.87 0.57
CA LEU A 337 -33.46 0.69 0.90
C LEU A 337 -32.01 0.79 0.43
N LYS A 338 -31.64 1.83 -0.30
CA LYS A 338 -30.26 2.00 -0.76
C LYS A 338 -29.37 2.67 0.28
N VAL A 339 -29.85 2.86 1.51
CA VAL A 339 -29.07 3.47 2.57
C VAL A 339 -28.27 2.36 3.26
N ASN A 340 -26.93 2.48 3.21
CA ASN A 340 -26.04 1.47 3.78
C ASN A 340 -25.88 1.68 5.29
N CYS A 341 -27.01 1.58 5.99
CA CYS A 341 -27.00 1.71 7.44
C CYS A 341 -26.34 0.48 8.07
N ALA A 342 -25.86 0.67 9.31
CA ALA A 342 -25.18 -0.39 10.04
C ALA A 342 -26.13 -1.33 10.76
N CYS A 343 -27.39 -1.44 10.32
CA CYS A 343 -28.32 -2.40 10.88
C CYS A 343 -28.49 -3.63 10.00
N PHE A 344 -27.94 -3.62 8.80
CA PHE A 344 -28.01 -4.76 7.89
C PHE A 344 -26.77 -5.63 8.03
N THR A 345 -26.85 -6.84 7.50
CA THR A 345 -25.74 -7.77 7.59
C THR A 345 -25.67 -8.67 6.37
N PRO A 346 -24.58 -8.63 5.59
CA PRO A 346 -23.46 -7.70 5.81
C PRO A 346 -23.73 -6.32 5.21
N ASN A 347 -22.93 -5.33 5.61
CA ASN A 347 -23.08 -3.95 5.15
C ASN A 347 -21.76 -3.50 4.54
N THR A 348 -21.44 -4.04 3.36
CA THR A 348 -20.17 -3.77 2.70
C THR A 348 -20.25 -2.60 1.73
N GLY A 349 -21.39 -1.89 1.67
CA GLY A 349 -21.52 -0.74 0.81
C GLY A 349 -21.06 0.55 1.47
N ARG A 350 -21.33 0.68 2.77
CA ARG A 350 -20.84 1.84 3.51
C ARG A 350 -19.32 1.92 3.50
N LEU A 351 -18.65 0.76 3.43
CA LEU A 351 -17.19 0.77 3.34
C LEU A 351 -16.73 1.34 2.00
N GLU A 352 -17.39 0.95 0.91
CA GLU A 352 -17.14 1.57 -0.39
C GLU A 352 -17.39 3.07 -0.33
N ASP A 353 -18.45 3.47 0.38
CA ASP A 353 -18.73 4.89 0.57
C ASP A 353 -17.55 5.60 1.22
N ILE A 354 -17.02 5.02 2.30
CA ILE A 354 -15.90 5.65 3.01
C ILE A 354 -14.67 5.75 2.11
N LEU A 355 -14.34 4.65 1.43
CA LEU A 355 -13.13 4.63 0.61
C LEU A 355 -13.25 5.53 -0.61
N SER A 356 -14.47 5.81 -1.06
CA SER A 356 -14.65 6.74 -2.17
C SER A 356 -14.65 8.19 -1.68
N MET A 357 -15.21 8.43 -0.49
CA MET A 357 -15.25 9.79 0.05
C MET A 357 -13.85 10.29 0.42
N VAL A 358 -12.97 9.39 0.87
CA VAL A 358 -11.61 9.85 1.17
C VAL A 358 -10.89 10.30 -0.11
N GLN A 359 -11.14 9.62 -1.23
CA GLN A 359 -10.52 10.01 -2.49
C GLN A 359 -11.16 11.26 -3.07
N LYS A 360 -12.48 11.41 -2.91
CA LYS A 360 -13.15 12.61 -3.40
C LYS A 360 -12.65 13.85 -2.68
N LEU A 361 -12.77 13.86 -1.35
CA LEU A 361 -12.48 15.03 -0.54
C LEU A 361 -11.00 15.17 -0.19
N GLN A 362 -10.17 14.20 -0.56
CA GLN A 362 -8.73 14.22 -0.25
C GLN A 362 -8.50 14.39 1.26
N VAL A 363 -8.84 13.34 1.98
CA VAL A 363 -8.80 13.33 3.43
C VAL A 363 -7.45 12.84 3.91
N ASP A 364 -6.91 13.49 4.95
CA ASP A 364 -5.66 13.08 5.57
C ASP A 364 -5.85 12.07 6.68
N GLY A 365 -7.05 11.98 7.24
CA GLY A 365 -7.35 11.02 8.30
C GLY A 365 -8.83 10.93 8.61
N VAL A 366 -9.32 9.72 8.84
CA VAL A 366 -10.73 9.50 9.14
C VAL A 366 -10.90 9.26 10.64
N ILE A 367 -12.06 9.65 11.16
CA ILE A 367 -12.38 9.49 12.57
C ILE A 367 -13.75 8.83 12.67
N HIS A 368 -13.82 7.73 13.42
CA HIS A 368 -15.05 6.94 13.53
C HIS A 368 -15.69 7.23 14.89
N TYR A 369 -16.38 8.36 14.97
CA TYR A 369 -17.08 8.74 16.19
C TYR A 369 -18.46 8.10 16.21
N SER A 370 -18.73 7.35 17.28
CA SER A 370 -20.06 6.77 17.52
C SER A 370 -20.47 7.07 18.95
N LEU A 371 -21.78 7.11 19.17
CA LEU A 371 -22.31 7.36 20.50
C LEU A 371 -21.96 6.21 21.44
N GLN A 372 -22.05 6.50 22.73
CA GLN A 372 -21.86 5.46 23.74
C GLN A 372 -23.07 4.54 23.77
N PHE A 373 -22.82 3.24 23.94
CA PHE A 373 -23.86 2.21 24.00
C PHE A 373 -24.65 2.12 22.69
N CYS A 374 -24.01 2.39 21.56
CA CYS A 374 -24.57 2.12 20.24
C CYS A 374 -23.87 0.89 19.70
N GLN A 375 -24.51 -0.27 19.85
CA GLN A 375 -23.90 -1.54 19.52
C GLN A 375 -23.79 -1.78 18.01
N PRO A 376 -24.82 -1.49 17.20
CA PRO A 376 -24.66 -1.73 15.75
C PRO A 376 -23.46 -1.03 15.14
N TYR A 377 -23.30 0.27 15.40
CA TYR A 377 -22.14 0.99 14.90
C TYR A 377 -20.90 0.77 15.75
N GLY A 378 -21.04 0.19 16.94
CA GLY A 378 -19.90 -0.09 17.78
C GLY A 378 -19.15 -1.34 17.36
N VAL A 379 -19.88 -2.38 16.98
CA VAL A 379 -19.23 -3.63 16.60
C VAL A 379 -18.60 -3.53 15.21
N GLU A 380 -19.31 -2.92 14.25
CA GLU A 380 -18.82 -2.83 12.88
C GLU A 380 -17.56 -1.99 12.76
N SER A 381 -17.29 -1.14 13.77
CA SER A 381 -16.11 -0.30 13.75
C SER A 381 -14.82 -1.12 13.67
N TYR A 382 -14.82 -2.31 14.28
CA TYR A 382 -13.64 -3.17 14.21
C TYR A 382 -13.29 -3.50 12.78
N LEU A 383 -14.25 -4.01 12.02
CA LEU A 383 -14.00 -4.37 10.62
C LEU A 383 -13.66 -3.13 9.79
N VAL A 384 -14.37 -2.02 10.01
CA VAL A 384 -14.11 -0.81 9.25
C VAL A 384 -12.67 -0.34 9.46
N GLY A 385 -12.24 -0.27 10.73
CA GLY A 385 -10.90 0.19 11.02
C GLY A 385 -9.82 -0.77 10.56
N ARG A 386 -10.06 -2.07 10.72
CA ARG A 386 -9.09 -3.05 10.22
C ARG A 386 -8.90 -2.93 8.72
N GLU A 387 -10.00 -2.77 7.98
CA GLU A 387 -9.89 -2.64 6.53
C GLU A 387 -9.21 -1.34 6.14
N LEU A 388 -9.53 -0.24 6.84
CA LEU A 388 -8.88 1.03 6.52
C LEU A 388 -7.40 1.02 6.83
N GLU A 389 -6.98 0.31 7.88
CA GLU A 389 -5.56 0.20 8.18
C GLU A 389 -4.85 -0.75 7.22
N ARG A 390 -5.57 -1.76 6.72
CA ARG A 390 -5.00 -2.63 5.69
C ARG A 390 -4.62 -1.83 4.44
N ARG A 391 -5.42 -0.81 4.11
CA ARG A 391 -5.20 0.01 2.94
C ARG A 391 -4.41 1.28 3.22
N ASN A 392 -3.73 1.34 4.38
CA ASN A 392 -2.86 2.45 4.76
C ASN A 392 -3.61 3.78 4.76
N ILE A 393 -4.57 3.86 5.69
CA ILE A 393 -5.34 5.07 5.94
C ILE A 393 -5.34 5.33 7.44
N PRO A 394 -4.89 6.49 7.90
CA PRO A 394 -4.94 6.79 9.34
C PRO A 394 -6.37 6.74 9.86
N PHE A 395 -6.52 6.24 11.08
CA PHE A 395 -7.84 5.91 11.62
C PHE A 395 -7.86 6.17 13.12
N LEU A 396 -8.98 6.72 13.60
CA LEU A 396 -9.16 7.00 15.03
C LEU A 396 -10.59 6.62 15.41
N LYS A 397 -10.73 5.82 16.46
CA LYS A 397 -12.04 5.45 16.99
C LYS A 397 -12.32 6.28 18.25
N LEU A 398 -13.45 6.98 18.26
CA LEU A 398 -13.86 7.80 19.38
C LEU A 398 -15.24 7.39 19.86
N GLU A 399 -15.53 7.69 21.12
CA GLU A 399 -16.81 7.39 21.72
C GLU A 399 -17.05 8.33 22.89
N SER A 400 -18.22 8.94 22.93
CA SER A 400 -18.59 9.85 24.01
C SER A 400 -20.10 9.91 24.11
N ASP A 401 -20.61 10.73 25.01
CA ASP A 401 -22.04 10.93 25.17
C ASP A 401 -22.39 12.41 25.14
N PHE A 402 -23.62 12.75 25.50
CA PHE A 402 -24.08 14.13 25.45
C PHE A 402 -23.59 14.97 26.63
N SER A 403 -22.75 14.41 27.50
CA SER A 403 -22.13 15.21 28.54
C SER A 403 -21.27 16.30 27.91
N GLU A 404 -21.11 17.40 28.64
CA GLU A 404 -20.50 18.60 28.08
C GLU A 404 -19.01 18.70 28.35
N GLU A 405 -18.49 18.02 29.37
CA GLU A 405 -17.13 18.28 29.82
C GLU A 405 -16.19 17.09 29.58
N ASP A 406 -16.18 16.55 28.37
CA ASP A 406 -15.17 15.58 27.95
C ASP A 406 -14.00 16.25 27.24
N GLN A 407 -13.69 17.50 27.58
CA GLN A 407 -12.75 18.29 26.79
C GLN A 407 -11.34 17.71 26.84
N GLY A 408 -10.86 17.32 28.02
CA GLY A 408 -9.48 16.90 28.15
C GLY A 408 -9.15 15.65 27.35
N GLN A 409 -9.95 14.60 27.52
CA GLN A 409 -9.64 13.31 26.91
C GLN A 409 -9.78 13.37 25.40
N LEU A 410 -10.95 13.79 24.91
CA LEU A 410 -11.16 13.91 23.47
C LEU A 410 -10.19 14.91 22.87
N LYS A 411 -9.82 15.96 23.62
CA LYS A 411 -8.86 16.94 23.13
C LYS A 411 -7.50 16.30 22.92
N THR A 412 -7.03 15.52 23.90
CA THR A 412 -5.76 14.83 23.76
C THR A 412 -5.79 13.86 22.58
N ARG A 413 -6.90 13.11 22.44
CA ARG A 413 -7.02 12.18 21.32
C ARG A 413 -6.91 12.92 19.97
N ILE A 414 -7.71 13.96 19.80
CA ILE A 414 -7.75 14.69 18.53
C ILE A 414 -6.40 15.34 18.25
N GLU A 415 -5.76 15.91 19.27
CA GLU A 415 -4.50 16.59 19.06
C GLU A 415 -3.38 15.61 18.72
N ALA A 416 -3.36 14.45 19.38
CA ALA A 416 -2.38 13.43 19.03
C ALA A 416 -2.58 12.94 17.60
N PHE A 417 -3.85 12.75 17.20
CA PHE A 417 -4.12 12.34 15.83
C PHE A 417 -3.64 13.37 14.83
N LEU A 418 -3.98 14.65 15.05
CA LEU A 418 -3.59 15.69 14.12
C LEU A 418 -2.08 15.90 14.09
N GLU A 419 -1.39 15.64 15.21
CA GLU A 419 0.06 15.72 15.21
C GLU A 419 0.66 14.56 14.43
N MET A 420 0.07 13.37 14.54
CA MET A 420 0.60 12.21 13.83
C MET A 420 0.38 12.32 12.33
N ILE A 421 -0.79 12.77 11.89
CA ILE A 421 -1.14 12.74 10.48
C ILE A 421 -0.95 14.11 9.84
N LYS A 422 0.06 14.84 10.28
CA LYS A 422 0.35 16.19 9.78
C LYS A 422 0.37 16.24 8.24
N ASP B 3 -7.24 -40.67 26.42
CA ASP B 3 -7.91 -40.42 25.16
C ASP B 3 -8.44 -39.00 25.09
N ASN B 4 -8.73 -38.39 26.24
CA ASN B 4 -9.19 -37.01 26.26
C ASN B 4 -8.11 -36.07 25.75
N ARG B 5 -6.88 -36.25 26.24
CA ARG B 5 -5.77 -35.42 25.75
C ARG B 5 -5.43 -35.74 24.31
N GLU B 6 -5.63 -36.99 23.88
CA GLU B 6 -5.50 -37.33 22.46
C GLU B 6 -6.47 -36.52 21.62
N LEU B 7 -7.74 -36.47 22.02
CA LEU B 7 -8.73 -35.67 21.31
C LEU B 7 -8.36 -34.19 21.31
N TRP B 8 -7.93 -33.69 22.47
CA TRP B 8 -7.59 -32.26 22.58
C TRP B 8 -6.37 -31.91 21.73
N LYS B 9 -5.45 -32.87 21.54
CA LYS B 9 -4.33 -32.65 20.63
C LYS B 9 -4.78 -32.70 19.18
N VAL B 10 -5.76 -33.57 18.87
CA VAL B 10 -6.28 -33.65 17.51
C VAL B 10 -7.02 -32.37 17.14
N LEU B 11 -7.73 -31.77 18.11
CA LEU B 11 -8.58 -30.62 17.86
C LEU B 11 -7.89 -29.29 18.12
N ASN B 12 -6.56 -29.29 18.26
CA ASN B 12 -5.79 -28.07 18.48
C ASN B 12 -6.27 -27.29 19.70
N VAL B 13 -5.80 -27.70 20.88
CA VAL B 13 -6.15 -27.04 22.14
C VAL B 13 -4.87 -26.46 22.73
N ASP B 14 -4.91 -25.17 23.09
CA ASP B 14 -3.86 -24.58 23.91
C ASP B 14 -4.03 -25.15 25.31
N LEU B 15 -3.50 -26.36 25.51
CA LEU B 15 -3.80 -27.15 26.70
C LEU B 15 -3.46 -26.43 27.99
N GLU B 16 -2.51 -25.49 27.95
CA GLU B 16 -2.18 -24.72 29.15
C GLU B 16 -3.38 -23.89 29.62
N LYS B 17 -3.94 -23.09 28.71
CA LYS B 17 -5.13 -22.31 29.06
C LYS B 17 -6.32 -23.20 29.35
N HIS B 18 -6.42 -24.34 28.67
CA HIS B 18 -7.49 -25.30 28.95
C HIS B 18 -7.43 -25.78 30.41
N ASP B 19 -6.24 -26.18 30.85
CA ASP B 19 -6.09 -26.65 32.22
C ASP B 19 -6.27 -25.52 33.22
N GLU B 20 -5.78 -24.33 32.90
CA GLU B 20 -5.93 -23.19 33.80
C GLU B 20 -7.39 -22.78 33.92
N PHE B 21 -8.19 -23.03 32.89
CA PHE B 21 -9.63 -22.77 32.95
C PHE B 21 -10.35 -23.85 33.73
N LEU B 22 -9.99 -25.11 33.52
CA LEU B 22 -10.63 -26.22 34.24
C LEU B 22 -10.09 -26.39 35.65
N ALA B 23 -9.13 -25.57 36.09
CA ALA B 23 -8.54 -25.79 37.41
C ALA B 23 -9.51 -25.51 38.55
N PRO B 24 -10.17 -24.33 38.65
CA PRO B 24 -10.98 -24.07 39.84
C PRO B 24 -12.45 -24.42 39.67
N VAL B 25 -12.75 -25.52 39.00
CA VAL B 25 -14.13 -25.90 38.69
C VAL B 25 -14.62 -27.05 39.57
N PRO B 26 -13.85 -28.13 39.77
CA PRO B 26 -14.38 -29.23 40.59
C PRO B 26 -14.75 -28.82 42.00
N ALA B 27 -14.00 -27.90 42.63
CA ALA B 27 -14.37 -27.42 43.95
C ALA B 27 -15.71 -26.70 43.92
N VAL B 28 -15.94 -25.88 42.90
CA VAL B 28 -17.21 -25.17 42.77
C VAL B 28 -18.36 -26.15 42.62
N TYR B 29 -18.18 -27.16 41.75
CA TYR B 29 -19.25 -28.11 41.53
C TYR B 29 -19.49 -28.98 42.76
N ARG B 30 -18.45 -29.28 43.54
CA ARG B 30 -18.63 -30.02 44.78
C ARG B 30 -19.42 -29.20 45.79
N GLU B 31 -19.07 -27.91 45.94
CA GLU B 31 -19.75 -27.08 46.93
C GLU B 31 -21.20 -26.83 46.55
N LEU B 32 -21.45 -26.50 45.28
CA LEU B 32 -22.79 -26.10 44.87
C LEU B 32 -23.73 -27.28 44.65
N PHE B 33 -23.20 -28.47 44.41
CA PHE B 33 -24.06 -29.61 44.08
C PHE B 33 -23.79 -30.83 44.95
N LEU B 34 -22.55 -31.33 44.91
CA LEU B 34 -22.26 -32.66 45.45
C LEU B 34 -22.59 -32.76 46.94
N ASN B 35 -22.19 -31.75 47.71
CA ASN B 35 -22.39 -31.79 49.16
C ASN B 35 -23.74 -31.24 49.59
N ARG B 36 -24.53 -30.69 48.68
CA ARG B 36 -25.87 -30.24 49.03
C ARG B 36 -26.75 -31.44 49.34
N PRO B 37 -27.34 -31.52 50.52
CA PRO B 37 -28.08 -32.73 50.92
C PRO B 37 -29.44 -32.81 50.23
N ASN B 38 -30.11 -33.95 50.46
CA ASN B 38 -31.48 -34.24 50.04
C ASN B 38 -31.64 -34.29 48.53
N ARG B 39 -30.54 -34.36 47.78
CA ARG B 39 -30.66 -34.46 46.33
C ARG B 39 -31.14 -35.86 45.94
N PRO B 40 -31.92 -35.97 44.86
CA PRO B 40 -32.41 -37.28 44.43
C PRO B 40 -31.27 -38.18 43.98
N ARG B 41 -31.63 -39.44 43.71
CA ARG B 41 -30.65 -40.44 43.29
CA ARG B 41 -30.65 -40.44 43.29
C ARG B 41 -30.42 -40.42 41.78
N ALA B 42 -31.48 -40.32 41.00
CA ALA B 42 -31.37 -40.28 39.54
C ALA B 42 -30.54 -39.09 39.06
N MET B 43 -30.20 -38.16 39.94
CA MET B 43 -29.31 -37.05 39.57
C MET B 43 -27.90 -37.53 39.26
N ALA B 44 -27.50 -38.70 39.78
CA ALA B 44 -26.12 -39.16 39.67
C ALA B 44 -25.59 -39.03 38.26
N TYR B 45 -26.33 -39.57 37.28
CA TYR B 45 -25.89 -39.56 35.89
C TYR B 45 -25.46 -38.16 35.45
N PHE B 46 -26.29 -37.15 35.73
CA PHE B 46 -25.98 -35.80 35.28
C PHE B 46 -24.66 -35.33 35.86
N ASP B 47 -24.42 -35.61 37.15
CA ASP B 47 -23.14 -35.26 37.75
C ASP B 47 -21.99 -35.88 36.97
N ALA B 48 -22.14 -37.14 36.56
CA ALA B 48 -21.10 -37.80 35.78
C ALA B 48 -20.73 -36.99 34.55
N VAL B 49 -21.74 -36.39 33.90
CA VAL B 49 -21.48 -35.57 32.73
C VAL B 49 -20.52 -34.43 33.08
N VAL B 50 -20.80 -33.73 34.18
CA VAL B 50 -19.91 -32.66 34.59
C VAL B 50 -18.56 -33.22 35.04
N GLY B 51 -18.55 -34.47 35.50
CA GLY B 51 -17.29 -35.12 35.81
C GLY B 51 -16.43 -35.34 34.59
N ASP B 52 -17.06 -35.44 33.42
CA ASP B 52 -16.35 -35.61 32.15
C ASP B 52 -16.95 -34.66 31.11
N ILE B 53 -16.91 -33.36 31.44
CA ILE B 53 -17.56 -32.36 30.61
C ILE B 53 -16.89 -32.24 29.24
N HIS B 54 -15.59 -32.53 29.16
CA HIS B 54 -14.88 -32.43 27.88
C HIS B 54 -14.34 -33.79 27.47
N GLY B 55 -15.19 -34.80 27.39
CA GLY B 55 -14.72 -36.14 27.08
C GLY B 55 -15.63 -37.00 26.23
N ILE B 56 -16.46 -37.82 26.88
CA ILE B 56 -17.17 -38.89 26.18
C ILE B 56 -18.10 -38.33 25.11
N ARG B 57 -18.79 -37.22 25.41
CA ARG B 57 -19.65 -36.62 24.39
C ARG B 57 -18.83 -36.07 23.24
N VAL B 58 -17.65 -35.51 23.53
CA VAL B 58 -16.77 -35.08 22.46
C VAL B 58 -16.29 -36.28 21.65
N HIS B 59 -16.07 -37.42 22.33
CA HIS B 59 -15.74 -38.65 21.62
C HIS B 59 -16.85 -39.05 20.66
N GLU B 60 -18.11 -38.98 21.12
CA GLU B 60 -19.23 -39.32 20.26
C GLU B 60 -19.32 -38.38 19.07
N LEU B 61 -19.15 -37.08 19.31
CA LEU B 61 -19.22 -36.09 18.23
C LEU B 61 -18.11 -36.31 17.21
N TYR B 62 -16.89 -36.58 17.69
CA TYR B 62 -15.76 -36.79 16.79
C TYR B 62 -15.89 -38.12 16.05
N ASN B 63 -16.53 -39.12 16.66
CA ASN B 63 -16.83 -40.36 15.95
C ASN B 63 -17.84 -40.13 14.84
N LEU B 64 -18.91 -39.40 15.14
CA LEU B 64 -19.87 -39.01 14.11
C LEU B 64 -19.20 -38.23 12.99
N LYS B 65 -18.20 -37.41 13.36
CA LYS B 65 -17.43 -36.67 12.37
C LYS B 65 -16.64 -37.62 11.47
N GLN B 66 -15.93 -38.58 12.07
CA GLN B 66 -15.14 -39.54 11.31
C GLN B 66 -16.00 -40.48 10.47
N GLU B 67 -17.27 -40.66 10.82
CA GLU B 67 -18.17 -41.50 10.04
C GLU B 67 -18.80 -40.77 8.86
N GLY B 68 -18.35 -39.55 8.56
CA GLY B 68 -18.87 -38.82 7.42
C GLY B 68 -20.13 -38.03 7.68
N LYS B 69 -20.29 -37.48 8.88
CA LYS B 69 -21.45 -36.67 9.21
C LYS B 69 -21.01 -35.42 9.96
N LYS B 70 -21.87 -34.40 9.93
CA LYS B 70 -21.51 -33.07 10.38
C LYS B 70 -21.96 -32.82 11.81
N VAL B 71 -21.52 -31.69 12.35
CA VAL B 71 -21.88 -31.23 13.69
C VAL B 71 -22.26 -29.76 13.58
N PHE B 72 -23.52 -29.45 13.85
CA PHE B 72 -24.05 -28.10 13.68
C PHE B 72 -24.13 -27.41 15.05
N ALA B 73 -23.41 -26.31 15.19
CA ALA B 73 -23.41 -25.52 16.41
C ALA B 73 -24.44 -24.40 16.30
N THR B 74 -25.24 -24.22 17.36
CA THR B 74 -26.33 -23.25 17.35
C THR B 74 -26.19 -22.29 18.52
N PHE B 75 -26.97 -21.20 18.46
CA PHE B 75 -26.97 -20.20 19.52
C PHE B 75 -28.38 -19.70 19.84
N CYS B 76 -29.42 -20.46 19.49
CA CYS B 76 -30.79 -19.98 19.63
C CYS B 76 -31.72 -21.17 19.75
N VAL B 77 -33.02 -20.87 19.90
CA VAL B 77 -34.06 -21.88 20.03
C VAL B 77 -34.74 -22.06 18.68
N TYR B 78 -34.82 -20.98 17.91
CA TYR B 78 -35.51 -21.01 16.62
C TYR B 78 -34.83 -21.90 15.60
N VAL B 79 -33.65 -22.43 15.90
CA VAL B 79 -32.97 -23.32 14.95
C VAL B 79 -33.78 -24.61 14.80
N PRO B 80 -34.09 -25.04 13.59
CA PRO B 80 -34.82 -26.31 13.38
C PRO B 80 -33.91 -27.52 13.57
N GLU B 81 -33.61 -27.81 14.84
CA GLU B 81 -32.77 -28.97 15.15
C GLU B 81 -33.41 -30.27 14.74
N GLU B 82 -34.74 -30.29 14.58
CA GLU B 82 -35.42 -31.48 14.06
C GLU B 82 -34.88 -31.86 12.68
N ILE B 83 -34.66 -30.87 11.82
CA ILE B 83 -34.17 -31.15 10.48
C ILE B 83 -32.74 -31.69 10.54
N ILE B 84 -31.92 -31.15 11.46
CA ILE B 84 -30.56 -31.63 11.61
C ILE B 84 -30.55 -33.08 12.08
N ASN B 85 -31.40 -33.41 13.05
CA ASN B 85 -31.52 -34.81 13.48
C ASN B 85 -32.06 -35.68 12.36
N ALA B 86 -32.90 -35.13 11.49
CA ALA B 86 -33.42 -35.91 10.37
C ALA B 86 -32.32 -36.25 9.38
N THR B 87 -31.48 -35.28 9.05
CA THR B 87 -30.37 -35.53 8.11
C THR B 87 -29.15 -36.15 8.78
N GLY B 88 -29.35 -37.03 9.75
CA GLY B 88 -28.27 -37.79 10.35
C GLY B 88 -27.34 -37.03 11.27
N SER B 89 -26.92 -35.84 10.85
CA SER B 89 -25.93 -35.08 11.60
C SER B 89 -26.47 -34.65 12.96
N ALA B 90 -25.54 -34.30 13.85
CA ALA B 90 -25.87 -33.90 15.21
C ALA B 90 -25.89 -32.38 15.33
N CYS B 91 -26.62 -31.90 16.33
CA CYS B 91 -26.81 -30.48 16.60
C CYS B 91 -26.59 -30.21 18.07
N ILE B 92 -25.72 -29.24 18.37
CA ILE B 92 -25.41 -28.88 19.76
C ILE B 92 -25.45 -27.37 19.91
N GLY B 93 -25.92 -26.91 21.07
CA GLY B 93 -25.91 -25.49 21.42
C GLY B 93 -24.82 -25.23 22.45
N LEU B 94 -24.21 -24.04 22.35
CA LEU B 94 -23.08 -23.71 23.22
C LEU B 94 -23.05 -22.19 23.43
N CYS B 95 -23.92 -21.72 24.30
CA CYS B 95 -23.91 -20.31 24.68
C CYS B 95 -22.73 -20.03 25.62
N GLY B 96 -22.29 -18.78 25.61
CA GLY B 96 -21.12 -18.42 26.40
C GLY B 96 -21.35 -18.65 27.88
N GLY B 97 -20.30 -19.10 28.57
CA GLY B 97 -20.45 -19.53 29.94
C GLY B 97 -19.63 -18.79 30.99
N ALA B 98 -18.32 -18.71 30.79
CA ALA B 98 -17.42 -18.21 31.82
C ALA B 98 -16.78 -16.89 31.41
N GLN B 99 -16.14 -16.24 32.38
CA GLN B 99 -15.46 -14.96 32.18
C GLN B 99 -14.00 -15.12 31.80
N TYR B 100 -13.43 -16.32 31.95
CA TYR B 100 -12.04 -16.55 31.57
C TYR B 100 -11.77 -16.14 30.13
N THR B 101 -12.77 -16.25 29.26
CA THR B 101 -12.63 -15.93 27.85
C THR B 101 -13.21 -14.56 27.49
N VAL B 102 -13.68 -13.80 28.48
CA VAL B 102 -14.24 -12.47 28.23
C VAL B 102 -13.17 -11.51 27.73
N PRO B 103 -12.02 -11.36 28.39
CA PRO B 103 -11.02 -10.39 27.87
C PRO B 103 -10.51 -10.73 26.49
N ALA B 104 -10.23 -12.00 26.22
CA ALA B 104 -9.82 -12.41 24.88
C ALA B 104 -10.88 -12.03 23.85
N GLY B 105 -12.14 -12.40 24.12
CA GLY B 105 -13.24 -11.98 23.26
C GLY B 105 -13.38 -10.47 23.17
N GLU B 106 -12.88 -9.73 24.16
CA GLU B 106 -12.90 -8.28 24.12
C GLU B 106 -11.81 -7.68 23.23
N THR B 107 -11.09 -8.51 22.46
CA THR B 107 -10.12 -7.99 21.51
C THR B 107 -10.75 -7.62 20.17
N VAL B 108 -11.86 -8.24 19.82
CA VAL B 108 -12.57 -7.92 18.58
C VAL B 108 -13.96 -7.36 18.82
N LEU B 109 -14.50 -7.47 20.03
CA LEU B 109 -15.81 -6.96 20.36
C LEU B 109 -15.70 -5.86 21.40
N PRO B 110 -16.63 -4.91 21.43
CA PRO B 110 -16.57 -3.82 22.41
C PRO B 110 -16.74 -4.34 23.84
N ARG B 111 -16.30 -3.51 24.79
CA ARG B 111 -16.45 -3.85 26.20
C ARG B 111 -17.88 -3.69 26.69
N ASN B 112 -18.68 -2.88 26.00
CA ASN B 112 -20.09 -2.67 26.37
C ASN B 112 -21.01 -3.60 25.59
N LEU B 113 -20.68 -4.88 25.57
CA LEU B 113 -21.49 -5.91 24.93
C LEU B 113 -21.91 -6.94 25.97
N CYS B 114 -22.82 -7.81 25.58
CA CYS B 114 -23.33 -8.81 26.50
C CYS B 114 -22.24 -9.83 26.85
N PRO B 115 -22.17 -10.28 28.11
CA PRO B 115 -21.15 -11.27 28.48
C PRO B 115 -21.27 -12.59 27.74
N LEU B 116 -22.46 -12.96 27.28
CA LEU B 116 -22.63 -14.23 26.57
C LEU B 116 -21.87 -14.24 25.26
N ILE B 117 -22.05 -13.20 24.44
CA ILE B 117 -21.36 -13.14 23.16
C ILE B 117 -19.86 -13.02 23.36
N LYS B 118 -19.43 -12.25 24.36
CA LYS B 118 -18.00 -12.10 24.63
C LYS B 118 -17.39 -13.43 25.06
N SER B 119 -18.09 -14.16 25.93
CA SER B 119 -17.60 -15.48 26.35
C SER B 119 -17.53 -16.44 25.18
N ALA B 120 -18.54 -16.42 24.30
CA ALA B 120 -18.52 -17.32 23.15
C ALA B 120 -17.36 -17.00 22.22
N MET B 121 -17.16 -15.71 21.93
CA MET B 121 -16.07 -15.31 21.04
C MET B 121 -14.72 -15.66 21.64
N GLY B 122 -14.58 -15.50 22.96
CA GLY B 122 -13.33 -15.88 23.61
C GLY B 122 -13.08 -17.38 23.55
N PHE B 123 -14.12 -18.17 23.85
CA PHE B 123 -13.99 -19.63 23.75
C PHE B 123 -13.61 -20.05 22.33
N LYS B 124 -14.08 -19.31 21.32
CA LYS B 124 -13.71 -19.65 19.94
C LYS B 124 -12.26 -19.28 19.66
N ILE B 125 -11.86 -18.05 20.02
CA ILE B 125 -10.55 -17.56 19.63
C ILE B 125 -9.44 -18.28 20.40
N GLU B 126 -9.67 -18.56 21.68
CA GLU B 126 -8.63 -19.17 22.52
C GLU B 126 -8.39 -20.64 22.18
N ARG B 127 -9.30 -21.28 21.45
CA ARG B 127 -9.18 -22.68 21.06
C ARG B 127 -9.00 -23.58 22.28
N ILE B 128 -9.98 -23.51 23.19
CA ILE B 128 -9.92 -24.28 24.43
C ILE B 128 -11.27 -24.93 24.72
N CYS B 129 -12.12 -25.03 23.69
CA CYS B 129 -13.42 -25.68 23.85
C CYS B 129 -13.55 -26.82 22.85
N PRO B 130 -13.48 -28.08 23.31
CA PRO B 130 -13.68 -29.19 22.38
C PRO B 130 -15.02 -29.16 21.67
N TYR B 131 -16.10 -28.81 22.39
CA TYR B 131 -17.41 -28.71 21.75
C TYR B 131 -17.42 -27.63 20.66
N PHE B 132 -16.51 -26.67 20.70
CA PHE B 132 -16.37 -25.66 19.68
C PHE B 132 -15.30 -26.01 18.65
N GLN B 133 -14.15 -26.54 19.09
CA GLN B 133 -13.11 -26.94 18.16
C GLN B 133 -13.50 -28.14 17.32
N VAL B 134 -14.57 -28.86 17.68
CA VAL B 134 -15.08 -29.96 16.88
C VAL B 134 -16.23 -29.53 15.97
N ALA B 135 -16.67 -28.28 16.07
CA ALA B 135 -17.82 -27.83 15.31
C ALA B 135 -17.50 -27.74 13.82
N ASP B 136 -18.48 -28.11 13.00
CA ASP B 136 -18.36 -27.97 11.55
C ASP B 136 -18.91 -26.63 11.07
N TYR B 137 -20.08 -26.22 11.56
CA TYR B 137 -20.69 -24.96 11.17
C TYR B 137 -21.30 -24.30 12.39
N VAL B 138 -21.73 -23.05 12.19
CA VAL B 138 -22.48 -22.28 13.19
C VAL B 138 -23.73 -21.75 12.53
N VAL B 139 -24.83 -21.76 13.27
CA VAL B 139 -26.13 -21.28 12.78
C VAL B 139 -26.50 -20.05 13.60
N GLY B 140 -26.28 -18.86 13.04
CA GLY B 140 -26.66 -17.63 13.67
C GLY B 140 -28.02 -17.13 13.20
N GLU B 141 -28.54 -16.16 13.94
CA GLU B 141 -29.86 -15.58 13.67
C GLU B 141 -29.75 -14.06 13.72
N THR B 142 -30.85 -13.41 13.37
CA THR B 142 -30.93 -11.95 13.38
C THR B 142 -31.86 -11.50 14.50
N THR B 143 -31.39 -11.68 15.73
CA THR B 143 -32.17 -11.27 16.90
C THR B 143 -31.66 -9.94 17.46
N CYS B 144 -30.76 -10.01 18.43
CA CYS B 144 -30.21 -8.80 19.02
C CYS B 144 -29.21 -8.14 18.07
N ASP B 145 -28.73 -6.97 18.46
CA ASP B 145 -27.71 -6.29 17.68
C ASP B 145 -26.34 -6.94 17.83
N GLY B 146 -26.01 -7.35 19.06
CA GLY B 146 -24.71 -7.94 19.35
C GLY B 146 -24.39 -9.16 18.54
N LYS B 147 -25.24 -10.19 18.60
CA LYS B 147 -24.98 -11.42 17.85
C LYS B 147 -25.06 -11.19 16.35
N LYS B 148 -26.01 -10.36 15.92
CA LYS B 148 -26.14 -10.07 14.49
C LYS B 148 -24.85 -9.46 13.93
N LYS B 149 -24.27 -8.50 14.64
CA LYS B 149 -23.04 -7.87 14.18
C LYS B 149 -21.79 -8.63 14.58
N ALA B 150 -21.91 -9.66 15.42
CA ALA B 150 -20.77 -10.48 15.76
C ALA B 150 -20.62 -11.70 14.86
N TRP B 151 -21.70 -12.14 14.19
CA TRP B 151 -21.56 -13.22 13.23
C TRP B 151 -20.57 -12.85 12.12
N GLU B 152 -20.54 -11.58 11.73
CA GLU B 152 -19.64 -11.13 10.67
C GLU B 152 -18.19 -11.34 11.08
N ILE B 153 -17.84 -10.92 12.31
CA ILE B 153 -16.48 -11.13 12.80
C ILE B 153 -16.19 -12.60 13.03
N LEU B 154 -17.22 -13.38 13.41
CA LEU B 154 -17.02 -14.81 13.64
C LEU B 154 -16.75 -15.56 12.35
N ASN B 155 -17.29 -15.07 11.22
CA ASN B 155 -17.14 -15.80 9.96
C ASN B 155 -15.68 -15.97 9.56
N GLU B 156 -14.80 -15.04 9.97
CA GLU B 156 -13.39 -15.15 9.64
CA GLU B 156 -13.40 -15.15 9.63
C GLU B 156 -12.75 -16.39 10.24
N TYR B 157 -13.37 -16.97 11.27
CA TYR B 157 -12.83 -18.16 11.92
C TYR B 157 -13.52 -19.40 11.36
N ILE B 158 -14.39 -20.02 12.16
CA ILE B 158 -15.19 -21.14 11.70
C ILE B 158 -16.33 -20.56 10.86
N PRO B 159 -16.81 -21.26 9.82
CA PRO B 159 -17.85 -20.67 8.96
C PRO B 159 -19.18 -20.53 9.69
N VAL B 160 -20.04 -19.70 9.11
CA VAL B 160 -21.32 -19.32 9.72
C VAL B 160 -22.39 -19.22 8.64
N TYR B 161 -23.55 -19.81 8.90
CA TYR B 161 -24.75 -19.58 8.12
C TYR B 161 -25.76 -18.83 8.98
N VAL B 162 -26.44 -17.85 8.39
CA VAL B 162 -27.31 -16.94 9.12
C VAL B 162 -28.74 -17.08 8.61
N MET B 163 -29.67 -17.29 9.54
CA MET B 163 -31.10 -17.23 9.26
C MET B 163 -31.64 -15.88 9.69
N GLU B 164 -32.54 -15.32 8.89
CA GLU B 164 -33.13 -14.01 9.20
C GLU B 164 -34.48 -14.23 9.87
N LEU B 165 -34.56 -13.85 11.14
CA LEU B 165 -35.80 -13.92 11.92
C LEU B 165 -36.54 -12.59 11.83
N PRO B 166 -37.85 -12.60 11.53
CA PRO B 166 -38.59 -11.33 11.44
C PRO B 166 -38.71 -10.61 12.78
N GLN B 167 -39.35 -9.44 12.77
CA GLN B 167 -39.48 -8.62 13.96
C GLN B 167 -40.90 -8.59 14.54
N LYS B 168 -41.88 -9.10 13.80
CA LYS B 168 -43.25 -9.22 14.29
C LYS B 168 -43.76 -10.63 14.00
N LYS B 169 -44.99 -10.91 14.42
CA LYS B 169 -45.57 -12.24 14.22
C LYS B 169 -46.87 -12.16 13.44
N GLU B 170 -46.88 -11.42 12.33
CA GLU B 170 -48.05 -11.30 11.48
C GLU B 170 -47.91 -12.24 10.29
N GLU B 171 -48.81 -12.09 9.30
CA GLU B 171 -48.88 -13.04 8.21
C GLU B 171 -47.62 -12.99 7.34
N ARG B 172 -47.20 -11.79 6.95
CA ARG B 172 -45.99 -11.65 6.15
C ARG B 172 -44.79 -12.24 6.87
N ASP B 173 -44.67 -12.00 8.18
CA ASP B 173 -43.58 -12.57 8.94
C ASP B 173 -43.67 -14.09 8.98
N ARG B 174 -44.88 -14.64 9.03
CA ARG B 174 -45.04 -16.09 9.02
C ARG B 174 -44.55 -16.69 7.72
N LYS B 175 -44.94 -16.10 6.58
CA LYS B 175 -44.47 -16.60 5.30
C LYS B 175 -42.97 -16.42 5.15
N PHE B 176 -42.44 -15.30 5.65
CA PHE B 176 -41.01 -15.05 5.59
C PHE B 176 -40.23 -16.11 6.36
N TRP B 177 -40.67 -16.41 7.58
CA TRP B 177 -39.99 -17.43 8.37
C TRP B 177 -40.15 -18.81 7.75
N GLU B 178 -41.30 -19.07 7.14
CA GLU B 178 -41.50 -20.34 6.43
C GLU B 178 -40.47 -20.51 5.32
N GLU B 179 -40.30 -19.46 4.50
CA GLU B 179 -39.33 -19.55 3.41
C GLU B 179 -37.89 -19.61 3.92
N GLU B 180 -37.59 -18.96 5.05
CA GLU B 180 -36.26 -19.07 5.63
C GLU B 180 -36.00 -20.49 6.13
N ILE B 181 -37.03 -21.13 6.70
CA ILE B 181 -36.89 -22.53 7.11
C ILE B 181 -36.65 -23.41 5.90
N LYS B 182 -37.33 -23.12 4.78
CA LYS B 182 -37.07 -23.85 3.55
C LYS B 182 -35.63 -23.68 3.09
N ASP B 183 -35.11 -22.45 3.19
CA ASP B 183 -33.72 -22.20 2.82
C ASP B 183 -32.75 -23.00 3.70
N PHE B 184 -32.99 -23.02 5.01
CA PHE B 184 -32.12 -23.79 5.89
C PHE B 184 -32.23 -25.29 5.62
N ALA B 185 -33.42 -25.75 5.22
CA ALA B 185 -33.58 -27.16 4.85
C ALA B 185 -32.75 -27.48 3.61
N GLN B 186 -32.79 -26.61 2.61
CA GLN B 186 -31.90 -26.77 1.46
C GLN B 186 -30.44 -26.78 1.87
N PHE B 187 -30.08 -25.91 2.82
CA PHE B 187 -28.70 -25.82 3.30
C PHE B 187 -28.25 -27.15 3.90
N VAL B 188 -29.05 -27.73 4.78
CA VAL B 188 -28.65 -28.98 5.40
C VAL B 188 -28.69 -30.13 4.40
N GLU B 189 -29.65 -30.11 3.46
CA GLU B 189 -29.66 -31.09 2.39
C GLU B 189 -28.35 -31.09 1.62
N GLU B 190 -27.83 -29.90 1.31
CA GLU B 190 -26.61 -29.83 0.52
C GLU B 190 -25.36 -30.15 1.36
N LYS B 191 -25.32 -29.70 2.62
CA LYS B 191 -24.10 -29.86 3.41
C LYS B 191 -23.99 -31.22 4.06
N THR B 192 -25.09 -31.93 4.29
CA THR B 192 -25.04 -33.26 4.87
C THR B 192 -25.09 -34.36 3.84
N GLY B 193 -25.33 -34.04 2.57
CA GLY B 193 -25.45 -35.05 1.53
C GLY B 193 -26.81 -35.70 1.50
N VAL B 194 -27.38 -35.93 2.67
CA VAL B 194 -28.66 -36.62 2.79
C VAL B 194 -29.79 -35.68 2.40
N LYS B 195 -30.69 -36.16 1.55
CA LYS B 195 -31.94 -35.47 1.27
C LYS B 195 -33.04 -36.05 2.14
N LEU B 196 -33.96 -35.21 2.58
CA LEU B 196 -35.00 -35.62 3.50
C LEU B 196 -36.26 -36.05 2.76
N ASN B 197 -36.90 -37.08 3.28
CA ASN B 197 -38.24 -37.49 2.87
C ASN B 197 -39.15 -37.46 4.09
N ALA B 198 -40.43 -37.77 3.87
CA ALA B 198 -41.41 -37.63 4.93
C ALA B 198 -41.11 -38.57 6.10
N GLU B 199 -40.88 -39.85 5.80
CA GLU B 199 -40.71 -40.86 6.84
C GLU B 199 -39.46 -40.66 7.67
N ASN B 200 -38.44 -39.99 7.14
CA ASN B 200 -37.22 -39.73 7.89
C ASN B 200 -37.26 -38.39 8.61
N LEU B 201 -37.96 -37.40 8.05
CA LEU B 201 -38.11 -36.11 8.73
C LEU B 201 -39.01 -36.25 9.96
N ARG B 202 -40.11 -37.01 9.83
CA ARG B 202 -40.98 -37.21 10.97
C ARG B 202 -40.26 -37.94 12.11
N ALA B 203 -39.22 -38.72 11.80
CA ALA B 203 -38.46 -39.38 12.85
C ALA B 203 -37.75 -38.37 13.75
N GLY B 204 -37.01 -37.44 13.14
CA GLY B 204 -36.38 -36.39 13.94
C GLY B 204 -37.40 -35.52 14.65
N ILE B 205 -38.52 -35.23 13.98
CA ILE B 205 -39.58 -34.45 14.62
C ILE B 205 -40.04 -35.14 15.90
N GLU B 206 -40.32 -36.45 15.81
CA GLU B 206 -40.82 -37.18 16.97
C GLU B 206 -39.76 -37.31 18.06
N LYS B 207 -38.49 -37.45 17.69
CA LYS B 207 -37.44 -37.56 18.70
C LYS B 207 -37.30 -36.25 19.49
N ILE B 208 -37.22 -35.12 18.77
CA ILE B 208 -37.10 -33.84 19.46
C ILE B 208 -38.36 -33.55 20.27
N ASN B 209 -39.52 -33.97 19.75
CA ASN B 209 -40.76 -33.89 20.52
C ASN B 209 -40.60 -34.62 21.86
N LYS B 210 -40.35 -35.93 21.80
CA LYS B 210 -40.11 -36.75 22.98
C LYS B 210 -39.21 -36.05 24.00
N LYS B 211 -38.08 -35.52 23.53
CA LYS B 211 -37.17 -34.82 24.43
C LYS B 211 -37.86 -33.62 25.09
N ARG B 212 -38.50 -32.77 24.28
CA ARG B 212 -39.13 -31.57 24.81
C ARG B 212 -40.23 -31.91 25.81
N LYS B 213 -41.04 -32.94 25.52
CA LYS B 213 -42.16 -33.27 26.39
C LYS B 213 -41.71 -33.98 27.66
N ALA B 214 -40.57 -34.68 27.61
CA ALA B 214 -39.99 -35.19 28.85
C ALA B 214 -39.53 -34.05 29.74
N LEU B 215 -38.81 -33.08 29.16
CA LEU B 215 -38.44 -31.90 29.94
C LEU B 215 -39.68 -31.16 30.45
N LYS B 216 -40.74 -31.16 29.66
CA LYS B 216 -42.00 -30.51 30.07
C LYS B 216 -42.62 -31.22 31.26
N ARG B 217 -42.61 -32.56 31.25
CA ARG B 217 -43.07 -33.31 32.40
C ARG B 217 -42.27 -32.96 33.65
N LEU B 218 -40.93 -32.93 33.52
CA LEU B 218 -40.10 -32.58 34.67
C LEU B 218 -40.43 -31.18 35.18
N SER B 219 -40.65 -30.23 34.27
CA SER B 219 -40.95 -28.87 34.70
C SER B 219 -42.32 -28.78 35.37
N ASP B 220 -43.30 -29.53 34.87
CA ASP B 220 -44.62 -29.53 35.50
C ASP B 220 -44.57 -30.17 36.88
N LEU B 221 -43.68 -31.13 37.09
CA LEU B 221 -43.61 -31.81 38.39
C LEU B 221 -43.27 -30.87 39.55
N ARG B 222 -42.82 -29.65 39.27
CA ARG B 222 -42.37 -28.73 40.32
C ARG B 222 -43.50 -27.89 40.91
N LYS B 223 -44.76 -28.25 40.66
CA LYS B 223 -45.89 -27.47 41.16
C LYS B 223 -46.48 -28.03 42.46
N HIS B 224 -45.66 -28.69 43.27
CA HIS B 224 -46.11 -29.31 44.50
C HIS B 224 -45.44 -28.65 45.70
N ASN B 225 -46.22 -28.45 46.77
CA ASN B 225 -45.74 -27.88 48.01
C ASN B 225 -45.81 -28.94 49.09
N PRO B 226 -44.68 -29.31 49.74
CA PRO B 226 -43.32 -28.77 49.56
C PRO B 226 -42.68 -29.17 48.23
N ALA B 227 -41.66 -28.43 47.82
CA ALA B 227 -41.03 -28.63 46.53
C ALA B 227 -40.34 -29.99 46.49
N PRO B 228 -40.49 -30.75 45.40
CA PRO B 228 -39.86 -32.07 45.32
C PRO B 228 -38.39 -32.02 44.96
N ILE B 229 -37.98 -31.01 44.19
CA ILE B 229 -36.62 -30.91 43.69
C ILE B 229 -36.15 -29.47 43.81
N HIS B 230 -34.84 -29.31 44.01
CA HIS B 230 -34.24 -27.98 44.07
C HIS B 230 -34.06 -27.41 42.67
N GLY B 231 -34.09 -26.07 42.58
CA GLY B 231 -34.05 -25.42 41.28
C GLY B 231 -32.71 -25.52 40.58
N LEU B 232 -31.62 -25.60 41.35
CA LEU B 232 -30.30 -25.65 40.74
C LEU B 232 -30.11 -26.90 39.89
N ASP B 233 -30.69 -28.03 40.33
CA ASP B 233 -30.60 -29.26 39.55
C ASP B 233 -31.38 -29.14 38.25
N VAL B 234 -32.56 -28.51 38.29
CA VAL B 234 -33.34 -28.31 37.07
C VAL B 234 -32.60 -27.38 36.12
N LEU B 235 -31.92 -26.36 36.67
CA LEU B 235 -31.11 -25.47 35.84
C LEU B 235 -29.99 -26.24 35.16
N LEU B 236 -29.30 -27.11 35.91
CA LEU B 236 -28.24 -27.91 35.32
C LEU B 236 -28.79 -28.84 34.23
N ILE B 237 -29.98 -29.40 34.46
CA ILE B 237 -30.61 -30.27 33.45
C ILE B 237 -30.88 -29.50 32.17
N ASN B 238 -31.50 -28.32 32.30
CA ASN B 238 -31.80 -27.52 31.12
C ASN B 238 -30.53 -27.05 30.43
N GLN B 239 -29.46 -26.80 31.18
CA GLN B 239 -28.19 -26.42 30.56
C GLN B 239 -27.60 -27.58 29.78
N LEU B 240 -27.59 -28.77 30.36
CA LEU B 240 -27.02 -29.94 29.69
C LEU B 240 -27.89 -30.42 28.54
N ALA B 241 -29.15 -30.00 28.48
CA ALA B 241 -30.00 -30.37 27.35
C ALA B 241 -29.48 -29.86 26.02
N PHE B 242 -28.52 -28.93 26.02
CA PHE B 242 -27.94 -28.41 24.79
C PHE B 242 -26.65 -29.11 24.38
N PHE B 243 -26.01 -29.86 25.28
CA PHE B 243 -24.75 -30.51 24.99
C PHE B 243 -24.83 -32.03 24.93
N ASP B 244 -25.82 -32.64 25.56
CA ASP B 244 -25.88 -34.09 25.72
C ASP B 244 -26.54 -34.73 24.49
N ASP B 245 -26.77 -36.06 24.55
CA ASP B 245 -27.47 -36.86 23.54
C ASP B 245 -28.95 -36.93 23.88
N PRO B 246 -29.83 -36.74 22.90
CA PRO B 246 -31.26 -36.58 23.24
C PRO B 246 -31.93 -37.81 23.80
N GLU B 247 -31.67 -38.99 23.24
CA GLU B 247 -32.39 -40.20 23.64
CA GLU B 247 -32.39 -40.20 23.63
C GLU B 247 -32.12 -40.55 25.10
N ARG B 248 -30.85 -40.77 25.45
CA ARG B 248 -30.52 -41.17 26.80
C ARG B 248 -30.82 -40.07 27.81
N PHE B 249 -30.68 -38.80 27.41
CA PHE B 249 -31.01 -37.71 28.31
C PHE B 249 -32.50 -37.67 28.62
N ALA B 250 -33.34 -37.92 27.59
CA ALA B 250 -34.77 -38.01 27.83
C ALA B 250 -35.11 -39.18 28.74
N THR B 251 -34.43 -40.31 28.55
CA THR B 251 -34.68 -41.47 29.42
C THR B 251 -34.29 -41.17 30.86
N LYS B 252 -33.15 -40.52 31.07
CA LYS B 252 -32.71 -40.18 32.42
C LYS B 252 -33.66 -39.19 33.08
N VAL B 253 -34.14 -38.20 32.32
CA VAL B 253 -35.06 -37.24 32.91
C VAL B 253 -36.41 -37.90 33.20
N ASN B 254 -36.80 -38.90 32.39
CA ASN B 254 -38.03 -39.64 32.69
C ASN B 254 -37.88 -40.46 33.97
N GLU B 255 -36.70 -41.04 34.20
CA GLU B 255 -36.50 -41.79 35.44
C GLU B 255 -36.44 -40.86 36.65
N LEU B 256 -35.87 -39.67 36.48
CA LEU B 256 -35.92 -38.68 37.54
C LEU B 256 -37.36 -38.28 37.86
N CYS B 257 -38.19 -38.14 36.81
CA CYS B 257 -39.61 -37.88 37.03
C CYS B 257 -40.29 -39.03 37.75
N ASP B 258 -39.88 -40.26 37.42
CA ASP B 258 -40.43 -41.43 38.13
C ASP B 258 -40.11 -41.36 39.61
N GLU B 259 -38.90 -40.94 39.96
CA GLU B 259 -38.55 -40.79 41.38
C GLU B 259 -39.32 -39.66 42.02
N LEU B 260 -39.46 -38.53 41.31
CA LEU B 260 -40.19 -37.39 41.87
C LEU B 260 -41.67 -37.69 42.04
N GLU B 261 -42.21 -38.62 41.26
CA GLU B 261 -43.59 -39.05 41.49
C GLU B 261 -43.77 -39.61 42.90
N GLU B 262 -42.85 -40.50 43.31
CA GLU B 262 -42.92 -41.04 44.66
C GLU B 262 -42.60 -39.97 45.70
N ARG B 263 -41.68 -39.06 45.39
CA ARG B 263 -41.39 -37.96 46.31
C ARG B 263 -42.63 -37.11 46.54
N VAL B 264 -43.46 -36.93 45.51
CA VAL B 264 -44.68 -36.16 45.65
C VAL B 264 -45.74 -36.96 46.40
N ALA B 265 -45.84 -38.25 46.10
CA ALA B 265 -46.84 -39.09 46.76
C ALA B 265 -46.59 -39.18 48.26
N LYS B 266 -45.32 -39.29 48.66
CA LYS B 266 -45.00 -39.41 50.08
C LYS B 266 -45.15 -38.08 50.82
N GLY B 267 -45.10 -36.96 50.12
CA GLY B 267 -45.18 -35.66 50.76
C GLY B 267 -43.86 -35.13 51.27
N GLU B 268 -42.74 -35.58 50.72
CA GLU B 268 -41.42 -35.15 51.17
C GLU B 268 -40.94 -33.98 50.33
N GLY B 269 -40.34 -33.00 50.99
CA GLY B 269 -39.87 -31.80 50.33
C GLY B 269 -38.41 -31.50 50.65
N VAL B 270 -37.76 -30.81 49.72
CA VAL B 270 -36.36 -30.46 49.90
C VAL B 270 -36.18 -29.37 50.93
N VAL B 271 -37.21 -28.57 51.20
CA VAL B 271 -37.19 -27.52 52.21
C VAL B 271 -38.52 -27.54 52.94
N SER B 272 -38.63 -26.67 53.95
CA SER B 272 -39.88 -26.55 54.69
C SER B 272 -40.97 -25.96 53.81
N LYS B 273 -42.22 -26.14 54.24
CA LYS B 273 -43.37 -25.57 53.56
C LYS B 273 -43.53 -24.08 53.82
N ASP B 274 -42.52 -23.45 54.44
CA ASP B 274 -42.54 -22.01 54.69
C ASP B 274 -41.61 -21.22 53.78
N ALA B 275 -40.65 -21.88 53.14
CA ALA B 275 -39.70 -21.17 52.30
C ALA B 275 -40.42 -20.53 51.11
N PRO B 276 -40.01 -19.34 50.70
CA PRO B 276 -40.72 -18.66 49.60
C PRO B 276 -40.52 -19.37 48.27
N ARG B 277 -41.51 -19.22 47.40
CA ARG B 277 -41.49 -19.79 46.05
C ARG B 277 -41.20 -18.68 45.05
N ILE B 278 -40.14 -18.86 44.25
CA ILE B 278 -39.61 -17.81 43.39
C ILE B 278 -39.70 -18.25 41.94
N LEU B 279 -40.15 -17.34 41.09
CA LEU B 279 -40.19 -17.54 39.64
C LEU B 279 -39.15 -16.64 38.99
N ILE B 280 -38.18 -17.24 38.32
CA ILE B 280 -37.15 -16.51 37.60
C ILE B 280 -37.62 -16.27 36.18
N THR B 281 -37.47 -15.04 35.70
CA THR B 281 -37.82 -14.69 34.32
C THR B 281 -36.81 -13.70 33.78
N GLY B 282 -36.52 -13.82 32.48
CA GLY B 282 -35.57 -12.92 31.84
C GLY B 282 -34.73 -13.59 30.76
N THR B 283 -33.41 -13.46 30.86
CA THR B 283 -32.46 -14.01 29.91
C THR B 283 -31.98 -15.38 30.37
N PRO B 284 -31.53 -16.22 29.44
CA PRO B 284 -31.09 -17.57 29.82
C PRO B 284 -29.81 -17.56 30.63
N GLN B 285 -29.61 -18.63 31.39
CA GLN B 285 -28.44 -18.80 32.24
C GLN B 285 -27.60 -19.97 31.75
N PRO B 286 -26.55 -19.74 30.98
CA PRO B 286 -25.70 -20.85 30.52
C PRO B 286 -24.81 -21.37 31.63
N ILE B 287 -24.25 -22.55 31.40
CA ILE B 287 -23.34 -23.19 32.34
C ILE B 287 -21.97 -22.53 32.21
N PRO B 288 -21.28 -22.19 33.32
CA PRO B 288 -21.68 -22.38 34.72
C PRO B 288 -22.14 -21.11 35.43
N HIS B 289 -23.25 -20.52 34.99
CA HIS B 289 -23.77 -19.30 35.61
C HIS B 289 -24.86 -19.64 36.62
N TRP B 290 -24.49 -20.44 37.62
CA TRP B 290 -25.41 -20.85 38.68
C TRP B 290 -25.50 -19.85 39.81
N LYS B 291 -24.97 -18.63 39.62
CA LYS B 291 -24.85 -17.68 40.73
C LYS B 291 -26.22 -17.29 41.27
N ILE B 292 -27.19 -17.02 40.40
CA ILE B 292 -28.46 -16.47 40.84
C ILE B 292 -29.25 -17.50 41.64
N HIS B 293 -29.39 -18.72 41.10
CA HIS B 293 -30.11 -19.76 41.82
C HIS B 293 -29.44 -20.10 43.14
N ALA B 294 -28.10 -20.15 43.14
CA ALA B 294 -27.37 -20.43 44.37
C ALA B 294 -27.63 -19.37 45.42
N LEU B 295 -27.60 -18.09 45.02
CA LEU B 295 -27.85 -17.02 45.98
C LEU B 295 -29.29 -17.05 46.48
N ILE B 296 -30.24 -17.37 45.60
CA ILE B 296 -31.65 -17.36 46.01
C ILE B 296 -31.94 -18.49 46.98
N GLU B 297 -31.45 -19.69 46.68
CA GLU B 297 -31.82 -20.85 47.50
C GLU B 297 -30.94 -20.97 48.75
N GLY B 298 -29.64 -20.67 48.63
CA GLY B 298 -28.76 -20.79 49.78
C GLY B 298 -29.14 -19.88 50.93
N ALA B 299 -29.82 -18.77 50.63
CA ALA B 299 -30.28 -17.88 51.69
C ALA B 299 -31.49 -18.47 52.42
N GLY B 300 -32.31 -19.26 51.72
CA GLY B 300 -33.45 -19.88 52.34
C GLY B 300 -34.72 -19.83 51.52
N GLY B 301 -34.58 -19.79 50.20
CA GLY B 301 -35.73 -19.79 49.31
C GLY B 301 -35.70 -20.97 48.37
N VAL B 302 -36.63 -21.00 47.41
CA VAL B 302 -36.67 -22.06 46.40
C VAL B 302 -37.15 -21.46 45.09
N VAL B 303 -36.65 -22.01 43.99
CA VAL B 303 -36.97 -21.53 42.65
C VAL B 303 -37.76 -22.65 41.95
N VAL B 304 -39.06 -22.43 41.77
CA VAL B 304 -39.94 -23.45 41.20
C VAL B 304 -40.26 -23.20 39.74
N GLY B 305 -39.67 -22.17 39.12
CA GLY B 305 -39.93 -21.89 37.73
C GLY B 305 -38.91 -20.97 37.09
N GLU B 306 -38.50 -21.29 35.86
CA GLU B 306 -37.57 -20.48 35.10
C GLU B 306 -38.21 -20.11 33.77
N GLU B 307 -38.59 -18.85 33.61
CA GLU B 307 -39.13 -18.36 32.35
C GLU B 307 -38.00 -17.80 31.47
N THR B 308 -37.10 -18.70 31.10
CA THR B 308 -35.99 -18.41 30.20
C THR B 308 -36.03 -19.38 29.03
N CYS B 309 -35.08 -19.23 28.11
CA CYS B 309 -34.98 -20.16 27.00
C CYS B 309 -34.08 -21.34 27.29
N ILE B 310 -33.27 -21.28 28.35
CA ILE B 310 -32.73 -22.48 28.98
C ILE B 310 -33.75 -22.88 30.04
N GLY B 311 -34.98 -23.13 29.60
CA GLY B 311 -36.08 -23.41 30.49
C GLY B 311 -37.40 -23.58 29.75
N GLU B 312 -38.44 -22.91 30.25
CA GLU B 312 -39.80 -23.16 29.78
C GLU B 312 -39.93 -22.96 28.27
N ARG B 313 -39.17 -22.02 27.69
CA ARG B 313 -39.33 -21.69 26.29
C ARG B 313 -38.57 -22.63 25.36
N TYR B 314 -37.85 -23.62 25.89
CA TYR B 314 -37.21 -24.64 25.07
C TYR B 314 -38.02 -25.93 24.98
N PHE B 315 -39.02 -26.11 25.86
CA PHE B 315 -39.82 -27.33 25.84
C PHE B 315 -41.32 -27.08 25.92
N LYS B 316 -41.77 -25.82 25.80
CA LYS B 316 -43.21 -25.56 25.85
C LYS B 316 -43.87 -25.95 24.53
N ASP B 317 -43.26 -25.58 23.41
CA ASP B 317 -43.85 -25.79 22.10
C ASP B 317 -43.22 -26.98 21.41
N LEU B 318 -44.05 -27.83 20.80
CA LEU B 318 -43.59 -28.98 20.04
C LEU B 318 -44.31 -29.03 18.70
N VAL B 319 -43.71 -29.73 17.74
CA VAL B 319 -44.20 -29.71 16.37
C VAL B 319 -45.49 -30.49 16.25
N GLU B 320 -46.41 -29.99 15.41
CA GLU B 320 -47.64 -30.66 15.05
C GLU B 320 -47.40 -31.64 13.90
N PRO B 321 -48.19 -32.70 13.80
CA PRO B 321 -47.97 -33.68 12.74
C PRO B 321 -48.43 -33.17 11.37
N ALA B 322 -47.94 -33.86 10.34
CA ALA B 322 -48.29 -33.54 8.96
C ALA B 322 -48.09 -34.77 8.10
N ALA B 323 -48.67 -34.73 6.91
CA ALA B 323 -48.66 -35.88 6.00
C ALA B 323 -47.47 -35.87 5.05
N ASP B 324 -47.10 -34.72 4.54
CA ASP B 324 -46.03 -34.60 3.56
C ASP B 324 -44.86 -33.80 4.14
N VAL B 325 -43.83 -33.61 3.33
CA VAL B 325 -42.63 -32.91 3.78
C VAL B 325 -42.89 -31.42 3.88
N GLU B 326 -43.60 -30.85 2.91
CA GLU B 326 -43.91 -29.42 2.93
C GLU B 326 -44.71 -29.05 4.17
N GLY B 327 -45.73 -29.87 4.49
CA GLY B 327 -46.53 -29.60 5.68
C GLY B 327 -45.72 -29.72 6.96
N MET B 328 -44.81 -30.71 7.01
CA MET B 328 -43.99 -30.87 8.21
C MET B 328 -43.03 -29.69 8.38
N LEU B 329 -42.47 -29.18 7.29
CA LEU B 329 -41.63 -27.99 7.38
C LEU B 329 -42.43 -26.78 7.85
N LYS B 330 -43.63 -26.60 7.29
CA LYS B 330 -44.49 -25.50 7.74
C LYS B 330 -44.83 -25.63 9.22
N ASN B 331 -45.06 -26.86 9.69
CA ASN B 331 -45.38 -27.07 11.09
C ASN B 331 -44.17 -26.80 11.99
N ILE B 332 -42.97 -27.20 11.55
CA ILE B 332 -41.77 -26.89 12.32
C ILE B 332 -41.59 -25.38 12.43
N ALA B 333 -41.80 -24.66 11.33
CA ALA B 333 -41.67 -23.21 11.36
C ALA B 333 -42.70 -22.58 12.30
N ALA B 334 -43.95 -23.03 12.21
CA ALA B 334 -44.99 -22.48 13.08
C ALA B 334 -44.73 -22.80 14.54
N ARG B 335 -44.10 -23.95 14.83
CA ARG B 335 -43.76 -24.27 16.21
C ARG B 335 -42.63 -23.40 16.72
N SER B 336 -41.58 -23.22 15.91
CA SER B 336 -40.49 -22.35 16.32
C SER B 336 -40.94 -20.91 16.52
N LEU B 337 -41.92 -20.47 15.72
CA LEU B 337 -42.39 -19.09 15.85
C LEU B 337 -43.25 -18.86 17.08
N LYS B 338 -43.60 -19.92 17.82
CA LYS B 338 -44.42 -19.77 19.02
C LYS B 338 -43.63 -19.24 20.22
N VAL B 339 -42.32 -19.06 20.10
CA VAL B 339 -41.50 -18.60 21.21
C VAL B 339 -41.73 -17.10 21.41
N ASN B 340 -41.94 -16.69 22.66
CA ASN B 340 -42.18 -15.29 22.99
C ASN B 340 -40.90 -14.67 23.56
N CYS B 341 -39.95 -14.45 22.67
CA CYS B 341 -38.70 -13.79 23.01
C CYS B 341 -38.93 -12.28 23.13
N ALA B 342 -37.88 -11.55 23.50
CA ALA B 342 -37.93 -10.10 23.60
C ALA B 342 -37.33 -9.43 22.37
N CYS B 343 -37.42 -10.06 21.21
CA CYS B 343 -36.96 -9.46 19.96
C CYS B 343 -38.11 -9.18 18.99
N PHE B 344 -39.34 -9.49 19.37
CA PHE B 344 -40.52 -9.15 18.61
C PHE B 344 -41.25 -7.98 19.27
N THR B 345 -42.11 -7.33 18.49
CA THR B 345 -42.88 -6.21 19.00
C THR B 345 -44.29 -6.23 18.42
N PRO B 346 -45.34 -6.27 19.27
CA PRO B 346 -45.26 -6.33 20.73
C PRO B 346 -44.96 -7.73 21.24
N ASN B 347 -44.99 -7.92 22.56
CA ASN B 347 -44.70 -9.22 23.16
C ASN B 347 -45.48 -9.35 24.46
N THR B 348 -46.81 -9.38 24.35
CA THR B 348 -47.67 -9.63 25.51
C THR B 348 -47.80 -11.11 25.84
N GLY B 349 -47.45 -11.98 24.89
CA GLY B 349 -47.53 -13.40 25.15
C GLY B 349 -46.65 -13.83 26.32
N ARG B 350 -45.45 -13.25 26.42
CA ARG B 350 -44.57 -13.58 27.53
C ARG B 350 -45.19 -13.15 28.86
N LEU B 351 -45.89 -12.01 28.87
CA LEU B 351 -46.56 -11.57 30.10
C LEU B 351 -47.69 -12.52 30.47
N GLU B 352 -48.46 -12.97 29.47
CA GLU B 352 -49.47 -14.00 29.73
C GLU B 352 -48.84 -15.26 30.32
N ASP B 353 -47.70 -15.68 29.74
CA ASP B 353 -47.00 -16.86 30.26
C ASP B 353 -46.56 -16.65 31.70
N ILE B 354 -46.00 -15.49 32.01
CA ILE B 354 -45.51 -15.21 33.36
C ILE B 354 -46.67 -15.27 34.35
N LEU B 355 -47.78 -14.62 34.03
CA LEU B 355 -48.93 -14.62 34.94
C LEU B 355 -49.50 -16.02 35.10
N SER B 356 -49.58 -16.79 34.02
CA SER B 356 -50.12 -18.14 34.12
C SER B 356 -49.21 -19.06 34.91
N MET B 357 -47.90 -18.85 34.83
CA MET B 357 -46.97 -19.65 35.63
C MET B 357 -47.04 -19.25 37.10
N VAL B 358 -47.22 -17.96 37.38
CA VAL B 358 -47.40 -17.53 38.76
C VAL B 358 -48.66 -18.15 39.35
N GLN B 359 -49.74 -18.21 38.56
CA GLN B 359 -50.97 -18.81 39.05
C GLN B 359 -50.83 -20.31 39.23
N LYS B 360 -50.21 -21.00 38.27
CA LYS B 360 -50.15 -22.46 38.31
C LYS B 360 -49.13 -22.96 39.32
N LEU B 361 -47.94 -22.37 39.35
CA LEU B 361 -46.87 -22.83 40.22
C LEU B 361 -46.98 -22.29 41.64
N GLN B 362 -48.03 -21.53 41.95
CA GLN B 362 -48.26 -20.99 43.30
C GLN B 362 -47.07 -20.15 43.77
N VAL B 363 -46.56 -19.30 42.89
CA VAL B 363 -45.37 -18.51 43.18
C VAL B 363 -45.76 -17.31 44.04
N ASP B 364 -44.96 -17.04 45.07
CA ASP B 364 -45.16 -15.88 45.93
C ASP B 364 -44.03 -14.87 45.81
N GLY B 365 -43.15 -15.02 44.82
CA GLY B 365 -42.09 -14.04 44.59
C GLY B 365 -41.49 -14.16 43.20
N VAL B 366 -41.54 -13.07 42.42
CA VAL B 366 -41.07 -13.07 41.05
C VAL B 366 -39.79 -12.25 40.96
N ILE B 367 -38.80 -12.77 40.25
CA ILE B 367 -37.52 -12.10 40.05
C ILE B 367 -37.25 -12.03 38.55
N HIS B 368 -36.93 -10.84 38.06
CA HIS B 368 -36.56 -10.61 36.67
C HIS B 368 -35.06 -10.39 36.60
N TYR B 369 -34.34 -11.36 36.03
CA TYR B 369 -32.89 -11.29 35.89
C TYR B 369 -32.52 -11.25 34.43
N SER B 370 -31.75 -10.23 34.04
CA SER B 370 -31.21 -10.10 32.70
C SER B 370 -29.72 -9.79 32.80
N LEU B 371 -28.99 -10.11 31.73
CA LEU B 371 -27.55 -9.93 31.73
C LEU B 371 -27.19 -8.46 31.53
N GLN B 372 -25.92 -8.14 31.82
CA GLN B 372 -25.43 -6.79 31.63
C GLN B 372 -25.40 -6.43 30.15
N PHE B 373 -25.74 -5.18 29.85
CA PHE B 373 -25.73 -4.64 28.49
C PHE B 373 -26.69 -5.37 27.55
N CYS B 374 -27.68 -6.07 28.10
CA CYS B 374 -28.75 -6.68 27.31
C CYS B 374 -29.86 -5.66 27.13
N GLN B 375 -30.08 -5.23 25.90
CA GLN B 375 -31.04 -4.17 25.62
C GLN B 375 -32.48 -4.68 25.52
N PRO B 376 -32.77 -5.79 24.78
CA PRO B 376 -34.16 -6.23 24.66
C PRO B 376 -34.87 -6.42 25.99
N TYR B 377 -34.39 -7.38 26.79
CA TYR B 377 -34.99 -7.64 28.09
C TYR B 377 -34.76 -6.50 29.06
N GLY B 378 -33.59 -5.85 28.98
CA GLY B 378 -33.30 -4.72 29.84
C GLY B 378 -34.25 -3.55 29.69
N VAL B 379 -34.86 -3.40 28.52
CA VAL B 379 -35.87 -2.35 28.32
C VAL B 379 -37.28 -2.89 28.54
N GLU B 380 -37.55 -4.13 28.16
CA GLU B 380 -38.88 -4.70 28.39
C GLU B 380 -39.18 -4.88 29.88
N SER B 381 -38.14 -4.93 30.71
CA SER B 381 -38.33 -5.07 32.16
C SER B 381 -39.24 -3.99 32.73
N TYR B 382 -39.19 -2.78 32.18
CA TYR B 382 -40.03 -1.70 32.68
C TYR B 382 -41.51 -2.05 32.55
N LEU B 383 -41.94 -2.41 31.34
CA LEU B 383 -43.33 -2.77 31.12
C LEU B 383 -43.71 -4.02 31.90
N VAL B 384 -42.81 -5.00 31.99
CA VAL B 384 -43.10 -6.23 32.72
C VAL B 384 -43.39 -5.91 34.18
N GLY B 385 -42.48 -5.18 34.84
CA GLY B 385 -42.68 -4.83 36.23
C GLY B 385 -43.88 -3.93 36.44
N ARG B 386 -44.13 -3.01 35.51
CA ARG B 386 -45.26 -2.10 35.65
C ARG B 386 -46.58 -2.84 35.59
N GLU B 387 -46.71 -3.83 34.70
CA GLU B 387 -47.94 -4.60 34.64
C GLU B 387 -48.05 -5.59 35.80
N LEU B 388 -46.92 -6.12 36.28
CA LEU B 388 -46.98 -7.05 37.40
C LEU B 388 -47.33 -6.35 38.71
N GLU B 389 -46.90 -5.10 38.88
CA GLU B 389 -47.19 -4.37 40.10
C GLU B 389 -48.69 -4.13 40.27
N ARG B 390 -49.41 -3.93 39.16
CA ARG B 390 -50.86 -3.76 39.25
C ARG B 390 -51.53 -4.99 39.83
N ARG B 391 -51.12 -6.18 39.40
CA ARG B 391 -51.69 -7.42 39.89
C ARG B 391 -51.26 -7.75 41.31
N ASN B 392 -50.51 -6.87 41.96
CA ASN B 392 -50.08 -7.03 43.35
C ASN B 392 -49.18 -8.27 43.50
N ILE B 393 -48.12 -8.28 42.71
CA ILE B 393 -47.13 -9.37 42.70
C ILE B 393 -45.79 -8.78 43.10
N PRO B 394 -45.10 -9.33 44.09
CA PRO B 394 -43.79 -8.78 44.47
C PRO B 394 -42.78 -8.93 43.34
N PHE B 395 -42.07 -7.86 43.05
CA PHE B 395 -41.16 -7.80 41.91
C PHE B 395 -39.78 -7.34 42.36
N LEU B 396 -38.77 -7.75 41.61
CA LEU B 396 -37.39 -7.38 41.91
C LEU B 396 -36.56 -7.52 40.64
N LYS B 397 -35.89 -6.44 40.23
CA LYS B 397 -35.05 -6.43 39.05
C LYS B 397 -33.61 -6.68 39.45
N LEU B 398 -32.98 -7.67 38.82
CA LEU B 398 -31.58 -7.99 39.06
C LEU B 398 -30.84 -8.09 37.74
N GLU B 399 -29.54 -7.83 37.79
CA GLU B 399 -28.70 -7.80 36.61
C GLU B 399 -27.23 -7.81 36.99
N SER B 400 -26.44 -8.67 36.35
CA SER B 400 -25.02 -8.77 36.62
C SER B 400 -24.35 -9.50 35.47
N ASP B 401 -23.03 -9.67 35.57
CA ASP B 401 -22.27 -10.38 34.54
C ASP B 401 -21.67 -11.67 35.10
N PHE B 402 -20.58 -12.13 34.51
CA PHE B 402 -19.97 -13.39 34.91
C PHE B 402 -18.89 -13.23 35.98
N SER B 403 -18.79 -12.07 36.62
CA SER B 403 -17.80 -11.89 37.67
C SER B 403 -18.20 -12.69 38.91
N GLU B 404 -17.19 -13.08 39.67
CA GLU B 404 -17.42 -13.98 40.81
C GLU B 404 -17.88 -13.22 42.05
N GLU B 405 -17.08 -12.27 42.51
CA GLU B 405 -17.23 -11.69 43.85
C GLU B 405 -18.13 -10.45 43.86
N ASP B 406 -19.15 -10.40 43.01
CA ASP B 406 -20.13 -9.32 43.06
C ASP B 406 -21.32 -9.67 43.96
N GLN B 407 -21.36 -10.89 44.48
CA GLN B 407 -22.46 -11.33 45.34
C GLN B 407 -22.71 -10.39 46.50
N GLY B 408 -21.69 -9.60 46.90
CA GLY B 408 -21.88 -8.65 47.98
C GLY B 408 -23.04 -7.72 47.74
N GLN B 409 -23.25 -7.31 46.49
CA GLN B 409 -24.42 -6.50 46.16
C GLN B 409 -25.65 -7.33 45.86
N LEU B 410 -25.48 -8.59 45.43
CA LEU B 410 -26.63 -9.42 45.11
C LEU B 410 -27.28 -10.00 46.36
N LYS B 411 -26.47 -10.51 47.30
CA LYS B 411 -27.02 -11.08 48.52
C LYS B 411 -27.90 -10.08 49.26
N THR B 412 -27.39 -8.88 49.48
CA THR B 412 -28.19 -7.83 50.12
C THR B 412 -29.46 -7.54 49.34
N ARG B 413 -29.41 -7.67 48.02
CA ARG B 413 -30.62 -7.49 47.21
C ARG B 413 -31.55 -8.69 47.33
N ILE B 414 -31.01 -9.89 47.50
CA ILE B 414 -31.84 -11.10 47.51
C ILE B 414 -32.53 -11.26 48.86
N GLU B 415 -31.74 -11.33 49.94
CA GLU B 415 -32.28 -11.62 51.27
C GLU B 415 -33.46 -10.72 51.59
N ALA B 416 -33.28 -9.41 51.45
CA ALA B 416 -34.34 -8.46 51.74
C ALA B 416 -35.64 -8.84 51.06
N PHE B 417 -35.58 -9.16 49.76
CA PHE B 417 -36.76 -9.63 49.05
C PHE B 417 -37.40 -10.79 49.78
N LEU B 418 -36.63 -11.87 49.96
CA LEU B 418 -37.14 -13.04 50.69
C LEU B 418 -37.52 -12.69 52.12
N GLU B 419 -36.95 -11.62 52.68
CA GLU B 419 -37.30 -11.23 54.04
C GLU B 419 -38.65 -10.54 54.12
N MET B 420 -39.18 -10.01 53.01
CA MET B 420 -40.43 -9.29 53.06
C MET B 420 -41.59 -10.04 52.42
N ILE B 421 -41.34 -11.08 51.62
CA ILE B 421 -42.40 -11.82 50.97
C ILE B 421 -42.71 -13.09 51.76
N LYS B 422 -42.60 -13.00 53.08
CA LYS B 422 -42.85 -14.15 53.95
C LYS B 422 -44.28 -14.66 53.81
N MET C 1 19.15 24.46 28.82
CA MET C 1 18.99 25.40 27.71
C MET C 1 17.68 25.13 26.97
N PHE C 2 17.30 23.87 26.90
CA PHE C 2 16.05 23.45 26.26
C PHE C 2 15.24 22.66 27.27
N ALA C 3 14.06 23.19 27.61
CA ALA C 3 13.26 22.65 28.70
C ALA C 3 12.09 21.82 28.16
N GLY C 4 11.78 20.75 28.88
CA GLY C 4 10.61 19.93 28.60
C GLY C 4 9.77 19.74 29.84
N LEU C 5 8.55 20.26 29.83
CA LEU C 5 7.69 20.29 30.99
C LEU C 5 6.52 19.34 30.82
N ASP C 6 6.33 18.44 31.79
CA ASP C 6 5.22 17.50 31.80
C ASP C 6 4.39 17.75 33.05
N LEU C 7 3.20 18.31 32.88
CA LEU C 7 2.33 18.67 34.00
C LEU C 7 1.20 17.64 34.10
N GLY C 8 1.51 16.53 34.77
CA GLY C 8 0.53 15.49 34.99
C GLY C 8 -0.47 15.87 36.07
N SER C 9 -1.46 14.99 36.26
CA SER C 9 -2.47 15.22 37.27
C SER C 9 -1.99 14.84 38.65
N THR C 10 -1.20 13.76 38.76
CA THR C 10 -0.69 13.33 40.06
C THR C 10 0.59 14.06 40.42
N ASN C 11 1.55 14.12 39.49
CA ASN C 11 2.82 14.77 39.73
C ASN C 11 3.28 15.50 38.47
N SER C 12 4.06 16.56 38.68
CA SER C 12 4.60 17.37 37.60
C SER C 12 6.11 17.20 37.54
N LYS C 13 6.65 17.10 36.32
CA LYS C 13 8.06 16.82 36.11
C LYS C 13 8.66 17.88 35.19
N LEU C 14 9.99 17.90 35.13
CA LEU C 14 10.72 18.85 34.31
C LEU C 14 12.11 18.30 34.03
N VAL C 15 12.49 18.25 32.76
CA VAL C 15 13.80 17.80 32.33
C VAL C 15 14.49 18.95 31.61
N ILE C 16 15.69 19.31 32.07
CA ILE C 16 16.45 20.44 31.53
C ILE C 16 17.65 19.90 30.78
N ILE C 17 17.71 20.18 29.49
CA ILE C 17 18.86 19.82 28.65
C ILE C 17 19.81 21.01 28.60
N LYS C 18 21.08 20.75 28.92
CA LYS C 18 22.09 21.80 28.94
C LYS C 18 22.53 22.12 27.51
N GLU C 19 23.56 22.97 27.38
CA GLU C 19 24.11 23.35 26.09
C GLU C 19 25.00 22.26 25.49
N ASP C 20 25.05 21.07 26.09
CA ASP C 20 25.91 20.00 25.59
C ASP C 20 25.33 18.61 25.87
N GLY C 21 24.00 18.49 25.91
CA GLY C 21 23.35 17.20 26.02
C GLY C 21 23.53 16.49 27.35
N SER C 22 23.23 17.18 28.45
CA SER C 22 23.27 16.59 29.78
C SER C 22 21.97 16.98 30.50
N TYR C 23 21.01 16.06 30.55
CA TYR C 23 19.70 16.38 31.08
C TYR C 23 19.62 16.12 32.58
N THR C 24 18.99 17.05 33.30
CA THR C 24 18.72 16.93 34.72
C THR C 24 17.24 17.15 34.97
N PHE C 25 16.70 16.45 35.96
CA PHE C 25 15.26 16.47 36.20
C PHE C 25 14.94 16.76 37.64
N LYS C 26 13.72 17.27 37.86
CA LYS C 26 13.19 17.59 39.17
C LYS C 26 11.73 17.14 39.22
N VAL C 27 11.30 16.68 40.39
CA VAL C 27 9.96 16.12 40.56
C VAL C 27 9.27 16.80 41.73
N VAL C 28 8.03 17.24 41.51
CA VAL C 28 7.21 17.87 42.54
C VAL C 28 5.80 17.30 42.47
N PRO C 29 5.04 17.39 43.57
CA PRO C 29 3.61 17.03 43.49
C PRO C 29 2.76 18.20 43.01
N THR C 30 1.85 17.92 42.07
CA THR C 30 1.07 18.98 41.44
C THR C 30 0.18 19.69 42.45
N ARG C 31 -0.54 18.93 43.27
CA ARG C 31 -1.46 19.48 44.27
C ARG C 31 -2.57 20.29 43.60
N TYR C 32 -3.14 19.74 42.53
CA TYR C 32 -4.31 20.28 41.84
C TYR C 32 -4.11 21.68 41.27
N GLU C 33 -2.91 22.24 41.44
CA GLU C 33 -2.59 23.59 40.97
C GLU C 33 -1.32 23.51 40.15
N PRO C 34 -1.43 23.36 38.82
CA PRO C 34 -0.23 23.14 38.00
C PRO C 34 0.54 24.40 37.66
N VAL C 35 -0.07 25.58 37.72
CA VAL C 35 0.65 26.80 37.35
C VAL C 35 1.77 27.10 38.34
N LYS C 36 1.43 27.16 39.63
CA LYS C 36 2.45 27.40 40.65
C LYS C 36 3.43 26.25 40.73
N ALA C 37 2.97 25.01 40.51
CA ALA C 37 3.87 23.87 40.51
C ALA C 37 4.91 23.99 39.41
N GLY C 38 4.48 24.37 38.20
CA GLY C 38 5.42 24.52 37.11
C GLY C 38 6.37 25.69 37.31
N GLU C 39 5.85 26.82 37.79
CA GLU C 39 6.71 27.97 38.05
C GLU C 39 7.70 27.69 39.18
N LEU C 40 7.33 26.81 40.11
CA LEU C 40 8.26 26.38 41.15
C LEU C 40 9.30 25.42 40.58
N LEU C 41 8.88 24.54 39.66
CA LEU C 41 9.82 23.67 38.97
C LEU C 41 10.87 24.48 38.21
N LEU C 42 10.45 25.57 37.56
CA LEU C 42 11.35 26.41 36.81
C LEU C 42 12.16 27.36 37.69
N LYS C 43 12.05 27.25 39.02
CA LYS C 43 12.88 28.05 39.90
C LYS C 43 14.29 27.47 39.96
N ASN C 44 15.25 28.35 40.27
CA ASN C 44 16.68 28.01 40.23
C ASN C 44 17.08 27.53 38.84
N THR C 45 16.71 28.32 37.83
CA THR C 45 17.00 27.99 36.45
C THR C 45 17.65 29.19 35.78
N GLY C 46 18.56 28.90 34.84
CA GLY C 46 19.15 29.95 34.04
C GLY C 46 18.20 30.43 32.96
N GLU C 47 18.73 30.82 31.82
CA GLU C 47 17.91 31.28 30.71
C GLU C 47 17.30 30.09 29.97
N ILE C 48 16.04 30.21 29.61
CA ILE C 48 15.33 29.18 28.86
C ILE C 48 15.27 29.62 27.40
N ARG C 49 16.02 28.93 26.54
CA ARG C 49 15.96 29.25 25.11
C ARG C 49 14.64 28.81 24.51
N ASN C 50 14.28 27.54 24.67
CA ASN C 50 13.01 27.01 24.20
C ASN C 50 12.37 26.16 25.29
N LEU C 51 11.05 26.26 25.40
CA LEU C 51 10.28 25.53 26.38
C LEU C 51 9.19 24.73 25.67
N VAL C 52 9.07 23.45 26.00
CA VAL C 52 8.03 22.58 25.46
C VAL C 52 7.27 21.99 26.63
N VAL C 53 5.97 22.27 26.70
CA VAL C 53 5.13 21.84 27.80
C VAL C 53 4.15 20.79 27.29
N THR C 54 3.77 19.88 28.18
CA THR C 54 2.87 18.78 27.83
C THR C 54 2.14 18.32 29.09
N GLY C 55 1.16 17.44 28.88
CA GLY C 55 0.36 16.91 29.96
C GLY C 55 -1.05 17.49 29.94
N TYR C 56 -1.79 17.22 31.02
CA TYR C 56 -3.13 17.78 31.15
C TYR C 56 -3.07 19.28 31.44
N GLY C 57 -2.07 19.72 32.19
CA GLY C 57 -1.85 21.13 32.44
C GLY C 57 -1.21 21.88 31.30
N ARG C 58 -1.05 21.24 30.14
CA ARG C 58 -0.41 21.88 29.00
C ARG C 58 -1.20 23.06 28.46
N VAL C 59 -2.51 23.12 28.76
CA VAL C 59 -3.40 24.09 28.13
C VAL C 59 -3.58 25.33 28.99
N ALA C 60 -2.75 25.48 30.03
CA ALA C 60 -2.92 26.58 30.97
C ALA C 60 -1.66 27.37 31.27
N PHE C 61 -0.52 27.02 30.69
CA PHE C 61 0.73 27.72 30.97
C PHE C 61 0.86 28.94 30.07
N ASN C 62 1.59 29.95 30.56
CA ASN C 62 1.69 31.22 29.85
C ASN C 62 2.50 31.08 28.57
N ARG C 63 3.66 30.42 28.66
CA ARG C 63 4.62 30.38 27.57
C ARG C 63 4.97 28.93 27.24
N GLY C 64 5.70 28.77 26.14
CA GLY C 64 6.16 27.47 25.68
C GLY C 64 5.40 27.01 24.45
N LYS C 65 5.80 25.84 23.97
CA LYS C 65 5.17 25.19 22.83
C LYS C 65 4.40 23.97 23.32
N VAL C 66 3.18 23.80 22.80
CA VAL C 66 2.29 22.74 23.26
C VAL C 66 2.45 21.52 22.37
N VAL C 67 2.81 20.39 22.98
CA VAL C 67 2.92 19.11 22.29
C VAL C 67 2.24 18.05 23.16
N THR C 68 1.49 17.15 22.52
CA THR C 68 0.78 16.12 23.27
C THR C 68 1.77 15.15 23.92
N GLU C 69 1.25 14.40 24.90
CA GLU C 69 2.07 13.44 25.62
C GLU C 69 2.35 12.17 24.81
N ILE C 70 1.56 11.89 23.78
CA ILE C 70 1.82 10.73 22.93
C ILE C 70 3.14 10.91 22.20
N THR C 71 3.27 12.02 21.47
CA THR C 71 4.49 12.28 20.70
C THR C 71 5.70 12.48 21.62
N CYS C 72 5.51 13.21 22.72
CA CYS C 72 6.60 13.43 23.65
C CYS C 72 7.09 12.11 24.25
N GLN C 73 6.15 11.24 24.67
CA GLN C 73 6.53 9.96 25.23
C GLN C 73 7.26 9.10 24.20
N ALA C 74 6.77 9.10 22.96
CA ALA C 74 7.43 8.31 21.92
C ALA C 74 8.86 8.78 21.68
N ARG C 75 9.04 10.10 21.53
CA ARG C 75 10.37 10.64 21.28
C ARG C 75 11.31 10.34 22.46
N GLY C 76 10.84 10.56 23.69
CA GLY C 76 11.63 10.26 24.86
C GLY C 76 12.07 8.81 24.94
N CYS C 77 11.12 7.88 24.75
CA CYS C 77 11.48 6.47 24.82
C CYS C 77 12.32 6.03 23.63
N HIS C 78 12.24 6.75 22.50
CA HIS C 78 13.13 6.45 21.39
C HIS C 78 14.57 6.80 21.72
N GLU C 79 14.78 7.83 22.53
CA GLU C 79 16.15 8.14 22.93
C GLU C 79 16.82 6.99 23.68
N LEU C 80 16.06 6.27 24.52
CA LEU C 80 16.64 5.26 25.41
C LEU C 80 16.70 3.87 24.77
N PHE C 81 15.58 3.38 24.22
CA PHE C 81 15.47 2.07 23.61
C PHE C 81 15.10 2.25 22.14
N PRO C 82 16.08 2.53 21.27
CA PRO C 82 15.78 2.79 19.86
C PRO C 82 15.45 1.54 19.04
N GLU C 83 15.52 0.35 19.63
CA GLU C 83 15.21 -0.88 18.92
C GLU C 83 13.82 -1.41 19.21
N VAL C 84 13.35 -1.29 20.46
CA VAL C 84 12.00 -1.72 20.80
C VAL C 84 10.99 -0.77 20.17
N ASP C 85 10.02 -1.32 19.45
CA ASP C 85 9.11 -0.53 18.63
C ASP C 85 7.74 -0.33 19.27
N TYR C 86 7.55 -0.77 20.51
CA TYR C 86 6.25 -0.66 21.17
C TYR C 86 6.43 -0.07 22.56
N ILE C 87 5.54 0.84 22.93
CA ILE C 87 5.59 1.56 24.19
C ILE C 87 4.27 1.39 24.92
N LEU C 88 4.33 1.00 26.20
CA LEU C 88 3.17 0.93 27.07
C LEU C 88 3.34 1.96 28.18
N ASP C 89 2.36 2.85 28.31
CA ASP C 89 2.40 3.92 29.30
C ASP C 89 1.16 3.85 30.18
N LEU C 90 1.36 3.98 31.49
CA LEU C 90 0.27 3.96 32.46
C LEU C 90 0.53 5.04 33.50
N GLY C 91 -0.37 6.02 33.58
CA GLY C 91 -0.19 7.13 34.49
C GLY C 91 -1.24 7.21 35.58
N GLY C 92 -1.79 8.41 35.79
CA GLY C 92 -2.79 8.58 36.83
C GLY C 92 -4.11 7.92 36.49
N GLN C 93 -4.59 8.15 35.27
CA GLN C 93 -5.82 7.50 34.81
C GLN C 93 -5.75 7.00 33.38
N ASP C 94 -4.98 7.62 32.50
CA ASP C 94 -4.91 7.23 31.10
C ASP C 94 -3.87 6.15 30.90
N ALA C 95 -4.25 5.08 30.21
CA ALA C 95 -3.33 4.02 29.79
C ALA C 95 -3.26 4.03 28.27
N LYS C 96 -2.06 4.21 27.74
CA LYS C 96 -1.85 4.36 26.31
C LYS C 96 -0.85 3.32 25.81
N ILE C 97 -1.01 2.93 24.55
CA ILE C 97 -0.08 2.03 23.87
C ILE C 97 0.34 2.71 22.57
N ILE C 98 1.65 2.80 22.35
CA ILE C 98 2.20 3.54 21.22
C ILE C 98 3.14 2.64 20.44
N LYS C 99 3.15 2.83 19.12
CA LYS C 99 4.12 2.20 18.23
C LYS C 99 4.90 3.29 17.51
N LYS C 100 6.21 3.17 17.50
CA LYS C 100 7.09 4.18 16.92
C LYS C 100 7.82 3.62 15.71
N ASP C 101 8.53 4.51 15.02
CA ASP C 101 9.27 4.18 13.80
C ASP C 101 10.76 4.13 14.12
N GLY C 102 11.57 3.87 13.08
CA GLY C 102 13.01 3.85 13.26
C GLY C 102 13.58 5.21 13.61
N GLN C 103 12.92 6.29 13.18
CA GLN C 103 13.35 7.65 13.49
C GLN C 103 12.60 8.23 14.69
N GLY C 104 11.92 7.40 15.47
CA GLY C 104 11.22 7.85 16.65
C GLY C 104 9.88 8.50 16.41
N ARG C 105 9.49 8.68 15.15
CA ARG C 105 8.21 9.30 14.85
C ARG C 105 7.06 8.34 15.16
N VAL C 106 5.89 8.91 15.41
CA VAL C 106 4.70 8.12 15.74
C VAL C 106 4.05 7.62 14.45
N VAL C 107 3.57 6.38 14.47
CA VAL C 107 2.97 5.77 13.29
C VAL C 107 1.55 5.32 13.61
N ASN C 108 1.28 5.02 14.87
CA ASN C 108 -0.06 4.63 15.34
C ASN C 108 -0.04 4.56 16.85
N PHE C 109 -1.17 4.90 17.46
CA PHE C 109 -1.29 4.89 18.91
C PHE C 109 -2.70 4.46 19.28
N LEU C 110 -2.90 4.21 20.58
CA LEU C 110 -4.22 3.88 21.10
C LEU C 110 -4.22 4.14 22.60
N MET C 111 -5.30 4.75 23.07
CA MET C 111 -5.45 5.00 24.50
C MET C 111 -6.64 4.23 25.04
N ASN C 112 -7.16 4.64 26.19
CA ASN C 112 -8.23 3.90 26.85
C ASN C 112 -9.60 4.34 26.33
N ASP C 113 -10.60 3.49 26.59
CA ASP C 113 -11.99 3.85 26.37
C ASP C 113 -12.56 4.50 27.62
N LYS C 114 -13.71 5.15 27.46
CA LYS C 114 -14.29 5.93 28.55
C LYS C 114 -14.52 5.07 29.79
N CYS C 115 -14.93 3.82 29.59
CA CYS C 115 -15.23 2.94 30.71
C CYS C 115 -13.98 2.41 31.41
N ALA C 116 -12.80 2.57 30.81
CA ALA C 116 -11.55 2.04 31.35
C ALA C 116 -10.64 3.21 31.70
N ALA C 117 -11.01 3.98 32.71
CA ALA C 117 -10.22 5.11 33.18
C ALA C 117 -10.01 5.00 34.68
N GLY C 118 -9.07 5.81 35.18
CA GLY C 118 -8.80 5.83 36.60
C GLY C 118 -8.06 4.62 37.14
N THR C 119 -7.22 3.99 36.31
CA THR C 119 -6.51 2.80 36.75
C THR C 119 -5.41 3.14 37.74
N GLY C 120 -4.57 4.12 37.40
CA GLY C 120 -3.41 4.41 38.24
C GLY C 120 -3.78 4.97 39.61
N ARG C 121 -4.70 5.93 39.64
CA ARG C 121 -5.08 6.53 40.92
C ARG C 121 -5.79 5.53 41.81
N PHE C 122 -6.66 4.68 41.23
CA PHE C 122 -7.31 3.65 42.03
C PHE C 122 -6.29 2.64 42.55
N LEU C 123 -5.33 2.25 41.71
CA LEU C 123 -4.26 1.36 42.15
C LEU C 123 -3.51 1.94 43.34
N GLU C 124 -3.10 3.21 43.23
CA GLU C 124 -2.33 3.82 44.31
C GLU C 124 -3.16 4.01 45.56
N ILE C 125 -4.44 4.36 45.41
CA ILE C 125 -5.32 4.52 46.56
C ILE C 125 -5.48 3.20 47.29
N ILE C 126 -5.78 2.13 46.55
CA ILE C 126 -5.96 0.83 47.20
C ILE C 126 -4.66 0.38 47.84
N LEU C 127 -3.53 0.63 47.18
CA LEU C 127 -2.25 0.22 47.74
C LEU C 127 -1.95 0.93 49.05
N THR C 128 -2.09 2.27 49.07
CA THR C 128 -1.78 3.03 50.27
C THR C 128 -2.77 2.74 51.39
N ALA C 129 -4.07 2.67 51.08
CA ALA C 129 -5.07 2.43 52.10
C ALA C 129 -4.98 1.03 52.70
N ILE C 130 -4.70 0.02 51.86
CA ILE C 130 -4.67 -1.37 52.29
C ILE C 130 -3.27 -1.77 52.76
N GLY C 131 -2.40 -0.78 52.99
CA GLY C 131 -1.07 -1.00 53.51
C GLY C 131 -0.08 -1.46 52.46
N ASP C 132 0.36 -2.71 52.60
CA ASP C 132 1.42 -3.32 51.79
C ASP C 132 2.66 -2.42 51.76
N ASP C 133 3.39 -2.45 52.87
CA ASP C 133 4.49 -1.52 53.10
C ASP C 133 5.81 -2.03 52.50
N TYR C 134 6.01 -3.34 52.43
CA TYR C 134 7.36 -3.80 52.11
C TYR C 134 7.44 -4.63 50.83
N ARG C 135 8.33 -5.63 50.84
CA ARG C 135 8.76 -6.32 49.63
C ARG C 135 7.57 -6.81 48.80
N ASP C 136 7.78 -6.86 47.49
CA ASP C 136 6.78 -7.32 46.55
C ASP C 136 6.89 -8.82 46.24
N GLU C 137 7.71 -9.55 46.99
CA GLU C 137 7.87 -10.98 46.72
C GLU C 137 6.59 -11.75 47.03
N ASP C 138 5.80 -11.29 47.98
CA ASP C 138 4.54 -11.97 48.30
C ASP C 138 3.59 -11.93 47.12
N LEU C 139 3.68 -10.89 46.28
CA LEU C 139 2.82 -10.81 45.11
C LEU C 139 3.21 -11.85 44.07
N ILE C 140 4.51 -12.05 43.84
CA ILE C 140 4.95 -13.07 42.91
C ILE C 140 4.94 -14.46 43.54
N ASN C 141 4.90 -14.54 44.87
CA ASN C 141 4.86 -15.83 45.55
C ASN C 141 3.60 -15.96 46.39
N GLU C 142 2.44 -15.86 45.75
CA GLU C 142 1.14 -16.00 46.41
C GLU C 142 0.52 -17.32 45.99
N GLU C 143 0.02 -18.07 46.98
CA GLU C 143 -0.55 -19.38 46.69
C GLU C 143 -1.85 -19.26 45.90
N ASN C 144 -2.76 -18.40 46.35
CA ASN C 144 -4.05 -18.23 45.69
C ASN C 144 -4.47 -16.78 45.79
N ALA C 145 -4.61 -16.11 44.65
CA ALA C 145 -5.03 -14.72 44.58
C ALA C 145 -6.36 -14.65 43.86
N VAL C 146 -7.41 -14.28 44.59
CA VAL C 146 -8.77 -14.21 44.03
C VAL C 146 -8.84 -13.04 43.05
N PRO C 147 -9.25 -13.27 41.81
CA PRO C 147 -9.33 -12.18 40.84
C PRO C 147 -10.45 -11.21 41.16
N ILE C 148 -10.25 -9.97 40.75
CA ILE C 148 -11.24 -8.90 40.92
C ILE C 148 -11.66 -8.42 39.53
N ASN C 149 -12.93 -8.06 39.41
CA ASN C 149 -13.48 -7.66 38.12
C ASN C 149 -12.68 -6.50 37.52
N SER C 150 -12.44 -6.58 36.22
CA SER C 150 -11.59 -5.64 35.51
C SER C 150 -12.37 -4.72 34.57
N MET C 151 -13.67 -4.54 34.81
CA MET C 151 -14.46 -3.68 33.94
C MET C 151 -14.23 -2.20 34.24
N CYS C 152 -14.22 -1.84 35.52
CA CYS C 152 -14.07 -0.44 35.92
C CYS C 152 -13.64 -0.39 37.37
N THR C 153 -13.33 0.81 37.84
CA THR C 153 -13.00 1.00 39.25
C THR C 153 -14.23 0.94 40.15
N VAL C 154 -15.41 1.24 39.61
CA VAL C 154 -16.63 1.14 40.39
C VAL C 154 -16.84 -0.29 40.87
N PHE C 155 -16.91 -1.23 39.93
CA PHE C 155 -17.17 -2.62 40.29
C PHE C 155 -15.97 -3.27 40.96
N ALA C 156 -14.75 -2.85 40.58
CA ALA C 156 -13.56 -3.37 41.25
C ALA C 156 -13.54 -2.98 42.72
N GLU C 157 -13.86 -1.71 43.02
CA GLU C 157 -13.95 -1.27 44.40
C GLU C 157 -15.10 -1.95 45.12
N SER C 158 -16.23 -2.16 44.42
CA SER C 158 -17.35 -2.88 45.02
C SER C 158 -16.93 -4.28 45.45
N GLU C 159 -16.20 -4.99 44.58
CA GLU C 159 -15.76 -6.34 44.92
C GLU C 159 -14.71 -6.34 46.02
N VAL C 160 -13.79 -5.36 45.99
CA VAL C 160 -12.77 -5.29 47.04
C VAL C 160 -13.43 -5.06 48.40
N ILE C 161 -14.41 -4.17 48.46
CA ILE C 161 -15.08 -3.89 49.72
C ILE C 161 -15.95 -5.07 50.14
N SER C 162 -16.57 -5.77 49.18
CA SER C 162 -17.32 -6.97 49.51
C SER C 162 -16.42 -8.05 50.09
N LEU C 163 -15.20 -8.17 49.58
CA LEU C 163 -14.25 -9.13 50.14
C LEU C 163 -13.81 -8.72 51.54
N LEU C 164 -13.44 -7.46 51.71
CA LEU C 164 -13.03 -6.97 53.02
C LEU C 164 -14.17 -7.01 54.04
N ALA C 165 -15.42 -7.10 53.57
CA ALA C 165 -16.55 -7.11 54.49
C ALA C 165 -16.72 -8.45 55.18
N ARG C 166 -16.43 -9.55 54.47
CA ARG C 166 -16.53 -10.89 55.05
C ARG C 166 -15.20 -11.38 55.62
N GLY C 167 -14.24 -10.49 55.80
CA GLY C 167 -12.98 -10.86 56.42
C GLY C 167 -11.96 -11.51 55.50
N THR C 168 -11.97 -11.17 54.22
CA THR C 168 -11.01 -11.74 53.30
C THR C 168 -9.63 -11.13 53.51
N SER C 169 -8.60 -11.89 53.19
CA SER C 169 -7.23 -11.43 53.33
C SER C 169 -6.96 -10.24 52.41
N LYS C 170 -5.97 -9.43 52.78
CA LYS C 170 -5.62 -8.24 52.03
C LYS C 170 -4.57 -8.50 50.96
N ARG C 171 -3.54 -9.29 51.29
CA ARG C 171 -2.47 -9.57 50.34
C ARG C 171 -3.00 -10.31 49.11
N ALA C 172 -3.97 -11.20 49.31
CA ALA C 172 -4.53 -11.94 48.18
C ALA C 172 -5.30 -11.02 47.25
N VAL C 173 -6.08 -10.09 47.82
CA VAL C 173 -6.81 -9.14 46.99
C VAL C 173 -5.84 -8.25 46.22
N ILE C 174 -4.76 -7.80 46.87
CA ILE C 174 -3.78 -6.96 46.19
C ILE C 174 -3.13 -7.72 45.04
N ALA C 175 -2.71 -8.96 45.30
CA ALA C 175 -2.07 -9.75 44.25
C ALA C 175 -3.02 -10.04 43.10
N GLY C 176 -4.29 -10.35 43.42
CA GLY C 176 -5.26 -10.62 42.38
C GLY C 176 -5.55 -9.40 41.52
N LEU C 177 -5.69 -8.23 42.16
CA LEU C 177 -5.89 -7.00 41.38
C LEU C 177 -4.68 -6.71 40.51
N PHE C 178 -3.47 -6.87 41.06
CA PHE C 178 -2.25 -6.70 40.27
C PHE C 178 -2.27 -7.59 39.04
N LYS C 179 -2.56 -8.88 39.23
CA LYS C 179 -2.45 -9.83 38.13
C LYS C 179 -3.56 -9.63 37.11
N THR C 180 -4.77 -9.28 37.56
CA THR C 180 -5.86 -9.03 36.62
C THR C 180 -5.61 -7.77 35.80
N THR C 181 -5.14 -6.70 36.45
CA THR C 181 -4.75 -5.51 35.71
C THR C 181 -3.60 -5.80 34.76
N ALA C 182 -2.69 -6.69 35.14
CA ALA C 182 -1.59 -7.05 34.24
C ALA C 182 -2.10 -7.81 33.03
N LYS C 183 -3.06 -8.72 33.22
CA LYS C 183 -3.66 -9.42 32.09
C LYS C 183 -4.37 -8.45 31.16
N ARG C 184 -5.12 -7.50 31.72
CA ARG C 184 -5.77 -6.48 30.90
C ARG C 184 -4.72 -5.66 30.15
N LEU C 185 -3.63 -5.28 30.82
CA LEU C 185 -2.59 -4.50 30.16
C LEU C 185 -1.93 -5.28 29.02
N ALA C 186 -1.74 -6.58 29.20
CA ALA C 186 -1.14 -7.40 28.14
C ALA C 186 -2.08 -7.49 26.95
N LYS C 187 -3.34 -7.86 27.18
CA LYS C 187 -4.30 -7.96 26.09
C LYS C 187 -4.53 -6.62 25.41
N PHE C 188 -4.29 -5.51 26.14
CA PHE C 188 -4.45 -4.18 25.55
C PHE C 188 -3.21 -3.73 24.80
N ALA C 189 -2.04 -4.18 25.22
CA ALA C 189 -0.81 -3.85 24.51
C ALA C 189 -0.65 -4.69 23.24
N GLU C 190 -1.27 -5.87 23.20
CA GLU C 190 -1.29 -6.64 21.96
C GLU C 190 -2.25 -6.05 20.92
N SER C 191 -2.85 -4.88 21.18
CA SER C 191 -3.86 -4.33 20.27
C SER C 191 -3.24 -3.79 18.99
N LEU C 192 -2.27 -2.90 19.12
CA LEU C 192 -1.63 -2.29 17.95
C LEU C 192 -0.75 -3.28 17.19
N GLY C 193 -0.49 -4.45 17.75
CA GLY C 193 0.39 -5.42 17.14
C GLY C 193 1.08 -6.24 18.19
N LYS C 194 1.66 -7.37 17.76
CA LYS C 194 2.31 -8.30 18.66
C LYS C 194 3.79 -7.94 18.76
N PRO C 195 4.24 -7.37 19.87
CA PRO C 195 5.65 -6.95 19.95
C PRO C 195 6.58 -8.09 20.33
N ARG C 196 7.83 -7.96 19.89
CA ARG C 196 8.89 -8.88 20.27
C ARG C 196 9.63 -8.42 21.50
N LYS C 197 9.43 -7.17 21.91
CA LYS C 197 9.87 -6.64 23.20
C LYS C 197 8.99 -5.43 23.51
N LEU C 198 8.88 -5.10 24.80
CA LEU C 198 7.92 -4.10 25.23
C LEU C 198 8.57 -3.13 26.21
N ILE C 199 8.38 -1.82 25.95
CA ILE C 199 8.77 -0.78 26.89
C ILE C 199 7.58 -0.47 27.78
N PHE C 200 7.80 -0.47 29.09
CA PHE C 200 6.75 -0.17 30.07
C PHE C 200 7.24 0.97 30.95
N THR C 201 6.87 2.20 30.58
CA THR C 201 7.28 3.41 31.27
C THR C 201 6.10 4.00 32.04
N GLY C 202 6.27 5.25 32.48
CA GLY C 202 5.24 5.95 33.20
C GLY C 202 5.33 5.74 34.71
N GLY C 203 4.60 6.59 35.44
CA GLY C 203 4.56 6.45 36.89
C GLY C 203 3.96 5.13 37.34
N GLY C 204 3.07 4.55 36.51
CA GLY C 204 2.50 3.26 36.83
C GLY C 204 3.50 2.14 36.96
N ALA C 205 4.71 2.33 36.44
CA ALA C 205 5.81 1.40 36.63
C ALA C 205 6.48 1.55 37.99
N LYS C 206 5.81 2.21 38.93
CA LYS C 206 6.35 2.37 40.28
C LYS C 206 6.55 1.04 41.00
N TYR C 207 5.82 0.00 40.59
CA TYR C 207 5.86 -1.28 41.27
C TYR C 207 6.47 -2.33 40.37
N PRO C 208 7.60 -2.93 40.75
CA PRO C 208 8.19 -3.98 39.90
C PRO C 208 7.36 -5.24 39.81
N ALA C 209 6.42 -5.47 40.73
CA ALA C 209 5.61 -6.68 40.69
C ALA C 209 4.66 -6.66 39.49
N LEU C 210 4.10 -5.49 39.17
CA LEU C 210 3.28 -5.38 37.97
C LEU C 210 4.09 -5.68 36.71
N ARG C 211 5.30 -5.13 36.63
CA ARG C 211 6.20 -5.44 35.52
C ARG C 211 6.49 -6.93 35.47
N LEU C 212 6.67 -7.58 36.62
CA LEU C 212 6.96 -9.00 36.64
C LEU C 212 5.77 -9.82 36.15
N PHE C 213 4.56 -9.44 36.55
CA PHE C 213 3.37 -10.15 36.07
C PHE C 213 3.22 -9.99 34.56
N LEU C 214 3.44 -8.77 34.05
CA LEU C 214 3.37 -8.54 32.61
C LEU C 214 4.41 -9.37 31.88
N GLN C 215 5.65 -9.40 32.40
CA GLN C 215 6.70 -10.19 31.78
C GLN C 215 6.38 -11.68 31.82
N LYS C 216 5.78 -12.14 32.91
CA LYS C 216 5.42 -13.55 33.06
C LYS C 216 4.37 -13.96 32.04
N GLU C 217 3.18 -13.38 32.12
CA GLU C 217 2.11 -13.75 31.20
C GLU C 217 1.99 -12.75 30.05
N MET C 218 3.13 -12.33 29.49
CA MET C 218 3.18 -11.62 28.22
C MET C 218 3.87 -12.41 27.12
N GLY C 219 4.87 -13.21 27.44
CA GLY C 219 5.57 -14.02 26.48
C GLY C 219 6.87 -13.44 25.97
N VAL C 220 7.02 -12.12 26.04
CA VAL C 220 8.23 -11.46 25.56
C VAL C 220 8.94 -10.76 26.72
N GLU C 221 9.95 -9.98 26.41
CA GLU C 221 10.72 -9.26 27.40
C GLU C 221 10.17 -7.85 27.60
N VAL C 222 10.34 -7.32 28.81
CA VAL C 222 9.86 -5.99 29.17
C VAL C 222 11.03 -5.19 29.71
N VAL C 223 11.26 -4.02 29.13
CA VAL C 223 12.32 -3.10 29.55
C VAL C 223 11.68 -1.89 30.20
N VAL C 224 12.21 -1.49 31.35
CA VAL C 224 11.71 -0.37 32.12
C VAL C 224 12.86 0.61 32.33
N PRO C 225 12.70 1.89 31.99
CA PRO C 225 13.79 2.86 32.17
C PRO C 225 14.09 3.07 33.65
N PRO C 226 15.24 3.67 33.97
CA PRO C 226 15.57 3.94 35.39
C PRO C 226 14.49 4.75 36.09
N GLU C 227 14.24 5.97 35.63
CA GLU C 227 13.16 6.80 36.16
C GLU C 227 12.06 6.93 35.12
N PRO C 228 10.95 6.21 35.26
CA PRO C 228 9.93 6.20 34.20
C PRO C 228 9.01 7.41 34.23
N SER C 229 9.02 8.21 35.30
CA SER C 229 8.07 9.32 35.41
C SER C 229 8.49 10.53 34.58
N VAL C 230 9.77 10.64 34.21
CA VAL C 230 10.25 11.82 33.51
C VAL C 230 10.41 11.61 32.01
N THR C 231 10.21 10.38 31.51
CA THR C 231 10.48 10.06 30.11
C THR C 231 9.81 11.06 29.17
N ALA C 232 8.49 11.24 29.32
CA ALA C 232 7.77 12.19 28.48
C ALA C 232 8.46 13.55 28.47
N ALA C 233 8.76 14.09 29.66
CA ALA C 233 9.45 15.37 29.74
C ALA C 233 10.72 15.36 28.90
N LEU C 234 11.54 14.31 29.07
CA LEU C 234 12.74 14.18 28.25
C LEU C 234 12.42 14.35 26.78
N GLY C 235 11.42 13.59 26.29
CA GLY C 235 11.02 13.72 24.90
C GLY C 235 10.72 15.16 24.52
N ALA C 236 9.92 15.84 25.35
CA ALA C 236 9.61 17.24 25.10
C ALA C 236 10.89 18.05 24.96
N ALA C 237 11.82 17.88 25.92
CA ALA C 237 13.08 18.59 25.85
C ALA C 237 13.81 18.27 24.55
N LEU C 238 13.80 17.00 24.14
CA LEU C 238 14.44 16.64 22.88
C LEU C 238 13.78 17.37 21.72
N ILE C 239 12.45 17.48 21.74
CA ILE C 239 11.76 18.23 20.70
C ILE C 239 12.19 19.69 20.72
N ALA C 240 12.46 20.22 21.92
CA ALA C 240 12.92 21.59 22.03
C ALA C 240 14.26 21.79 21.33
N ARG C 241 15.04 20.72 21.20
CA ARG C 241 16.29 20.79 20.44
C ARG C 241 16.03 20.70 18.94
N GLU C 242 14.97 20.00 18.54
CA GLU C 242 14.65 19.90 17.11
C GLU C 242 14.11 21.21 16.58
N THR C 243 13.41 21.98 17.41
CA THR C 243 12.80 23.23 16.99
C THR C 243 13.79 24.38 17.03
N ALA D 3 -29.44 -3.72 71.56
CA ALA D 3 -28.62 -2.80 70.78
C ALA D 3 -28.60 -3.19 69.30
N GLY D 4 -28.06 -2.31 68.47
CA GLY D 4 -27.95 -2.56 67.05
C GLY D 4 -26.74 -1.93 66.42
N LEU D 5 -26.07 -2.64 65.53
CA LEU D 5 -24.81 -2.22 64.94
C LEU D 5 -24.96 -2.06 63.44
N ASP D 6 -24.62 -0.88 62.94
CA ASP D 6 -24.49 -0.63 61.50
C ASP D 6 -23.02 -0.78 61.14
N LEU D 7 -22.66 -1.93 60.58
CA LEU D 7 -21.27 -2.24 60.24
C LEU D 7 -21.13 -2.19 58.72
N GLY D 8 -21.06 -0.97 58.18
CA GLY D 8 -20.91 -0.79 56.75
C GLY D 8 -20.30 0.56 56.45
N SER D 9 -20.14 0.83 55.15
CA SER D 9 -19.58 2.09 54.64
C SER D 9 -18.16 2.22 55.20
N THR D 10 -17.82 3.33 55.87
CA THR D 10 -16.50 3.51 56.44
C THR D 10 -16.54 3.80 57.94
N ASN D 11 -17.72 3.85 58.54
CA ASN D 11 -17.86 4.12 59.96
C ASN D 11 -18.80 3.09 60.58
N SER D 12 -18.40 2.58 61.75
CA SER D 12 -19.22 1.64 62.51
C SER D 12 -20.11 2.40 63.49
N LYS D 13 -21.26 1.80 63.81
CA LYS D 13 -22.29 2.50 64.56
C LYS D 13 -22.85 1.60 65.65
N LEU D 14 -23.46 2.23 66.65
CA LEU D 14 -24.04 1.52 67.79
C LEU D 14 -25.13 2.40 68.40
N VAL D 15 -26.28 1.79 68.68
CA VAL D 15 -27.40 2.46 69.36
C VAL D 15 -27.79 1.61 70.56
N ILE D 16 -27.79 2.20 71.74
CA ILE D 16 -28.09 1.50 72.98
C ILE D 16 -29.34 2.11 73.61
N ILE D 17 -30.31 1.27 73.93
CA ILE D 17 -31.50 1.66 74.68
C ILE D 17 -31.73 0.62 75.77
N LYS D 18 -31.78 1.07 77.03
CA LYS D 18 -32.10 0.18 78.13
C LYS D 18 -33.61 0.05 78.26
N GLU D 19 -34.11 -0.39 79.40
CA GLU D 19 -35.54 -0.60 79.54
C GLU D 19 -36.32 0.72 79.56
N ASP D 20 -35.65 1.83 79.89
CA ASP D 20 -36.37 3.09 80.04
C ASP D 20 -36.77 3.68 78.69
N GLY D 21 -35.86 3.67 77.72
CA GLY D 21 -36.16 4.22 76.41
C GLY D 21 -35.28 5.40 76.04
N SER D 22 -34.00 5.32 76.39
CA SER D 22 -33.03 6.38 76.14
C SER D 22 -32.00 5.87 75.14
N TYR D 23 -31.91 6.53 73.99
CA TYR D 23 -30.95 6.16 72.96
C TYR D 23 -29.79 7.13 72.96
N THR D 24 -28.57 6.59 72.90
CA THR D 24 -27.35 7.36 72.76
C THR D 24 -26.49 6.72 71.68
N PHE D 25 -25.77 7.56 70.94
CA PHE D 25 -25.03 7.12 69.77
C PHE D 25 -23.55 7.01 70.08
N LYS D 26 -22.94 5.90 69.66
CA LYS D 26 -21.51 5.66 69.78
C LYS D 26 -20.96 5.48 68.36
N VAL D 27 -20.30 6.52 67.85
CA VAL D 27 -19.73 6.49 66.51
C VAL D 27 -18.28 6.07 66.60
N VAL D 28 -17.89 5.13 65.74
CA VAL D 28 -16.53 4.59 65.73
C VAL D 28 -16.12 4.34 64.28
N PRO D 29 -14.94 4.75 63.86
CA PRO D 29 -14.52 4.54 62.47
C PRO D 29 -14.35 3.06 62.16
N THR D 30 -15.08 2.58 61.15
CA THR D 30 -14.90 1.20 60.70
C THR D 30 -13.47 0.96 60.25
N ARG D 31 -12.90 1.91 59.51
CA ARG D 31 -11.50 1.86 59.09
C ARG D 31 -11.17 0.55 58.36
N TYR D 32 -12.14 0.08 57.57
CA TYR D 32 -11.94 -0.98 56.57
C TYR D 32 -11.76 -2.37 57.19
N GLU D 33 -12.35 -2.62 58.35
CA GLU D 33 -12.28 -3.93 58.99
C GLU D 33 -13.63 -4.30 59.59
N PRO D 34 -13.96 -5.60 59.61
CA PRO D 34 -15.33 -5.99 59.94
C PRO D 34 -15.50 -6.48 61.38
N VAL D 35 -15.19 -7.77 61.59
CA VAL D 35 -15.34 -8.36 62.92
C VAL D 35 -14.48 -7.61 63.93
N LYS D 36 -13.23 -7.30 63.57
CA LYS D 36 -12.33 -6.60 64.49
C LYS D 36 -12.95 -5.29 64.98
N ALA D 37 -13.53 -4.52 64.05
CA ALA D 37 -14.21 -3.30 64.44
C ALA D 37 -15.33 -3.59 65.44
N GLY D 38 -16.14 -4.62 65.18
CA GLY D 38 -17.17 -4.97 66.16
C GLY D 38 -16.61 -5.38 67.51
N GLU D 39 -15.52 -6.16 67.51
CA GLU D 39 -14.96 -6.70 68.74
C GLU D 39 -14.42 -5.58 69.62
N LEU D 40 -13.69 -4.64 69.04
CA LEU D 40 -13.24 -3.49 69.81
C LEU D 40 -14.30 -2.41 69.92
N LEU D 41 -15.47 -2.60 69.30
CA LEU D 41 -16.58 -1.66 69.39
C LEU D 41 -17.44 -1.92 70.62
N LEU D 42 -18.02 -3.12 70.72
CA LEU D 42 -18.94 -3.45 71.79
C LEU D 42 -18.38 -4.59 72.61
N LYS D 43 -17.81 -4.25 73.78
CA LYS D 43 -17.36 -5.25 74.75
C LYS D 43 -17.15 -4.60 76.11
N ASN D 44 -17.66 -5.24 77.16
CA ASN D 44 -17.52 -4.78 78.55
C ASN D 44 -18.17 -3.42 78.80
N THR D 45 -19.08 -3.00 77.92
CA THR D 45 -19.98 -1.87 78.20
C THR D 45 -21.36 -2.36 78.61
N GLY D 46 -21.42 -3.50 79.27
CA GLY D 46 -22.69 -4.14 79.58
C GLY D 46 -23.22 -4.93 78.41
N GLU D 47 -23.93 -6.02 78.69
CA GLU D 47 -24.57 -6.81 77.65
C GLU D 47 -26.03 -6.41 77.52
N ILE D 48 -26.69 -6.98 76.51
CA ILE D 48 -28.06 -6.63 76.16
C ILE D 48 -28.92 -7.89 76.21
N ARG D 49 -30.22 -7.69 76.05
CA ARG D 49 -31.14 -8.82 76.05
C ARG D 49 -30.97 -9.67 74.80
N ASN D 50 -30.79 -9.03 73.65
CA ASN D 50 -30.48 -9.74 72.41
C ASN D 50 -29.84 -8.76 71.43
N LEU D 51 -29.04 -9.31 70.52
CA LEU D 51 -28.20 -8.53 69.63
C LEU D 51 -28.77 -8.51 68.22
N VAL D 52 -28.48 -7.42 67.50
CA VAL D 52 -28.86 -7.26 66.10
C VAL D 52 -27.64 -6.74 65.34
N VAL D 53 -27.50 -7.19 64.09
CA VAL D 53 -26.39 -6.78 63.23
C VAL D 53 -26.94 -6.47 61.85
N THR D 54 -26.67 -5.25 61.37
CA THR D 54 -27.07 -4.83 60.03
C THR D 54 -25.84 -4.29 59.30
N GLY D 55 -26.00 -4.07 58.00
CA GLY D 55 -24.93 -3.54 57.17
C GLY D 55 -24.15 -4.64 56.47
N TYR D 56 -23.07 -4.20 55.81
CA TYR D 56 -22.22 -5.13 55.08
C TYR D 56 -21.57 -6.16 55.99
N GLY D 57 -21.40 -5.85 57.27
CA GLY D 57 -20.78 -6.78 58.20
C GLY D 57 -21.78 -7.59 59.00
N ARG D 58 -23.01 -7.70 58.50
CA ARG D 58 -24.02 -8.49 59.20
C ARG D 58 -23.70 -9.98 59.16
N VAL D 59 -23.00 -10.43 58.12
CA VAL D 59 -22.71 -11.85 57.98
C VAL D 59 -21.54 -12.27 58.87
N ALA D 60 -20.57 -11.38 59.07
CA ALA D 60 -19.34 -11.76 59.75
C ALA D 60 -19.59 -12.06 61.24
N PHE D 61 -20.43 -11.26 61.89
CA PHE D 61 -20.74 -11.49 63.30
C PHE D 61 -21.54 -12.77 63.45
N ASN D 62 -21.01 -13.72 64.22
CA ASN D 62 -21.69 -15.00 64.39
C ASN D 62 -22.81 -14.92 65.43
N ARG D 63 -22.69 -14.01 66.39
CA ARG D 63 -23.72 -13.82 67.41
C ARG D 63 -24.67 -12.71 66.96
N GLY D 64 -25.95 -13.03 66.87
CA GLY D 64 -26.96 -12.08 66.45
C GLY D 64 -27.99 -12.75 65.58
N LYS D 65 -28.88 -11.93 65.02
CA LYS D 65 -29.96 -12.41 64.16
C LYS D 65 -29.84 -11.75 62.79
N VAL D 66 -30.08 -12.54 61.74
CA VAL D 66 -29.98 -12.03 60.38
C VAL D 66 -31.12 -11.02 60.14
N VAL D 67 -30.78 -9.92 59.47
CA VAL D 67 -31.73 -8.84 59.20
C VAL D 67 -31.13 -7.91 58.16
N THR D 68 -31.96 -7.43 57.24
CA THR D 68 -31.49 -6.58 56.16
C THR D 68 -31.57 -5.12 56.54
N GLU D 69 -30.86 -4.29 55.76
CA GLU D 69 -30.73 -2.88 56.10
C GLU D 69 -32.02 -2.11 55.84
N ILE D 70 -32.78 -2.48 54.80
CA ILE D 70 -33.96 -1.69 54.45
C ILE D 70 -35.08 -1.93 55.44
N THR D 71 -35.34 -3.19 55.78
CA THR D 71 -36.42 -3.50 56.72
C THR D 71 -36.13 -2.89 58.10
N CYS D 72 -34.91 -3.08 58.59
CA CYS D 72 -34.52 -2.50 59.88
C CYS D 72 -34.55 -0.97 59.82
N GLN D 73 -34.05 -0.39 58.73
CA GLN D 73 -34.05 1.07 58.61
C GLN D 73 -35.47 1.62 58.58
N ALA D 74 -36.38 0.90 57.93
CA ALA D 74 -37.78 1.31 57.94
C ALA D 74 -38.36 1.25 59.33
N ARG D 75 -38.16 0.11 60.02
CA ARG D 75 -38.68 -0.04 61.37
C ARG D 75 -38.11 1.02 62.32
N GLY D 76 -36.90 1.50 62.05
CA GLY D 76 -36.27 2.49 62.89
C GLY D 76 -36.72 3.92 62.61
N CYS D 77 -36.57 4.35 61.36
CA CYS D 77 -37.04 5.66 60.96
C CYS D 77 -38.56 5.79 61.04
N HIS D 78 -39.27 4.69 61.27
CA HIS D 78 -40.70 4.77 61.57
C HIS D 78 -40.96 5.22 62.99
N GLU D 79 -40.10 4.83 63.93
CA GLU D 79 -40.29 5.24 65.33
C GLU D 79 -40.25 6.75 65.46
N LEU D 80 -39.29 7.41 64.80
CA LEU D 80 -39.24 8.86 64.79
C LEU D 80 -40.24 9.46 63.81
N PHE D 81 -40.73 8.69 62.84
CA PHE D 81 -41.62 9.21 61.80
C PHE D 81 -42.62 8.14 61.41
N PRO D 82 -43.75 8.04 62.11
CA PRO D 82 -44.81 7.13 61.70
C PRO D 82 -45.84 7.74 60.75
N GLU D 83 -45.73 9.03 60.43
CA GLU D 83 -46.75 9.71 59.64
C GLU D 83 -46.45 9.69 58.15
N VAL D 84 -45.19 9.57 57.76
CA VAL D 84 -44.78 9.65 56.36
C VAL D 84 -44.25 8.30 55.91
N ASP D 85 -44.50 7.98 54.63
CA ASP D 85 -44.12 6.68 54.07
C ASP D 85 -42.70 6.69 53.50
N TYR D 86 -42.49 7.44 52.42
CA TYR D 86 -41.23 7.39 51.68
C TYR D 86 -40.08 7.90 52.53
N ILE D 87 -38.97 7.15 52.55
CA ILE D 87 -37.75 7.57 53.19
C ILE D 87 -36.59 7.36 52.22
N LEU D 88 -35.49 8.05 52.48
CA LEU D 88 -34.30 8.00 51.62
C LEU D 88 -33.07 7.77 52.48
N ASP D 89 -32.25 6.80 52.09
CA ASP D 89 -30.98 6.51 52.75
C ASP D 89 -29.85 6.58 51.72
N LEU D 90 -28.70 7.08 52.16
CA LEU D 90 -27.54 7.19 51.27
C LEU D 90 -26.28 7.18 52.14
N GLY D 91 -25.60 6.04 52.17
CA GLY D 91 -24.32 5.92 52.83
C GLY D 91 -23.17 6.20 51.88
N GLY D 92 -22.03 5.57 52.15
CA GLY D 92 -20.88 5.74 51.28
C GLY D 92 -20.84 4.84 50.08
N GLN D 93 -21.74 3.85 50.01
CA GLN D 93 -21.73 2.90 48.90
C GLN D 93 -23.14 2.61 48.40
N ASP D 94 -23.98 2.02 49.25
CA ASP D 94 -25.30 1.55 48.84
C ASP D 94 -26.36 2.58 49.20
N ALA D 95 -27.14 2.99 48.20
CA ALA D 95 -28.26 3.90 48.38
C ALA D 95 -29.56 3.14 48.16
N LYS D 96 -30.53 3.35 49.06
CA LYS D 96 -31.78 2.60 49.04
C LYS D 96 -32.95 3.57 49.12
N ILE D 97 -34.03 3.23 48.42
CA ILE D 97 -35.32 3.92 48.56
C ILE D 97 -36.38 2.87 48.82
N ILE D 98 -37.30 3.16 49.74
CA ILE D 98 -38.31 2.21 50.17
C ILE D 98 -39.65 2.92 50.32
N LYS D 99 -40.71 2.11 50.44
CA LYS D 99 -42.03 2.58 50.79
C LYS D 99 -42.57 1.67 51.90
N LYS D 100 -43.46 2.22 52.74
CA LYS D 100 -43.91 1.50 53.91
C LYS D 100 -45.42 1.70 54.06
N ASP D 101 -45.96 1.21 55.18
CA ASP D 101 -47.39 1.31 55.46
C ASP D 101 -47.55 2.12 56.73
N GLY D 102 -48.13 1.56 57.79
CA GLY D 102 -48.34 2.31 59.02
C GLY D 102 -47.61 1.74 60.22
N GLN D 103 -47.24 0.47 60.15
CA GLN D 103 -46.58 -0.22 61.26
C GLN D 103 -45.07 -0.30 61.08
N GLY D 104 -44.51 0.38 60.08
CA GLY D 104 -43.09 0.29 59.83
C GLY D 104 -42.67 -0.91 59.02
N ARG D 105 -43.60 -1.64 58.44
CA ARG D 105 -43.28 -2.80 57.62
C ARG D 105 -42.93 -2.36 56.20
N VAL D 106 -42.36 -3.27 55.42
CA VAL D 106 -41.90 -3.00 54.07
C VAL D 106 -42.96 -3.44 53.08
N VAL D 107 -43.19 -2.61 52.06
CA VAL D 107 -44.16 -2.95 51.02
C VAL D 107 -43.46 -2.99 49.67
N ASN D 108 -42.39 -2.22 49.52
CA ASN D 108 -41.60 -2.19 48.30
C ASN D 108 -40.33 -1.40 48.57
N PHE D 109 -39.30 -1.68 47.78
CA PHE D 109 -38.03 -1.00 47.93
C PHE D 109 -37.31 -0.97 46.58
N LEU D 110 -36.16 -0.29 46.57
CA LEU D 110 -35.31 -0.24 45.38
C LEU D 110 -33.93 0.30 45.74
N MET D 111 -32.89 -0.45 45.39
CA MET D 111 -31.52 -0.01 45.61
C MET D 111 -30.90 0.41 44.28
N ASN D 112 -29.84 1.21 44.38
CA ASN D 112 -29.19 1.74 43.19
C ASN D 112 -28.68 0.62 42.30
N ASP D 113 -28.63 0.87 41.00
CA ASP D 113 -28.11 -0.11 40.05
C ASP D 113 -26.59 -0.19 40.16
N LYS D 114 -26.00 -1.04 39.33
CA LYS D 114 -24.57 -1.31 39.41
C LYS D 114 -23.74 -0.07 39.08
N CYS D 115 -24.06 0.60 37.97
CA CYS D 115 -23.25 1.70 37.50
C CYS D 115 -23.29 2.90 38.45
N ALA D 116 -24.39 3.08 39.16
CA ALA D 116 -24.56 4.23 40.07
C ALA D 116 -24.14 3.91 41.49
N ALA D 117 -23.04 3.18 41.67
CA ALA D 117 -22.56 2.78 42.98
C ALA D 117 -21.33 3.60 43.36
N GLY D 118 -21.28 4.02 44.63
CA GLY D 118 -20.12 4.70 45.15
C GLY D 118 -20.14 6.22 45.03
N THR D 119 -21.30 6.82 45.27
CA THR D 119 -21.40 8.28 45.20
C THR D 119 -20.93 8.94 46.48
N GLY D 120 -21.33 8.40 47.62
CA GLY D 120 -20.97 8.95 48.91
C GLY D 120 -19.49 9.06 49.15
N ARG D 121 -18.77 7.93 49.03
CA ARG D 121 -17.33 7.96 49.21
C ARG D 121 -16.63 8.77 48.13
N PHE D 122 -17.24 8.88 46.94
CA PHE D 122 -16.69 9.77 45.93
C PHE D 122 -16.70 11.22 46.39
N LEU D 123 -17.85 11.69 46.88
CA LEU D 123 -17.91 13.05 47.40
C LEU D 123 -17.04 13.21 48.65
N GLU D 124 -16.90 12.15 49.44
CA GLU D 124 -16.01 12.22 50.61
C GLU D 124 -14.56 12.40 50.19
N ILE D 125 -14.12 11.65 49.17
CA ILE D 125 -12.76 11.80 48.66
C ILE D 125 -12.56 13.19 48.10
N ILE D 126 -13.58 13.73 47.42
CA ILE D 126 -13.50 15.10 46.92
C ILE D 126 -13.30 16.08 48.07
N LEU D 127 -14.09 15.91 49.13
CA LEU D 127 -13.97 16.81 50.28
C LEU D 127 -12.59 16.71 50.93
N THR D 128 -12.08 15.50 51.09
CA THR D 128 -10.75 15.34 51.69
C THR D 128 -9.66 15.89 50.78
N ALA D 129 -9.86 15.86 49.46
CA ALA D 129 -8.86 16.35 48.53
C ALA D 129 -8.83 17.87 48.48
N ILE D 130 -9.99 18.51 48.54
CA ILE D 130 -10.03 19.97 48.56
C ILE D 130 -10.81 20.44 49.79
N GLY D 131 -12.15 20.39 49.73
CA GLY D 131 -12.96 20.73 50.87
C GLY D 131 -13.52 22.14 50.86
N ASP D 132 -13.76 22.70 52.03
CA ASP D 132 -14.40 24.01 52.14
C ASP D 132 -13.45 25.12 51.71
N ASP D 133 -14.00 26.13 51.05
CA ASP D 133 -13.27 27.34 50.71
C ASP D 133 -13.95 28.58 51.31
N TYR D 134 -15.23 28.80 50.99
CA TYR D 134 -16.05 29.81 51.65
C TYR D 134 -16.98 29.20 52.69
N ARG D 135 -16.53 28.13 53.36
CA ARG D 135 -17.34 27.37 54.32
C ARG D 135 -18.50 26.67 53.63
N ASP D 136 -19.16 25.76 54.36
CA ASP D 136 -20.20 24.93 53.77
C ASP D 136 -21.50 25.68 53.49
N GLU D 137 -21.65 26.89 54.02
CA GLU D 137 -22.88 27.64 53.81
C GLU D 137 -22.97 28.25 52.42
N ASP D 138 -21.84 28.61 51.82
CA ASP D 138 -21.81 29.38 50.59
C ASP D 138 -21.86 28.51 49.34
N LEU D 139 -22.77 27.53 49.32
CA LEU D 139 -23.04 26.76 48.12
C LEU D 139 -24.36 27.10 47.45
N ILE D 140 -25.26 27.78 48.17
CA ILE D 140 -26.50 28.24 47.55
C ILE D 140 -26.25 29.47 46.69
N ASN D 141 -25.27 30.30 47.08
CA ASN D 141 -25.01 31.56 46.39
C ASN D 141 -24.11 31.41 45.17
N GLU D 142 -23.54 30.22 44.94
CA GLU D 142 -22.67 30.02 43.80
C GLU D 142 -23.44 30.26 42.50
N GLU D 143 -22.86 31.09 41.63
CA GLU D 143 -23.56 31.54 40.43
C GLU D 143 -23.33 30.61 39.24
N ASN D 144 -22.07 30.45 38.82
CA ASN D 144 -21.75 29.74 37.59
C ASN D 144 -21.43 28.27 37.90
N ALA D 145 -22.47 27.53 38.27
CA ALA D 145 -22.33 26.11 38.55
C ALA D 145 -22.31 25.35 37.23
N VAL D 146 -21.24 24.58 37.01
CA VAL D 146 -21.04 23.83 35.78
C VAL D 146 -21.50 22.39 36.03
N PRO D 147 -22.46 21.87 35.27
CA PRO D 147 -22.93 20.50 35.50
C PRO D 147 -21.85 19.47 35.21
N ILE D 148 -21.94 18.35 35.93
CA ILE D 148 -20.98 17.26 35.81
C ILE D 148 -21.73 16.01 35.36
N ASN D 149 -20.97 15.00 34.93
CA ASN D 149 -21.57 13.75 34.47
C ASN D 149 -22.17 12.98 35.64
N SER D 150 -23.37 12.43 35.41
CA SER D 150 -24.09 11.67 36.43
C SER D 150 -24.11 10.18 36.13
N MET D 151 -23.37 9.72 35.12
CA MET D 151 -23.45 8.32 34.72
C MET D 151 -22.87 7.40 35.78
N CYS D 152 -21.75 7.77 36.37
CA CYS D 152 -21.00 6.89 37.27
C CYS D 152 -19.95 7.73 37.98
N THR D 153 -19.05 7.06 38.69
CA THR D 153 -17.97 7.75 39.39
C THR D 153 -16.77 8.01 38.48
N VAL D 154 -16.49 7.09 37.55
CA VAL D 154 -15.30 7.23 36.70
C VAL D 154 -15.47 8.40 35.73
N PHE D 155 -16.64 8.51 35.10
CA PHE D 155 -16.90 9.63 34.20
C PHE D 155 -16.83 10.95 34.94
N ALA D 156 -17.40 11.00 36.15
CA ALA D 156 -17.37 12.23 36.94
C ALA D 156 -15.95 12.61 37.33
N GLU D 157 -15.14 11.62 37.74
CA GLU D 157 -13.74 11.90 38.08
C GLU D 157 -12.98 12.40 36.86
N SER D 158 -13.20 11.79 35.71
CA SER D 158 -12.54 12.23 34.48
C SER D 158 -12.89 13.67 34.16
N GLU D 159 -14.18 14.01 34.23
CA GLU D 159 -14.59 15.38 33.92
C GLU D 159 -14.10 16.37 34.96
N VAL D 160 -14.03 15.97 36.23
CA VAL D 160 -13.50 16.86 37.26
C VAL D 160 -12.04 17.17 37.02
N ILE D 161 -11.24 16.15 36.67
CA ILE D 161 -9.83 16.38 36.38
C ILE D 161 -9.70 17.26 35.14
N SER D 162 -10.50 16.99 34.11
CA SER D 162 -10.44 17.79 32.89
C SER D 162 -10.82 19.24 33.14
N LEU D 163 -11.73 19.48 34.08
CA LEU D 163 -12.13 20.85 34.41
C LEU D 163 -11.06 21.55 35.26
N LEU D 164 -10.48 20.84 36.22
CA LEU D 164 -9.40 21.42 37.02
C LEU D 164 -8.14 21.66 36.20
N ALA D 165 -8.01 20.99 35.04
CA ALA D 165 -6.82 21.17 34.22
C ALA D 165 -6.74 22.57 33.65
N ARG D 166 -7.77 23.01 32.91
CA ARG D 166 -7.71 24.29 32.22
C ARG D 166 -7.72 25.48 33.17
N GLY D 167 -8.25 25.32 34.37
CA GLY D 167 -8.23 26.41 35.33
C GLY D 167 -9.61 26.81 35.84
N THR D 168 -10.58 25.93 35.66
CA THR D 168 -11.93 26.21 36.14
C THR D 168 -11.96 26.33 37.65
N SER D 169 -12.75 27.28 38.15
CA SER D 169 -12.87 27.48 39.59
C SER D 169 -13.32 26.21 40.28
N LYS D 170 -12.89 26.05 41.54
CA LYS D 170 -13.16 24.82 42.28
C LYS D 170 -14.54 24.84 42.92
N ARG D 171 -14.99 26.01 43.39
CA ARG D 171 -16.32 26.10 43.99
C ARG D 171 -17.40 25.82 42.96
N ALA D 172 -17.22 26.30 41.73
CA ALA D 172 -18.14 25.96 40.65
C ALA D 172 -18.15 24.46 40.40
N VAL D 173 -16.98 23.83 40.48
CA VAL D 173 -16.90 22.38 40.29
C VAL D 173 -17.72 21.65 41.34
N ILE D 174 -17.53 22.01 42.62
CA ILE D 174 -18.23 21.28 43.68
C ILE D 174 -19.72 21.60 43.65
N ALA D 175 -20.10 22.82 43.24
CA ALA D 175 -21.51 23.15 43.13
C ALA D 175 -22.17 22.35 42.01
N GLY D 176 -21.49 22.19 40.88
CA GLY D 176 -22.02 21.35 39.83
C GLY D 176 -22.11 19.89 40.24
N LEU D 177 -21.10 19.41 40.98
CA LEU D 177 -21.16 18.07 41.55
C LEU D 177 -22.44 17.88 42.37
N PHE D 178 -22.68 18.79 43.32
CA PHE D 178 -23.82 18.64 44.20
C PHE D 178 -25.14 18.80 43.46
N LYS D 179 -25.19 19.69 42.46
CA LYS D 179 -26.42 19.87 41.70
C LYS D 179 -26.75 18.63 40.86
N THR D 180 -25.74 18.05 40.21
CA THR D 180 -25.95 16.80 39.48
C THR D 180 -26.39 15.69 40.42
N THR D 181 -25.74 15.56 41.57
CA THR D 181 -26.12 14.53 42.53
C THR D 181 -27.56 14.72 43.01
N ALA D 182 -27.97 15.97 43.21
CA ALA D 182 -29.32 16.22 43.70
C ALA D 182 -30.36 15.95 42.62
N LYS D 183 -30.06 16.29 41.37
CA LYS D 183 -30.99 15.98 40.28
C LYS D 183 -31.16 14.46 40.14
N ARG D 184 -30.05 13.73 40.18
CA ARG D 184 -30.13 12.27 40.12
C ARG D 184 -30.89 11.71 41.32
N LEU D 185 -30.67 12.28 42.51
CA LEU D 185 -31.37 11.82 43.69
C LEU D 185 -32.85 12.11 43.62
N ALA D 186 -33.25 13.22 42.99
CA ALA D 186 -34.66 13.50 42.81
C ALA D 186 -35.30 12.48 41.89
N LYS D 187 -34.72 12.30 40.70
CA LYS D 187 -35.29 11.34 39.76
C LYS D 187 -35.18 9.89 40.25
N PHE D 188 -34.36 9.63 41.26
CA PHE D 188 -34.26 8.30 41.85
C PHE D 188 -35.23 8.11 43.01
N ALA D 189 -35.43 9.13 43.84
CA ALA D 189 -36.34 9.04 44.97
C ALA D 189 -37.80 9.13 44.55
N GLU D 190 -38.08 9.76 43.40
CA GLU D 190 -39.43 9.74 42.85
C GLU D 190 -39.52 8.55 41.88
N SER D 191 -39.60 7.35 42.46
CA SER D 191 -39.58 6.12 41.68
C SER D 191 -40.73 5.19 42.05
N LEU D 192 -40.81 4.81 43.33
CA LEU D 192 -41.85 3.90 43.80
C LEU D 192 -43.23 4.55 43.88
N GLY D 193 -43.35 5.79 43.42
CA GLY D 193 -44.61 6.50 43.45
C GLY D 193 -44.43 7.98 43.18
N LYS D 194 -45.22 8.81 43.87
CA LYS D 194 -45.10 10.27 43.79
C LYS D 194 -45.10 10.80 45.22
N PRO D 195 -43.94 10.77 45.89
CA PRO D 195 -43.90 11.12 47.31
C PRO D 195 -44.33 12.56 47.56
N ARG D 196 -45.19 12.74 48.55
CA ARG D 196 -45.60 14.07 49.00
C ARG D 196 -44.98 14.44 50.35
N LYS D 197 -43.98 13.68 50.80
CA LYS D 197 -43.21 13.94 52.00
C LYS D 197 -42.11 12.89 52.08
N LEU D 198 -40.90 13.30 52.48
CA LEU D 198 -39.74 12.43 52.40
C LEU D 198 -38.87 12.57 53.65
N ILE D 199 -38.20 11.48 54.00
CA ILE D 199 -37.17 11.46 55.04
C ILE D 199 -35.81 11.32 54.36
N PHE D 200 -34.83 12.10 54.83
CA PHE D 200 -33.48 12.02 54.30
C PHE D 200 -32.54 11.50 55.38
N THR D 201 -32.78 10.28 55.85
CA THR D 201 -31.90 9.65 56.82
C THR D 201 -30.64 9.14 56.13
N GLY D 202 -29.72 8.61 56.92
CA GLY D 202 -28.43 8.19 56.41
C GLY D 202 -27.44 9.33 56.35
N GLY D 203 -26.18 8.98 56.08
CA GLY D 203 -25.11 9.94 56.15
C GLY D 203 -25.23 11.10 55.19
N GLY D 204 -25.80 10.86 54.00
CA GLY D 204 -25.82 11.82 52.91
C GLY D 204 -26.26 13.24 53.22
N ALA D 205 -26.93 13.45 54.35
CA ALA D 205 -27.47 14.76 54.69
C ALA D 205 -26.64 15.50 55.74
N LYS D 206 -25.41 15.05 56.00
CA LYS D 206 -24.60 15.72 57.02
C LYS D 206 -24.23 17.13 56.58
N TYR D 207 -23.56 17.27 55.43
CA TYR D 207 -23.40 18.58 54.81
C TYR D 207 -24.64 18.84 53.95
N PRO D 208 -25.50 19.79 54.33
CA PRO D 208 -26.87 19.78 53.81
C PRO D 208 -27.04 20.25 52.38
N ALA D 209 -26.02 20.80 51.71
CA ALA D 209 -26.22 21.38 50.38
C ALA D 209 -26.90 20.40 49.43
N LEU D 210 -26.49 19.12 49.47
CA LEU D 210 -27.19 18.09 48.71
C LEU D 210 -28.65 18.02 49.09
N ARG D 211 -28.95 18.08 50.39
CA ARG D 211 -30.33 18.02 50.86
C ARG D 211 -31.14 19.22 50.39
N LEU D 212 -30.54 20.41 50.40
CA LEU D 212 -31.23 21.61 49.97
C LEU D 212 -31.57 21.54 48.49
N PHE D 213 -30.59 21.12 47.67
CA PHE D 213 -30.85 21.04 46.23
C PHE D 213 -31.85 19.94 45.91
N LEU D 214 -31.78 18.82 46.63
CA LEU D 214 -32.75 17.75 46.45
C LEU D 214 -34.15 18.19 46.87
N GLN D 215 -34.24 18.96 47.95
CA GLN D 215 -35.51 19.56 48.36
C GLN D 215 -36.07 20.46 47.27
N LYS D 216 -35.21 21.30 46.70
CA LYS D 216 -35.64 22.20 45.63
C LYS D 216 -36.16 21.42 44.43
N GLU D 217 -35.45 20.37 44.02
CA GLU D 217 -35.89 19.60 42.85
C GLU D 217 -37.15 18.80 43.15
N MET D 218 -37.27 18.27 44.37
CA MET D 218 -38.47 17.54 44.75
C MET D 218 -39.63 18.48 45.06
N GLY D 219 -39.33 19.61 45.71
CA GLY D 219 -40.37 20.52 46.16
C GLY D 219 -41.29 19.83 47.15
N VAL D 220 -40.74 19.43 48.30
CA VAL D 220 -41.46 18.60 49.25
C VAL D 220 -40.78 18.71 50.61
N GLU D 221 -41.50 18.37 51.67
CA GLU D 221 -40.98 18.43 53.03
C GLU D 221 -39.94 17.32 53.20
N VAL D 222 -38.74 17.58 52.69
CA VAL D 222 -37.61 16.68 52.90
C VAL D 222 -37.12 16.86 54.33
N VAL D 223 -37.67 16.08 55.25
CA VAL D 223 -37.33 16.23 56.65
C VAL D 223 -35.98 15.58 56.93
N VAL D 224 -35.23 16.17 57.84
CA VAL D 224 -33.97 15.62 58.30
C VAL D 224 -34.11 15.30 59.78
N PRO D 225 -33.88 14.06 60.22
CA PRO D 225 -33.61 13.83 61.63
C PRO D 225 -32.45 14.69 62.07
N PRO D 226 -32.42 15.10 63.34
CA PRO D 226 -31.36 16.04 63.76
C PRO D 226 -29.97 15.53 63.38
N GLU D 227 -29.66 14.29 63.76
CA GLU D 227 -28.45 13.65 63.31
C GLU D 227 -28.81 12.26 62.79
N PRO D 228 -28.31 11.84 61.60
CA PRO D 228 -28.96 10.75 60.87
C PRO D 228 -28.19 9.44 60.68
N SER D 229 -26.86 9.43 60.84
CA SER D 229 -26.11 8.27 60.37
C SER D 229 -26.45 7.01 61.16
N VAL D 230 -26.69 7.15 62.48
CA VAL D 230 -27.08 6.01 63.33
C VAL D 230 -28.58 5.76 63.30
N THR D 231 -29.38 6.70 62.78
CA THR D 231 -30.83 6.57 62.64
C THR D 231 -31.25 5.34 61.85
N ALA D 232 -30.33 4.63 61.21
CA ALA D 232 -30.66 3.33 60.66
C ALA D 232 -30.69 2.26 61.74
N ALA D 233 -29.59 2.13 62.50
CA ALA D 233 -29.48 1.06 63.48
C ALA D 233 -30.58 1.10 64.54
N LEU D 234 -31.28 2.24 64.65
CA LEU D 234 -32.44 2.32 65.54
C LEU D 234 -33.40 1.18 65.30
N GLY D 235 -33.66 0.85 64.02
CA GLY D 235 -34.54 -0.26 63.73
C GLY D 235 -34.02 -1.57 64.29
N ALA D 236 -32.71 -1.80 64.15
CA ALA D 236 -32.07 -2.91 64.85
C ALA D 236 -32.45 -2.90 66.32
N ALA D 237 -32.25 -1.75 66.98
CA ALA D 237 -32.63 -1.61 68.38
C ALA D 237 -34.09 -1.99 68.58
N LEU D 238 -34.96 -1.59 67.66
CA LEU D 238 -36.37 -1.95 67.76
C LEU D 238 -36.54 -3.47 67.72
N ILE D 239 -35.88 -4.14 66.77
CA ILE D 239 -35.92 -5.59 66.75
C ILE D 239 -34.92 -6.19 67.73
N ALA D 240 -34.13 -5.35 68.40
CA ALA D 240 -33.46 -5.79 69.62
C ALA D 240 -34.38 -5.77 70.82
N ARG D 241 -35.59 -5.24 70.66
CA ARG D 241 -36.60 -5.15 71.71
C ARG D 241 -37.48 -6.39 71.74
N GLU D 242 -38.07 -6.75 70.61
CA GLU D 242 -38.96 -7.91 70.54
C GLU D 242 -38.21 -9.20 70.27
N THR D 243 -37.18 -9.17 69.43
CA THR D 243 -36.38 -10.35 69.14
C THR D 243 -34.89 -10.08 69.30
N MET E 2 36.10 7.39 13.46
CA MET E 2 37.45 7.26 13.99
C MET E 2 38.43 6.82 12.90
N ASP E 3 39.02 5.64 13.08
CA ASP E 3 40.07 5.17 12.19
C ASP E 3 39.61 5.02 10.75
N ASN E 4 38.30 4.91 10.50
CA ASN E 4 37.81 4.79 9.14
C ASN E 4 38.11 6.06 8.33
N ARG E 5 37.92 7.23 8.94
CA ARG E 5 38.11 8.48 8.23
C ARG E 5 39.57 8.63 7.79
N GLU E 6 40.52 8.41 8.71
CA GLU E 6 41.92 8.53 8.35
C GLU E 6 42.37 7.40 7.43
N LEU E 7 41.76 6.22 7.55
CA LEU E 7 42.07 5.13 6.61
C LEU E 7 41.68 5.52 5.20
N TRP E 8 40.50 6.14 5.04
CA TRP E 8 40.12 6.66 3.73
C TRP E 8 41.07 7.80 3.31
N LYS E 9 41.49 8.62 4.26
CA LYS E 9 42.37 9.74 3.96
C LYS E 9 43.68 9.28 3.35
N VAL E 10 44.34 8.29 3.99
CA VAL E 10 45.67 7.89 3.54
C VAL E 10 45.61 7.26 2.15
N LEU E 11 44.50 6.63 1.79
CA LEU E 11 44.34 5.99 0.49
C LEU E 11 44.10 6.99 -0.63
N ASN E 12 44.24 8.29 -0.37
CA ASN E 12 43.96 9.35 -1.34
C ASN E 12 42.53 9.22 -1.88
N VAL E 13 41.59 9.47 -0.97
CA VAL E 13 40.18 9.43 -1.30
C VAL E 13 39.64 10.86 -1.36
N ASP E 14 38.55 11.02 -2.09
CA ASP E 14 37.78 12.25 -2.13
C ASP E 14 36.44 11.99 -1.46
N LEU E 15 36.06 12.85 -0.52
CA LEU E 15 35.08 12.50 0.50
C LEU E 15 33.70 13.11 0.30
N GLU E 16 33.58 14.31 -0.30
CA GLU E 16 32.27 14.95 -0.42
C GLU E 16 31.31 14.08 -1.22
N LYS E 17 31.68 13.76 -2.46
CA LYS E 17 30.82 12.89 -3.26
C LYS E 17 30.84 11.45 -2.75
N HIS E 18 31.85 11.06 -1.96
CA HIS E 18 31.80 9.77 -1.30
C HIS E 18 30.59 9.69 -0.36
N ASP E 19 30.41 10.71 0.48
CA ASP E 19 29.23 10.75 1.34
C ASP E 19 27.96 10.96 0.52
N GLU E 20 28.04 11.76 -0.55
CA GLU E 20 26.90 11.90 -1.45
C GLU E 20 26.42 10.56 -1.97
N PHE E 21 27.36 9.68 -2.33
CA PHE E 21 27.00 8.36 -2.85
C PHE E 21 26.53 7.43 -1.74
N LEU E 22 27.14 7.53 -0.56
CA LEU E 22 26.76 6.68 0.56
C LEU E 22 25.52 7.18 1.30
N ALA E 23 24.90 8.26 0.85
CA ALA E 23 23.76 8.81 1.58
C ALA E 23 22.55 7.87 1.62
N PRO E 24 21.95 7.47 0.51
CA PRO E 24 20.66 6.75 0.58
C PRO E 24 20.78 5.24 0.76
N VAL E 25 21.95 4.71 1.05
CA VAL E 25 22.15 3.27 1.21
C VAL E 25 21.40 2.73 2.43
N PRO E 26 21.49 3.37 3.61
CA PRO E 26 20.80 2.80 4.78
C PRO E 26 19.29 2.68 4.60
N ALA E 27 18.63 3.67 4.01
CA ALA E 27 17.18 3.59 3.84
C ALA E 27 16.79 2.48 2.88
N VAL E 28 17.54 2.35 1.77
CA VAL E 28 17.25 1.29 0.81
C VAL E 28 17.45 -0.08 1.44
N TYR E 29 18.54 -0.25 2.19
CA TYR E 29 18.78 -1.53 2.85
C TYR E 29 17.75 -1.81 3.92
N ARG E 30 17.25 -0.77 4.59
CA ARG E 30 16.21 -0.94 5.59
C ARG E 30 14.90 -1.40 4.96
N GLU E 31 14.54 -0.81 3.83
CA GLU E 31 13.28 -1.19 3.18
C GLU E 31 13.37 -2.56 2.54
N LEU E 32 14.43 -2.82 1.77
CA LEU E 32 14.49 -4.03 0.97
C LEU E 32 14.88 -5.25 1.80
N PHE E 33 15.79 -5.08 2.76
CA PHE E 33 16.36 -6.21 3.49
C PHE E 33 15.93 -6.27 4.95
N LEU E 34 16.13 -5.20 5.72
CA LEU E 34 15.94 -5.27 7.16
C LEU E 34 14.47 -5.37 7.53
N ASN E 35 13.64 -4.44 7.06
CA ASN E 35 12.22 -4.46 7.40
C ASN E 35 11.47 -5.62 6.74
N ARG E 36 12.16 -6.55 6.09
CA ARG E 36 11.54 -7.72 5.49
C ARG E 36 11.36 -8.79 6.57
N PRO E 37 10.13 -9.08 6.98
CA PRO E 37 9.92 -10.03 8.08
C PRO E 37 10.26 -11.45 7.66
N ASN E 38 10.34 -12.32 8.68
CA ASN E 38 10.56 -13.75 8.49
C ASN E 38 11.87 -14.00 7.74
N ARG E 39 12.99 -13.93 8.44
CA ARG E 39 14.31 -14.14 7.88
C ARG E 39 15.12 -15.02 8.82
N PRO E 40 16.17 -15.65 8.31
CA PRO E 40 17.10 -16.37 9.20
C PRO E 40 17.84 -15.41 10.11
N ARG E 41 18.39 -15.96 11.19
CA ARG E 41 19.20 -15.18 12.11
C ARG E 41 20.67 -15.14 11.73
N ALA E 42 21.10 -15.99 10.81
CA ALA E 42 22.47 -15.98 10.31
C ALA E 42 22.74 -14.84 9.34
N MET E 43 21.73 -14.02 9.04
CA MET E 43 21.93 -12.88 8.15
C MET E 43 22.61 -11.71 8.85
N ALA E 44 22.50 -11.61 10.17
CA ALA E 44 23.06 -10.49 10.92
C ALA E 44 24.51 -10.23 10.53
N TYR E 45 25.34 -11.28 10.56
CA TYR E 45 26.71 -11.18 10.09
C TYR E 45 26.78 -10.46 8.75
N PHE E 46 26.15 -11.04 7.73
CA PHE E 46 26.14 -10.41 6.41
C PHE E 46 25.58 -8.99 6.49
N ASP E 47 24.52 -8.80 7.28
CA ASP E 47 23.99 -7.46 7.48
C ASP E 47 25.09 -6.51 7.94
N ALA E 48 25.83 -6.91 8.98
CA ALA E 48 26.93 -6.07 9.46
C ALA E 48 27.97 -5.86 8.36
N VAL E 49 28.21 -6.88 7.54
CA VAL E 49 29.18 -6.74 6.46
C VAL E 49 28.76 -5.62 5.51
N VAL E 50 27.45 -5.43 5.34
CA VAL E 50 27.02 -4.31 4.51
C VAL E 50 27.02 -3.01 5.29
N GLY E 51 26.76 -3.08 6.61
CA GLY E 51 26.74 -1.88 7.42
C GLY E 51 28.07 -1.19 7.55
N ASP E 52 29.17 -1.92 7.35
CA ASP E 52 30.52 -1.36 7.44
C ASP E 52 31.37 -1.96 6.32
N ILE E 53 30.84 -1.92 5.09
CA ILE E 53 31.51 -2.52 3.95
C ILE E 53 32.75 -1.73 3.55
N HIS E 54 32.87 -0.49 4.01
CA HIS E 54 34.05 0.33 3.75
C HIS E 54 34.90 0.52 5.01
N GLY E 55 34.97 -0.50 5.85
CA GLY E 55 35.68 -0.39 7.10
C GLY E 55 36.60 -1.55 7.44
N ILE E 56 36.05 -2.56 8.14
CA ILE E 56 36.88 -3.64 8.67
C ILE E 56 37.65 -4.34 7.56
N ARG E 57 37.00 -4.58 6.42
CA ARG E 57 37.66 -5.31 5.35
C ARG E 57 38.75 -4.47 4.68
N VAL E 58 38.48 -3.19 4.43
CA VAL E 58 39.51 -2.31 3.91
C VAL E 58 40.64 -2.16 4.92
N HIS E 59 40.30 -2.19 6.22
CA HIS E 59 41.33 -2.21 7.25
C HIS E 59 42.25 -3.41 7.09
N GLU E 60 41.66 -4.60 6.97
CA GLU E 60 42.46 -5.81 6.80
C GLU E 60 43.31 -5.74 5.54
N LEU E 61 42.74 -5.25 4.44
CA LEU E 61 43.48 -5.18 3.18
C LEU E 61 44.66 -4.22 3.29
N TYR E 62 44.44 -3.02 3.84
CA TYR E 62 45.53 -2.06 3.94
C TYR E 62 46.58 -2.51 4.95
N ASN E 63 46.19 -3.23 6.00
CA ASN E 63 47.18 -3.74 6.94
C ASN E 63 47.99 -4.87 6.33
N LEU E 64 47.36 -5.71 5.50
CA LEU E 64 48.10 -6.73 4.76
C LEU E 64 49.02 -6.11 3.73
N LYS E 65 48.67 -4.91 3.24
CA LYS E 65 49.49 -4.26 2.23
C LYS E 65 50.89 -3.95 2.74
N GLN E 66 51.01 -3.51 3.99
CA GLN E 66 52.29 -3.08 4.53
C GLN E 66 53.16 -4.24 5.01
N GLU E 67 52.64 -5.47 5.02
CA GLU E 67 53.41 -6.64 5.42
C GLU E 67 54.26 -7.20 4.28
N GLY E 68 54.32 -6.51 3.15
CA GLY E 68 55.02 -6.99 1.97
C GLY E 68 54.13 -7.67 0.96
N LYS E 69 52.94 -8.08 1.35
CA LYS E 69 51.99 -8.71 0.45
C LYS E 69 51.15 -7.63 -0.25
N LYS E 70 50.63 -7.98 -1.41
CA LYS E 70 49.90 -7.05 -2.26
C LYS E 70 48.47 -7.54 -2.47
N VAL E 71 47.72 -6.82 -3.31
CA VAL E 71 46.34 -7.15 -3.62
C VAL E 71 46.17 -7.14 -5.13
N PHE E 72 45.15 -7.87 -5.59
CA PHE E 72 44.84 -7.99 -7.01
C PHE E 72 43.36 -7.77 -7.23
N ALA E 73 43.02 -6.87 -8.15
CA ALA E 73 41.65 -6.53 -8.47
C ALA E 73 41.27 -7.16 -9.81
N THR E 74 40.15 -7.88 -9.84
CA THR E 74 39.70 -8.57 -11.03
C THR E 74 38.24 -8.21 -11.32
N PHE E 75 37.77 -8.65 -12.48
CA PHE E 75 36.40 -8.43 -12.90
C PHE E 75 35.69 -9.68 -13.39
N CYS E 76 36.41 -10.72 -13.78
CA CYS E 76 35.82 -11.96 -14.28
C CYS E 76 36.14 -13.11 -13.34
N VAL E 77 35.43 -14.23 -13.54
CA VAL E 77 35.65 -15.43 -12.75
C VAL E 77 36.69 -16.36 -13.38
N TYR E 78 37.20 -16.02 -14.57
CA TYR E 78 38.18 -16.87 -15.22
C TYR E 78 39.59 -16.71 -14.66
N VAL E 79 39.88 -15.58 -14.03
CA VAL E 79 41.21 -15.38 -13.45
C VAL E 79 41.41 -16.37 -12.31
N PRO E 80 42.52 -17.10 -12.29
CA PRO E 80 42.75 -18.06 -11.19
C PRO E 80 43.10 -17.37 -9.88
N GLU E 81 42.12 -17.22 -8.99
CA GLU E 81 42.41 -16.65 -7.69
C GLU E 81 43.13 -17.63 -6.77
N GLU E 82 43.20 -18.91 -7.15
CA GLU E 82 43.97 -19.87 -6.36
C GLU E 82 45.45 -19.51 -6.37
N ILE E 83 45.98 -19.13 -7.53
CA ILE E 83 47.38 -18.71 -7.62
C ILE E 83 47.63 -17.49 -6.74
N ILE E 84 46.70 -16.54 -6.74
CA ILE E 84 46.88 -15.31 -5.96
C ILE E 84 46.83 -15.62 -4.47
N ASN E 85 45.86 -16.42 -4.04
CA ASN E 85 45.68 -16.71 -2.62
C ASN E 85 46.64 -17.77 -2.10
N ALA E 86 47.39 -18.44 -2.98
CA ALA E 86 48.44 -19.34 -2.52
C ALA E 86 49.68 -18.61 -2.03
N THR E 87 49.83 -17.33 -2.40
CA THR E 87 50.96 -16.51 -1.98
C THR E 87 50.61 -15.55 -0.85
N GLY E 88 49.53 -15.83 -0.12
CA GLY E 88 49.14 -15.00 1.00
C GLY E 88 48.54 -13.66 0.63
N SER E 89 48.46 -13.31 -0.65
CA SER E 89 47.88 -12.05 -1.07
C SER E 89 46.36 -12.17 -1.10
N ALA E 90 45.70 -11.09 -1.56
CA ALA E 90 44.26 -11.04 -1.62
C ALA E 90 43.80 -10.81 -3.07
N CYS E 91 42.54 -11.17 -3.33
CA CYS E 91 41.94 -11.05 -4.65
C CYS E 91 40.51 -10.58 -4.48
N ILE E 92 40.24 -9.35 -4.90
CA ILE E 92 38.91 -8.75 -4.74
C ILE E 92 38.35 -8.41 -6.11
N GLY E 93 37.01 -8.42 -6.18
CA GLY E 93 36.29 -8.09 -7.41
C GLY E 93 35.67 -6.70 -7.31
N LEU E 94 35.90 -5.90 -8.34
CA LEU E 94 35.44 -4.52 -8.37
C LEU E 94 34.24 -4.31 -9.29
N CYS E 95 33.47 -5.35 -9.54
CA CYS E 95 32.25 -5.23 -10.34
C CYS E 95 31.24 -4.39 -9.58
N GLY E 96 31.10 -3.13 -9.97
CA GLY E 96 30.18 -2.22 -9.33
C GLY E 96 28.93 -2.01 -10.15
N GLY E 97 27.87 -1.58 -9.47
CA GLY E 97 26.59 -1.36 -10.12
C GLY E 97 25.80 -0.21 -9.55
N ALA E 98 26.09 1.00 -10.01
CA ALA E 98 25.38 2.19 -9.55
C ALA E 98 25.45 3.27 -10.63
N GLN E 99 24.43 4.12 -10.66
CA GLN E 99 24.36 5.21 -11.62
C GLN E 99 25.25 6.38 -11.24
N TYR E 100 25.57 6.53 -9.95
CA TYR E 100 26.28 7.72 -9.48
C TYR E 100 27.61 7.92 -10.19
N THR E 101 28.26 6.84 -10.60
CA THR E 101 29.55 6.92 -11.28
C THR E 101 29.45 6.79 -12.79
N VAL E 102 28.25 6.58 -13.33
CA VAL E 102 28.11 6.41 -14.78
C VAL E 102 28.52 7.66 -15.55
N PRO E 103 28.04 8.86 -15.23
CA PRO E 103 28.43 10.04 -16.04
C PRO E 103 29.93 10.26 -16.09
N ALA E 104 30.62 10.12 -14.96
CA ALA E 104 32.08 10.23 -14.96
C ALA E 104 32.69 9.22 -15.91
N GLY E 105 32.30 7.95 -15.79
CA GLY E 105 32.75 6.95 -16.75
C GLY E 105 32.38 7.28 -18.17
N GLU E 106 31.30 8.04 -18.37
CA GLU E 106 30.87 8.44 -19.70
C GLU E 106 31.74 9.55 -20.30
N THR E 107 32.73 10.05 -19.55
CA THR E 107 33.63 11.05 -20.12
C THR E 107 34.64 10.42 -21.07
N VAL E 108 35.17 9.24 -20.71
CA VAL E 108 36.13 8.53 -21.54
C VAL E 108 35.53 7.32 -22.22
N LEU E 109 34.27 6.98 -21.93
CA LEU E 109 33.60 5.85 -22.55
C LEU E 109 32.39 6.33 -23.34
N PRO E 110 31.99 5.59 -24.38
CA PRO E 110 30.75 5.92 -25.07
C PRO E 110 29.55 5.65 -24.17
N ARG E 111 28.54 6.52 -24.27
CA ARG E 111 27.33 6.33 -23.49
C ARG E 111 26.52 5.13 -23.97
N ASN E 112 26.78 4.65 -25.19
CA ASN E 112 26.15 3.43 -25.71
C ASN E 112 26.97 2.20 -25.38
N LEU E 113 27.43 2.11 -24.14
CA LEU E 113 28.22 0.99 -23.65
C LEU E 113 27.52 0.35 -22.45
N CYS E 114 28.07 -0.76 -21.99
CA CYS E 114 27.48 -1.46 -20.87
C CYS E 114 27.60 -0.64 -19.58
N PRO E 115 26.58 -0.65 -18.73
CA PRO E 115 26.65 0.17 -17.50
C PRO E 115 27.69 -0.31 -16.50
N LEU E 116 28.09 -1.59 -16.54
CA LEU E 116 29.10 -2.06 -15.60
C LEU E 116 30.44 -1.39 -15.84
N ILE E 117 30.87 -1.32 -17.11
CA ILE E 117 32.16 -0.71 -17.44
C ILE E 117 32.14 0.78 -17.11
N LYS E 118 31.03 1.46 -17.44
CA LYS E 118 30.94 2.88 -17.14
C LYS E 118 30.96 3.14 -15.64
N SER E 119 30.25 2.32 -14.86
CA SER E 119 30.23 2.50 -13.42
C SER E 119 31.60 2.25 -12.81
N ALA E 120 32.30 1.22 -13.28
CA ALA E 120 33.64 0.94 -12.75
C ALA E 120 34.63 2.04 -13.14
N MET E 121 34.55 2.54 -14.38
CA MET E 121 35.42 3.62 -14.80
C MET E 121 35.16 4.89 -13.98
N GLY E 122 33.89 5.14 -13.65
CA GLY E 122 33.59 6.26 -12.78
C GLY E 122 34.12 6.07 -11.36
N PHE E 123 33.97 4.86 -10.82
CA PHE E 123 34.54 4.54 -9.51
C PHE E 123 36.04 4.81 -9.50
N LYS E 124 36.73 4.47 -10.59
CA LYS E 124 38.17 4.70 -10.65
C LYS E 124 38.49 6.18 -10.78
N ILE E 125 37.79 6.89 -11.67
CA ILE E 125 38.16 8.26 -11.99
C ILE E 125 37.84 9.19 -10.82
N GLU E 126 36.65 9.06 -10.23
CA GLU E 126 36.24 9.98 -9.18
C GLU E 126 36.83 9.66 -7.81
N ARG E 127 37.49 8.51 -7.66
CA ARG E 127 38.13 8.12 -6.39
C ARG E 127 37.09 7.99 -5.28
N ILE E 128 36.09 7.15 -5.52
CA ILE E 128 35.00 6.95 -4.58
C ILE E 128 35.13 5.61 -3.85
N CYS E 129 35.45 4.54 -4.57
CA CYS E 129 35.50 3.21 -3.98
C CYS E 129 36.86 2.99 -3.32
N PRO E 130 36.90 2.77 -2.00
CA PRO E 130 38.19 2.47 -1.36
C PRO E 130 38.81 1.17 -1.83
N TYR E 131 37.98 0.21 -2.27
CA TYR E 131 38.51 -1.03 -2.82
C TYR E 131 39.29 -0.78 -4.11
N PHE E 132 38.84 0.18 -4.91
CA PHE E 132 39.61 0.56 -6.09
C PHE E 132 40.84 1.37 -5.73
N GLN E 133 40.87 1.97 -4.53
CA GLN E 133 42.03 2.75 -4.11
C GLN E 133 43.12 1.87 -3.52
N VAL E 134 42.74 0.83 -2.77
CA VAL E 134 43.73 -0.11 -2.24
C VAL E 134 44.27 -1.06 -3.30
N ALA E 135 43.78 -0.95 -4.53
CA ALA E 135 44.15 -1.89 -5.59
C ALA E 135 45.61 -1.70 -6.00
N ASP E 136 46.43 -2.72 -5.78
CA ASP E 136 47.80 -2.71 -6.27
C ASP E 136 47.84 -2.90 -7.78
N TYR E 137 47.04 -3.84 -8.29
CA TYR E 137 46.95 -4.11 -9.71
C TYR E 137 45.51 -4.37 -10.09
N VAL E 138 45.26 -4.39 -11.40
CA VAL E 138 43.98 -4.80 -11.96
C VAL E 138 44.26 -5.89 -12.99
N VAL E 139 43.54 -7.00 -12.89
CA VAL E 139 43.73 -8.15 -13.77
C VAL E 139 42.50 -8.24 -14.68
N GLY E 140 42.70 -7.97 -15.97
CA GLY E 140 41.65 -8.03 -16.95
C GLY E 140 41.76 -9.25 -17.85
N GLU E 141 40.80 -9.36 -18.76
CA GLU E 141 40.73 -10.48 -19.69
C GLU E 141 40.09 -9.98 -20.98
N THR E 142 40.07 -10.87 -21.98
CA THR E 142 39.55 -10.54 -23.31
C THR E 142 38.19 -11.20 -23.49
N THR E 143 37.18 -10.63 -22.84
CA THR E 143 35.81 -11.11 -22.99
C THR E 143 35.06 -10.25 -24.01
N CYS E 144 34.14 -9.41 -23.54
CA CYS E 144 33.41 -8.54 -24.43
C CYS E 144 34.33 -7.44 -24.97
N ASP E 145 33.91 -6.82 -26.06
CA ASP E 145 34.69 -5.74 -26.66
C ASP E 145 34.82 -4.55 -25.70
N GLY E 146 33.77 -4.28 -24.92
CA GLY E 146 33.79 -3.20 -23.96
C GLY E 146 34.96 -3.23 -23.01
N LYS E 147 35.04 -4.29 -22.20
CA LYS E 147 36.12 -4.39 -21.22
C LYS E 147 37.48 -4.51 -21.89
N LYS E 148 37.55 -5.26 -23.00
CA LYS E 148 38.82 -5.45 -23.69
C LYS E 148 39.41 -4.13 -24.15
N LYS E 149 38.58 -3.26 -24.76
CA LYS E 149 39.08 -1.97 -25.20
C LYS E 149 39.16 -0.95 -24.07
N ALA E 150 38.42 -1.15 -22.97
CA ALA E 150 38.47 -0.22 -21.86
C ALA E 150 39.64 -0.46 -20.93
N TRP E 151 40.24 -1.66 -20.96
CA TRP E 151 41.44 -1.88 -20.16
C TRP E 151 42.59 -0.99 -20.62
N GLU E 152 42.63 -0.67 -21.91
CA GLU E 152 43.66 0.24 -22.42
C GLU E 152 43.47 1.66 -21.89
N ILE E 153 42.24 2.03 -21.53
CA ILE E 153 42.00 3.33 -20.92
C ILE E 153 42.28 3.26 -19.43
N LEU E 154 41.92 2.14 -18.79
CA LEU E 154 42.14 1.97 -17.36
C LEU E 154 43.62 1.85 -17.01
N ASN E 155 44.46 1.41 -17.97
CA ASN E 155 45.87 1.25 -17.69
C ASN E 155 46.54 2.57 -17.30
N GLU E 156 46.00 3.70 -17.78
CA GLU E 156 46.61 4.98 -17.46
C GLU E 156 46.36 5.40 -16.02
N TYR E 157 45.22 4.98 -15.43
CA TYR E 157 44.91 5.31 -14.05
C TYR E 157 45.46 4.31 -13.05
N ILE E 158 45.76 3.09 -13.50
CA ILE E 158 46.28 2.02 -12.64
C ILE E 158 46.82 0.93 -13.55
N PRO E 159 47.98 0.33 -13.24
CA PRO E 159 48.52 -0.72 -14.11
C PRO E 159 47.55 -1.90 -14.24
N VAL E 160 47.47 -2.45 -15.45
CA VAL E 160 46.53 -3.51 -15.78
C VAL E 160 47.27 -4.65 -16.47
N TYR E 161 47.05 -5.87 -15.99
CA TYR E 161 47.52 -7.08 -16.67
C TYR E 161 46.35 -7.74 -17.37
N VAL E 162 46.55 -8.12 -18.64
CA VAL E 162 45.48 -8.64 -19.47
C VAL E 162 45.80 -10.09 -19.84
N MET E 163 44.87 -10.99 -19.54
CA MET E 163 44.95 -12.38 -19.97
C MET E 163 44.13 -12.58 -21.23
N GLU E 164 44.60 -13.47 -22.10
CA GLU E 164 43.94 -13.74 -23.37
C GLU E 164 43.16 -15.05 -23.24
N LEU E 165 41.85 -14.96 -23.20
CA LEU E 165 40.97 -16.12 -23.13
C LEU E 165 40.59 -16.57 -24.53
N PRO E 166 40.68 -17.86 -24.84
CA PRO E 166 40.27 -18.33 -26.17
C PRO E 166 38.79 -18.12 -26.41
N GLN E 167 38.41 -18.15 -27.69
CA GLN E 167 37.03 -17.94 -28.10
C GLN E 167 36.29 -19.24 -28.40
N LYS E 168 36.97 -20.38 -28.33
CA LYS E 168 36.34 -21.69 -28.53
C LYS E 168 36.85 -22.65 -27.46
N LYS E 169 36.34 -23.88 -27.49
CA LYS E 169 36.64 -24.88 -26.48
C LYS E 169 37.35 -26.09 -27.08
N GLU E 170 38.11 -25.89 -28.16
CA GLU E 170 38.82 -26.99 -28.80
C GLU E 170 40.08 -27.32 -28.01
N GLU E 171 40.91 -28.23 -28.55
CA GLU E 171 42.12 -28.64 -27.84
C GLU E 171 43.21 -27.60 -27.93
N ARG E 172 43.42 -27.03 -29.11
CA ARG E 172 44.40 -25.95 -29.26
C ARG E 172 44.07 -24.80 -28.32
N ASP E 173 42.78 -24.47 -28.19
CA ASP E 173 42.36 -23.43 -27.25
C ASP E 173 42.70 -23.83 -25.82
N ARG E 174 42.56 -25.12 -25.49
CA ARG E 174 42.86 -25.58 -24.13
C ARG E 174 44.35 -25.42 -23.82
N LYS E 175 45.22 -25.82 -24.74
CA LYS E 175 46.65 -25.65 -24.48
C LYS E 175 47.06 -24.18 -24.48
N PHE E 176 46.41 -23.36 -25.32
CA PHE E 176 46.65 -21.92 -25.30
C PHE E 176 46.29 -21.33 -23.94
N TRP E 177 45.15 -21.74 -23.38
CA TRP E 177 44.75 -21.25 -22.07
C TRP E 177 45.69 -21.75 -20.98
N GLU E 178 46.18 -22.98 -21.11
CA GLU E 178 47.17 -23.47 -20.15
C GLU E 178 48.43 -22.61 -20.17
N GLU E 179 48.90 -22.24 -21.37
CA GLU E 179 50.06 -21.37 -21.46
C GLU E 179 49.79 -20.00 -20.86
N GLU E 180 48.59 -19.45 -21.13
CA GLU E 180 48.23 -18.16 -20.53
C GLU E 180 48.21 -18.24 -19.01
N ILE E 181 47.72 -19.35 -18.46
CA ILE E 181 47.69 -19.53 -17.02
C ILE E 181 49.10 -19.60 -16.46
N LYS E 182 50.00 -20.30 -17.15
CA LYS E 182 51.39 -20.35 -16.69
C LYS E 182 52.02 -18.96 -16.71
N ASP E 183 51.73 -18.16 -17.74
CA ASP E 183 52.28 -16.81 -17.81
C ASP E 183 51.74 -15.94 -16.67
N PHE E 184 50.45 -16.04 -16.38
CA PHE E 184 49.90 -15.29 -15.26
C PHE E 184 50.52 -15.75 -13.94
N ALA E 185 50.81 -17.04 -13.82
CA ALA E 185 51.47 -17.55 -12.63
C ALA E 185 52.85 -16.93 -12.47
N GLN E 186 53.62 -16.85 -13.56
CA GLN E 186 54.94 -16.21 -13.48
CA GLN E 186 54.94 -16.21 -13.48
C GLN E 186 54.81 -14.74 -13.12
N PHE E 187 53.79 -14.05 -13.66
CA PHE E 187 53.58 -12.65 -13.33
C PHE E 187 53.30 -12.47 -11.84
N VAL E 188 52.44 -13.31 -11.28
CA VAL E 188 52.13 -13.22 -9.85
C VAL E 188 53.35 -13.56 -9.02
N GLU E 189 54.16 -14.53 -9.45
CA GLU E 189 55.36 -14.87 -8.70
C GLU E 189 56.36 -13.72 -8.71
N GLU E 190 56.48 -13.02 -9.84
CA GLU E 190 57.33 -11.84 -9.88
C GLU E 190 56.83 -10.76 -8.93
N LYS E 191 55.52 -10.48 -8.97
CA LYS E 191 54.99 -9.36 -8.22
C LYS E 191 55.02 -9.62 -6.71
N THR E 192 54.47 -10.75 -6.28
CA THR E 192 54.42 -11.04 -4.84
C THR E 192 55.78 -11.44 -4.30
N GLY E 193 56.62 -12.08 -5.12
CA GLY E 193 57.93 -12.52 -4.67
C GLY E 193 57.94 -13.86 -3.98
N VAL E 194 56.87 -14.64 -4.05
CA VAL E 194 56.75 -15.93 -3.40
C VAL E 194 56.85 -17.01 -4.46
N LYS E 195 57.72 -17.99 -4.24
CA LYS E 195 57.88 -19.11 -5.17
C LYS E 195 56.79 -20.14 -4.91
N LEU E 196 56.16 -20.61 -6.00
CA LEU E 196 55.05 -21.55 -5.90
C LEU E 196 55.60 -22.97 -5.82
N ASN E 197 55.48 -23.59 -4.65
CA ASN E 197 55.79 -25.00 -4.50
C ASN E 197 54.49 -25.81 -4.44
N ALA E 198 54.53 -26.97 -3.79
CA ALA E 198 53.33 -27.81 -3.72
C ALA E 198 52.46 -27.47 -2.53
N GLU E 199 53.06 -27.18 -1.38
CA GLU E 199 52.30 -26.96 -0.15
C GLU E 199 51.41 -25.73 -0.28
N ASN E 200 51.99 -24.59 -0.66
CA ASN E 200 51.22 -23.34 -0.74
C ASN E 200 50.13 -23.43 -1.79
N LEU E 201 50.44 -23.98 -2.96
CA LEU E 201 49.46 -24.06 -4.03
C LEU E 201 48.33 -25.01 -3.69
N ARG E 202 48.64 -26.16 -3.09
CA ARG E 202 47.60 -27.08 -2.65
C ARG E 202 46.71 -26.43 -1.60
N ALA E 203 47.33 -25.72 -0.65
CA ALA E 203 46.55 -25.05 0.39
C ALA E 203 45.63 -23.99 -0.20
N GLY E 204 46.12 -23.23 -1.18
CA GLY E 204 45.28 -22.21 -1.79
C GLY E 204 44.12 -22.80 -2.58
N ILE E 205 44.39 -23.85 -3.36
CA ILE E 205 43.31 -24.53 -4.07
C ILE E 205 42.27 -25.05 -3.09
N GLU E 206 42.72 -25.62 -1.97
CA GLU E 206 41.79 -26.11 -0.95
C GLU E 206 40.96 -24.97 -0.37
N LYS E 207 41.60 -23.84 -0.09
CA LYS E 207 40.90 -22.70 0.50
C LYS E 207 39.85 -22.13 -0.44
N ILE E 208 40.11 -22.16 -1.75
CA ILE E 208 39.12 -21.68 -2.70
C ILE E 208 37.98 -22.69 -2.86
N ASN E 209 38.33 -23.99 -2.94
CA ASN E 209 37.31 -25.02 -3.06
C ASN E 209 36.39 -25.04 -1.85
N LYS E 210 36.88 -24.65 -0.68
CA LYS E 210 36.03 -24.61 0.51
C LYS E 210 34.88 -23.62 0.32
N LYS E 211 35.20 -22.39 -0.10
CA LYS E 211 34.16 -21.39 -0.34
C LYS E 211 33.23 -21.79 -1.47
N ARG E 212 33.81 -22.31 -2.57
CA ARG E 212 32.95 -22.71 -3.69
C ARG E 212 32.00 -23.83 -3.29
N LYS E 213 32.48 -24.78 -2.47
CA LYS E 213 31.63 -25.87 -2.02
C LYS E 213 30.55 -25.37 -1.06
N ALA E 214 30.89 -24.41 -0.19
CA ALA E 214 29.87 -23.84 0.68
C ALA E 214 28.76 -23.18 -0.13
N LEU E 215 29.14 -22.41 -1.16
CA LEU E 215 28.12 -21.78 -2.00
C LEU E 215 27.32 -22.81 -2.78
N LYS E 216 27.96 -23.89 -3.22
CA LYS E 216 27.25 -24.96 -3.93
C LYS E 216 26.21 -25.60 -3.02
N ARG E 217 26.58 -25.88 -1.77
CA ARG E 217 25.64 -26.44 -0.81
C ARG E 217 24.47 -25.49 -0.58
N LEU E 218 24.77 -24.20 -0.36
CA LEU E 218 23.69 -23.24 -0.17
C LEU E 218 22.75 -23.19 -1.37
N SER E 219 23.31 -23.26 -2.59
CA SER E 219 22.47 -23.23 -3.78
C SER E 219 21.59 -24.46 -3.88
N ASP E 220 22.13 -25.64 -3.61
CA ASP E 220 21.30 -26.84 -3.63
C ASP E 220 20.26 -26.83 -2.52
N LEU E 221 20.47 -26.04 -1.46
CA LEU E 221 19.49 -25.93 -0.39
C LEU E 221 18.20 -25.19 -0.80
N ARG E 222 18.08 -24.73 -2.04
CA ARG E 222 16.95 -23.91 -2.46
C ARG E 222 15.94 -24.67 -3.31
N LYS E 223 15.94 -26.00 -3.25
CA LYS E 223 15.05 -26.82 -4.06
C LYS E 223 13.90 -27.43 -3.26
N HIS E 224 13.69 -26.97 -2.03
CA HIS E 224 12.65 -27.52 -1.17
C HIS E 224 11.41 -26.63 -1.19
N ASN E 225 10.26 -27.25 -0.96
CA ASN E 225 8.97 -26.56 -0.97
C ASN E 225 8.34 -26.65 0.41
N PRO E 226 8.08 -25.52 1.09
CA PRO E 226 8.31 -24.17 0.59
C PRO E 226 9.77 -23.73 0.70
N ALA E 227 10.15 -22.75 -0.10
CA ALA E 227 11.53 -22.26 -0.06
C ALA E 227 11.82 -21.64 1.30
N PRO E 228 12.89 -22.04 1.98
CA PRO E 228 13.18 -21.51 3.32
C PRO E 228 13.84 -20.15 3.34
N ILE E 229 14.04 -19.52 2.19
CA ILE E 229 14.74 -18.24 2.13
C ILE E 229 14.39 -17.56 0.81
N HIS E 230 14.38 -16.23 0.82
CA HIS E 230 14.16 -15.46 -0.39
C HIS E 230 15.43 -15.41 -1.24
N GLY E 231 15.25 -15.07 -2.52
CA GLY E 231 16.37 -15.04 -3.43
C GLY E 231 17.27 -13.83 -3.23
N LEU E 232 16.72 -12.74 -2.69
CA LEU E 232 17.51 -11.52 -2.51
C LEU E 232 18.64 -11.75 -1.50
N ASP E 233 18.37 -12.55 -0.46
CA ASP E 233 19.40 -12.85 0.53
C ASP E 233 20.57 -13.60 -0.10
N VAL E 234 20.27 -14.65 -0.86
CA VAL E 234 21.34 -15.41 -1.50
C VAL E 234 22.06 -14.55 -2.54
N LEU E 235 21.32 -13.66 -3.20
CA LEU E 235 21.95 -12.72 -4.12
C LEU E 235 22.98 -11.86 -3.38
N LEU E 236 22.61 -11.33 -2.21
CA LEU E 236 23.54 -10.55 -1.41
C LEU E 236 24.75 -11.38 -1.01
N ILE E 237 24.52 -12.64 -0.63
CA ILE E 237 25.60 -13.53 -0.20
C ILE E 237 26.63 -13.70 -1.31
N ASN E 238 26.18 -14.14 -2.49
CA ASN E 238 27.10 -14.33 -3.61
C ASN E 238 27.67 -13.00 -4.10
N GLN E 239 26.98 -11.90 -3.85
CA GLN E 239 27.49 -10.59 -4.22
C GLN E 239 28.69 -10.29 -3.35
N LEU E 240 28.59 -10.69 -2.09
CA LEU E 240 29.59 -10.48 -1.04
C LEU E 240 30.74 -11.46 -1.10
N ALA E 241 30.64 -12.51 -1.89
CA ALA E 241 31.73 -13.49 -2.02
C ALA E 241 32.98 -12.99 -2.78
N PHE E 242 33.08 -11.70 -3.14
CA PHE E 242 34.25 -11.20 -3.90
C PHE E 242 35.16 -10.25 -3.12
N PHE E 243 34.86 -9.96 -1.87
CA PHE E 243 35.74 -9.08 -1.10
C PHE E 243 35.78 -9.45 0.37
N ASP E 244 35.31 -10.62 0.77
CA ASP E 244 35.43 -11.08 2.14
C ASP E 244 36.53 -12.14 2.24
N ASP E 245 36.92 -12.45 3.46
CA ASP E 245 37.88 -13.51 3.67
C ASP E 245 37.23 -14.85 3.37
N PRO E 246 37.88 -15.72 2.59
CA PRO E 246 37.19 -16.95 2.14
C PRO E 246 36.81 -17.89 3.27
N GLU E 247 37.68 -18.06 4.27
CA GLU E 247 37.41 -19.00 5.35
C GLU E 247 36.20 -18.55 6.19
N ARG E 248 36.21 -17.29 6.63
CA ARG E 248 35.12 -16.78 7.44
C ARG E 248 33.80 -16.78 6.66
N PHE E 249 33.85 -16.36 5.40
CA PHE E 249 32.66 -16.37 4.56
C PHE E 249 32.10 -17.78 4.41
N ALA E 250 32.98 -18.76 4.16
CA ALA E 250 32.52 -20.13 3.99
C ALA E 250 31.91 -20.68 5.28
N THR E 251 32.53 -20.38 6.43
CA THR E 251 31.99 -20.88 7.69
C THR E 251 30.65 -20.24 8.00
N LYS E 252 30.47 -18.96 7.67
CA LYS E 252 29.18 -18.33 7.90
C LYS E 252 28.11 -18.87 6.96
N VAL E 253 28.49 -19.14 5.70
CA VAL E 253 27.56 -19.79 4.78
C VAL E 253 27.15 -21.16 5.30
N ASN E 254 28.09 -21.88 5.91
CA ASN E 254 27.76 -23.20 6.44
C ASN E 254 26.87 -23.11 7.67
N GLU E 255 27.06 -22.09 8.51
CA GLU E 255 26.12 -21.85 9.62
C GLU E 255 24.72 -21.59 9.08
N LEU E 256 24.62 -20.74 8.06
CA LEU E 256 23.31 -20.46 7.46
C LEU E 256 22.71 -21.73 6.87
N CYS E 257 23.54 -22.59 6.28
CA CYS E 257 23.04 -23.84 5.73
C CYS E 257 22.55 -24.78 6.83
N ASP E 258 23.21 -24.77 7.99
CA ASP E 258 22.71 -25.55 9.13
C ASP E 258 21.34 -25.06 9.56
N GLU E 259 21.18 -23.74 9.69
CA GLU E 259 19.88 -23.20 10.06
C GLU E 259 18.83 -23.51 9.00
N LEU E 260 19.22 -23.51 7.73
CA LEU E 260 18.28 -23.84 6.67
C LEU E 260 17.91 -25.31 6.68
N GLU E 261 18.84 -26.19 7.07
CA GLU E 261 18.49 -27.59 7.28
C GLU E 261 17.46 -27.73 8.39
N GLU E 262 17.65 -26.98 9.49
CA GLU E 262 16.62 -26.94 10.52
C GLU E 262 15.28 -26.50 9.94
N ARG E 263 15.28 -25.43 9.15
CA ARG E 263 14.03 -24.91 8.58
C ARG E 263 13.38 -25.93 7.65
N VAL E 264 14.17 -26.69 6.91
CA VAL E 264 13.63 -27.68 5.98
C VAL E 264 13.04 -28.86 6.76
N ALA E 265 13.71 -29.28 7.83
CA ALA E 265 13.20 -30.41 8.62
C ALA E 265 11.88 -30.05 9.28
N LYS E 266 11.75 -28.82 9.79
CA LYS E 266 10.52 -28.39 10.44
C LYS E 266 9.43 -27.98 9.44
N GLY E 267 9.69 -28.11 8.14
CA GLY E 267 8.65 -27.92 7.14
C GLY E 267 8.09 -26.52 7.04
N GLU E 268 8.88 -25.50 7.41
CA GLU E 268 8.44 -24.12 7.34
C GLU E 268 9.24 -23.35 6.31
N GLY E 269 8.56 -22.47 5.58
CA GLY E 269 9.21 -21.65 4.57
C GLY E 269 9.01 -20.17 4.79
N VAL E 270 9.34 -19.36 3.80
CA VAL E 270 9.22 -17.91 3.92
C VAL E 270 7.95 -17.44 3.23
N VAL E 271 7.48 -18.20 2.24
CA VAL E 271 6.24 -17.91 1.53
C VAL E 271 5.52 -19.22 1.26
N SER E 272 4.22 -19.12 1.01
CA SER E 272 3.40 -20.31 0.78
C SER E 272 3.83 -21.03 -0.49
N LYS E 273 3.57 -22.34 -0.52
CA LYS E 273 4.00 -23.16 -1.64
C LYS E 273 3.32 -22.78 -2.95
N ASP E 274 2.14 -22.17 -2.89
CA ASP E 274 1.43 -21.80 -4.10
C ASP E 274 2.16 -20.72 -4.90
N ALA E 275 3.06 -19.98 -4.27
CA ALA E 275 3.74 -18.89 -4.95
C ALA E 275 4.57 -19.42 -6.11
N PRO E 276 4.55 -18.74 -7.26
CA PRO E 276 5.34 -19.22 -8.41
C PRO E 276 6.84 -19.14 -8.12
N ARG E 277 7.58 -20.05 -8.77
CA ARG E 277 9.02 -20.16 -8.58
C ARG E 277 9.72 -19.73 -9.86
N ILE E 278 10.75 -18.90 -9.72
CA ILE E 278 11.35 -18.17 -10.82
C ILE E 278 12.82 -18.55 -10.93
N LEU E 279 13.30 -18.69 -12.17
CA LEU E 279 14.71 -18.92 -12.46
C LEU E 279 15.29 -17.69 -13.17
N ILE E 280 16.44 -17.23 -12.69
CA ILE E 280 17.13 -16.08 -13.29
C ILE E 280 18.28 -16.61 -14.15
N THR E 281 18.40 -16.06 -15.35
CA THR E 281 19.48 -16.43 -16.26
C THR E 281 19.91 -15.21 -17.04
N GLY E 282 21.22 -15.10 -17.28
CA GLY E 282 21.75 -14.00 -18.05
C GLY E 282 22.96 -13.32 -17.43
N THR E 283 23.04 -11.99 -17.56
CA THR E 283 24.17 -11.23 -17.07
C THR E 283 24.13 -11.11 -15.55
N PRO E 284 25.29 -11.06 -14.90
CA PRO E 284 25.31 -10.94 -13.43
C PRO E 284 24.91 -9.54 -12.98
N GLN E 285 24.40 -9.46 -11.75
CA GLN E 285 23.98 -8.20 -11.17
C GLN E 285 24.89 -7.83 -10.01
N PRO E 286 25.78 -6.83 -10.18
CA PRO E 286 26.73 -6.49 -9.10
C PRO E 286 26.08 -5.74 -7.94
N ILE E 287 26.86 -5.34 -6.94
CA ILE E 287 26.31 -4.69 -5.75
C ILE E 287 26.36 -3.17 -5.95
N PRO E 288 25.29 -2.44 -5.59
CA PRO E 288 24.02 -2.90 -5.03
C PRO E 288 22.84 -2.91 -6.01
N HIS E 289 22.87 -3.80 -6.99
CA HIS E 289 21.82 -3.85 -8.03
C HIS E 289 20.86 -4.98 -7.67
N TRP E 290 19.88 -4.65 -6.82
CA TRP E 290 18.90 -5.63 -6.34
C TRP E 290 17.51 -5.38 -6.93
N LYS E 291 17.41 -4.63 -8.03
CA LYS E 291 16.11 -4.18 -8.52
C LYS E 291 15.24 -5.35 -8.97
N ILE E 292 15.76 -6.19 -9.85
CA ILE E 292 14.94 -7.22 -10.48
C ILE E 292 14.44 -8.22 -9.45
N HIS E 293 15.33 -8.66 -8.55
CA HIS E 293 14.93 -9.61 -7.52
C HIS E 293 13.88 -9.01 -6.60
N ALA E 294 14.07 -7.78 -6.16
CA ALA E 294 13.10 -7.14 -5.27
C ALA E 294 11.75 -6.98 -5.97
N LEU E 295 11.76 -6.63 -7.26
CA LEU E 295 10.52 -6.45 -8.00
C LEU E 295 9.79 -7.78 -8.18
N ILE E 296 10.52 -8.85 -8.49
CA ILE E 296 9.87 -10.15 -8.66
C ILE E 296 9.34 -10.67 -7.33
N GLU E 297 10.10 -10.49 -6.25
CA GLU E 297 9.64 -10.97 -4.95
C GLU E 297 8.49 -10.14 -4.41
N GLY E 298 8.42 -8.86 -4.77
CA GLY E 298 7.32 -8.01 -4.32
C GLY E 298 5.97 -8.41 -4.85
N ALA E 299 5.91 -9.27 -5.86
CA ALA E 299 4.64 -9.72 -6.45
C ALA E 299 4.40 -11.20 -6.17
N GLY E 300 4.74 -11.65 -4.96
CA GLY E 300 4.45 -13.00 -4.54
C GLY E 300 5.42 -14.05 -5.05
N GLY E 301 6.05 -13.80 -6.19
CA GLY E 301 6.98 -14.77 -6.75
C GLY E 301 8.21 -14.93 -5.89
N VAL E 302 8.82 -16.12 -5.98
CA VAL E 302 10.02 -16.46 -5.24
C VAL E 302 11.07 -16.98 -6.22
N VAL E 303 12.32 -16.57 -6.02
CA VAL E 303 13.42 -16.96 -6.89
C VAL E 303 14.20 -18.08 -6.21
N VAL E 304 14.42 -19.17 -6.93
CA VAL E 304 15.08 -20.35 -6.37
C VAL E 304 16.46 -20.58 -6.96
N GLY E 305 16.90 -19.76 -7.90
CA GLY E 305 18.22 -19.93 -8.47
C GLY E 305 18.54 -18.81 -9.45
N GLU E 306 19.82 -18.71 -9.77
CA GLU E 306 20.31 -17.74 -10.74
C GLU E 306 21.36 -18.41 -11.63
N GLU E 307 21.28 -18.13 -12.92
CA GLU E 307 22.27 -18.63 -13.87
C GLU E 307 23.20 -17.51 -14.30
N THR E 308 23.82 -16.85 -13.32
CA THR E 308 24.77 -15.77 -13.55
C THR E 308 26.10 -16.12 -12.90
N CYS E 309 27.07 -15.23 -13.03
CA CYS E 309 28.38 -15.43 -12.42
C CYS E 309 28.45 -14.84 -11.01
N ILE E 310 27.39 -14.17 -10.56
CA ILE E 310 27.16 -13.98 -9.13
C ILE E 310 26.11 -15.01 -8.75
N GLY E 311 26.27 -16.21 -9.28
CA GLY E 311 25.36 -17.32 -9.04
C GLY E 311 26.02 -18.66 -9.32
N GLU E 312 25.29 -19.57 -9.96
CA GLU E 312 25.77 -20.93 -10.14
C GLU E 312 27.08 -20.98 -10.92
N ARG E 313 27.26 -20.08 -11.88
CA ARG E 313 28.44 -20.13 -12.75
C ARG E 313 29.73 -19.80 -12.01
N TYR E 314 29.69 -19.45 -10.73
CA TYR E 314 30.90 -19.14 -9.98
C TYR E 314 31.40 -20.32 -9.14
N PHE E 315 30.51 -21.22 -8.70
CA PHE E 315 30.90 -22.28 -7.80
C PHE E 315 30.56 -23.68 -8.28
N LYS E 316 30.02 -23.83 -9.49
CA LYS E 316 29.56 -25.14 -9.93
C LYS E 316 30.73 -26.10 -10.18
N ASP E 317 31.91 -25.58 -10.49
CA ASP E 317 33.07 -26.39 -10.83
C ASP E 317 34.14 -26.23 -9.77
N LEU E 318 34.64 -27.36 -9.26
CA LEU E 318 35.76 -27.37 -8.32
C LEU E 318 37.02 -27.83 -9.05
N VAL E 319 38.16 -27.72 -8.35
CA VAL E 319 39.45 -28.02 -8.93
C VAL E 319 39.82 -29.47 -8.60
N GLU E 320 40.11 -30.25 -9.63
CA GLU E 320 40.64 -31.59 -9.41
C GLU E 320 42.07 -31.50 -8.90
N PRO E 321 42.45 -32.29 -7.90
CA PRO E 321 43.75 -32.11 -7.26
C PRO E 321 44.89 -32.77 -8.04
N ALA E 322 46.08 -32.18 -7.89
CA ALA E 322 47.30 -32.69 -8.49
C ALA E 322 48.40 -32.64 -7.44
N ALA E 323 49.51 -33.34 -7.74
CA ALA E 323 50.62 -33.46 -6.80
C ALA E 323 51.75 -32.48 -7.08
N ASP E 324 52.02 -32.19 -8.34
CA ASP E 324 53.06 -31.24 -8.73
C ASP E 324 52.45 -29.92 -9.15
N VAL E 325 53.30 -28.90 -9.23
CA VAL E 325 52.84 -27.55 -9.55
C VAL E 325 52.30 -27.48 -10.98
N GLU E 326 52.96 -28.17 -11.91
CA GLU E 326 52.51 -28.16 -13.29
C GLU E 326 51.12 -28.77 -13.41
N GLY E 327 50.90 -29.93 -12.78
CA GLY E 327 49.58 -30.55 -12.83
C GLY E 327 48.52 -29.71 -12.17
N MET E 328 48.88 -29.04 -11.06
CA MET E 328 47.90 -28.20 -10.38
C MET E 328 47.52 -27.00 -11.23
N LEU E 329 48.48 -26.39 -11.91
CA LEU E 329 48.16 -25.29 -12.82
C LEU E 329 47.30 -25.76 -13.98
N LYS E 330 47.61 -26.94 -14.52
CA LYS E 330 46.80 -27.50 -15.61
C LYS E 330 45.36 -27.73 -15.15
N ASN E 331 45.19 -28.26 -13.94
CA ASN E 331 43.85 -28.51 -13.42
C ASN E 331 43.11 -27.21 -13.15
N ILE E 332 43.82 -26.17 -12.70
CA ILE E 332 43.19 -24.87 -12.48
C ILE E 332 42.71 -24.29 -13.81
N ALA E 333 43.53 -24.39 -14.84
CA ALA E 333 43.12 -23.92 -16.17
C ALA E 333 41.89 -24.68 -16.66
N ALA E 334 41.87 -26.01 -16.45
CA ALA E 334 40.71 -26.80 -16.86
C ALA E 334 39.45 -26.37 -16.12
N ARG E 335 39.56 -26.18 -14.79
CA ARG E 335 38.42 -25.74 -14.01
C ARG E 335 37.89 -24.40 -14.51
N SER E 336 38.80 -23.46 -14.82
CA SER E 336 38.35 -22.18 -15.37
C SER E 336 37.67 -22.36 -16.71
N LEU E 337 38.20 -23.24 -17.56
CA LEU E 337 37.60 -23.44 -18.88
C LEU E 337 36.29 -24.20 -18.83
N LYS E 338 35.95 -24.84 -17.71
CA LYS E 338 34.64 -25.48 -17.60
C LYS E 338 33.48 -24.48 -17.38
N VAL E 339 33.64 -23.22 -17.76
CA VAL E 339 32.62 -22.19 -17.55
C VAL E 339 31.99 -21.85 -18.89
N ASN E 340 30.67 -21.84 -18.95
CA ASN E 340 29.92 -21.58 -20.18
C ASN E 340 29.55 -20.10 -20.21
N CYS E 341 30.45 -19.29 -20.76
CA CYS E 341 30.21 -17.87 -20.96
C CYS E 341 29.70 -17.61 -22.38
N ALA E 342 29.00 -16.48 -22.53
CA ALA E 342 28.42 -16.12 -23.82
C ALA E 342 29.46 -15.71 -24.84
N CYS E 343 30.71 -15.49 -24.44
CA CYS E 343 31.75 -15.08 -25.37
C CYS E 343 32.34 -16.23 -26.17
N PHE E 344 31.84 -17.45 -25.98
CA PHE E 344 32.29 -18.61 -26.73
C PHE E 344 31.24 -19.00 -27.75
N THR E 345 31.69 -19.60 -28.85
CA THR E 345 30.82 -20.02 -29.93
C THR E 345 31.20 -21.44 -30.35
N PRO E 346 30.26 -22.40 -30.32
CA PRO E 346 28.91 -22.21 -29.79
C PRO E 346 28.86 -22.44 -28.28
N ASN E 347 27.85 -21.91 -27.61
CA ASN E 347 27.70 -22.05 -26.16
C ASN E 347 26.45 -22.87 -25.87
N THR E 348 26.54 -24.17 -26.16
CA THR E 348 25.42 -25.09 -25.98
C THR E 348 25.33 -25.66 -24.57
N GLY E 349 26.39 -25.51 -23.76
CA GLY E 349 26.34 -26.04 -22.41
C GLY E 349 25.44 -25.25 -21.48
N ARG E 350 25.30 -23.95 -21.74
CA ARG E 350 24.40 -23.14 -20.92
C ARG E 350 22.96 -23.62 -21.06
N LEU E 351 22.59 -24.17 -22.21
CA LEU E 351 21.25 -24.72 -22.37
C LEU E 351 21.03 -25.93 -21.47
N GLU E 352 22.02 -26.83 -21.42
CA GLU E 352 21.96 -27.95 -20.49
C GLU E 352 21.84 -27.45 -19.05
N ASP E 353 22.66 -26.47 -18.69
CA ASP E 353 22.59 -25.90 -17.35
C ASP E 353 21.19 -25.37 -17.05
N ILE E 354 20.61 -24.64 -18.01
CA ILE E 354 19.30 -24.02 -17.80
C ILE E 354 18.22 -25.09 -17.61
N LEU E 355 18.22 -26.11 -18.47
CA LEU E 355 17.19 -27.14 -18.35
C LEU E 355 17.36 -27.95 -17.07
N SER E 356 18.60 -28.26 -16.69
CA SER E 356 18.84 -29.00 -15.48
C SER E 356 18.40 -28.21 -14.24
N MET E 357 18.63 -26.89 -14.26
CA MET E 357 18.16 -26.06 -13.15
C MET E 357 16.64 -25.92 -13.15
N VAL E 358 16.03 -25.89 -14.34
CA VAL E 358 14.57 -25.75 -14.42
C VAL E 358 13.89 -26.97 -13.82
N GLN E 359 14.31 -28.17 -14.22
CA GLN E 359 13.65 -29.36 -13.71
C GLN E 359 14.31 -29.93 -12.47
N LYS E 360 15.37 -29.30 -11.96
CA LYS E 360 15.95 -29.70 -10.69
C LYS E 360 15.37 -28.93 -9.51
N LEU E 361 15.12 -27.64 -9.71
CA LEU E 361 14.56 -26.78 -8.66
C LEU E 361 13.05 -26.63 -8.76
N GLN E 362 12.40 -27.32 -9.69
CA GLN E 362 10.97 -27.21 -9.94
C GLN E 362 10.56 -25.75 -10.17
N VAL E 363 10.97 -25.26 -11.33
CA VAL E 363 10.77 -23.86 -11.70
C VAL E 363 9.47 -23.72 -12.47
N ASP E 364 8.69 -22.69 -12.13
CA ASP E 364 7.45 -22.39 -12.83
C ASP E 364 7.63 -21.39 -13.96
N GLY E 365 8.67 -20.58 -13.93
CA GLY E 365 8.91 -19.60 -14.98
C GLY E 365 10.36 -19.16 -15.00
N VAL E 366 10.86 -18.88 -16.20
CA VAL E 366 12.24 -18.49 -16.41
C VAL E 366 12.26 -17.02 -16.80
N ILE E 367 13.02 -16.22 -16.06
CA ILE E 367 13.21 -14.80 -16.34
C ILE E 367 14.64 -14.60 -16.83
N HIS E 368 14.78 -14.16 -18.07
CA HIS E 368 16.09 -13.93 -18.68
C HIS E 368 16.39 -12.43 -18.62
N TYR E 369 17.18 -12.02 -17.63
CA TYR E 369 17.55 -10.64 -17.47
C TYR E 369 18.93 -10.40 -18.07
N SER E 370 19.06 -9.32 -18.84
CA SER E 370 20.32 -8.93 -19.45
C SER E 370 20.48 -7.43 -19.35
N LEU E 371 21.69 -6.99 -18.99
CA LEU E 371 21.98 -5.57 -18.92
C LEU E 371 21.87 -4.95 -20.31
N GLN E 372 21.41 -3.70 -20.35
CA GLN E 372 21.29 -2.98 -21.60
C GLN E 372 22.67 -2.83 -22.25
N PHE E 373 22.69 -2.90 -23.58
CA PHE E 373 23.90 -2.78 -24.39
C PHE E 373 24.88 -3.93 -24.18
N CYS E 374 24.40 -5.09 -23.74
CA CYS E 374 25.23 -6.29 -23.69
C CYS E 374 25.04 -7.07 -24.99
N GLN E 375 26.05 -7.04 -25.85
CA GLN E 375 25.90 -7.67 -27.16
C GLN E 375 25.85 -9.19 -27.10
N PRO E 376 26.79 -9.90 -26.46
CA PRO E 376 26.78 -11.37 -26.56
C PRO E 376 25.54 -12.01 -25.96
N TYR E 377 25.19 -11.66 -24.72
CA TYR E 377 23.98 -12.20 -24.11
C TYR E 377 22.74 -11.73 -24.85
N GLY E 378 22.75 -10.48 -25.33
CA GLY E 378 21.63 -9.97 -26.08
C GLY E 378 21.35 -10.74 -27.35
N VAL E 379 22.39 -11.26 -27.99
CA VAL E 379 22.18 -12.05 -29.20
C VAL E 379 21.86 -13.51 -28.84
N GLU E 380 22.49 -14.05 -27.80
CA GLU E 380 22.28 -15.45 -27.44
C GLU E 380 20.89 -15.68 -26.83
N SER E 381 20.27 -14.64 -26.27
CA SER E 381 18.94 -14.77 -25.70
C SER E 381 17.93 -15.26 -26.73
N TYR E 382 18.10 -14.88 -28.00
CA TYR E 382 17.18 -15.34 -29.04
C TYR E 382 17.19 -16.85 -29.14
N LEU E 383 18.36 -17.46 -29.25
CA LEU E 383 18.44 -18.91 -29.35
C LEU E 383 17.96 -19.58 -28.07
N VAL E 384 18.33 -19.02 -26.91
CA VAL E 384 17.90 -19.64 -25.65
C VAL E 384 16.39 -19.65 -25.54
N GLY E 385 15.74 -18.53 -25.88
CA GLY E 385 14.30 -18.47 -25.82
C GLY E 385 13.62 -19.33 -26.88
N ARG E 386 14.21 -19.37 -28.08
CA ARG E 386 13.64 -20.20 -29.14
C ARG E 386 13.70 -21.69 -28.76
N GLU E 387 14.73 -22.10 -28.03
CA GLU E 387 14.79 -23.49 -27.60
C GLU E 387 13.88 -23.75 -26.41
N LEU E 388 13.76 -22.79 -25.49
CA LEU E 388 12.91 -23.03 -24.32
C LEU E 388 11.43 -23.02 -24.68
N GLU E 389 11.02 -22.17 -25.63
CA GLU E 389 9.65 -22.16 -26.08
C GLU E 389 9.26 -23.48 -26.73
N ARG E 390 10.22 -24.13 -27.41
CA ARG E 390 9.96 -25.43 -28.00
C ARG E 390 9.66 -26.49 -26.94
N ARG E 391 10.30 -26.39 -25.78
CA ARG E 391 10.18 -27.40 -24.74
C ARG E 391 9.14 -27.04 -23.68
N ASN E 392 8.22 -26.12 -24.00
CA ASN E 392 7.06 -25.80 -23.17
C ASN E 392 7.43 -25.12 -21.86
N ILE E 393 8.53 -24.37 -21.84
CA ILE E 393 8.95 -23.61 -20.66
C ILE E 393 8.52 -22.16 -20.84
N PRO E 394 7.78 -21.58 -19.90
CA PRO E 394 7.45 -20.15 -20.00
C PRO E 394 8.71 -19.29 -19.93
N PHE E 395 8.88 -18.42 -20.91
CA PHE E 395 10.10 -17.63 -21.07
C PHE E 395 9.74 -16.16 -21.15
N LEU E 396 10.41 -15.34 -20.33
CA LEU E 396 10.29 -13.89 -20.38
C LEU E 396 11.68 -13.27 -20.40
N LYS E 397 11.89 -12.32 -21.30
CA LYS E 397 13.16 -11.62 -21.43
C LYS E 397 13.00 -10.20 -20.93
N LEU E 398 13.94 -9.75 -20.09
CA LEU E 398 13.96 -8.40 -19.58
C LEU E 398 15.27 -7.72 -19.93
N GLU E 399 15.28 -6.39 -19.83
CA GLU E 399 16.46 -5.60 -20.14
C GLU E 399 16.34 -4.25 -19.45
N SER E 400 17.40 -3.83 -18.78
CA SER E 400 17.40 -2.56 -18.05
C SER E 400 18.84 -2.15 -17.78
N ASP E 401 18.99 -1.05 -17.03
CA ASP E 401 20.29 -0.57 -16.63
C ASP E 401 20.30 -0.26 -15.13
N PHE E 402 21.09 0.72 -14.71
CA PHE E 402 21.23 1.07 -13.31
C PHE E 402 20.32 2.21 -12.89
N SER E 403 19.45 2.69 -13.79
CA SER E 403 18.48 3.70 -13.41
C SER E 403 17.46 3.10 -12.45
N GLU E 404 16.63 3.97 -11.85
CA GLU E 404 15.81 3.58 -10.72
C GLU E 404 14.31 3.57 -11.00
N GLU E 405 13.84 4.24 -12.04
CA GLU E 405 12.41 4.45 -12.23
C GLU E 405 11.87 3.76 -13.48
N ASP E 406 12.49 2.66 -13.90
CA ASP E 406 11.87 1.78 -14.87
C ASP E 406 10.87 0.83 -14.20
N GLN E 407 10.50 1.11 -12.95
CA GLN E 407 9.74 0.17 -12.15
C GLN E 407 8.32 -0.05 -12.68
N GLY E 408 7.76 0.92 -13.40
CA GLY E 408 6.44 0.71 -13.99
C GLY E 408 6.46 -0.34 -15.08
N GLN E 409 7.38 -0.20 -16.03
CA GLN E 409 7.46 -1.15 -17.14
C GLN E 409 7.87 -2.53 -16.64
N LEU E 410 8.95 -2.60 -15.85
CA LEU E 410 9.38 -3.88 -15.28
C LEU E 410 8.29 -4.50 -14.42
N LYS E 411 7.56 -3.67 -13.67
CA LYS E 411 6.47 -4.15 -12.84
C LYS E 411 5.39 -4.79 -13.69
N THR E 412 4.98 -4.10 -14.76
CA THR E 412 3.94 -4.65 -15.63
C THR E 412 4.38 -5.95 -16.28
N ARG E 413 5.63 -6.00 -16.77
CA ARG E 413 6.14 -7.21 -17.38
C ARG E 413 6.13 -8.38 -16.39
N ILE E 414 6.72 -8.17 -15.21
CA ILE E 414 6.82 -9.23 -14.21
C ILE E 414 5.44 -9.70 -13.77
N GLU E 415 4.53 -8.75 -13.55
CA GLU E 415 3.20 -9.12 -13.07
C GLU E 415 2.40 -9.85 -14.13
N ALA E 416 2.53 -9.45 -15.40
CA ALA E 416 1.86 -10.17 -16.47
C ALA E 416 2.40 -11.59 -16.59
N PHE E 417 3.71 -11.76 -16.46
CA PHE E 417 4.29 -13.11 -16.50
C PHE E 417 3.77 -13.96 -15.35
N LEU E 418 3.79 -13.41 -14.14
CA LEU E 418 3.32 -14.14 -12.97
C LEU E 418 1.84 -14.47 -13.06
N GLU E 419 1.05 -13.61 -13.72
CA GLU E 419 -0.35 -13.94 -13.96
C GLU E 419 -0.48 -15.05 -14.99
N MET E 420 0.38 -15.04 -16.01
CA MET E 420 0.31 -16.07 -17.05
C MET E 420 0.63 -17.45 -16.48
N ILE E 421 1.58 -17.53 -15.54
CA ILE E 421 1.95 -18.83 -15.00
C ILE E 421 1.24 -19.07 -13.67
N LYS E 422 0.01 -18.59 -13.54
CA LYS E 422 -0.75 -18.76 -12.29
C LYS E 422 -1.11 -20.23 -12.03
N ASN F 4 17.92 -11.35 -66.81
CA ASN F 4 18.29 -11.45 -65.40
C ASN F 4 17.15 -11.95 -64.54
N ARG F 5 15.90 -11.65 -64.91
CA ARG F 5 14.76 -12.09 -64.13
C ARG F 5 14.63 -13.61 -64.13
N GLU F 6 14.93 -14.26 -65.26
CA GLU F 6 14.91 -15.72 -65.32
C GLU F 6 15.92 -16.32 -64.36
N LEU F 7 17.16 -15.80 -64.39
CA LEU F 7 18.18 -16.28 -63.47
C LEU F 7 17.79 -16.03 -62.02
N TRP F 8 17.19 -14.87 -61.74
CA TRP F 8 16.75 -14.59 -60.38
C TRP F 8 15.66 -15.56 -59.95
N LYS F 9 14.78 -15.93 -60.87
CA LYS F 9 13.76 -16.94 -60.56
C LYS F 9 14.38 -18.29 -60.25
N VAL F 10 15.48 -18.64 -60.92
CA VAL F 10 16.09 -19.94 -60.61
C VAL F 10 16.84 -19.90 -59.27
N LEU F 11 17.13 -18.71 -58.74
CA LEU F 11 17.87 -18.58 -57.48
C LEU F 11 16.98 -18.25 -56.28
N ASN F 12 15.66 -18.24 -56.46
CA ASN F 12 14.61 -18.10 -55.43
C ASN F 12 14.48 -16.69 -54.88
N VAL F 13 14.98 -15.66 -55.57
CA VAL F 13 14.73 -14.29 -55.15
C VAL F 13 13.22 -14.06 -55.04
N ASP F 14 12.79 -13.43 -53.96
CA ASP F 14 11.43 -12.91 -53.90
C ASP F 14 11.43 -11.63 -54.70
N LEU F 15 10.93 -11.68 -55.93
CA LEU F 15 11.18 -10.59 -56.86
C LEU F 15 10.48 -9.31 -56.45
N GLU F 16 9.24 -9.39 -55.97
CA GLU F 16 8.47 -8.18 -55.66
C GLU F 16 9.27 -7.19 -54.81
N LYS F 17 9.78 -7.68 -53.66
CA LYS F 17 10.62 -6.84 -52.82
C LYS F 17 11.91 -6.43 -53.55
N HIS F 18 12.41 -7.29 -54.44
CA HIS F 18 13.62 -6.94 -55.20
C HIS F 18 13.38 -5.73 -56.09
N ASP F 19 12.25 -5.71 -56.80
CA ASP F 19 11.90 -4.57 -57.64
C ASP F 19 11.67 -3.33 -56.79
N GLU F 20 10.94 -3.49 -55.68
CA GLU F 20 10.67 -2.34 -54.82
C GLU F 20 11.97 -1.73 -54.27
N PHE F 21 12.94 -2.58 -53.94
CA PHE F 21 14.21 -2.11 -53.39
C PHE F 21 15.17 -1.63 -54.47
N LEU F 22 15.04 -2.14 -55.70
CA LEU F 22 15.90 -1.71 -56.80
C LEU F 22 15.40 -0.45 -57.48
N ALA F 23 14.14 -0.08 -57.27
CA ALA F 23 13.62 1.13 -57.90
C ALA F 23 14.35 2.42 -57.50
N PRO F 24 14.72 2.66 -56.22
CA PRO F 24 15.25 3.99 -55.87
C PRO F 24 16.71 4.23 -56.21
N VAL F 25 17.53 3.20 -56.32
CA VAL F 25 18.99 3.38 -56.44
C VAL F 25 19.44 4.08 -57.72
N PRO F 26 18.82 3.86 -58.90
CA PRO F 26 19.35 4.54 -60.10
C PRO F 26 19.30 6.06 -60.01
N ALA F 27 18.27 6.62 -59.39
CA ALA F 27 18.21 8.08 -59.25
C ALA F 27 19.32 8.59 -58.35
N VAL F 28 19.59 7.89 -57.25
CA VAL F 28 20.67 8.28 -56.35
C VAL F 28 22.00 8.24 -57.09
N TYR F 29 22.27 7.15 -57.81
CA TYR F 29 23.52 7.05 -58.55
C TYR F 29 23.60 8.09 -59.67
N ARG F 30 22.45 8.46 -60.24
CA ARG F 30 22.44 9.48 -61.29
C ARG F 30 22.80 10.84 -60.73
N GLU F 31 22.22 11.21 -59.59
CA GLU F 31 22.48 12.52 -59.01
C GLU F 31 23.80 12.59 -58.24
N LEU F 32 24.42 11.46 -57.92
CA LEU F 32 25.65 11.47 -57.14
C LEU F 32 26.91 11.27 -57.97
N PHE F 33 26.84 10.52 -59.07
CA PHE F 33 28.03 10.18 -59.84
C PHE F 33 28.00 10.75 -61.26
N LEU F 34 27.02 10.37 -62.06
CA LEU F 34 27.04 10.70 -63.49
C LEU F 34 26.92 12.20 -63.71
N ASN F 35 25.99 12.85 -63.02
CA ASN F 35 25.75 14.29 -63.20
C ASN F 35 26.81 15.12 -62.48
N ARG F 36 27.94 14.52 -62.15
CA ARG F 36 29.05 15.26 -61.55
C ARG F 36 30.14 15.46 -62.58
N PRO F 37 30.43 16.69 -62.99
CA PRO F 37 31.45 16.90 -64.04
C PRO F 37 32.83 16.54 -63.55
N ASN F 38 33.77 16.55 -64.51
CA ASN F 38 35.21 16.34 -64.31
C ASN F 38 35.56 14.92 -63.86
N ARG F 39 34.62 13.99 -63.90
CA ARG F 39 34.96 12.61 -63.57
C ARG F 39 35.75 11.98 -64.72
N PRO F 40 36.74 11.14 -64.43
CA PRO F 40 37.60 10.61 -65.49
C PRO F 40 36.83 9.79 -66.50
N ARG F 41 37.38 9.71 -67.71
CA ARG F 41 36.75 8.95 -68.78
CA ARG F 41 36.74 8.95 -68.77
C ARG F 41 36.90 7.45 -68.59
N ALA F 42 37.95 7.00 -67.90
CA ALA F 42 38.18 5.58 -67.67
C ALA F 42 37.28 5.01 -66.58
N MET F 43 36.50 5.85 -65.90
CA MET F 43 35.57 5.35 -64.89
C MET F 43 34.46 4.50 -65.49
N ALA F 44 34.20 4.66 -66.80
CA ALA F 44 33.09 4.01 -67.49
C ALA F 44 32.84 2.59 -67.01
N TYR F 45 33.84 1.71 -67.18
CA TYR F 45 33.73 0.32 -66.74
C TYR F 45 33.08 0.21 -65.38
N PHE F 46 33.73 0.78 -64.35
CA PHE F 46 33.19 0.68 -63.00
C PHE F 46 31.76 1.20 -62.95
N ASP F 47 31.55 2.40 -63.52
CA ASP F 47 30.19 2.93 -63.61
C ASP F 47 29.27 1.93 -64.30
N ALA F 48 29.68 1.44 -65.47
CA ALA F 48 28.87 0.49 -66.22
C ALA F 48 28.49 -0.70 -65.35
N VAL F 49 29.41 -1.13 -64.47
CA VAL F 49 29.14 -2.30 -63.62
C VAL F 49 27.89 -2.05 -62.78
N VAL F 50 27.82 -0.89 -62.12
CA VAL F 50 26.66 -0.64 -61.28
C VAL F 50 25.41 -0.41 -62.11
N GLY F 51 25.57 -0.10 -63.40
CA GLY F 51 24.42 -0.06 -64.29
C GLY F 51 23.74 -1.41 -64.38
N ASP F 52 24.53 -2.48 -64.36
CA ASP F 52 24.01 -3.84 -64.31
C ASP F 52 24.57 -4.54 -63.08
N ILE F 53 24.27 -3.99 -61.90
CA ILE F 53 24.85 -4.50 -60.66
C ILE F 53 24.46 -5.96 -60.45
N HIS F 54 23.18 -6.27 -60.63
CA HIS F 54 22.67 -7.63 -60.56
C HIS F 54 22.50 -8.15 -61.99
N GLY F 55 23.38 -9.06 -62.40
CA GLY F 55 23.27 -9.62 -63.74
C GLY F 55 24.45 -10.46 -64.20
N ILE F 56 25.31 -9.86 -65.02
CA ILE F 56 26.37 -10.62 -65.69
C ILE F 56 27.36 -11.20 -64.69
N ARG F 57 27.60 -10.50 -63.57
CA ARG F 57 28.49 -11.05 -62.55
C ARG F 57 27.87 -12.29 -61.91
N VAL F 58 26.59 -12.23 -61.57
CA VAL F 58 25.91 -13.41 -61.06
C VAL F 58 25.84 -14.49 -62.12
N HIS F 59 25.79 -14.10 -63.40
CA HIS F 59 25.84 -15.09 -64.49
C HIS F 59 27.17 -15.83 -64.48
N GLU F 60 28.28 -15.10 -64.34
CA GLU F 60 29.59 -15.74 -64.26
C GLU F 60 29.70 -16.63 -63.02
N LEU F 61 29.11 -16.19 -61.91
CA LEU F 61 29.14 -17.02 -60.71
C LEU F 61 28.35 -18.30 -60.88
N TYR F 62 27.17 -18.22 -61.49
CA TYR F 62 26.38 -19.42 -61.75
C TYR F 62 27.09 -20.33 -62.74
N ASN F 63 27.80 -19.74 -63.71
CA ASN F 63 28.60 -20.54 -64.64
C ASN F 63 29.68 -21.31 -63.87
N LEU F 64 30.47 -20.61 -63.05
CA LEU F 64 31.48 -21.27 -62.24
C LEU F 64 30.87 -22.36 -61.37
N LYS F 65 29.64 -22.15 -60.88
CA LYS F 65 28.91 -23.22 -60.21
C LYS F 65 28.73 -24.43 -61.14
N GLN F 66 28.32 -24.17 -62.38
CA GLN F 66 28.05 -25.27 -63.30
C GLN F 66 29.31 -26.02 -63.69
N GLU F 67 30.45 -25.33 -63.78
CA GLU F 67 31.68 -25.97 -64.24
C GLU F 67 32.26 -26.96 -63.24
N GLY F 68 31.68 -27.09 -62.05
CA GLY F 68 32.14 -28.03 -61.06
C GLY F 68 32.89 -27.44 -59.89
N LYS F 69 32.98 -26.11 -59.78
CA LYS F 69 33.64 -25.44 -58.68
C LYS F 69 32.64 -24.58 -57.92
N LYS F 70 32.98 -24.27 -56.68
CA LYS F 70 32.05 -23.63 -55.75
C LYS F 70 32.39 -22.14 -55.59
N VAL F 71 31.61 -21.47 -54.75
CA VAL F 71 31.71 -20.02 -54.55
C VAL F 71 31.58 -19.75 -53.06
N PHE F 72 32.64 -19.21 -52.46
CA PHE F 72 32.70 -18.98 -51.02
C PHE F 72 32.41 -17.51 -50.72
N ALA F 73 31.52 -17.28 -49.75
CA ALA F 73 31.14 -15.95 -49.31
C ALA F 73 31.88 -15.60 -48.02
N THR F 74 32.35 -14.35 -47.95
CA THR F 74 33.13 -13.88 -46.82
C THR F 74 32.55 -12.57 -46.30
N PHE F 75 32.74 -12.33 -45.01
CA PHE F 75 32.26 -11.11 -44.36
C PHE F 75 33.40 -10.27 -43.79
N CYS F 76 34.63 -10.53 -44.20
CA CYS F 76 35.79 -9.90 -43.57
C CYS F 76 36.91 -9.79 -44.61
N VAL F 77 38.10 -9.42 -44.14
CA VAL F 77 39.29 -9.38 -44.98
C VAL F 77 40.32 -10.43 -44.59
N TYR F 78 40.10 -11.16 -43.50
CA TYR F 78 41.04 -12.19 -43.07
C TYR F 78 40.84 -13.51 -43.79
N VAL F 79 39.68 -13.73 -44.41
CA VAL F 79 39.47 -14.93 -45.22
C VAL F 79 40.41 -14.85 -46.41
N PRO F 80 41.45 -15.68 -46.47
CA PRO F 80 42.47 -15.50 -47.51
C PRO F 80 41.95 -15.78 -48.91
N GLU F 81 41.79 -14.72 -49.70
CA GLU F 81 41.35 -14.86 -51.08
C GLU F 81 42.29 -15.74 -51.90
N GLU F 82 43.56 -15.83 -51.50
CA GLU F 82 44.53 -16.59 -52.26
C GLU F 82 44.16 -18.07 -52.31
N ILE F 83 43.91 -18.68 -51.15
CA ILE F 83 43.64 -20.11 -51.11
C ILE F 83 42.34 -20.44 -51.83
N ILE F 84 41.36 -19.55 -51.76
CA ILE F 84 40.08 -19.81 -52.41
C ILE F 84 40.18 -19.66 -53.92
N ASN F 85 40.71 -18.53 -54.39
CA ASN F 85 40.82 -18.30 -55.82
C ASN F 85 41.97 -19.07 -56.46
N ALA F 86 42.76 -19.82 -55.69
CA ALA F 86 43.77 -20.68 -56.27
C ALA F 86 43.24 -22.05 -56.65
N THR F 87 42.21 -22.53 -55.96
CA THR F 87 41.58 -23.81 -56.28
C THR F 87 40.40 -23.65 -57.23
N GLY F 88 40.45 -22.64 -58.11
CA GLY F 88 39.42 -22.48 -59.14
C GLY F 88 38.16 -21.80 -58.66
N SER F 89 37.85 -21.92 -57.38
CA SER F 89 36.61 -21.38 -56.84
C SER F 89 36.65 -19.84 -56.82
N ALA F 90 35.51 -19.25 -56.49
CA ALA F 90 35.36 -17.81 -56.43
C ALA F 90 35.19 -17.35 -54.99
N CYS F 91 35.59 -16.11 -54.74
CA CYS F 91 35.48 -15.48 -53.42
C CYS F 91 34.64 -14.23 -53.56
N ILE F 92 33.56 -14.15 -52.79
CA ILE F 92 32.59 -13.06 -52.91
C ILE F 92 32.30 -12.49 -51.53
N GLY F 93 32.33 -11.16 -51.42
CA GLY F 93 31.99 -10.51 -50.18
C GLY F 93 30.77 -9.62 -50.30
N LEU F 94 29.83 -9.75 -49.35
CA LEU F 94 28.60 -8.94 -49.34
C LEU F 94 28.33 -8.50 -47.91
N CYS F 95 28.99 -7.41 -47.51
CA CYS F 95 28.64 -6.72 -46.27
C CYS F 95 27.52 -5.75 -46.57
N GLY F 96 26.36 -5.98 -45.95
CA GLY F 96 25.17 -5.23 -46.32
C GLY F 96 25.27 -3.77 -45.90
N GLY F 97 25.00 -2.87 -46.85
CA GLY F 97 24.97 -1.45 -46.56
C GLY F 97 23.63 -0.82 -46.93
N ALA F 98 22.58 -1.62 -46.90
CA ALA F 98 21.24 -1.18 -47.29
C ALA F 98 20.33 -1.13 -46.08
N GLN F 99 19.52 -0.07 -46.00
CA GLN F 99 18.59 0.11 -44.90
C GLN F 99 17.32 -0.70 -45.07
N TYR F 100 16.92 -0.98 -46.32
CA TYR F 100 15.64 -1.61 -46.61
C TYR F 100 15.46 -2.93 -45.88
N THR F 101 16.54 -3.64 -45.60
CA THR F 101 16.48 -4.96 -44.99
C THR F 101 16.74 -4.95 -43.49
N VAL F 102 16.75 -3.78 -42.86
CA VAL F 102 17.05 -3.68 -41.43
C VAL F 102 15.93 -4.27 -40.57
N PRO F 103 14.65 -3.92 -40.77
CA PRO F 103 13.61 -4.51 -39.90
C PRO F 103 13.58 -6.02 -39.92
N ALA F 104 13.74 -6.63 -41.10
CA ALA F 104 13.75 -8.09 -41.20
C ALA F 104 14.86 -8.69 -40.32
N GLY F 105 16.07 -8.15 -40.44
CA GLY F 105 17.16 -8.58 -39.58
C GLY F 105 16.87 -8.39 -38.11
N GLU F 106 15.97 -7.47 -37.76
CA GLU F 106 15.59 -7.26 -36.37
C GLU F 106 14.71 -8.38 -35.83
N THR F 107 14.39 -9.40 -36.64
CA THR F 107 13.56 -10.49 -36.16
C THR F 107 14.33 -11.37 -35.17
N VAL F 108 15.56 -11.74 -35.52
CA VAL F 108 16.37 -12.62 -34.69
C VAL F 108 17.56 -11.92 -34.05
N LEU F 109 17.86 -10.69 -34.46
CA LEU F 109 18.98 -9.95 -33.90
C LEU F 109 18.47 -8.79 -33.05
N PRO F 110 19.21 -8.41 -32.00
CA PRO F 110 18.80 -7.24 -31.21
C PRO F 110 18.97 -5.96 -32.00
N ARG F 111 18.05 -5.02 -31.77
CA ARG F 111 18.05 -3.77 -32.53
C ARG F 111 19.26 -2.92 -32.19
N ASN F 112 19.79 -3.03 -30.96
CA ASN F 112 20.99 -2.31 -30.57
C ASN F 112 22.27 -2.95 -31.09
N LEU F 113 22.26 -3.38 -32.36
CA LEU F 113 23.39 -3.99 -33.02
C LEU F 113 23.87 -3.09 -34.15
N CYS F 114 24.98 -3.46 -34.76
CA CYS F 114 25.49 -2.69 -35.88
C CYS F 114 24.58 -2.89 -37.10
N PRO F 115 24.31 -1.81 -37.86
CA PRO F 115 23.43 -1.95 -39.02
C PRO F 115 23.96 -2.88 -40.10
N LEU F 116 25.27 -3.14 -40.15
CA LEU F 116 25.83 -4.01 -41.19
C LEU F 116 25.32 -5.44 -41.03
N ILE F 117 25.42 -5.99 -39.82
CA ILE F 117 24.99 -7.37 -39.58
C ILE F 117 23.49 -7.51 -39.81
N LYS F 118 22.72 -6.54 -39.34
CA LYS F 118 21.26 -6.58 -39.52
C LYS F 118 20.90 -6.49 -41.00
N SER F 119 21.60 -5.64 -41.75
CA SER F 119 21.33 -5.53 -43.18
C SER F 119 21.65 -6.81 -43.92
N ALA F 120 22.79 -7.44 -43.60
CA ALA F 120 23.14 -8.69 -44.25
C ALA F 120 22.15 -9.80 -43.90
N MET F 121 21.71 -9.85 -42.64
CA MET F 121 20.75 -10.88 -42.26
C MET F 121 19.39 -10.64 -42.92
N GLY F 122 19.00 -9.38 -43.07
CA GLY F 122 17.77 -9.08 -43.80
C GLY F 122 17.89 -9.43 -45.27
N PHE F 123 19.08 -9.24 -45.85
CA PHE F 123 19.34 -9.71 -47.21
C PHE F 123 19.14 -11.21 -47.31
N LYS F 124 19.68 -11.97 -46.35
CA LYS F 124 19.58 -13.42 -46.43
C LYS F 124 18.14 -13.89 -46.24
N ILE F 125 17.44 -13.33 -45.24
CA ILE F 125 16.10 -13.82 -44.92
C ILE F 125 15.11 -13.47 -46.02
N GLU F 126 15.09 -12.20 -46.44
CA GLU F 126 14.07 -11.74 -47.38
C GLU F 126 14.25 -12.28 -48.79
N ARG F 127 15.42 -12.86 -49.10
CA ARG F 127 15.71 -13.44 -50.42
C ARG F 127 15.57 -12.38 -51.52
N ILE F 128 16.49 -11.41 -51.50
CA ILE F 128 16.45 -10.33 -52.48
C ILE F 128 17.86 -9.94 -52.90
N CYS F 129 18.83 -10.80 -52.63
CA CYS F 129 20.21 -10.56 -53.05
C CYS F 129 20.70 -11.75 -53.85
N PRO F 130 20.81 -11.63 -55.17
CA PRO F 130 21.31 -12.77 -55.97
C PRO F 130 22.70 -13.21 -55.58
N TYR F 131 23.56 -12.29 -55.13
CA TYR F 131 24.89 -12.66 -54.67
C TYR F 131 24.81 -13.55 -53.43
N PHE F 132 23.87 -13.25 -52.53
CA PHE F 132 23.71 -14.09 -51.35
C PHE F 132 23.01 -15.41 -51.69
N GLN F 133 22.15 -15.41 -52.71
CA GLN F 133 21.48 -16.64 -53.10
C GLN F 133 22.40 -17.58 -53.87
N VAL F 134 23.44 -17.04 -54.53
CA VAL F 134 24.36 -17.87 -55.31
C VAL F 134 25.52 -18.39 -54.47
N ALA F 135 25.62 -17.99 -53.21
CA ALA F 135 26.74 -18.40 -52.39
C ALA F 135 26.61 -19.86 -51.95
N ASP F 136 27.75 -20.55 -51.87
CA ASP F 136 27.78 -21.93 -51.40
C ASP F 136 28.09 -22.02 -49.91
N TYR F 137 29.06 -21.25 -49.43
CA TYR F 137 29.43 -21.27 -48.03
C TYR F 137 29.77 -19.85 -47.57
N VAL F 138 29.52 -19.59 -46.29
CA VAL F 138 29.91 -18.34 -45.64
C VAL F 138 31.10 -18.63 -44.75
N VAL F 139 32.03 -17.69 -44.67
CA VAL F 139 33.23 -17.82 -43.85
C VAL F 139 33.25 -16.65 -42.88
N GLY F 140 32.83 -16.91 -41.64
CA GLY F 140 32.85 -15.91 -40.59
C GLY F 140 34.12 -15.98 -39.75
N GLU F 141 34.24 -15.03 -38.83
CA GLU F 141 35.44 -14.91 -38.02
C GLU F 141 35.06 -14.30 -36.67
N THR F 142 35.91 -14.56 -35.68
CA THR F 142 35.64 -14.15 -34.30
C THR F 142 36.33 -12.82 -34.00
N THR F 143 35.80 -11.76 -34.61
CA THR F 143 36.31 -10.41 -34.37
C THR F 143 35.47 -9.73 -33.30
N CYS F 144 34.39 -9.06 -33.72
CA CYS F 144 33.48 -8.44 -32.77
C CYS F 144 32.54 -9.49 -32.18
N ASP F 145 31.78 -9.08 -31.16
CA ASP F 145 30.84 -9.99 -30.52
C ASP F 145 29.60 -10.22 -31.38
N GLY F 146 29.14 -9.17 -32.07
CA GLY F 146 27.90 -9.27 -32.82
C GLY F 146 27.96 -10.30 -33.93
N LYS F 147 28.96 -10.19 -34.80
CA LYS F 147 29.09 -11.14 -35.91
C LYS F 147 29.38 -12.54 -35.40
N LYS F 148 30.21 -12.66 -34.36
CA LYS F 148 30.51 -13.97 -33.78
C LYS F 148 29.24 -14.67 -33.32
N LYS F 149 28.39 -13.94 -32.59
CA LYS F 149 27.14 -14.54 -32.12
C LYS F 149 26.12 -14.70 -33.25
N ALA F 150 26.21 -13.91 -34.30
CA ALA F 150 25.23 -13.97 -35.38
C ALA F 150 25.55 -15.06 -36.41
N TRP F 151 26.79 -15.52 -36.48
CA TRP F 151 27.09 -16.64 -37.37
C TRP F 151 26.31 -17.89 -36.97
N GLU F 152 26.03 -18.04 -35.67
CA GLU F 152 25.26 -19.19 -35.21
C GLU F 152 23.85 -19.19 -35.76
N ILE F 153 23.25 -18.01 -35.95
CA ILE F 153 21.92 -17.94 -36.55
C ILE F 153 22.01 -18.01 -38.07
N LEU F 154 23.06 -17.41 -38.63
CA LEU F 154 23.28 -17.49 -40.08
C LEU F 154 23.43 -18.94 -40.53
N ASN F 155 23.99 -19.80 -39.66
CA ASN F 155 24.24 -21.19 -40.04
C ASN F 155 22.95 -21.90 -40.48
N GLU F 156 21.86 -21.70 -39.75
CA GLU F 156 20.64 -22.44 -40.10
C GLU F 156 19.96 -21.92 -41.37
N TYR F 157 20.55 -20.96 -42.08
CA TYR F 157 20.08 -20.52 -43.38
C TYR F 157 21.02 -20.90 -44.50
N ILE F 158 22.31 -20.65 -44.33
CA ILE F 158 23.35 -21.00 -45.30
C ILE F 158 24.55 -21.47 -44.49
N PRO F 159 25.23 -22.55 -44.91
CA PRO F 159 26.31 -23.10 -44.07
C PRO F 159 27.42 -22.09 -43.80
N VAL F 160 28.02 -22.20 -42.62
CA VAL F 160 29.04 -21.28 -42.15
C VAL F 160 30.24 -22.06 -41.62
N TYR F 161 31.43 -21.58 -41.95
CA TYR F 161 32.67 -22.00 -41.32
C TYR F 161 33.27 -20.80 -40.60
N VAL F 162 33.67 -20.97 -39.35
CA VAL F 162 34.06 -19.87 -38.48
C VAL F 162 35.55 -19.99 -38.18
N MET F 163 36.35 -19.13 -38.78
CA MET F 163 37.74 -18.98 -38.39
C MET F 163 37.83 -18.24 -37.05
N GLU F 164 38.94 -18.43 -36.36
CA GLU F 164 39.15 -17.85 -35.03
C GLU F 164 40.31 -16.88 -35.07
N LEU F 165 40.03 -15.59 -34.91
CA LEU F 165 41.04 -14.55 -34.80
C LEU F 165 41.49 -14.41 -33.36
N PRO F 166 42.80 -14.36 -33.08
CA PRO F 166 43.24 -14.04 -31.72
C PRO F 166 43.01 -12.57 -31.39
N GLN F 167 43.35 -12.15 -30.17
CA GLN F 167 43.22 -10.76 -29.77
C GLN F 167 44.55 -10.06 -29.59
N LYS F 168 45.67 -10.74 -29.89
CA LYS F 168 46.99 -10.13 -29.81
C LYS F 168 47.76 -10.51 -31.06
N LYS F 169 48.98 -9.98 -31.18
CA LYS F 169 49.86 -10.23 -32.31
C LYS F 169 51.24 -10.63 -31.84
N GLU F 170 51.29 -11.44 -30.78
CA GLU F 170 52.55 -11.96 -30.26
C GLU F 170 52.87 -13.30 -30.95
N GLU F 171 53.86 -14.02 -30.42
CA GLU F 171 54.34 -15.22 -31.09
C GLU F 171 53.27 -16.32 -31.11
N ARG F 172 52.73 -16.66 -29.94
CA ARG F 172 51.72 -17.70 -29.87
C ARG F 172 50.49 -17.35 -30.71
N ASP F 173 50.15 -16.06 -30.78
CA ASP F 173 49.04 -15.64 -31.63
C ASP F 173 49.34 -15.93 -33.10
N ARG F 174 50.56 -15.64 -33.54
CA ARG F 174 50.95 -15.93 -34.92
C ARG F 174 50.87 -17.42 -35.21
N LYS F 175 51.38 -18.25 -34.30
CA LYS F 175 51.34 -19.70 -34.53
C LYS F 175 49.90 -20.22 -34.55
N PHE F 176 49.07 -19.74 -33.63
CA PHE F 176 47.66 -20.11 -33.60
C PHE F 176 46.96 -19.75 -34.92
N TRP F 177 47.24 -18.54 -35.42
CA TRP F 177 46.61 -18.13 -36.67
C TRP F 177 47.12 -18.95 -37.84
N GLU F 178 48.41 -19.30 -37.84
CA GLU F 178 48.95 -20.17 -38.89
C GLU F 178 48.24 -21.51 -38.91
N GLU F 179 48.00 -22.09 -37.72
CA GLU F 179 47.30 -23.37 -37.65
C GLU F 179 45.86 -23.24 -38.14
N GLU F 180 45.20 -22.13 -37.79
CA GLU F 180 43.83 -21.92 -38.28
C GLU F 180 43.81 -21.78 -39.81
N ILE F 181 44.84 -21.14 -40.37
CA ILE F 181 44.93 -21.02 -41.82
C ILE F 181 45.11 -22.40 -42.46
N LYS F 182 45.95 -23.25 -41.85
CA LYS F 182 46.08 -24.62 -42.32
C LYS F 182 44.74 -25.35 -42.29
N ASP F 183 43.96 -25.13 -41.22
CA ASP F 183 42.66 -25.77 -41.11
C ASP F 183 41.73 -25.32 -42.23
N PHE F 184 41.71 -24.01 -42.52
CA PHE F 184 40.86 -23.53 -43.61
C PHE F 184 41.34 -24.06 -44.96
N ALA F 185 42.65 -24.23 -45.13
CA ALA F 185 43.17 -24.81 -46.36
C ALA F 185 42.68 -26.25 -46.53
N GLN F 186 42.74 -27.04 -45.48
CA GLN F 186 42.20 -28.40 -45.56
C GLN F 186 40.70 -28.40 -45.81
N PHE F 187 40.00 -27.40 -45.25
CA PHE F 187 38.56 -27.27 -45.49
C PHE F 187 38.27 -27.07 -46.97
N VAL F 188 38.93 -26.09 -47.60
CA VAL F 188 38.66 -25.84 -49.01
C VAL F 188 39.16 -27.00 -49.87
N GLU F 189 40.22 -27.70 -49.45
CA GLU F 189 40.65 -28.89 -50.17
C GLU F 189 39.55 -29.95 -50.18
N GLU F 190 39.06 -30.32 -49.00
CA GLU F 190 38.01 -31.34 -48.92
C GLU F 190 36.70 -30.89 -49.54
N LYS F 191 36.48 -29.58 -49.67
CA LYS F 191 35.20 -29.13 -50.22
C LYS F 191 35.23 -29.01 -51.75
N THR F 192 36.22 -28.30 -52.29
CA THR F 192 36.23 -28.00 -53.72
C THR F 192 36.59 -29.21 -54.56
N GLY F 193 37.87 -29.55 -54.63
CA GLY F 193 38.31 -30.66 -55.46
C GLY F 193 39.64 -31.26 -55.05
N VAL F 194 40.61 -31.28 -55.96
CA VAL F 194 41.90 -31.90 -55.72
C VAL F 194 42.70 -31.04 -54.75
N LYS F 195 43.84 -31.56 -54.29
CA LYS F 195 44.69 -30.84 -53.34
C LYS F 195 45.38 -29.66 -54.00
N LEU F 196 46.42 -29.13 -53.35
CA LEU F 196 47.14 -27.99 -53.88
C LEU F 196 48.64 -28.21 -53.74
N ASN F 197 49.39 -27.75 -54.75
CA ASN F 197 50.85 -27.74 -54.67
C ASN F 197 51.35 -26.31 -54.79
N ALA F 198 52.51 -26.12 -55.42
CA ALA F 198 53.10 -24.79 -55.52
C ALA F 198 52.57 -23.99 -56.70
N GLU F 199 52.40 -24.64 -57.85
CA GLU F 199 51.96 -23.95 -59.06
C GLU F 199 50.59 -23.30 -58.85
N ASN F 200 49.59 -24.11 -58.52
CA ASN F 200 48.21 -23.63 -58.44
C ASN F 200 48.01 -22.62 -57.33
N LEU F 201 48.81 -22.71 -56.26
CA LEU F 201 48.65 -21.76 -55.14
C LEU F 201 49.39 -20.46 -55.41
N ARG F 202 50.60 -20.55 -55.96
CA ARG F 202 51.32 -19.34 -56.38
C ARG F 202 50.51 -18.54 -57.38
N ALA F 203 49.77 -19.22 -58.26
CA ALA F 203 48.91 -18.51 -59.22
C ALA F 203 47.91 -17.60 -58.50
N GLY F 204 47.20 -18.15 -57.51
CA GLY F 204 46.22 -17.35 -56.79
C GLY F 204 46.85 -16.25 -55.96
N ILE F 205 47.99 -16.54 -55.34
CA ILE F 205 48.74 -15.50 -54.62
C ILE F 205 49.03 -14.34 -55.57
N GLU F 206 49.49 -14.66 -56.78
CA GLU F 206 49.82 -13.62 -57.75
C GLU F 206 48.59 -12.83 -58.17
N LYS F 207 47.46 -13.51 -58.36
CA LYS F 207 46.24 -12.79 -58.77
C LYS F 207 45.78 -11.81 -57.70
N ILE F 208 45.75 -12.26 -56.45
CA ILE F 208 45.29 -11.38 -55.37
C ILE F 208 46.28 -10.23 -55.18
N ASN F 209 47.57 -10.52 -55.23
CA ASN F 209 48.57 -9.44 -55.16
C ASN F 209 48.42 -8.48 -56.33
N LYS F 210 48.00 -8.97 -57.49
CA LYS F 210 47.78 -8.08 -58.63
C LYS F 210 46.67 -7.10 -58.36
N LYS F 211 45.53 -7.59 -57.84
CA LYS F 211 44.43 -6.65 -57.57
C LYS F 211 44.80 -5.67 -56.47
N ARG F 212 45.51 -6.13 -55.43
CA ARG F 212 45.90 -5.22 -54.36
C ARG F 212 46.89 -4.16 -54.86
N LYS F 213 47.86 -4.56 -55.68
CA LYS F 213 48.82 -3.61 -56.21
C LYS F 213 48.14 -2.61 -57.15
N ALA F 214 47.15 -3.07 -57.91
CA ALA F 214 46.37 -2.16 -58.75
C ALA F 214 45.72 -1.08 -57.91
N LEU F 215 45.03 -1.48 -56.83
CA LEU F 215 44.42 -0.46 -55.95
C LEU F 215 45.47 0.43 -55.30
N LYS F 216 46.64 -0.13 -54.98
CA LYS F 216 47.69 0.64 -54.32
C LYS F 216 48.25 1.73 -55.24
N ARG F 217 48.33 1.45 -56.54
CA ARG F 217 48.77 2.46 -57.49
C ARG F 217 47.86 3.69 -57.43
N LEU F 218 46.55 3.47 -57.42
CA LEU F 218 45.58 4.56 -57.32
C LEU F 218 45.73 5.32 -56.00
N SER F 219 45.83 4.58 -54.89
CA SER F 219 45.96 5.23 -53.59
C SER F 219 47.21 6.10 -53.53
N ASP F 220 48.30 5.65 -54.15
CA ASP F 220 49.51 6.47 -54.19
C ASP F 220 49.35 7.66 -55.11
N LEU F 221 48.60 7.52 -56.21
CA LEU F 221 48.32 8.65 -57.07
C LEU F 221 47.60 9.77 -56.33
N ARG F 222 46.74 9.41 -55.38
CA ARG F 222 45.85 10.41 -54.76
C ARG F 222 46.52 11.52 -53.95
N LYS F 223 47.85 11.56 -53.86
CA LYS F 223 48.53 12.43 -52.90
C LYS F 223 48.97 13.77 -53.48
N HIS F 224 48.51 14.14 -54.66
CA HIS F 224 49.01 15.36 -55.31
C HIS F 224 48.11 16.56 -55.01
N ASN F 225 48.45 17.70 -55.62
CA ASN F 225 47.71 18.94 -55.49
C ASN F 225 47.72 19.67 -56.83
N PRO F 226 46.54 19.97 -57.42
CA PRO F 226 45.21 19.70 -56.88
C PRO F 226 44.80 18.23 -57.00
N ALA F 227 43.78 17.84 -56.25
CA ALA F 227 43.30 16.47 -56.25
C ALA F 227 42.80 16.07 -57.64
N PRO F 228 43.38 15.06 -58.27
CA PRO F 228 42.99 14.68 -59.64
C PRO F 228 41.77 13.78 -59.73
N ILE F 229 41.12 13.44 -58.62
CA ILE F 229 40.00 12.53 -58.63
C ILE F 229 39.21 12.73 -57.34
N HIS F 230 37.89 12.54 -57.42
CA HIS F 230 37.04 12.65 -56.26
C HIS F 230 37.01 11.34 -55.48
N GLY F 231 37.11 11.45 -54.15
CA GLY F 231 37.18 10.27 -53.31
C GLY F 231 35.99 9.35 -53.40
N LEU F 232 34.84 9.86 -53.84
CA LEU F 232 33.65 9.02 -53.95
C LEU F 232 33.82 7.95 -55.03
N ASP F 233 34.47 8.31 -56.14
CA ASP F 233 34.71 7.32 -57.20
C ASP F 233 35.67 6.23 -56.74
N VAL F 234 36.74 6.62 -56.04
CA VAL F 234 37.67 5.61 -55.52
C VAL F 234 37.00 4.75 -54.47
N LEU F 235 36.10 5.34 -53.67
CA LEU F 235 35.33 4.55 -52.73
C LEU F 235 34.46 3.53 -53.45
N LEU F 236 33.82 3.94 -54.55
CA LEU F 236 33.02 3.01 -55.32
C LEU F 236 33.89 1.89 -55.91
N ILE F 237 35.10 2.23 -56.35
CA ILE F 237 36.00 1.23 -56.89
C ILE F 237 36.40 0.21 -55.82
N ASN F 238 36.77 0.70 -54.63
CA ASN F 238 37.11 -0.20 -53.54
C ASN F 238 35.92 -1.05 -53.12
N GLN F 239 34.71 -0.50 -53.22
CA GLN F 239 33.51 -1.28 -52.90
C GLN F 239 33.30 -2.39 -53.94
N LEU F 240 33.45 -2.06 -55.22
CA LEU F 240 33.31 -3.06 -56.27
C LEU F 240 34.45 -4.06 -56.30
N ALA F 241 35.56 -3.78 -55.60
CA ALA F 241 36.66 -4.73 -55.51
C ALA F 241 36.34 -5.90 -54.58
N PHE F 242 35.06 -6.21 -54.40
CA PHE F 242 34.65 -7.31 -53.53
C PHE F 242 33.70 -8.31 -54.19
N PHE F 243 33.20 -8.03 -55.40
CA PHE F 243 32.44 -9.01 -56.18
C PHE F 243 32.68 -8.73 -57.66
N ASP F 244 33.92 -8.95 -58.09
CA ASP F 244 34.30 -8.76 -59.48
C ASP F 244 35.53 -9.59 -59.77
N ASP F 245 35.71 -9.94 -61.04
CA ASP F 245 36.85 -10.76 -61.43
C ASP F 245 38.15 -10.01 -61.17
N PRO F 246 39.17 -10.68 -60.60
CA PRO F 246 40.37 -9.94 -60.17
C PRO F 246 41.15 -9.31 -61.32
N GLU F 247 41.49 -10.09 -62.36
CA GLU F 247 42.36 -9.57 -63.41
C GLU F 247 41.69 -8.46 -64.20
N ARG F 248 40.41 -8.64 -64.55
CA ARG F 248 39.66 -7.62 -65.27
C ARG F 248 39.56 -6.33 -64.46
N PHE F 249 39.21 -6.46 -63.18
CA PHE F 249 39.16 -5.31 -62.28
C PHE F 249 40.51 -4.60 -62.22
N ALA F 250 41.60 -5.36 -62.09
CA ALA F 250 42.92 -4.76 -61.95
C ALA F 250 43.35 -4.07 -63.24
N THR F 251 43.03 -4.66 -64.40
CA THR F 251 43.37 -4.02 -65.66
C THR F 251 42.61 -2.72 -65.84
N LYS F 252 41.32 -2.70 -65.47
CA LYS F 252 40.56 -1.45 -65.55
C LYS F 252 41.12 -0.41 -64.59
N VAL F 253 41.50 -0.83 -63.38
CA VAL F 253 42.13 0.08 -62.42
C VAL F 253 43.41 0.66 -63.00
N ASN F 254 44.22 -0.18 -63.64
CA ASN F 254 45.49 0.29 -64.18
C ASN F 254 45.28 1.25 -65.36
N GLU F 255 44.25 1.02 -66.18
CA GLU F 255 43.94 1.98 -67.24
C GLU F 255 43.52 3.33 -66.66
N LEU F 256 42.63 3.30 -65.66
CA LEU F 256 42.23 4.54 -64.99
C LEU F 256 43.43 5.24 -64.38
N CYS F 257 44.36 4.48 -63.82
CA CYS F 257 45.54 5.07 -63.19
C CYS F 257 46.49 5.65 -64.23
N ASP F 258 46.61 5.00 -65.39
CA ASP F 258 47.41 5.57 -66.48
C ASP F 258 46.84 6.89 -66.93
N GLU F 259 45.50 7.01 -66.95
CA GLU F 259 44.90 8.29 -67.31
C GLU F 259 45.12 9.33 -66.21
N LEU F 260 44.99 8.92 -64.95
CA LEU F 260 45.20 9.84 -63.84
C LEU F 260 46.65 10.33 -63.78
N GLU F 261 47.59 9.51 -64.25
CA GLU F 261 48.99 9.94 -64.25
C GLU F 261 49.20 11.11 -65.20
N GLU F 262 48.58 11.07 -66.37
CA GLU F 262 48.63 12.21 -67.28
C GLU F 262 47.89 13.41 -66.68
N ARG F 263 46.75 13.15 -66.03
CA ARG F 263 46.03 14.23 -65.35
C ARG F 263 46.91 14.94 -64.34
N VAL F 264 47.72 14.18 -63.60
CA VAL F 264 48.61 14.76 -62.61
C VAL F 264 49.79 15.47 -63.27
N ALA F 265 50.33 14.87 -64.33
CA ALA F 265 51.46 15.49 -65.03
C ALA F 265 51.09 16.85 -65.60
N LYS F 266 49.87 16.98 -66.12
CA LYS F 266 49.44 18.28 -66.64
C LYS F 266 49.29 19.31 -65.52
N GLY F 267 48.72 18.92 -64.40
CA GLY F 267 48.50 19.80 -63.29
C GLY F 267 47.06 20.23 -63.05
N GLU F 268 46.08 19.51 -63.60
CA GLU F 268 44.68 19.83 -63.43
C GLU F 268 44.05 18.89 -62.40
N GLY F 269 43.10 19.44 -61.64
CA GLY F 269 42.43 18.66 -60.61
C GLY F 269 40.94 18.93 -60.60
N VAL F 270 40.21 18.05 -59.92
CA VAL F 270 38.76 18.16 -59.84
C VAL F 270 38.29 19.27 -58.91
N VAL F 271 39.20 19.86 -58.14
CA VAL F 271 38.88 20.95 -57.22
C VAL F 271 39.94 22.04 -57.35
N SER F 272 39.62 23.20 -56.81
CA SER F 272 40.61 24.26 -56.72
C SER F 272 41.74 23.85 -55.77
N LYS F 273 42.92 24.42 -55.99
CA LYS F 273 44.09 24.03 -55.21
C LYS F 273 43.98 24.43 -53.74
N ASP F 274 43.01 25.27 -53.38
CA ASP F 274 42.80 25.68 -52.00
C ASP F 274 41.57 25.02 -51.39
N ALA F 275 41.15 23.87 -51.92
CA ALA F 275 40.06 23.12 -51.32
C ALA F 275 40.58 22.23 -50.19
N PRO F 276 39.78 22.04 -49.15
CA PRO F 276 40.27 21.29 -47.97
C PRO F 276 40.55 19.83 -48.29
N ARG F 277 41.62 19.31 -47.71
CA ARG F 277 42.02 17.92 -47.84
C ARG F 277 41.59 17.18 -46.57
N ILE F 278 40.81 16.12 -46.74
CA ILE F 278 40.18 15.41 -45.63
C ILE F 278 40.57 13.94 -45.69
N LEU F 279 40.98 13.41 -44.54
CA LEU F 279 41.29 11.99 -44.37
C LEU F 279 40.22 11.35 -43.49
N ILE F 280 39.63 10.26 -43.98
CA ILE F 280 38.57 9.55 -43.26
C ILE F 280 39.18 8.32 -42.59
N THR F 281 38.87 8.13 -41.31
CA THR F 281 39.27 6.95 -40.57
C THR F 281 38.05 6.37 -39.86
N GLY F 282 38.18 5.13 -39.42
CA GLY F 282 37.09 4.48 -38.70
C GLY F 282 36.73 3.09 -39.20
N THR F 283 35.44 2.89 -39.51
CA THR F 283 34.87 1.60 -39.91
C THR F 283 34.65 1.55 -41.41
N PRO F 284 34.60 0.35 -41.99
CA PRO F 284 34.34 0.23 -43.43
C PRO F 284 32.98 0.80 -43.81
N GLN F 285 32.85 1.13 -45.10
CA GLN F 285 31.65 1.76 -45.65
C GLN F 285 31.14 0.89 -46.80
N PRO F 286 30.27 -0.08 -46.51
CA PRO F 286 29.78 -0.95 -47.57
C PRO F 286 28.85 -0.21 -48.53
N ILE F 287 28.78 -0.72 -49.75
CA ILE F 287 27.91 -0.17 -50.78
C ILE F 287 26.47 -0.45 -50.37
N PRO F 288 25.51 0.45 -50.62
CA PRO F 288 25.66 1.81 -51.16
C PRO F 288 25.59 2.90 -50.09
N HIS F 289 26.55 2.90 -49.17
CA HIS F 289 26.58 3.87 -48.07
C HIS F 289 27.59 4.95 -48.44
N TRP F 290 27.18 5.84 -49.35
CA TRP F 290 28.02 6.93 -49.83
C TRP F 290 27.75 8.24 -49.11
N LYS F 291 26.94 8.22 -48.05
CA LYS F 291 26.44 9.46 -47.47
C LYS F 291 27.57 10.35 -46.97
N ILE F 292 28.55 9.78 -46.26
CA ILE F 292 29.59 10.58 -45.64
C ILE F 292 30.45 11.27 -46.69
N HIS F 293 30.94 10.51 -47.68
CA HIS F 293 31.75 11.10 -48.74
C HIS F 293 30.98 12.17 -49.50
N ALA F 294 29.72 11.90 -49.82
CA ALA F 294 28.92 12.86 -50.56
C ALA F 294 28.73 14.16 -49.78
N LEU F 295 28.43 14.05 -48.49
CA LEU F 295 28.23 15.27 -47.69
C LEU F 295 29.53 16.01 -47.45
N ILE F 296 30.66 15.30 -47.39
CA ILE F 296 31.95 15.97 -47.19
C ILE F 296 32.36 16.71 -48.45
N GLU F 297 32.25 16.06 -49.62
CA GLU F 297 32.75 16.65 -50.85
C GLU F 297 31.79 17.68 -51.44
N GLY F 298 30.48 17.48 -51.28
CA GLY F 298 29.52 18.43 -51.80
C GLY F 298 29.48 19.75 -51.06
N ALA F 299 30.16 19.85 -49.93
CA ALA F 299 30.21 21.08 -49.14
C ALA F 299 31.43 21.94 -49.46
N GLY F 300 32.17 21.59 -50.51
CA GLY F 300 33.34 22.36 -50.92
C GLY F 300 34.68 21.76 -50.58
N GLY F 301 34.72 20.49 -50.16
CA GLY F 301 35.99 19.86 -49.85
C GLY F 301 36.28 18.66 -50.73
N VAL F 302 37.28 17.86 -50.36
CA VAL F 302 37.63 16.66 -51.10
C VAL F 302 38.27 15.67 -50.12
N VAL F 303 38.04 14.38 -50.37
CA VAL F 303 38.60 13.31 -49.56
C VAL F 303 39.77 12.69 -50.33
N VAL F 304 40.91 12.55 -49.65
CA VAL F 304 42.12 12.02 -50.28
C VAL F 304 42.60 10.73 -49.66
N GLY F 305 42.03 10.30 -48.53
CA GLY F 305 42.44 9.06 -47.92
C GLY F 305 41.40 8.47 -46.99
N GLU F 306 41.05 7.20 -47.19
CA GLU F 306 40.14 6.48 -46.32
C GLU F 306 40.92 5.40 -45.57
N GLU F 307 40.93 5.51 -44.24
CA GLU F 307 41.62 4.52 -43.41
C GLU F 307 40.60 3.54 -42.86
N THR F 308 40.03 2.76 -43.78
CA THR F 308 39.08 1.70 -43.46
C THR F 308 39.50 0.44 -44.20
N CYS F 309 38.79 -0.66 -43.92
CA CYS F 309 39.07 -1.90 -44.63
C CYS F 309 38.38 -1.97 -45.99
N ILE F 310 37.50 -1.03 -46.30
CA ILE F 310 37.10 -0.78 -47.67
C ILE F 310 37.93 0.43 -48.12
N GLY F 311 39.23 0.20 -48.28
CA GLY F 311 40.17 1.27 -48.57
C GLY F 311 41.60 0.86 -48.27
N GLU F 312 42.33 1.71 -47.55
CA GLU F 312 43.76 1.52 -47.35
C GLU F 312 44.09 0.17 -46.71
N ARG F 313 43.23 -0.31 -45.82
CA ARG F 313 43.55 -1.49 -45.02
C ARG F 313 43.39 -2.80 -45.78
N TYR F 314 42.97 -2.76 -47.04
CA TYR F 314 42.74 -3.98 -47.82
C TYR F 314 43.86 -4.29 -48.79
N PHE F 315 44.45 -3.28 -49.43
CA PHE F 315 45.42 -3.49 -50.51
C PHE F 315 46.84 -3.12 -50.13
N LYS F 316 47.09 -2.78 -48.86
CA LYS F 316 48.40 -2.23 -48.49
C LYS F 316 49.48 -3.30 -48.42
N ASP F 317 49.13 -4.52 -48.00
CA ASP F 317 50.12 -5.57 -47.78
C ASP F 317 49.89 -6.73 -48.73
N LEU F 318 50.98 -7.24 -49.30
CA LEU F 318 50.98 -8.37 -50.23
C LEU F 318 51.62 -9.59 -49.57
N VAL F 319 51.60 -10.71 -50.28
CA VAL F 319 52.17 -11.96 -49.81
C VAL F 319 53.54 -12.17 -50.46
N GLU F 320 54.51 -12.66 -49.65
CA GLU F 320 55.82 -13.05 -50.15
C GLU F 320 55.80 -14.52 -50.58
N PRO F 321 56.53 -14.87 -51.63
CA PRO F 321 56.51 -16.24 -52.13
C PRO F 321 57.41 -17.17 -51.33
N ALA F 322 57.27 -18.45 -51.61
CA ALA F 322 58.10 -19.49 -51.01
C ALA F 322 58.25 -20.63 -52.02
N ALA F 323 58.97 -21.67 -51.60
CA ALA F 323 59.24 -22.80 -52.48
C ALA F 323 58.16 -23.87 -52.43
N ASP F 324 57.51 -24.05 -51.28
CA ASP F 324 56.53 -25.11 -51.12
C ASP F 324 55.15 -24.56 -50.77
N VAL F 325 54.35 -25.37 -50.09
CA VAL F 325 53.02 -24.95 -49.64
C VAL F 325 53.03 -24.49 -48.20
N GLU F 326 53.83 -25.15 -47.36
CA GLU F 326 53.90 -24.79 -45.94
C GLU F 326 54.37 -23.35 -45.76
N GLY F 327 55.47 -22.99 -46.43
CA GLY F 327 55.94 -21.62 -46.35
C GLY F 327 54.97 -20.62 -46.95
N MET F 328 54.26 -21.02 -48.02
CA MET F 328 53.26 -20.13 -48.60
C MET F 328 52.14 -19.85 -47.62
N LEU F 329 51.67 -20.88 -46.91
CA LEU F 329 50.65 -20.68 -45.89
C LEU F 329 51.17 -19.82 -44.74
N LYS F 330 52.43 -20.04 -44.34
CA LYS F 330 53.04 -19.20 -43.32
C LYS F 330 53.01 -17.73 -43.74
N ASN F 331 53.42 -17.45 -44.97
CA ASN F 331 53.48 -16.06 -45.43
C ASN F 331 52.08 -15.46 -45.58
N ILE F 332 51.11 -16.27 -46.03
CA ILE F 332 49.75 -15.77 -46.14
C ILE F 332 49.20 -15.41 -44.76
N ALA F 333 49.44 -16.26 -43.76
CA ALA F 333 49.01 -15.95 -42.40
C ALA F 333 49.72 -14.71 -41.87
N ALA F 334 51.00 -14.55 -42.21
CA ALA F 334 51.74 -13.36 -41.78
C ALA F 334 51.13 -12.09 -42.37
N ARG F 335 50.84 -12.10 -43.66
CA ARG F 335 50.21 -10.94 -44.29
C ARG F 335 48.85 -10.66 -43.69
N SER F 336 48.07 -11.72 -43.41
CA SER F 336 46.75 -11.53 -42.80
C SER F 336 46.88 -10.86 -41.44
N LEU F 337 47.78 -11.37 -40.59
CA LEU F 337 47.97 -10.79 -39.26
C LEU F 337 48.69 -9.45 -39.31
N LYS F 338 49.21 -9.04 -40.46
CA LYS F 338 49.79 -7.71 -40.58
C LYS F 338 48.74 -6.59 -40.62
N VAL F 339 47.46 -6.93 -40.81
CA VAL F 339 46.42 -5.91 -40.84
C VAL F 339 46.18 -5.38 -39.42
N ASN F 340 45.89 -4.09 -39.31
CA ASN F 340 45.72 -3.42 -38.03
C ASN F 340 44.25 -3.09 -37.82
N CYS F 341 43.49 -4.09 -37.38
CA CYS F 341 42.11 -3.88 -36.99
C CYS F 341 42.03 -3.35 -35.56
N ALA F 342 40.82 -3.05 -35.10
CA ALA F 342 40.59 -2.59 -33.74
C ALA F 342 40.18 -3.70 -32.79
N CYS F 343 40.06 -4.93 -33.28
CA CYS F 343 39.68 -6.07 -32.45
C CYS F 343 40.88 -6.71 -31.75
N PHE F 344 42.03 -6.05 -31.76
CA PHE F 344 43.23 -6.52 -31.07
C PHE F 344 43.57 -5.57 -29.94
N THR F 345 44.46 -6.03 -29.06
CA THR F 345 44.91 -5.18 -27.96
C THR F 345 46.44 -5.29 -27.80
N PRO F 346 47.18 -4.19 -27.96
CA PRO F 346 46.64 -2.87 -28.32
C PRO F 346 46.49 -2.71 -29.82
N ASN F 347 46.71 -1.50 -30.33
CA ASN F 347 46.64 -1.26 -31.77
C ASN F 347 47.37 0.03 -32.14
N THR F 348 48.64 0.14 -31.73
CA THR F 348 49.44 1.29 -32.10
C THR F 348 49.72 1.35 -33.60
N GLY F 349 49.64 0.22 -34.28
CA GLY F 349 49.87 0.21 -35.71
C GLY F 349 48.89 1.08 -36.47
N ARG F 350 47.62 1.09 -36.03
CA ARG F 350 46.63 1.94 -36.69
C ARG F 350 46.94 3.41 -36.49
N LEU F 351 47.42 3.79 -35.31
CA LEU F 351 47.80 5.18 -35.07
C LEU F 351 49.00 5.57 -35.92
N GLU F 352 49.99 4.68 -36.01
CA GLU F 352 51.11 4.91 -36.93
C GLU F 352 50.63 5.11 -38.36
N ASP F 353 49.68 4.27 -38.79
CA ASP F 353 49.13 4.38 -40.14
C ASP F 353 48.45 5.73 -40.34
N ILE F 354 47.64 6.15 -39.37
CA ILE F 354 46.92 7.41 -39.49
C ILE F 354 47.91 8.58 -39.60
N LEU F 355 48.94 8.57 -38.75
CA LEU F 355 49.91 9.66 -38.79
C LEU F 355 50.69 9.66 -40.11
N SER F 356 51.09 8.48 -40.59
CA SER F 356 51.84 8.41 -41.84
C SER F 356 50.99 8.86 -43.02
N MET F 357 49.69 8.54 -42.98
CA MET F 357 48.81 8.96 -44.07
C MET F 357 48.55 10.46 -44.03
N VAL F 358 48.43 11.02 -42.83
CA VAL F 358 48.27 12.48 -42.71
C VAL F 358 49.52 13.18 -43.23
N GLN F 359 50.69 12.62 -42.94
CA GLN F 359 51.94 13.21 -43.43
C GLN F 359 52.04 13.11 -44.95
N LYS F 360 51.78 11.91 -45.50
CA LYS F 360 52.03 11.67 -46.92
C LYS F 360 51.01 12.40 -47.79
N LEU F 361 49.73 12.32 -47.43
CA LEU F 361 48.67 12.85 -48.28
C LEU F 361 48.50 14.36 -48.17
N GLN F 362 49.25 15.03 -47.29
CA GLN F 362 49.12 16.46 -47.07
C GLN F 362 47.69 16.81 -46.69
N VAL F 363 47.22 16.18 -45.61
CA VAL F 363 45.83 16.26 -45.17
C VAL F 363 45.65 17.46 -44.26
N ASP F 364 44.57 18.20 -44.48
CA ASP F 364 44.26 19.37 -43.67
C ASP F 364 43.31 19.07 -42.52
N GLY F 365 42.48 18.04 -42.64
CA GLY F 365 41.55 17.69 -41.58
C GLY F 365 41.25 16.21 -41.59
N VAL F 366 40.95 15.67 -40.41
CA VAL F 366 40.69 14.25 -40.23
C VAL F 366 39.28 14.08 -39.67
N ILE F 367 38.51 13.17 -40.28
CA ILE F 367 37.16 12.84 -39.82
C ILE F 367 37.15 11.37 -39.43
N HIS F 368 36.67 11.08 -38.23
CA HIS F 368 36.58 9.72 -37.69
C HIS F 368 35.11 9.31 -37.70
N TYR F 369 34.74 8.46 -38.65
CA TYR F 369 33.37 8.00 -38.80
C TYR F 369 33.32 6.50 -38.53
N SER F 370 32.51 6.11 -37.54
CA SER F 370 32.27 4.72 -37.22
C SER F 370 30.77 4.47 -37.17
N LEU F 371 30.36 3.27 -37.62
CA LEU F 371 28.96 2.91 -37.58
C LEU F 371 28.45 2.87 -36.14
N GLN F 372 27.16 3.13 -35.98
CA GLN F 372 26.58 3.14 -34.64
C GLN F 372 26.58 1.75 -34.04
N PHE F 373 26.67 1.70 -32.71
CA PHE F 373 26.70 0.46 -31.94
C PHE F 373 27.92 -0.40 -32.27
N CYS F 374 28.97 0.20 -32.80
CA CYS F 374 30.24 -0.49 -33.02
C CYS F 374 31.13 -0.22 -31.80
N GLN F 375 31.32 -1.25 -30.98
CA GLN F 375 32.03 -1.05 -29.71
C GLN F 375 33.52 -0.81 -29.89
N PRO F 376 34.29 -1.64 -30.66
CA PRO F 376 35.75 -1.46 -30.68
C PRO F 376 36.22 -0.10 -31.17
N TYR F 377 35.81 0.27 -32.40
CA TYR F 377 36.23 1.55 -32.95
C TYR F 377 35.65 2.72 -32.17
N GLY F 378 34.43 2.57 -31.65
CA GLY F 378 33.86 3.62 -30.83
C GLY F 378 34.66 3.89 -29.57
N VAL F 379 35.18 2.84 -28.93
CA VAL F 379 35.99 3.04 -27.74
C VAL F 379 37.38 3.54 -28.10
N GLU F 380 37.95 3.03 -29.20
CA GLU F 380 39.29 3.46 -29.60
C GLU F 380 39.31 4.91 -30.08
N SER F 381 38.16 5.43 -30.52
CA SER F 381 38.08 6.83 -30.96
C SER F 381 38.56 7.79 -29.88
N TYR F 382 38.37 7.44 -28.60
CA TYR F 382 38.81 8.33 -27.53
C TYR F 382 40.31 8.54 -27.55
N LEU F 383 41.08 7.45 -27.51
CA LEU F 383 42.53 7.56 -27.54
C LEU F 383 43.01 8.14 -28.85
N VAL F 384 42.33 7.80 -29.97
CA VAL F 384 42.73 8.36 -31.25
C VAL F 384 42.61 9.88 -31.24
N GLY F 385 41.45 10.38 -30.81
CA GLY F 385 41.24 11.82 -30.76
C GLY F 385 42.17 12.51 -29.78
N ARG F 386 42.45 11.86 -28.64
CA ARG F 386 43.36 12.46 -27.67
C ARG F 386 44.77 12.59 -28.24
N GLU F 387 45.29 11.52 -28.85
CA GLU F 387 46.63 11.59 -29.40
C GLU F 387 46.71 12.54 -30.59
N LEU F 388 45.64 12.66 -31.37
CA LEU F 388 45.66 13.65 -32.45
C LEU F 388 45.56 15.07 -31.91
N GLU F 389 44.87 15.26 -30.78
CA GLU F 389 44.87 16.55 -30.11
C GLU F 389 46.28 16.93 -29.65
N ARG F 390 47.00 15.97 -29.07
CA ARG F 390 48.34 16.25 -28.59
C ARG F 390 49.29 16.66 -29.72
N ARG F 391 49.02 16.20 -30.94
CA ARG F 391 49.80 16.61 -32.10
C ARG F 391 49.13 17.73 -32.88
N ASN F 392 48.02 18.27 -32.38
CA ASN F 392 47.32 19.41 -32.99
C ASN F 392 46.91 19.12 -34.43
N ILE F 393 46.02 18.13 -34.57
CA ILE F 393 45.35 17.84 -35.83
C ILE F 393 43.86 18.02 -35.59
N PRO F 394 43.16 18.79 -36.43
CA PRO F 394 41.72 19.00 -36.22
C PRO F 394 40.97 17.68 -36.34
N PHE F 395 40.09 17.44 -35.36
CA PHE F 395 39.41 16.15 -35.22
C PHE F 395 37.91 16.37 -35.16
N LEU F 396 37.17 15.36 -35.62
CA LEU F 396 35.70 15.43 -35.62
C LEU F 396 35.17 14.00 -35.64
N LYS F 397 34.51 13.60 -34.57
CA LYS F 397 33.92 12.27 -34.46
C LYS F 397 32.49 12.28 -35.00
N LEU F 398 32.17 11.29 -35.82
CA LEU F 398 30.82 11.13 -36.35
C LEU F 398 30.36 9.70 -36.14
N GLU F 399 29.03 9.52 -36.10
CA GLU F 399 28.44 8.22 -35.82
C GLU F 399 27.01 8.25 -36.35
N SER F 400 26.78 7.59 -37.49
CA SER F 400 25.46 7.54 -38.11
C SER F 400 25.21 6.13 -38.63
N ASP F 401 23.94 5.73 -38.60
CA ASP F 401 23.54 4.40 -39.03
C ASP F 401 23.25 4.44 -40.54
N PHE F 402 22.43 3.49 -41.02
CA PHE F 402 22.11 3.39 -42.43
C PHE F 402 20.80 4.07 -42.81
N SER F 403 19.98 4.45 -41.83
CA SER F 403 18.81 5.27 -42.13
C SER F 403 19.28 6.65 -42.58
N GLU F 404 19.42 6.83 -43.89
CA GLU F 404 20.11 7.99 -44.44
C GLU F 404 19.12 9.12 -44.78
N GLU F 405 18.38 9.54 -43.76
CA GLU F 405 17.54 10.72 -43.84
C GLU F 405 17.92 11.78 -42.82
N ASP F 406 18.91 11.50 -41.97
CA ASP F 406 19.42 12.46 -41.00
C ASP F 406 20.56 13.32 -41.55
N GLN F 407 20.76 13.30 -42.87
CA GLN F 407 21.91 13.98 -43.48
C GLN F 407 21.99 15.45 -43.04
N GLY F 408 20.84 16.09 -42.87
CA GLY F 408 20.85 17.47 -42.40
C GLY F 408 21.64 17.65 -41.12
N GLN F 409 21.33 16.84 -40.10
CA GLN F 409 22.03 16.94 -38.83
C GLN F 409 23.51 16.59 -38.96
N LEU F 410 23.91 15.93 -40.04
CA LEU F 410 25.33 15.71 -40.28
C LEU F 410 25.98 16.93 -40.90
N LYS F 411 25.26 17.62 -41.80
CA LYS F 411 25.85 18.73 -42.55
C LYS F 411 26.39 19.80 -41.63
N THR F 412 25.62 20.17 -40.61
CA THR F 412 26.05 21.23 -39.69
C THR F 412 27.38 20.89 -39.03
N ARG F 413 27.68 19.60 -38.86
CA ARG F 413 28.95 19.22 -38.25
C ARG F 413 30.09 19.24 -39.26
N ILE F 414 29.79 19.01 -40.53
CA ILE F 414 30.86 18.91 -41.54
C ILE F 414 31.31 20.30 -41.98
N GLU F 415 30.36 21.10 -42.50
CA GLU F 415 30.71 22.42 -43.02
C GLU F 415 31.41 23.26 -41.97
N ALA F 416 30.87 23.30 -40.75
CA ALA F 416 31.51 24.03 -39.66
C ALA F 416 32.94 23.57 -39.47
N PHE F 417 33.18 22.26 -39.51
CA PHE F 417 34.54 21.74 -39.44
C PHE F 417 35.40 22.35 -40.52
N LEU F 418 34.90 22.37 -41.77
CA LEU F 418 35.65 22.94 -42.87
C LEU F 418 35.92 24.43 -42.69
N GLU F 419 35.18 25.09 -41.80
CA GLU F 419 35.47 26.51 -41.54
C GLU F 419 36.60 26.70 -40.55
N MET F 420 36.85 25.71 -39.68
CA MET F 420 37.98 25.84 -38.77
C MET F 420 39.30 25.74 -39.53
N ILE F 421 39.34 24.91 -40.57
CA ILE F 421 40.54 24.70 -41.37
C ILE F 421 40.42 25.49 -42.67
N LYS F 422 39.92 26.72 -42.57
CA LYS F 422 39.70 27.56 -43.75
C LYS F 422 40.99 27.79 -44.53
N MET G 1 -23.74 -4.53 -12.58
CA MET G 1 -23.33 -4.63 -11.18
C MET G 1 -21.82 -4.77 -11.06
N PHE G 2 -21.20 -5.21 -12.15
CA PHE G 2 -19.76 -5.47 -12.19
C PHE G 2 -19.08 -4.41 -13.05
N ALA G 3 -18.02 -3.82 -12.52
CA ALA G 3 -17.35 -2.68 -13.14
C ALA G 3 -15.93 -3.02 -13.51
N GLY G 4 -15.48 -2.45 -14.63
CA GLY G 4 -14.11 -2.59 -15.08
C GLY G 4 -13.46 -1.25 -15.35
N LEU G 5 -12.50 -0.87 -14.51
CA LEU G 5 -11.86 0.44 -14.59
C LEU G 5 -10.51 0.32 -15.27
N ASP G 6 -10.32 1.05 -16.35
CA ASP G 6 -9.07 1.04 -17.10
C ASP G 6 -8.43 2.43 -16.99
N LEU G 7 -7.38 2.53 -16.18
CA LEU G 7 -6.66 3.79 -15.96
C LEU G 7 -5.40 3.77 -16.80
N GLY G 8 -5.52 4.17 -18.07
CA GLY G 8 -4.43 4.12 -19.00
C GLY G 8 -3.46 5.28 -18.84
N SER G 9 -2.55 5.38 -19.81
CA SER G 9 -1.54 6.43 -19.78
C SER G 9 -2.16 7.80 -20.07
N THR G 10 -2.91 7.91 -21.16
CA THR G 10 -3.49 9.18 -21.57
C THR G 10 -5.00 9.26 -21.36
N ASN G 11 -5.70 8.13 -21.35
CA ASN G 11 -7.15 8.12 -21.20
C ASN G 11 -7.56 7.09 -20.15
N SER G 12 -8.70 7.36 -19.52
CA SER G 12 -9.25 6.49 -18.48
C SER G 12 -10.63 6.02 -18.90
N LYS G 13 -10.86 4.70 -18.83
CA LYS G 13 -12.08 4.09 -19.32
C LYS G 13 -12.80 3.38 -18.18
N LEU G 14 -14.05 3.01 -18.43
CA LEU G 14 -14.89 2.34 -17.45
C LEU G 14 -16.04 1.66 -18.18
N VAL G 15 -16.23 0.37 -17.93
CA VAL G 15 -17.30 -0.41 -18.54
C VAL G 15 -18.13 -1.04 -17.43
N ILE G 16 -19.41 -0.69 -17.40
CA ILE G 16 -20.35 -1.20 -16.40
C ILE G 16 -21.19 -2.29 -17.05
N ILE G 17 -21.17 -3.49 -16.47
CA ILE G 17 -21.96 -4.62 -16.95
C ILE G 17 -23.10 -4.85 -15.97
N LYS G 18 -24.33 -4.89 -16.50
CA LYS G 18 -25.51 -5.10 -15.69
C LYS G 18 -25.74 -6.60 -15.47
N GLU G 19 -27.00 -6.99 -15.24
CA GLU G 19 -27.32 -8.39 -14.97
C GLU G 19 -27.65 -9.17 -16.23
N ASP G 20 -28.51 -8.61 -17.10
CA ASP G 20 -29.03 -9.37 -18.22
C ASP G 20 -27.93 -9.76 -19.21
N GLY G 21 -27.00 -8.85 -19.47
CA GLY G 21 -25.91 -9.14 -20.39
C GLY G 21 -25.59 -7.98 -21.31
N SER G 22 -25.90 -6.77 -20.86
CA SER G 22 -25.59 -5.55 -21.59
C SER G 22 -24.52 -4.76 -20.85
N TYR G 23 -23.97 -3.76 -21.53
CA TYR G 23 -22.97 -2.92 -20.89
C TYR G 23 -22.94 -1.55 -21.58
N THR G 24 -22.49 -0.56 -20.82
CA THR G 24 -22.25 0.79 -21.29
C THR G 24 -20.82 1.17 -20.95
N PHE G 25 -20.42 2.39 -21.32
CA PHE G 25 -19.06 2.84 -21.03
C PHE G 25 -19.00 4.36 -21.01
N LYS G 26 -18.08 4.89 -20.22
CA LYS G 26 -17.82 6.31 -20.11
C LYS G 26 -16.32 6.56 -20.28
N VAL G 27 -15.99 7.68 -20.92
CA VAL G 27 -14.61 7.98 -21.29
C VAL G 27 -14.24 9.38 -20.81
N VAL G 28 -13.14 9.47 -20.07
CA VAL G 28 -12.52 10.75 -19.72
C VAL G 28 -11.01 10.62 -19.82
N PRO G 29 -10.32 11.73 -20.06
CA PRO G 29 -8.86 11.69 -20.09
C PRO G 29 -8.28 11.45 -18.71
N THR G 30 -7.02 11.03 -18.68
CA THR G 30 -6.32 10.82 -17.42
C THR G 30 -5.96 12.15 -16.76
N ARG G 31 -5.72 13.19 -17.57
CA ARG G 31 -5.40 14.55 -17.14
C ARG G 31 -4.36 14.59 -16.02
N TYR G 32 -3.42 13.64 -16.03
CA TYR G 32 -2.33 13.54 -15.07
C TYR G 32 -2.83 13.24 -13.65
N GLU G 33 -4.15 13.31 -13.44
CA GLU G 33 -4.77 13.03 -12.15
C GLU G 33 -5.54 11.72 -12.27
N PRO G 34 -4.93 10.59 -11.94
CA PRO G 34 -5.59 9.29 -12.16
C PRO G 34 -6.70 9.00 -11.15
N VAL G 35 -6.45 9.26 -9.87
CA VAL G 35 -7.47 9.01 -8.85
C VAL G 35 -8.69 9.87 -9.10
N LYS G 36 -8.49 11.15 -9.45
CA LYS G 36 -9.62 12.03 -9.73
C LYS G 36 -10.43 11.53 -10.92
N ALA G 37 -9.74 11.10 -11.98
CA ALA G 37 -10.42 10.63 -13.18
C ALA G 37 -11.23 9.37 -12.89
N GLY G 38 -10.63 8.41 -12.16
CA GLY G 38 -11.37 7.21 -11.81
C GLY G 38 -12.56 7.50 -10.91
N GLU G 39 -12.39 8.43 -9.97
CA GLU G 39 -13.47 8.77 -9.06
C GLU G 39 -14.63 9.42 -9.80
N LEU G 40 -14.34 10.33 -10.73
CA LEU G 40 -15.41 10.93 -11.51
C LEU G 40 -15.97 9.97 -12.54
N LEU G 41 -15.22 8.93 -12.91
CA LEU G 41 -15.80 7.85 -13.71
C LEU G 41 -16.84 7.08 -12.90
N LEU G 42 -16.52 6.76 -11.65
CA LEU G 42 -17.49 6.13 -10.75
C LEU G 42 -18.31 7.23 -10.07
N LYS G 43 -19.29 7.75 -10.80
CA LYS G 43 -20.15 8.84 -10.33
C LYS G 43 -21.59 8.36 -10.29
N ASN G 44 -21.97 7.73 -9.17
CA ASN G 44 -23.33 7.28 -8.93
C ASN G 44 -23.87 6.43 -10.08
N THR G 45 -23.09 5.41 -10.45
CA THR G 45 -23.44 4.53 -11.55
C THR G 45 -24.29 3.33 -11.10
N GLY G 46 -24.72 3.32 -9.84
CA GLY G 46 -25.49 2.21 -9.30
C GLY G 46 -24.78 1.57 -8.13
N GLU G 47 -24.94 0.26 -8.02
CA GLU G 47 -24.26 -0.55 -7.01
C GLU G 47 -23.20 -1.42 -7.66
N ILE G 48 -22.14 -1.71 -6.92
CA ILE G 48 -21.03 -2.53 -7.39
C ILE G 48 -20.83 -3.66 -6.39
N ARG G 49 -20.86 -4.90 -6.88
CA ARG G 49 -20.50 -6.03 -6.03
C ARG G 49 -18.98 -6.23 -6.02
N ASN G 50 -18.36 -6.20 -7.20
CA ASN G 50 -16.92 -6.36 -7.33
C ASN G 50 -16.40 -5.40 -8.36
N LEU G 51 -15.19 -4.88 -8.13
CA LEU G 51 -14.54 -3.94 -9.03
C LEU G 51 -13.16 -4.48 -9.42
N VAL G 52 -12.78 -4.24 -10.67
CA VAL G 52 -11.47 -4.64 -11.19
C VAL G 52 -10.87 -3.45 -11.92
N VAL G 53 -9.65 -3.06 -11.54
CA VAL G 53 -8.97 -1.91 -12.11
C VAL G 53 -7.71 -2.39 -12.82
N THR G 54 -7.40 -1.78 -13.96
CA THR G 54 -6.24 -2.14 -14.76
C THR G 54 -5.46 -0.86 -15.08
N GLY G 55 -4.59 -0.95 -16.10
CA GLY G 55 -3.80 0.18 -16.53
C GLY G 55 -2.64 0.49 -15.59
N TYR G 56 -2.00 1.62 -15.84
CA TYR G 56 -0.94 2.08 -14.95
C TYR G 56 -1.52 2.57 -13.63
N GLY G 57 -2.55 3.40 -13.69
CA GLY G 57 -3.21 3.92 -12.50
C GLY G 57 -3.70 2.86 -11.54
N ARG G 58 -3.65 1.59 -11.96
CA ARG G 58 -4.00 0.50 -11.06
C ARG G 58 -3.11 0.49 -9.83
N VAL G 59 -1.90 1.04 -9.95
CA VAL G 59 -0.97 0.99 -8.82
C VAL G 59 -1.50 1.81 -7.64
N ALA G 60 -2.34 2.80 -7.91
CA ALA G 60 -2.82 3.72 -6.88
C ALA G 60 -4.32 4.00 -7.07
N PHE G 61 -5.15 2.99 -6.86
CA PHE G 61 -6.58 3.18 -6.68
C PHE G 61 -6.99 2.57 -5.35
N ASN G 62 -7.77 3.32 -4.58
CA ASN G 62 -8.08 2.94 -3.21
C ASN G 62 -8.74 1.58 -3.12
N ARG G 63 -9.62 1.27 -4.07
CA ARG G 63 -10.55 0.16 -3.94
C ARG G 63 -10.55 -0.72 -5.18
N GLY G 64 -10.68 -2.02 -4.98
CA GLY G 64 -10.91 -2.95 -6.06
C GLY G 64 -9.71 -3.87 -6.29
N LYS G 65 -10.00 -5.06 -6.81
CA LYS G 65 -8.96 -6.00 -7.21
C LYS G 65 -8.23 -5.48 -8.44
N VAL G 66 -6.93 -5.75 -8.51
CA VAL G 66 -6.08 -5.27 -9.59
C VAL G 66 -5.73 -6.44 -10.51
N VAL G 67 -5.82 -6.18 -11.82
CA VAL G 67 -5.43 -7.15 -12.85
C VAL G 67 -4.72 -6.41 -13.96
N THR G 68 -3.61 -6.98 -14.44
CA THR G 68 -2.78 -6.29 -15.42
C THR G 68 -3.50 -6.19 -16.78
N GLU G 69 -2.91 -5.39 -17.67
CA GLU G 69 -3.58 -5.07 -18.93
C GLU G 69 -3.56 -6.24 -19.91
N ILE G 70 -2.56 -7.13 -19.81
CA ILE G 70 -2.45 -8.22 -20.77
C ILE G 70 -3.64 -9.16 -20.66
N THR G 71 -3.91 -9.65 -19.45
CA THR G 71 -4.96 -10.64 -19.25
C THR G 71 -6.34 -10.04 -19.48
N CYS G 72 -6.57 -8.81 -19.00
CA CYS G 72 -7.86 -8.17 -19.22
C CYS G 72 -8.07 -7.87 -20.70
N GLN G 73 -7.02 -7.44 -21.39
CA GLN G 73 -7.13 -7.20 -22.83
C GLN G 73 -7.48 -8.48 -23.57
N ALA G 74 -6.85 -9.60 -23.21
CA ALA G 74 -7.16 -10.87 -23.85
C ALA G 74 -8.60 -11.28 -23.58
N ARG G 75 -9.03 -11.21 -22.32
CA ARG G 75 -10.38 -11.61 -21.96
C ARG G 75 -11.42 -10.72 -22.64
N GLY G 76 -11.11 -9.45 -22.86
CA GLY G 76 -12.02 -8.56 -23.54
C GLY G 76 -12.10 -8.81 -25.04
N CYS G 77 -10.94 -8.98 -25.67
CA CYS G 77 -10.92 -9.23 -27.11
C CYS G 77 -11.45 -10.62 -27.47
N HIS G 78 -11.45 -11.56 -26.53
CA HIS G 78 -11.99 -12.88 -26.83
C HIS G 78 -13.51 -12.88 -26.87
N GLU G 79 -14.16 -11.95 -26.17
CA GLU G 79 -15.62 -11.91 -26.17
C GLU G 79 -16.18 -11.50 -27.53
N LEU G 80 -15.44 -10.70 -28.29
CA LEU G 80 -15.90 -10.20 -29.58
C LEU G 80 -15.40 -11.07 -30.74
N PHE G 81 -14.10 -11.38 -30.77
CA PHE G 81 -13.49 -12.18 -31.82
C PHE G 81 -12.89 -13.44 -31.20
N PRO G 82 -13.69 -14.47 -30.93
CA PRO G 82 -13.17 -15.70 -30.33
C PRO G 82 -12.57 -16.69 -31.32
N GLU G 83 -12.54 -16.38 -32.62
CA GLU G 83 -12.04 -17.30 -33.63
C GLU G 83 -10.60 -17.03 -34.04
N VAL G 84 -10.06 -15.86 -33.71
CA VAL G 84 -8.67 -15.50 -34.02
C VAL G 84 -7.90 -15.40 -32.71
N ASP G 85 -6.67 -15.92 -32.71
CA ASP G 85 -5.89 -16.10 -31.49
C ASP G 85 -4.71 -15.16 -31.37
N TYR G 86 -4.74 -14.01 -32.06
CA TYR G 86 -3.62 -13.07 -32.01
C TYR G 86 -4.15 -11.65 -31.85
N ILE G 87 -3.61 -10.95 -30.86
CA ILE G 87 -4.04 -9.60 -30.52
C ILE G 87 -2.86 -8.66 -30.60
N LEU G 88 -3.04 -7.51 -31.25
CA LEU G 88 -2.07 -6.43 -31.26
C LEU G 88 -2.70 -5.20 -30.61
N ASP G 89 -1.98 -4.60 -29.67
CA ASP G 89 -2.48 -3.46 -28.90
C ASP G 89 -1.45 -2.35 -28.94
N LEU G 90 -1.89 -1.14 -29.28
CA LEU G 90 -1.01 0.03 -29.32
C LEU G 90 -1.69 1.20 -28.63
N GLY G 91 -1.05 1.72 -27.59
CA GLY G 91 -1.49 2.93 -26.94
C GLY G 91 -0.44 4.01 -27.02
N GLY G 92 -0.61 5.09 -26.26
CA GLY G 92 0.35 6.18 -26.28
C GLY G 92 1.73 5.79 -25.77
N GLN G 93 1.81 4.74 -24.95
CA GLN G 93 3.07 4.30 -24.37
C GLN G 93 3.41 2.87 -24.74
N ASP G 94 2.60 1.90 -24.31
CA ASP G 94 2.94 0.48 -24.46
C ASP G 94 2.32 -0.10 -25.72
N ALA G 95 3.05 -1.02 -26.34
CA ALA G 95 2.57 -1.79 -27.48
C ALA G 95 2.77 -3.27 -27.15
N LYS G 96 1.72 -4.07 -27.34
CA LYS G 96 1.73 -5.47 -26.94
C LYS G 96 1.21 -6.36 -28.05
N ILE G 97 1.79 -7.55 -28.17
CA ILE G 97 1.29 -8.60 -29.04
C ILE G 97 0.99 -9.81 -28.15
N ILE G 98 -0.24 -10.27 -28.18
CA ILE G 98 -0.73 -11.29 -27.26
C ILE G 98 -1.26 -12.47 -28.05
N LYS G 99 -0.86 -13.68 -27.66
CA LYS G 99 -1.42 -14.91 -28.19
C LYS G 99 -2.29 -15.55 -27.11
N LYS G 100 -3.57 -15.72 -27.41
CA LYS G 100 -4.52 -16.38 -26.52
C LYS G 100 -4.97 -17.69 -27.14
N ASP G 101 -5.52 -18.57 -26.29
CA ASP G 101 -6.05 -19.82 -26.79
C ASP G 101 -7.54 -19.69 -27.12
N GLY G 102 -8.32 -20.73 -26.84
CA GLY G 102 -9.73 -20.74 -27.15
C GLY G 102 -10.66 -20.39 -26.03
N GLN G 103 -10.15 -20.14 -24.82
CA GLN G 103 -10.97 -19.81 -23.67
C GLN G 103 -10.69 -18.42 -23.11
N GLY G 104 -9.96 -17.59 -23.85
CA GLY G 104 -9.58 -16.28 -23.34
C GLY G 104 -8.45 -16.33 -22.33
N ARG G 105 -7.62 -17.36 -22.38
CA ARG G 105 -6.49 -17.51 -21.48
C ARG G 105 -5.20 -17.14 -22.21
N VAL G 106 -4.38 -16.31 -21.58
CA VAL G 106 -3.13 -15.86 -22.21
C VAL G 106 -2.12 -17.00 -22.21
N VAL G 107 -1.55 -17.29 -23.36
CA VAL G 107 -0.52 -18.32 -23.48
C VAL G 107 0.85 -17.75 -23.79
N ASN G 108 0.94 -16.51 -24.27
CA ASN G 108 2.21 -15.84 -24.55
C ASN G 108 1.93 -14.38 -24.85
N PHE G 109 2.92 -13.54 -24.55
CA PHE G 109 2.82 -12.11 -24.82
C PHE G 109 4.22 -11.55 -25.03
N LEU G 110 4.28 -10.35 -25.61
CA LEU G 110 5.56 -9.68 -25.84
C LEU G 110 5.29 -8.19 -25.93
N MET G 111 5.97 -7.42 -25.08
CA MET G 111 5.82 -5.98 -25.03
C MET G 111 7.05 -5.30 -25.62
N ASN G 112 6.92 -4.01 -25.89
CA ASN G 112 7.97 -3.27 -26.57
C ASN G 112 9.27 -3.27 -25.76
N ASP G 113 10.39 -3.31 -26.46
CA ASP G 113 11.69 -3.23 -25.80
C ASP G 113 11.90 -1.82 -25.26
N LYS G 114 13.04 -1.63 -24.58
CA LYS G 114 13.27 -0.38 -23.88
C LYS G 114 13.48 0.80 -24.82
N CYS G 115 13.79 0.55 -26.10
CA CYS G 115 13.99 1.61 -27.07
C CYS G 115 12.77 1.85 -27.95
N ALA G 116 11.65 1.17 -27.68
CA ALA G 116 10.44 1.29 -28.49
C ALA G 116 9.26 1.82 -27.68
N ALA G 117 9.52 2.71 -26.73
CA ALA G 117 8.48 3.26 -25.89
C ALA G 117 8.10 4.66 -26.36
N GLY G 118 6.82 4.98 -26.25
CA GLY G 118 6.34 6.31 -26.61
C GLY G 118 6.03 6.49 -28.08
N THR G 119 5.46 5.48 -28.73
CA THR G 119 5.16 5.57 -30.16
C THR G 119 3.82 6.25 -30.41
N GLY G 120 2.78 5.84 -29.70
CA GLY G 120 1.46 6.39 -29.93
C GLY G 120 1.36 7.85 -29.54
N ARG G 121 2.00 8.23 -28.42
CA ARG G 121 1.99 9.63 -28.01
C ARG G 121 2.72 10.49 -29.02
N PHE G 122 3.85 10.01 -29.55
CA PHE G 122 4.56 10.75 -30.59
C PHE G 122 3.72 10.87 -31.85
N LEU G 123 3.01 9.80 -32.21
CA LEU G 123 2.12 9.85 -33.37
C LEU G 123 1.04 10.92 -33.19
N GLU G 124 0.40 10.94 -32.02
CA GLU G 124 -0.64 11.93 -31.77
C GLU G 124 -0.08 13.35 -31.75
N ILE G 125 1.09 13.52 -31.13
CA ILE G 125 1.73 14.83 -31.10
C ILE G 125 2.04 15.32 -32.51
N ILE G 126 2.52 14.42 -33.37
CA ILE G 126 2.77 14.80 -34.76
C ILE G 126 1.46 15.16 -35.46
N LEU G 127 0.43 14.32 -35.29
CA LEU G 127 -0.84 14.52 -35.96
C LEU G 127 -1.47 15.86 -35.59
N THR G 128 -1.25 16.34 -34.36
CA THR G 128 -1.87 17.58 -33.94
C THR G 128 -0.95 18.81 -34.03
N ALA G 129 0.37 18.63 -34.00
CA ALA G 129 1.28 19.75 -34.14
C ALA G 129 1.51 20.08 -35.61
N ILE G 130 1.82 19.07 -36.42
CA ILE G 130 1.68 19.22 -37.86
C ILE G 130 0.25 19.61 -38.19
N GLY G 131 -0.71 19.10 -37.41
CA GLY G 131 -2.10 19.46 -37.57
C GLY G 131 -2.78 18.66 -38.66
N ASP G 132 -1.99 18.24 -39.64
CA ASP G 132 -2.52 17.62 -40.86
C ASP G 132 -3.64 18.49 -41.44
N ASP G 133 -3.20 19.61 -42.03
CA ASP G 133 -4.13 20.60 -42.57
C ASP G 133 -5.11 19.99 -43.55
N TYR G 134 -4.77 18.85 -44.14
CA TYR G 134 -5.73 18.04 -44.87
C TYR G 134 -6.29 16.98 -43.92
N ARG G 135 -7.61 16.95 -43.77
CA ARG G 135 -8.21 16.33 -42.58
C ARG G 135 -8.14 14.81 -42.62
N ASP G 136 -8.70 14.19 -43.67
CA ASP G 136 -9.06 12.78 -43.59
C ASP G 136 -8.22 11.98 -44.59
N GLU G 137 -8.86 11.23 -45.49
CA GLU G 137 -8.24 10.07 -46.15
C GLU G 137 -7.44 10.51 -47.38
N ASP G 138 -6.36 11.25 -47.13
CA ASP G 138 -5.47 11.69 -48.19
C ASP G 138 -4.12 10.98 -48.15
N LEU G 139 -4.05 9.80 -47.54
CA LEU G 139 -2.80 9.07 -47.42
C LEU G 139 -2.67 7.92 -48.41
N ILE G 140 -3.75 7.49 -49.05
CA ILE G 140 -3.68 6.49 -50.12
C ILE G 140 -3.48 7.14 -51.48
N ASN G 141 -3.14 8.42 -51.52
CA ASN G 141 -2.91 9.15 -52.75
C ASN G 141 -1.47 9.63 -52.88
N GLU G 142 -0.57 9.16 -52.01
CA GLU G 142 0.80 9.60 -51.96
C GLU G 142 1.70 8.52 -52.54
N GLU G 143 2.37 8.83 -53.64
CA GLU G 143 3.37 7.93 -54.19
C GLU G 143 4.76 8.20 -53.62
N ASN G 144 5.02 9.42 -53.18
CA ASN G 144 6.32 9.78 -52.61
C ASN G 144 6.24 9.94 -51.10
N ALA G 145 5.94 8.84 -50.40
CA ALA G 145 5.90 8.84 -48.94
C ALA G 145 7.33 8.66 -48.44
N VAL G 146 7.96 9.75 -48.04
CA VAL G 146 9.35 9.70 -47.60
C VAL G 146 9.45 8.94 -46.28
N PRO G 147 10.30 7.94 -46.15
CA PRO G 147 10.34 7.12 -44.94
C PRO G 147 10.92 7.88 -43.75
N ILE G 148 10.75 7.29 -42.58
CA ILE G 148 11.28 7.81 -41.33
C ILE G 148 11.99 6.67 -40.61
N ASN G 149 12.86 7.03 -39.68
CA ASN G 149 13.66 6.03 -38.97
C ASN G 149 12.78 5.20 -38.04
N SER G 150 13.17 3.94 -37.86
CA SER G 150 12.43 2.99 -37.05
C SER G 150 13.29 2.45 -35.91
N MET G 151 14.11 3.30 -35.31
CA MET G 151 14.91 2.93 -34.15
C MET G 151 14.34 3.46 -32.84
N CYS G 152 13.86 4.71 -32.85
CA CYS G 152 13.23 5.30 -31.67
C CYS G 152 12.43 6.50 -32.12
N THR G 153 11.66 7.06 -31.18
CA THR G 153 10.87 8.24 -31.47
C THR G 153 11.70 9.53 -31.42
N VAL G 154 12.84 9.52 -30.75
CA VAL G 154 13.69 10.70 -30.71
C VAL G 154 14.37 10.91 -32.05
N PHE G 155 14.95 9.85 -32.61
CA PHE G 155 15.51 9.94 -33.95
C PHE G 155 14.43 10.26 -34.98
N ALA G 156 13.21 9.75 -34.77
CA ALA G 156 12.12 10.08 -35.67
C ALA G 156 11.75 11.55 -35.58
N GLU G 157 11.78 12.12 -34.36
CA GLU G 157 11.52 13.54 -34.20
C GLU G 157 12.58 14.38 -34.91
N SER G 158 13.86 14.02 -34.73
CA SER G 158 14.93 14.75 -35.40
C SER G 158 14.84 14.61 -36.91
N GLU G 159 14.40 13.45 -37.40
CA GLU G 159 14.26 13.25 -38.84
C GLU G 159 13.06 14.01 -39.39
N VAL G 160 11.99 14.13 -38.61
CA VAL G 160 10.88 15.00 -39.01
C VAL G 160 11.34 16.44 -39.11
N ILE G 161 12.17 16.88 -38.15
CA ILE G 161 12.76 18.21 -38.23
C ILE G 161 13.56 18.38 -39.51
N SER G 162 14.40 17.36 -39.82
CA SER G 162 15.24 17.44 -41.01
C SER G 162 14.42 17.48 -42.28
N LEU G 163 13.32 16.71 -42.32
CA LEU G 163 12.46 16.69 -43.51
C LEU G 163 11.71 18.00 -43.66
N LEU G 164 11.25 18.58 -42.56
CA LEU G 164 10.60 19.89 -42.61
C LEU G 164 11.58 21.02 -42.85
N ALA G 165 12.89 20.77 -42.73
CA ALA G 165 13.88 21.81 -42.93
C ALA G 165 14.10 22.10 -44.43
N ARG G 166 14.15 21.06 -45.26
CA ARG G 166 14.39 21.24 -46.68
C ARG G 166 13.14 21.63 -47.46
N GLY G 167 11.98 21.70 -46.81
CA GLY G 167 10.77 22.06 -47.48
C GLY G 167 9.97 20.91 -48.04
N THR G 168 10.05 19.73 -47.42
CA THR G 168 9.29 18.58 -47.89
C THR G 168 7.81 18.77 -47.53
N SER G 169 6.95 18.08 -48.30
CA SER G 169 5.53 18.12 -48.03
C SER G 169 5.23 17.41 -46.71
N LYS G 170 4.42 18.05 -45.87
CA LYS G 170 4.09 17.48 -44.57
C LYS G 170 3.30 16.18 -44.71
N ARG G 171 2.48 16.07 -45.76
CA ARG G 171 1.76 14.84 -46.03
C ARG G 171 2.72 13.68 -46.26
N ALA G 172 3.86 13.96 -46.89
CA ALA G 172 4.86 12.92 -47.10
C ALA G 172 5.44 12.44 -45.76
N VAL G 173 5.71 13.38 -44.85
CA VAL G 173 6.23 13.00 -43.54
C VAL G 173 5.19 12.16 -42.78
N ILE G 174 3.92 12.56 -42.84
CA ILE G 174 2.86 11.80 -42.18
C ILE G 174 2.80 10.38 -42.75
N ALA G 175 2.68 10.26 -44.07
CA ALA G 175 2.57 8.95 -44.70
C ALA G 175 3.80 8.09 -44.45
N GLY G 176 4.99 8.71 -44.39
CA GLY G 176 6.20 7.93 -44.16
C GLY G 176 6.31 7.44 -42.73
N LEU G 177 5.94 8.29 -41.77
CA LEU G 177 5.88 7.81 -40.38
C LEU G 177 4.90 6.66 -40.26
N PHE G 178 3.75 6.76 -40.94
CA PHE G 178 2.78 5.67 -40.88
C PHE G 178 3.31 4.40 -41.54
N LYS G 179 4.01 4.53 -42.66
CA LYS G 179 4.60 3.36 -43.31
C LYS G 179 5.63 2.69 -42.41
N THR G 180 6.50 3.50 -41.79
CA THR G 180 7.53 2.95 -40.92
C THR G 180 6.91 2.25 -39.71
N THR G 181 5.94 2.89 -39.07
CA THR G 181 5.28 2.27 -37.92
C THR G 181 4.53 1.00 -38.33
N ALA G 182 3.93 1.00 -39.52
CA ALA G 182 3.23 -0.18 -40.00
C ALA G 182 4.18 -1.34 -40.21
N LYS G 183 5.33 -1.08 -40.83
CA LYS G 183 6.31 -2.14 -41.02
C LYS G 183 6.86 -2.64 -39.69
N ARG G 184 7.12 -1.71 -38.76
CA ARG G 184 7.60 -2.11 -37.43
C ARG G 184 6.59 -3.02 -36.75
N LEU G 185 5.33 -2.62 -36.69
CA LEU G 185 4.31 -3.43 -36.03
C LEU G 185 4.06 -4.74 -36.77
N ALA G 186 4.20 -4.75 -38.10
CA ALA G 186 4.00 -5.98 -38.85
C ALA G 186 5.09 -6.99 -38.52
N LYS G 187 6.35 -6.57 -38.53
CA LYS G 187 7.43 -7.46 -38.13
C LYS G 187 7.40 -7.78 -36.64
N PHE G 188 6.72 -6.95 -35.84
CA PHE G 188 6.64 -7.17 -34.40
C PHE G 188 5.58 -8.21 -34.06
N ALA G 189 4.45 -8.20 -34.77
CA ALA G 189 3.37 -9.14 -34.48
C ALA G 189 3.72 -10.57 -34.84
N GLU G 190 4.76 -10.78 -35.63
CA GLU G 190 5.20 -12.12 -36.00
C GLU G 190 6.07 -12.78 -34.95
N SER G 191 6.29 -12.12 -33.80
CA SER G 191 7.16 -12.67 -32.78
C SER G 191 6.58 -13.92 -32.14
N LEU G 192 5.29 -13.88 -31.79
CA LEU G 192 4.64 -15.04 -31.19
C LEU G 192 4.30 -16.12 -32.20
N GLY G 193 4.33 -15.78 -33.48
CA GLY G 193 3.95 -16.72 -34.52
C GLY G 193 3.30 -15.99 -35.68
N LYS G 194 3.17 -16.71 -36.79
CA LYS G 194 2.56 -16.13 -37.99
C LYS G 194 1.04 -16.10 -37.84
N PRO G 195 0.44 -14.92 -37.78
CA PRO G 195 -1.02 -14.84 -37.55
C PRO G 195 -1.79 -15.22 -38.81
N ARG G 196 -2.68 -16.19 -38.67
CA ARG G 196 -3.60 -16.53 -39.76
C ARG G 196 -4.72 -15.49 -39.87
N LYS G 197 -5.04 -14.82 -38.76
CA LYS G 197 -5.83 -13.60 -38.73
C LYS G 197 -5.25 -12.73 -37.61
N LEU G 198 -5.68 -11.47 -37.54
CA LEU G 198 -5.14 -10.58 -36.52
C LEU G 198 -6.17 -9.58 -36.05
N ILE G 199 -6.17 -9.32 -34.74
CA ILE G 199 -6.94 -8.24 -34.12
C ILE G 199 -6.00 -7.06 -33.89
N PHE G 200 -6.50 -5.84 -34.12
CA PHE G 200 -5.72 -4.63 -33.91
C PHE G 200 -6.59 -3.65 -33.11
N THR G 201 -6.36 -3.60 -31.80
CA THR G 201 -7.11 -2.74 -30.89
C THR G 201 -6.16 -1.74 -30.23
N GLY G 202 -6.71 -0.91 -29.35
CA GLY G 202 -5.95 0.12 -28.67
C GLY G 202 -6.39 1.51 -29.10
N GLY G 203 -5.61 2.50 -28.65
CA GLY G 203 -5.90 3.87 -29.04
C GLY G 203 -5.53 4.21 -30.47
N GLY G 204 -4.64 3.43 -31.08
CA GLY G 204 -4.17 3.69 -32.42
C GLY G 204 -5.03 3.15 -33.54
N ALA G 205 -6.00 2.29 -33.23
CA ALA G 205 -6.87 1.72 -34.26
C ALA G 205 -7.88 2.72 -34.80
N LYS G 206 -7.91 3.96 -34.28
CA LYS G 206 -8.76 4.98 -34.86
C LYS G 206 -8.26 5.46 -36.21
N TYR G 207 -6.96 5.28 -36.49
CA TYR G 207 -6.37 5.69 -37.75
C TYR G 207 -6.67 4.68 -38.83
N PRO G 208 -7.46 5.03 -39.85
CA PRO G 208 -7.67 4.10 -40.96
C PRO G 208 -6.43 3.90 -41.81
N ALA G 209 -5.57 4.92 -41.88
CA ALA G 209 -4.32 4.80 -42.64
C ALA G 209 -3.42 3.72 -42.06
N LEU G 210 -3.17 3.79 -40.75
CA LEU G 210 -2.33 2.78 -40.10
C LEU G 210 -2.98 1.40 -40.19
N ARG G 211 -4.31 1.35 -40.06
CA ARG G 211 -5.02 0.07 -40.14
C ARG G 211 -4.82 -0.58 -41.50
N LEU G 212 -5.05 0.17 -42.58
CA LEU G 212 -4.91 -0.40 -43.92
C LEU G 212 -3.44 -0.69 -44.24
N PHE G 213 -2.52 0.15 -43.77
CA PHE G 213 -1.10 -0.12 -43.98
C PHE G 213 -0.70 -1.43 -43.33
N LEU G 214 -1.17 -1.68 -42.10
CA LEU G 214 -0.85 -2.94 -41.44
C LEU G 214 -1.52 -4.12 -42.13
N GLN G 215 -2.78 -3.93 -42.56
CA GLN G 215 -3.48 -5.00 -43.27
C GLN G 215 -2.75 -5.39 -44.56
N LYS G 216 -2.16 -4.41 -45.24
CA LYS G 216 -1.44 -4.69 -46.47
C LYS G 216 -0.06 -5.29 -46.19
N GLU G 217 0.67 -4.73 -45.22
CA GLU G 217 2.02 -5.21 -44.94
C GLU G 217 2.01 -6.63 -44.39
N MET G 218 1.16 -6.89 -43.40
CA MET G 218 1.07 -8.23 -42.84
C MET G 218 0.50 -9.24 -43.83
N GLY G 219 -0.21 -8.78 -44.84
CA GLY G 219 -0.79 -9.64 -45.85
C GLY G 219 -2.20 -10.14 -45.56
N VAL G 220 -2.48 -10.44 -44.29
CA VAL G 220 -3.78 -10.94 -43.90
C VAL G 220 -4.68 -9.77 -43.53
N GLU G 221 -5.99 -10.02 -43.57
CA GLU G 221 -6.96 -9.00 -43.19
C GLU G 221 -6.83 -8.64 -41.72
N VAL G 222 -7.22 -7.42 -41.38
CA VAL G 222 -7.16 -6.92 -40.02
C VAL G 222 -8.58 -6.57 -39.58
N VAL G 223 -9.03 -7.17 -38.48
CA VAL G 223 -10.33 -6.89 -37.91
C VAL G 223 -10.15 -5.99 -36.69
N VAL G 224 -11.06 -5.02 -36.53
CA VAL G 224 -10.95 -4.05 -35.46
C VAL G 224 -12.26 -4.02 -34.67
N PRO G 225 -12.22 -4.01 -33.34
CA PRO G 225 -13.45 -3.90 -32.53
C PRO G 225 -14.15 -2.58 -32.77
N PRO G 226 -15.42 -2.45 -32.36
CA PRO G 226 -16.10 -1.14 -32.48
C PRO G 226 -15.34 -0.02 -31.81
N GLU G 227 -15.10 -0.12 -30.50
CA GLU G 227 -14.25 0.85 -29.83
C GLU G 227 -12.99 0.11 -29.41
N PRO G 228 -11.81 0.54 -29.87
CA PRO G 228 -10.58 -0.21 -29.58
C PRO G 228 -9.93 0.20 -28.26
N SER G 229 -10.46 1.23 -27.62
CA SER G 229 -9.92 1.79 -26.40
C SER G 229 -10.66 1.34 -25.15
N VAL G 230 -11.76 0.60 -25.29
CA VAL G 230 -12.56 0.15 -24.16
C VAL G 230 -12.55 -1.38 -24.03
N THR G 231 -11.69 -2.07 -24.78
CA THR G 231 -11.66 -3.53 -24.71
C THR G 231 -11.19 -3.99 -23.34
N ALA G 232 -10.02 -3.51 -22.89
CA ALA G 232 -9.46 -3.92 -21.61
C ALA G 232 -10.46 -3.77 -20.48
N ALA G 233 -11.03 -2.56 -20.34
CA ALA G 233 -12.08 -2.32 -19.35
C ALA G 233 -13.15 -3.39 -19.44
N LEU G 234 -13.68 -3.62 -20.65
CA LEU G 234 -14.66 -4.69 -20.85
C LEU G 234 -14.15 -6.00 -20.26
N GLY G 235 -12.96 -6.42 -20.68
CA GLY G 235 -12.39 -7.64 -20.13
C GLY G 235 -12.38 -7.65 -18.63
N ALA G 236 -11.97 -6.52 -18.01
CA ALA G 236 -11.98 -6.43 -16.56
C ALA G 236 -13.33 -6.81 -16.00
N ALA G 237 -14.40 -6.19 -16.52
CA ALA G 237 -15.74 -6.49 -16.03
C ALA G 237 -16.04 -7.98 -16.14
N LEU G 238 -15.64 -8.59 -17.26
CA LEU G 238 -15.86 -10.03 -17.42
C LEU G 238 -15.17 -10.81 -16.32
N ILE G 239 -13.90 -10.48 -16.04
CA ILE G 239 -13.19 -11.15 -14.96
C ILE G 239 -13.86 -10.83 -13.63
N ALA G 240 -14.43 -9.62 -13.50
CA ALA G 240 -15.12 -9.25 -12.28
C ALA G 240 -16.34 -10.13 -12.03
N ARG G 241 -16.83 -10.83 -13.07
CA ARG G 241 -17.95 -11.74 -12.90
C ARG G 241 -17.51 -13.14 -12.48
N GLU G 242 -16.22 -13.45 -12.60
CA GLU G 242 -15.67 -14.73 -12.15
C GLU G 242 -15.01 -14.62 -10.79
N THR G 243 -15.51 -13.76 -9.92
CA THR G 243 -14.96 -13.57 -8.59
C THR G 243 -16.07 -13.42 -7.56
N ALA H 3 23.00 42.82 -40.79
CA ALA H 3 21.85 41.97 -40.55
C ALA H 3 22.25 40.53 -40.29
N GLY H 4 21.55 39.86 -39.39
CA GLY H 4 21.83 38.47 -39.07
C GLY H 4 20.58 37.69 -38.72
N LEU H 5 20.44 36.50 -39.29
CA LEU H 5 19.23 35.70 -39.18
C LEU H 5 19.49 34.43 -38.38
N ASP H 6 18.49 34.02 -37.58
CA ASP H 6 18.55 32.79 -36.80
C ASP H 6 17.29 31.97 -37.06
N LEU H 7 17.19 31.43 -38.28
CA LEU H 7 16.06 30.57 -38.61
C LEU H 7 16.12 29.26 -37.83
N GLY H 8 15.58 29.26 -36.61
CA GLY H 8 15.63 28.10 -35.75
C GLY H 8 14.64 27.03 -36.16
N SER H 9 14.42 26.10 -35.24
CA SER H 9 13.51 24.98 -35.49
C SER H 9 12.06 25.40 -35.27
N THR H 10 11.73 25.87 -34.09
CA THR H 10 10.37 26.30 -33.76
C THR H 10 10.29 27.79 -33.44
N ASN H 11 11.39 28.54 -33.62
CA ASN H 11 11.40 29.97 -33.34
C ASN H 11 12.57 30.60 -34.07
N SER H 12 12.30 31.68 -34.81
CA SER H 12 13.31 32.37 -35.58
C SER H 12 13.61 33.74 -34.97
N LYS H 13 14.85 34.19 -35.12
CA LYS H 13 15.31 35.44 -34.53
C LYS H 13 16.20 36.16 -35.54
N LEU H 14 16.27 37.48 -35.41
CA LEU H 14 17.00 38.30 -36.38
C LEU H 14 17.47 39.58 -35.70
N VAL H 15 18.66 40.03 -36.08
CA VAL H 15 19.29 41.23 -35.52
C VAL H 15 19.55 42.22 -36.65
N ILE H 16 19.30 43.50 -36.36
CA ILE H 16 19.64 44.59 -37.26
C ILE H 16 20.20 45.74 -36.43
N ILE H 17 21.10 46.52 -37.03
CA ILE H 17 21.76 47.62 -36.35
C ILE H 17 22.01 48.74 -37.36
N LYS H 18 22.16 49.97 -36.84
CA LYS H 18 22.41 51.13 -37.66
C LYS H 18 23.83 51.57 -37.41
N GLU H 19 24.08 52.64 -36.63
CA GLU H 19 25.42 53.07 -36.28
C GLU H 19 25.63 53.12 -34.77
N ASP H 20 24.74 52.50 -34.00
CA ASP H 20 24.76 52.58 -32.55
C ASP H 20 25.83 51.65 -31.96
N GLY H 21 26.25 51.97 -30.74
CA GLY H 21 27.08 51.06 -29.98
C GLY H 21 26.32 49.90 -29.36
N SER H 22 25.01 50.06 -29.20
CA SER H 22 24.15 49.00 -28.70
C SER H 22 23.60 48.20 -29.89
N TYR H 23 22.48 47.52 -29.71
CA TYR H 23 21.98 46.57 -30.70
C TYR H 23 20.46 46.64 -30.76
N THR H 24 19.89 46.06 -31.82
CA THR H 24 18.45 45.99 -32.02
C THR H 24 18.10 44.63 -32.57
N PHE H 25 16.88 44.17 -32.30
CA PHE H 25 16.48 42.82 -32.66
C PHE H 25 14.99 42.78 -32.99
N LYS H 26 14.55 41.62 -33.46
CA LYS H 26 13.15 41.36 -33.81
C LYS H 26 12.95 39.86 -33.91
N VAL H 27 11.84 39.37 -33.36
CA VAL H 27 11.57 37.94 -33.25
C VAL H 27 10.13 37.65 -33.67
N VAL H 28 9.93 36.55 -34.39
CA VAL H 28 8.60 36.06 -34.75
C VAL H 28 8.64 34.53 -34.70
N PRO H 29 7.58 33.87 -34.23
CA PRO H 29 7.58 32.40 -34.21
C PRO H 29 7.75 31.79 -35.59
N THR H 30 8.17 30.53 -35.60
CA THR H 30 8.48 29.78 -36.82
C THR H 30 7.37 28.80 -37.19
N ARG H 31 6.86 28.05 -36.22
CA ARG H 31 5.74 27.11 -36.42
C ARG H 31 6.15 25.92 -37.30
N TYR H 32 7.23 25.25 -36.90
CA TYR H 32 7.69 23.98 -37.48
C TYR H 32 8.12 24.08 -38.94
N GLU H 33 7.91 25.22 -39.58
CA GLU H 33 8.48 25.46 -40.89
C GLU H 33 8.93 26.91 -40.99
N PRO H 34 10.20 27.16 -41.27
CA PRO H 34 10.76 28.51 -41.15
C PRO H 34 10.75 29.35 -42.42
N VAL H 35 10.22 28.83 -43.53
CA VAL H 35 10.23 29.59 -44.78
C VAL H 35 9.42 30.88 -44.63
N LYS H 36 8.15 30.74 -44.23
CA LYS H 36 7.29 31.91 -44.10
C LYS H 36 7.82 32.88 -43.05
N ALA H 37 8.24 32.36 -41.90
CA ALA H 37 8.72 33.22 -40.81
C ALA H 37 9.97 33.98 -41.23
N GLY H 38 10.93 33.29 -41.87
CA GLY H 38 12.13 33.97 -42.32
C GLY H 38 11.88 34.94 -43.45
N GLU H 39 10.83 34.70 -44.25
CA GLU H 39 10.53 35.63 -45.34
C GLU H 39 9.77 36.86 -44.84
N LEU H 40 9.03 36.73 -43.73
CA LEU H 40 8.34 37.90 -43.18
C LEU H 40 9.11 38.59 -42.06
N LEU H 41 10.22 38.02 -41.60
CA LEU H 41 11.02 38.68 -40.57
C LEU H 41 11.57 40.02 -41.06
N LEU H 42 12.03 40.08 -42.31
CA LEU H 42 12.49 41.31 -42.92
C LEU H 42 11.52 41.68 -44.03
N LYS H 43 10.50 42.46 -43.68
CA LYS H 43 9.55 42.97 -44.67
C LYS H 43 9.96 44.37 -45.12
N ASN H 44 11.20 44.45 -45.60
CA ASN H 44 11.82 45.68 -46.07
C ASN H 44 11.87 46.72 -44.97
N THR H 45 12.89 46.64 -44.11
CA THR H 45 13.06 47.59 -43.01
C THR H 45 13.85 48.83 -43.41
N GLY H 46 14.63 48.76 -44.49
CA GLY H 46 15.35 49.93 -44.96
C GLY H 46 16.85 49.87 -44.79
N GLU H 47 17.58 50.01 -45.90
CA GLU H 47 19.04 49.98 -45.91
C GLU H 47 19.57 48.61 -45.46
N ILE H 48 19.27 47.60 -46.26
CA ILE H 48 19.73 46.23 -46.04
C ILE H 48 20.42 45.75 -47.31
N ARG H 49 21.61 45.20 -47.18
CA ARG H 49 22.32 44.69 -48.35
C ARG H 49 23.22 43.50 -48.02
N ASN H 50 23.78 43.46 -46.81
CA ASN H 50 24.76 42.46 -46.43
C ASN H 50 24.24 41.70 -45.21
N LEU H 51 23.27 40.81 -45.45
CA LEU H 51 22.77 39.93 -44.40
C LEU H 51 23.58 38.65 -44.38
N VAL H 52 23.85 38.14 -43.19
CA VAL H 52 24.53 36.86 -43.00
C VAL H 52 23.50 35.88 -42.48
N VAL H 53 23.09 34.94 -43.33
CA VAL H 53 22.02 34.01 -43.03
C VAL H 53 22.62 32.71 -42.51
N THR H 54 22.01 32.14 -41.47
CA THR H 54 22.45 30.87 -40.93
C THR H 54 21.32 30.29 -40.09
N GLY H 55 21.50 29.03 -39.69
CA GLY H 55 20.52 28.29 -38.91
C GLY H 55 20.02 27.08 -39.66
N TYR H 56 18.97 26.46 -39.11
CA TYR H 56 18.38 25.31 -39.77
C TYR H 56 17.64 25.67 -41.05
N GLY H 57 17.18 26.91 -41.17
CA GLY H 57 16.52 27.39 -42.36
C GLY H 57 17.41 28.09 -43.36
N ARG H 58 18.73 28.02 -43.17
CA ARG H 58 19.64 28.68 -44.10
C ARG H 58 19.60 28.04 -45.48
N VAL H 59 19.27 26.75 -45.56
CA VAL H 59 19.32 26.00 -46.81
C VAL H 59 18.03 26.21 -47.60
N ALA H 60 17.21 27.17 -47.17
CA ALA H 60 15.96 27.48 -47.86
C ALA H 60 16.18 28.56 -48.92
N PHE H 61 15.54 29.70 -48.76
CA PHE H 61 15.73 30.81 -49.69
C PHE H 61 17.12 31.41 -49.51
N ASN H 62 17.67 31.91 -50.63
CA ASN H 62 19.10 32.16 -50.72
C ASN H 62 19.43 33.65 -50.65
N ARG H 63 20.26 34.14 -51.59
CA ARG H 63 20.81 35.51 -51.68
C ARG H 63 21.81 35.75 -50.55
N GLY H 64 22.11 34.77 -49.73
CA GLY H 64 23.21 34.87 -48.78
C GLY H 64 24.00 33.60 -48.78
N LYS H 65 25.32 33.73 -48.60
CA LYS H 65 26.07 32.52 -48.36
C LYS H 65 25.64 31.92 -47.03
N VAL H 66 25.31 30.64 -47.05
CA VAL H 66 24.93 29.93 -45.83
C VAL H 66 26.19 29.78 -44.99
N VAL H 67 26.50 30.78 -44.19
CA VAL H 67 27.75 30.74 -43.44
C VAL H 67 27.54 29.88 -42.21
N THR H 68 28.50 28.99 -41.96
CA THR H 68 28.44 28.13 -40.81
C THR H 68 28.21 28.96 -39.55
N GLU H 69 27.22 28.59 -38.77
CA GLU H 69 26.87 29.42 -37.64
C GLU H 69 27.84 29.26 -36.47
N ILE H 70 28.63 28.18 -36.43
CA ILE H 70 29.56 27.99 -35.32
C ILE H 70 30.40 29.24 -35.12
N THR H 71 31.06 29.69 -36.20
CA THR H 71 31.79 30.95 -36.15
C THR H 71 30.85 32.13 -35.87
N CYS H 72 29.61 32.07 -36.37
CA CYS H 72 28.68 33.18 -36.21
C CYS H 72 28.40 33.48 -34.74
N GLN H 73 27.92 32.47 -34.00
CA GLN H 73 27.61 32.71 -32.60
C GLN H 73 28.88 32.77 -31.74
N ALA H 74 29.98 32.15 -32.17
CA ALA H 74 31.26 32.41 -31.53
C ALA H 74 31.55 33.90 -31.51
N ARG H 75 31.53 34.53 -32.69
CA ARG H 75 31.74 35.97 -32.79
C ARG H 75 30.64 36.76 -32.08
N GLY H 76 29.41 36.24 -32.09
CA GLY H 76 28.31 36.96 -31.48
C GLY H 76 28.48 37.13 -29.98
N CYS H 77 28.72 36.04 -29.27
CA CYS H 77 29.01 36.17 -27.85
C CYS H 77 30.45 36.54 -27.59
N HIS H 78 31.27 36.69 -28.64
CA HIS H 78 32.60 37.24 -28.47
C HIS H 78 32.57 38.77 -28.42
N GLU H 79 31.71 39.39 -29.21
CA GLU H 79 31.67 40.85 -29.18
C GLU H 79 31.04 41.36 -27.89
N LEU H 80 29.99 40.68 -27.41
CA LEU H 80 29.42 40.99 -26.12
C LEU H 80 30.26 40.47 -24.96
N PHE H 81 31.22 39.57 -25.23
CA PHE H 81 32.02 38.92 -24.21
C PHE H 81 33.26 38.31 -24.86
N PRO H 82 34.31 39.10 -25.10
CA PRO H 82 35.55 38.55 -25.66
C PRO H 82 36.55 38.08 -24.61
N GLU H 83 36.14 37.98 -23.35
CA GLU H 83 37.07 37.76 -22.26
C GLU H 83 37.49 36.30 -22.16
N VAL H 84 36.53 35.38 -22.18
CA VAL H 84 36.82 33.96 -22.02
C VAL H 84 36.42 33.23 -23.29
N ASP H 85 36.90 31.99 -23.42
CA ASP H 85 36.80 31.20 -24.63
C ASP H 85 35.57 30.30 -24.66
N TYR H 86 35.19 29.74 -23.52
CA TYR H 86 34.26 28.61 -23.46
C TYR H 86 32.83 29.12 -23.45
N ILE H 87 32.19 29.06 -24.61
CA ILE H 87 30.79 29.43 -24.77
C ILE H 87 29.96 28.17 -25.04
N LEU H 88 28.81 28.07 -24.39
CA LEU H 88 27.91 26.95 -24.55
C LEU H 88 26.57 27.42 -25.10
N ASP H 89 26.03 26.69 -26.07
CA ASP H 89 24.73 26.99 -26.66
C ASP H 89 23.79 25.83 -26.38
N LEU H 90 22.56 26.16 -25.98
CA LEU H 90 21.49 25.18 -25.80
C LEU H 90 20.22 25.77 -26.41
N GLY H 91 20.27 26.03 -27.72
CA GLY H 91 19.17 26.72 -28.37
C GLY H 91 17.87 25.93 -28.38
N GLY H 92 17.96 24.60 -28.41
CA GLY H 92 16.78 23.77 -28.41
C GLY H 92 17.04 22.33 -28.78
N GLN H 93 17.48 22.09 -30.02
CA GLN H 93 17.76 20.74 -30.49
C GLN H 93 19.22 20.36 -30.26
N ASP H 94 20.15 21.20 -30.72
CA ASP H 94 21.57 20.90 -30.68
C ASP H 94 22.22 21.68 -29.55
N ALA H 95 22.80 20.95 -28.59
CA ALA H 95 23.59 21.56 -27.51
C ALA H 95 25.06 21.42 -27.87
N LYS H 96 25.73 22.54 -28.07
CA LYS H 96 27.09 22.57 -28.61
C LYS H 96 28.01 23.36 -27.70
N ILE H 97 29.26 22.92 -27.61
CA ILE H 97 30.30 23.58 -26.83
C ILE H 97 31.35 24.10 -27.79
N ILE H 98 31.74 25.36 -27.60
CA ILE H 98 32.67 26.04 -28.52
C ILE H 98 33.72 26.78 -27.71
N LYS H 99 34.98 26.70 -28.17
CA LYS H 99 36.09 27.45 -27.61
C LYS H 99 36.68 28.33 -28.71
N LYS H 100 37.02 29.56 -28.35
CA LYS H 100 37.52 30.55 -29.30
C LYS H 100 38.75 31.25 -28.74
N ASP H 101 39.52 31.88 -29.62
CA ASP H 101 40.73 32.57 -29.21
C ASP H 101 40.41 34.04 -28.92
N GLY H 102 41.45 34.89 -28.88
CA GLY H 102 41.25 36.28 -28.54
C GLY H 102 40.53 37.09 -29.60
N GLN H 103 40.57 36.63 -30.85
CA GLN H 103 39.94 37.35 -31.95
C GLN H 103 38.52 36.88 -32.25
N GLY H 104 38.06 35.82 -31.60
CA GLY H 104 36.71 35.33 -31.76
C GLY H 104 36.55 34.16 -32.71
N ARG H 105 37.61 33.76 -33.40
CA ARG H 105 37.51 32.62 -34.29
C ARG H 105 37.56 31.31 -33.50
N VAL H 106 37.03 30.26 -34.11
CA VAL H 106 36.86 28.98 -33.43
C VAL H 106 38.20 28.24 -33.38
N VAL H 107 38.50 27.66 -32.21
CA VAL H 107 39.65 26.79 -32.08
C VAL H 107 39.24 25.32 -32.00
N ASN H 108 38.00 25.03 -31.62
CA ASN H 108 37.45 23.68 -31.54
C ASN H 108 35.98 23.79 -31.21
N PHE H 109 35.19 22.84 -31.73
CA PHE H 109 33.75 22.82 -31.46
C PHE H 109 33.25 21.39 -31.45
N LEU H 110 32.31 21.11 -30.55
CA LEU H 110 31.68 19.80 -30.45
C LEU H 110 30.16 19.97 -30.48
N MET H 111 29.48 18.87 -30.80
CA MET H 111 28.03 18.85 -30.85
C MET H 111 27.51 17.59 -30.16
N ASN H 112 26.33 17.71 -29.58
CA ASN H 112 25.72 16.58 -28.87
C ASN H 112 25.48 15.42 -29.82
N ASP H 113 25.77 14.22 -29.34
CA ASP H 113 25.66 13.02 -30.17
C ASP H 113 24.18 12.70 -30.45
N LYS H 114 23.96 11.57 -31.12
CA LYS H 114 22.62 11.22 -31.56
C LYS H 114 21.72 10.87 -30.37
N CYS H 115 22.22 10.08 -29.43
CA CYS H 115 21.43 9.63 -28.30
C CYS H 115 21.22 10.71 -27.24
N ALA H 116 21.69 11.93 -27.48
CA ALA H 116 21.52 13.03 -26.54
C ALA H 116 20.81 14.23 -27.16
N ALA H 117 20.08 14.01 -28.26
CA ALA H 117 19.41 15.08 -28.96
C ALA H 117 17.98 15.25 -28.46
N GLY H 118 17.46 16.46 -28.62
CA GLY H 118 16.07 16.72 -28.29
C GLY H 118 15.77 16.95 -26.82
N THR H 119 16.68 17.62 -26.10
CA THR H 119 16.41 17.93 -24.69
C THR H 119 15.47 19.13 -24.56
N GLY H 120 15.63 20.10 -25.45
CA GLY H 120 14.87 21.34 -25.40
C GLY H 120 13.37 21.15 -25.46
N ARG H 121 12.88 20.45 -26.49
CA ARG H 121 11.44 20.23 -26.60
C ARG H 121 10.91 19.36 -25.47
N PHE H 122 11.73 18.43 -24.96
CA PHE H 122 11.31 17.62 -23.83
C PHE H 122 11.05 18.49 -22.60
N LEU H 123 12.03 19.33 -22.23
CA LEU H 123 11.79 20.23 -21.11
C LEU H 123 10.66 21.22 -21.40
N GLU H 124 10.52 21.63 -22.66
CA GLU H 124 9.44 22.55 -23.02
C GLU H 124 8.07 21.94 -22.75
N ILE H 125 7.84 20.72 -23.24
CA ILE H 125 6.54 20.10 -23.01
C ILE H 125 6.34 19.73 -21.55
N ILE H 126 7.42 19.33 -20.86
CA ILE H 126 7.31 19.00 -19.44
C ILE H 126 6.88 20.23 -18.64
N LEU H 127 7.43 21.39 -18.98
CA LEU H 127 7.12 22.63 -18.26
C LEU H 127 5.97 23.41 -18.87
N THR H 128 5.34 22.89 -19.93
CA THR H 128 4.15 23.52 -20.51
C THR H 128 2.88 22.73 -20.25
N ALA H 129 2.86 21.45 -20.62
CA ALA H 129 1.64 20.66 -20.46
C ALA H 129 1.27 20.43 -19.00
N ILE H 130 2.26 20.35 -18.11
CA ILE H 130 1.97 20.22 -16.68
C ILE H 130 1.42 21.54 -16.15
N GLY H 131 2.01 22.66 -16.57
CA GLY H 131 1.58 23.95 -16.07
C GLY H 131 2.68 24.98 -16.28
N ASP H 132 2.70 25.99 -15.39
CA ASP H 132 3.67 27.08 -15.45
C ASP H 132 3.63 27.68 -14.05
N ASP H 133 4.57 27.28 -13.18
CA ASP H 133 4.47 27.74 -11.79
C ASP H 133 5.76 28.18 -11.12
N TYR H 134 6.58 27.24 -10.64
CA TYR H 134 7.82 27.61 -9.94
C TYR H 134 8.67 28.61 -10.73
N ARG H 135 9.10 29.65 -10.00
CA ARG H 135 9.87 30.73 -10.60
C ARG H 135 10.90 31.30 -9.62
N ASP H 136 11.16 30.64 -8.49
CA ASP H 136 12.10 31.15 -7.51
C ASP H 136 12.76 30.03 -6.72
N GLU H 137 13.23 30.35 -5.50
CA GLU H 137 14.09 29.48 -4.70
C GLU H 137 13.34 28.32 -4.08
N ASP H 138 12.31 27.82 -4.76
CA ASP H 138 11.50 26.75 -4.18
C ASP H 138 12.21 25.41 -4.33
N LEU H 139 12.53 25.00 -5.57
CA LEU H 139 13.22 23.75 -5.83
C LEU H 139 14.72 23.87 -5.70
N ILE H 140 15.23 24.98 -5.18
CA ILE H 140 16.66 25.16 -4.99
C ILE H 140 17.12 24.64 -3.64
N ASN H 141 16.46 25.07 -2.57
CA ASN H 141 16.77 24.58 -1.21
C ASN H 141 15.91 23.38 -0.83
N GLU H 142 15.73 22.44 -1.76
CA GLU H 142 14.97 21.23 -1.51
C GLU H 142 15.90 20.03 -1.45
N GLU H 143 15.58 19.09 -0.57
CA GLU H 143 16.37 17.88 -0.39
C GLU H 143 15.48 16.64 -0.49
N ASN H 144 14.51 16.68 -1.42
CA ASN H 144 13.58 15.56 -1.57
C ASN H 144 13.20 15.32 -3.02
N ALA H 145 14.05 15.71 -3.98
CA ALA H 145 13.73 15.55 -5.38
C ALA H 145 13.98 14.10 -5.83
N VAL H 146 13.52 13.79 -7.04
CA VAL H 146 13.68 12.45 -7.60
C VAL H 146 14.38 12.55 -8.95
N PRO H 147 15.71 12.42 -9.00
CA PRO H 147 16.40 12.40 -10.29
C PRO H 147 16.08 11.14 -11.07
N ILE H 148 16.05 11.28 -12.39
CA ILE H 148 15.69 10.15 -13.26
C ILE H 148 16.87 9.78 -14.15
N ASN H 149 16.58 9.09 -15.25
CA ASN H 149 17.63 8.58 -16.12
C ASN H 149 18.14 9.67 -17.07
N SER H 150 19.43 9.59 -17.37
CA SER H 150 20.09 10.56 -18.24
C SER H 150 20.45 9.93 -19.58
N MET H 151 19.52 9.22 -20.20
CA MET H 151 19.77 8.54 -21.46
C MET H 151 19.16 9.29 -22.64
N CYS H 152 17.84 9.49 -22.63
CA CYS H 152 17.15 10.19 -23.71
C CYS H 152 15.82 10.69 -23.17
N THR H 153 14.95 11.12 -24.08
CA THR H 153 13.61 11.57 -23.70
C THR H 153 12.63 10.41 -23.56
N VAL H 154 12.88 9.30 -24.25
CA VAL H 154 12.00 8.13 -24.14
C VAL H 154 12.10 7.52 -22.75
N PHE H 155 13.33 7.20 -22.31
CA PHE H 155 13.54 6.67 -20.97
C PHE H 155 13.03 7.65 -19.91
N ALA H 156 13.28 8.95 -20.12
CA ALA H 156 12.86 9.95 -19.15
C ALA H 156 11.34 10.02 -19.04
N GLU H 157 10.64 9.98 -20.18
CA GLU H 157 9.18 10.01 -20.15
C GLU H 157 8.63 8.74 -19.53
N SER H 158 9.25 7.59 -19.82
CA SER H 158 8.81 6.34 -19.20
C SER H 158 8.95 6.39 -17.68
N GLU H 159 10.07 6.94 -17.19
CA GLU H 159 10.26 7.03 -15.75
C GLU H 159 9.35 8.08 -15.12
N VAL H 160 9.06 9.17 -15.83
CA VAL H 160 8.11 10.16 -15.32
C VAL H 160 6.72 9.56 -15.22
N ILE H 161 6.34 8.71 -16.18
CA ILE H 161 5.06 8.02 -16.10
C ILE H 161 5.05 7.05 -14.93
N SER H 162 6.13 6.28 -14.76
CA SER H 162 6.23 5.37 -13.62
C SER H 162 6.13 6.10 -12.30
N LEU H 163 6.64 7.33 -12.23
CA LEU H 163 6.52 8.14 -11.02
C LEU H 163 5.09 8.62 -10.82
N LEU H 164 4.55 9.35 -11.80
CA LEU H 164 3.24 9.97 -11.66
C LEU H 164 2.11 8.94 -11.52
N ALA H 165 2.35 7.69 -11.92
CA ALA H 165 1.31 6.68 -11.81
C ALA H 165 0.97 6.38 -10.35
N ARG H 166 1.99 6.35 -9.48
CA ARG H 166 1.77 6.09 -8.07
C ARG H 166 1.08 7.24 -7.34
N GLY H 167 0.89 8.38 -8.00
CA GLY H 167 0.37 9.54 -7.34
C GLY H 167 1.47 10.39 -6.75
N THR H 168 2.59 10.48 -7.47
CA THR H 168 3.77 11.18 -7.00
C THR H 168 3.63 12.68 -7.24
N SER H 169 4.28 13.46 -6.37
CA SER H 169 4.29 14.91 -6.52
C SER H 169 5.09 15.30 -7.77
N LYS H 170 4.72 16.43 -8.35
CA LYS H 170 5.35 16.90 -9.59
C LYS H 170 6.49 17.88 -9.35
N ARG H 171 6.49 18.58 -8.22
CA ARG H 171 7.60 19.49 -7.90
C ARG H 171 8.92 18.73 -7.82
N ALA H 172 8.95 17.65 -7.04
CA ALA H 172 10.16 16.84 -6.93
C ALA H 172 10.53 16.22 -8.27
N VAL H 173 9.54 15.86 -9.08
CA VAL H 173 9.82 15.31 -10.40
C VAL H 173 10.58 16.33 -11.25
N ILE H 174 10.06 17.55 -11.35
CA ILE H 174 10.72 18.56 -12.16
C ILE H 174 12.08 18.93 -11.56
N ALA H 175 12.20 18.94 -10.23
CA ALA H 175 13.48 19.26 -9.61
C ALA H 175 14.53 18.21 -9.94
N GLY H 176 14.18 16.93 -9.86
CA GLY H 176 15.11 15.88 -10.25
C GLY H 176 15.44 15.90 -11.72
N LEU H 177 14.44 16.23 -12.56
CA LEU H 177 14.69 16.41 -13.98
C LEU H 177 15.75 17.48 -14.22
N PHE H 178 15.60 18.63 -13.56
CA PHE H 178 16.56 19.72 -13.74
C PHE H 178 17.93 19.34 -13.19
N LYS H 179 17.97 18.62 -12.08
CA LYS H 179 19.25 18.17 -11.54
C LYS H 179 19.98 17.27 -12.53
N THR H 180 19.28 16.27 -13.07
CA THR H 180 19.90 15.36 -14.03
C THR H 180 20.33 16.09 -15.29
N THR H 181 19.46 16.95 -15.82
CA THR H 181 19.78 17.71 -17.03
C THR H 181 21.01 18.57 -16.82
N ALA H 182 21.07 19.29 -15.69
CA ALA H 182 22.21 20.14 -15.42
C ALA H 182 23.48 19.34 -15.22
N LYS H 183 23.37 18.18 -14.56
CA LYS H 183 24.55 17.31 -14.41
C LYS H 183 25.14 16.94 -15.76
N ARG H 184 24.32 16.33 -16.63
CA ARG H 184 24.83 15.90 -17.93
C ARG H 184 25.29 17.10 -18.76
N LEU H 185 24.55 18.21 -18.69
CA LEU H 185 24.86 19.37 -19.51
C LEU H 185 26.18 20.01 -19.08
N ALA H 186 26.41 20.14 -17.77
CA ALA H 186 27.69 20.66 -17.30
C ALA H 186 28.84 19.75 -17.67
N LYS H 187 28.67 18.44 -17.43
CA LYS H 187 29.77 17.52 -17.71
C LYS H 187 30.06 17.44 -19.20
N PHE H 188 29.06 17.72 -20.05
CA PHE H 188 29.30 17.82 -21.48
C PHE H 188 29.95 19.15 -21.87
N ALA H 189 29.61 20.23 -21.17
CA ALA H 189 30.17 21.53 -21.49
C ALA H 189 31.66 21.60 -21.15
N GLU H 190 32.04 21.06 -19.99
CA GLU H 190 33.45 21.08 -19.61
C GLU H 190 34.19 19.84 -20.11
N SER H 191 34.02 19.53 -21.39
CA SER H 191 34.67 18.36 -21.99
C SER H 191 35.86 18.72 -22.87
N LEU H 192 35.98 19.97 -23.31
CA LEU H 192 37.12 20.43 -24.08
C LEU H 192 38.17 21.13 -23.20
N GLY H 193 38.29 20.71 -21.95
CA GLY H 193 39.17 21.37 -21.01
C GLY H 193 38.38 22.05 -19.91
N LYS H 194 38.78 21.84 -18.66
CA LYS H 194 38.08 22.42 -17.52
C LYS H 194 38.31 23.92 -17.48
N PRO H 195 37.30 24.74 -17.77
CA PRO H 195 37.52 26.19 -17.88
C PRO H 195 37.57 26.85 -16.51
N ARG H 196 37.88 28.13 -16.53
CA ARG H 196 37.82 28.95 -15.32
C ARG H 196 36.49 29.67 -15.17
N LYS H 197 35.77 29.88 -16.27
CA LYS H 197 34.44 30.48 -16.35
C LYS H 197 33.94 30.30 -17.77
N LEU H 198 32.62 30.19 -17.93
CA LEU H 198 32.04 29.99 -19.26
C LEU H 198 30.81 30.87 -19.44
N ILE H 199 30.22 30.80 -20.63
CA ILE H 199 29.10 31.63 -21.04
C ILE H 199 27.96 30.72 -21.49
N PHE H 200 26.75 31.30 -21.57
CA PHE H 200 25.56 30.59 -21.99
C PHE H 200 24.80 31.43 -23.02
N THR H 201 23.89 30.78 -23.73
CA THR H 201 23.02 31.44 -24.69
C THR H 201 21.85 30.51 -24.99
N GLY H 202 21.13 30.77 -26.09
CA GLY H 202 20.02 29.93 -26.48
C GLY H 202 18.83 30.06 -25.55
N GLY H 203 17.85 29.20 -25.79
CA GLY H 203 16.66 29.16 -24.95
C GLY H 203 16.92 28.64 -23.55
N GLY H 204 18.05 27.97 -23.34
CA GLY H 204 18.39 27.41 -22.05
C GLY H 204 18.61 28.44 -20.95
N ALA H 205 18.37 29.70 -21.27
CA ALA H 205 18.43 30.78 -20.29
C ALA H 205 17.06 31.15 -19.74
N LYS H 206 15.97 30.57 -20.27
CA LYS H 206 14.64 30.88 -19.76
C LYS H 206 14.26 30.07 -18.53
N TYR H 207 15.09 29.10 -18.13
CA TYR H 207 14.90 28.35 -16.91
C TYR H 207 15.97 28.78 -15.93
N PRO H 208 15.69 29.76 -15.05
CA PRO H 208 16.74 30.30 -14.17
C PRO H 208 17.30 29.32 -13.16
N ALA H 209 16.87 28.05 -13.17
CA ALA H 209 17.46 27.03 -12.31
C ALA H 209 18.49 26.18 -13.04
N LEU H 210 18.42 26.09 -14.36
CA LEU H 210 19.39 25.32 -15.12
C LEU H 210 20.80 25.88 -14.92
N ARG H 211 20.98 27.18 -15.14
CA ARG H 211 22.30 27.77 -14.96
C ARG H 211 22.71 27.81 -13.50
N LEU H 212 21.76 27.81 -12.57
CA LEU H 212 22.10 27.72 -11.15
C LEU H 212 22.74 26.38 -10.83
N PHE H 213 22.04 25.29 -11.17
CA PHE H 213 22.60 23.96 -10.95
C PHE H 213 23.87 23.75 -11.78
N LEU H 214 23.97 24.40 -12.94
CA LEU H 214 25.14 24.30 -13.78
C LEU H 214 26.35 24.97 -13.12
N GLN H 215 26.18 26.21 -12.65
CA GLN H 215 27.19 26.88 -11.85
C GLN H 215 27.62 26.01 -10.68
N LYS H 216 26.67 25.38 -10.00
CA LYS H 216 27.02 24.59 -8.83
C LYS H 216 27.82 23.34 -9.20
N GLU H 217 27.42 22.66 -10.27
CA GLU H 217 28.15 21.46 -10.69
C GLU H 217 29.49 21.78 -11.35
N MET H 218 29.72 23.03 -11.76
CA MET H 218 31.01 23.42 -12.30
C MET H 218 31.81 24.34 -11.40
N GLY H 219 31.17 24.98 -10.42
CA GLY H 219 31.89 25.83 -9.49
C GLY H 219 32.50 27.07 -10.11
N VAL H 220 31.94 27.55 -11.23
CA VAL H 220 32.44 28.74 -11.90
C VAL H 220 31.27 29.68 -12.18
N GLU H 221 31.61 30.95 -12.35
CA GLU H 221 30.62 31.95 -12.76
C GLU H 221 30.18 31.68 -14.18
N VAL H 222 28.87 31.53 -14.38
CA VAL H 222 28.29 31.34 -15.70
C VAL H 222 27.61 32.65 -16.07
N VAL H 223 28.30 33.48 -16.85
CA VAL H 223 27.72 34.73 -17.31
C VAL H 223 26.66 34.43 -18.36
N VAL H 224 25.42 34.78 -18.06
CA VAL H 224 24.30 34.63 -18.99
C VAL H 224 23.87 36.01 -19.44
N PRO H 225 23.71 36.25 -20.74
CA PRO H 225 23.20 37.53 -21.19
C PRO H 225 21.67 37.56 -21.11
N PRO H 226 21.10 38.64 -20.59
CA PRO H 226 19.63 38.77 -20.63
C PRO H 226 19.10 38.94 -22.04
N GLU H 227 20.00 38.91 -23.03
CA GLU H 227 19.67 39.01 -24.44
C GLU H 227 20.16 37.75 -25.17
N PRO H 228 19.52 36.60 -24.93
CA PRO H 228 20.08 35.34 -25.44
C PRO H 228 19.46 34.87 -26.75
N SER H 229 19.95 33.74 -27.25
CA SER H 229 19.36 33.00 -28.36
C SER H 229 19.43 33.73 -29.69
N VAL H 230 19.34 35.06 -29.68
CA VAL H 230 19.56 35.83 -30.91
C VAL H 230 21.05 36.08 -31.14
N THR H 231 21.90 35.61 -30.23
CA THR H 231 23.33 35.90 -30.29
C THR H 231 23.91 35.54 -31.66
N ALA H 232 23.73 34.30 -32.10
CA ALA H 232 24.19 33.89 -33.41
C ALA H 232 23.81 34.92 -34.47
N ALA H 233 22.52 35.30 -34.50
CA ALA H 233 22.05 36.32 -35.44
C ALA H 233 22.93 37.55 -35.39
N LEU H 234 23.08 38.16 -34.21
CA LEU H 234 23.88 39.37 -34.13
C LEU H 234 25.32 39.10 -34.52
N GLY H 235 25.84 37.93 -34.14
CA GLY H 235 27.17 37.55 -34.60
C GLY H 235 27.25 37.56 -36.11
N ALA H 236 26.25 36.99 -36.77
CA ALA H 236 26.13 37.08 -38.22
C ALA H 236 26.26 38.53 -38.66
N ALA H 237 25.44 39.41 -38.08
CA ALA H 237 25.52 40.83 -38.42
C ALA H 237 26.92 41.38 -38.16
N LEU H 238 27.53 40.97 -37.05
CA LEU H 238 28.89 41.40 -36.76
C LEU H 238 29.85 40.92 -37.84
N ILE H 239 29.70 39.67 -38.28
CA ILE H 239 30.48 39.20 -39.42
C ILE H 239 30.18 40.04 -40.64
N ALA H 240 28.90 40.40 -40.83
CA ALA H 240 28.51 41.27 -41.92
C ALA H 240 29.24 42.61 -41.89
N ARG H 241 29.80 42.99 -40.74
CA ARG H 241 30.52 44.24 -40.62
C ARG H 241 32.04 44.08 -40.70
N GLU H 242 32.55 42.86 -40.65
CA GLU H 242 33.99 42.62 -40.74
C GLU H 242 34.41 42.12 -42.12
N THR H 243 33.52 42.19 -43.11
CA THR H 243 33.84 41.73 -44.46
C THR H 243 34.69 42.77 -45.18
S1 BJ8 I . -28.20 3.08 18.98
S2 BJ8 I . -29.71 3.29 15.74
S3 BJ8 I . -30.16 6.02 18.25
S4 BJ8 I . -27.02 5.61 16.58
S5 BJ8 I . -31.33 7.45 11.12
S6 BJ8 I . -28.06 5.60 11.74
S7 BJ8 I . -31.24 4.00 12.43
S8 BJ8 I . -30.52 4.66 9.06
S9 BJ8 I . -30.05 6.86 14.68
FE1 BJ8 I . -29.20 5.55 16.25
FE2 BJ8 I . -28.01 5.43 18.54
FE3 BJ8 I . -27.71 3.41 16.81
FE4 BJ8 I . -30.04 3.74 18.02
FE5 BJ8 I . -29.51 3.94 11.06
FE6 BJ8 I . -32.00 5.44 10.57
FE7 BJ8 I . -29.41 6.43 10.09
FE8 BJ8 I . -30.17 5.95 12.64
S1 BJ8 J . -28.22 -9.33 24.59
S2 BJ8 J . -30.84 -11.56 23.56
S3 BJ8 J . -27.30 -12.55 23.16
S4 BJ8 J . -28.72 -12.41 26.46
S5 BJ8 J . -31.63 -17.94 22.37
S6 BJ8 J . -33.51 -15.63 24.61
S7 BJ8 J . -32.65 -14.61 21.18
S8 BJ8 J . -35.01 -17.10 21.49
S9 BJ8 J . -29.81 -15.13 23.95
FE1 BJ8 J . -29.16 -13.02 24.34
FE2 BJ8 J . -27.24 -11.45 25.10
FE3 BJ8 J . -29.77 -10.66 25.42
FE4 BJ8 J . -28.76 -10.76 22.99
FE5 BJ8 J . -34.36 -15.15 22.51
FE6 BJ8 J . -32.91 -16.88 20.73
FE7 BJ8 J . -33.68 -17.58 23.40
FE8 BJ8 J . -31.81 -15.71 23.07
FE1 SF4 K . -18.70 2.17 32.17
FE2 SF4 K . -20.87 1.74 33.78
FE3 SF4 K . -19.02 3.63 34.45
FE4 SF4 K . -18.37 0.98 34.61
S1 SF4 K . -19.95 2.08 35.83
S2 SF4 K . -17.10 2.65 33.72
S3 SF4 K . -19.53 0.15 32.82
S4 SF4 K . -20.38 3.64 32.62
S SO4 L . 0.67 11.27 35.79
O1 SO4 L . 0.78 12.23 34.69
O2 SO4 L . 1.90 10.51 35.89
O3 SO4 L . 0.42 11.99 37.03
O4 SO4 L . -0.45 10.36 35.52
S SO4 M . -22.01 11.81 40.30
O1 SO4 M . -21.46 12.99 39.66
O2 SO4 M . -21.49 10.61 39.63
O3 SO4 M . -21.61 11.78 41.71
O4 SO4 M . -23.47 11.82 40.20
S1 BJ8 N . 28.98 -6.18 -21.65
S2 BJ8 N . 31.45 -7.39 -19.36
S3 BJ8 N . 28.05 -6.93 -18.18
S4 BJ8 N . 28.74 -9.59 -20.45
S5 BJ8 N . 32.51 -12.43 -15.41
S6 BJ8 N . 29.57 -13.38 -17.54
S7 BJ8 N . 32.48 -11.70 -19.01
S8 BJ8 N . 32.93 -15.00 -17.89
S9 BJ8 N . 30.11 -9.70 -16.82
FE1 BJ8 N . 29.57 -8.51 -18.67
FE2 BJ8 N . 27.68 -7.65 -20.27
FE3 BJ8 N . 30.15 -7.99 -21.22
FE4 BJ8 N . 29.66 -5.99 -19.54
FE5 BJ8 N . 31.34 -13.66 -18.97
FE6 BJ8 N . 33.63 -12.89 -17.26
FE7 BJ8 N . 31.35 -14.25 -16.37
FE8 BJ8 N . 31.14 -11.66 -17.25
S1 BJ8 O . 30.66 -3.54 -35.14
S2 BJ8 O . 33.81 -4.50 -36.64
S3 BJ8 O . 30.63 -5.75 -38.03
S4 BJ8 O . 31.51 -2.29 -38.47
S5 BJ8 O . 36.59 -6.45 -42.09
S6 BJ8 O . 36.94 -3.49 -39.79
S7 BJ8 O . 36.51 -6.86 -38.43
S8 BJ8 O . 39.52 -6.23 -40.06
S9 BJ8 O . 33.53 -5.06 -40.27
FE1 BJ8 O . 32.36 -4.37 -38.48
FE2 BJ8 O . 30.07 -3.67 -37.46
FE3 BJ8 O . 32.31 -2.73 -36.39
FE4 BJ8 O . 31.70 -5.27 -36.06
FE5 BJ8 O . 37.96 -5.21 -38.62
FE6 BJ8 O . 37.72 -7.47 -40.42
FE7 BJ8 O . 38.06 -4.81 -41.27
FE8 BJ8 O . 35.75 -5.45 -40.08
FE1 SF4 P . 17.64 6.31 -26.26
FE2 SF4 P . 16.73 5.78 -28.78
FE3 SF4 P . 18.20 3.90 -27.42
FE4 SF4 P . 19.40 6.18 -28.34
S1 SF4 P . 18.46 4.53 -29.60
S2 SF4 P . 19.65 5.24 -26.28
S3 SF4 P . 17.74 7.70 -28.07
S4 SF4 P . 16.13 4.72 -26.86
S SO4 Q . -3.96 4.76 -23.66
O1 SO4 Q . -4.10 6.08 -23.06
O2 SO4 Q . -4.36 4.82 -25.07
O3 SO4 Q . -2.57 4.33 -23.56
O4 SO4 Q . -4.81 3.81 -22.95
#